data_3ZHS
#
_entry.id   3ZHS
#
_cell.length_a   80.846
_cell.length_b   83.713
_cell.length_c   159.940
_cell.angle_alpha   99.89
_cell.angle_beta   99.03
_cell.angle_gamma   100.20
#
_symmetry.space_group_name_H-M   'P 1'
#
loop_
_entity.id
_entity.type
_entity.pdbx_description
1 polymer 'MULTIFUNCTIONAL 2-OXOGLUTARATE METABOLISM ENZYME'
2 non-polymer '(4S)-4-{3-[(4-amino-2-methylpyrimidin-5-yl)methyl]-5-(2-{[(S)-hydroxy(phosphonooxy)phosphoryl]oxy}ethyl)-4-methyl-1,3lambda~5~-thiazol-2-yl}-4-hydroxybutanoic acid'
3 non-polymer 'MAGNESIUM ION'
4 non-polymer 'CALCIUM ION'
5 water water
#
_entity_poly.entity_id   1
_entity_poly.type   'polypeptide(L)'
_entity_poly.pdbx_seq_one_letter_code
;GDSIEDKNARVIELIAAYRNRGHLMADIDPLRLDNTRFRSHPDLDVNSHGLTLWDLDREFKVDGFAGVQRKKLRDILSVL
RDAYCRHVGVEYTHILEPEQQRWIQERVETKHDKPTVAEQKYILSKLNAAEAFETFLQTKYVGQKRFSLEGAETVIPMMD
AVIDQCAEHGLDEVVIAMPHRGRLNVLANIVGKPYSQIFSEFEGNLNPSQAHGSGDVKYHLGATGTYIQMFGDNDIEVSL
TANPSHLEAVDPVLEGLVRAKQDLLDTGEEGSDNRFSVVPLMLHGDAAFAGQGVVAETLNLALLRGYRTGGTIHIVVNNQ
IGFTTAPTDSRSSEYCTDVAKMIGAPIFHVNGDDPEACAWVARLAVDFRQAFKKDVVIDMLCYRRRGHNEGDDPSMTQPY
MYDVIDTKRGSRKAYTEALIGRGDISMKEAEDALRDYQGQLERVFNEVRELEKHEIEPSESVEADQQIPSKLATAVDKAM
LQRIGDAHLALPEGFTVHPRVRPVLEKRREMAYEGRIDWAFAELLALGSLIAEGKLVRLSGQDTQRGTFTQRHAVIVDRK
TGEEFTPLQLLATNPDGTPTGGKFLVYNSALSEFAAVGFEYGYSVGNPDAMVLWEAQFGDFVNGAQSIIDEFISSGEAKW
GQLSDVVLLLPHGHEGQGPDHTSGRIERFLQLWAEGSMTIAMPSTPANYFHLLRRHGKDGIQRPLIVFTPKSMLRNKAAV
SDIRDFTESKFRSVLEEPMYTDGEGDRNKVTRLLLTSGKIYYELAARKAKENREDVAIVRIEQLAPLPRRRLAETLDRYP
NVKEKFWVQEEPANQGAWPSFGLTLPEILPDHFTGLKRISRRAMSAPSSGSSKVHAVEQQEILDTAFG
;
_entity_poly.pdbx_strand_id   A,B,C,D
#
# COMPACT_ATOMS: atom_id res chain seq x y z
N ASP A 6 -62.24 -2.21 62.20
CA ASP A 6 -63.02 -1.40 61.27
C ASP A 6 -62.35 -0.03 61.02
N LYS A 7 -61.52 0.43 61.98
CA LYS A 7 -60.83 1.71 61.88
C LYS A 7 -59.39 1.53 61.39
N ASN A 8 -58.60 0.68 62.08
CA ASN A 8 -57.19 0.40 61.77
C ASN A 8 -57.03 -0.26 60.39
N ALA A 9 -58.05 -1.04 59.94
CA ALA A 9 -58.07 -1.73 58.64
C ALA A 9 -58.27 -0.76 57.47
N ARG A 10 -59.14 0.27 57.65
CA ARG A 10 -59.43 1.29 56.66
C ARG A 10 -58.19 2.17 56.37
N VAL A 11 -57.34 2.37 57.40
CA VAL A 11 -56.10 3.13 57.34
C VAL A 11 -55.07 2.37 56.45
N ILE A 12 -54.90 1.05 56.69
CA ILE A 12 -53.98 0.16 55.96
C ILE A 12 -54.33 0.17 54.45
N GLU A 13 -55.64 0.10 54.12
CA GLU A 13 -56.15 0.14 52.74
C GLU A 13 -55.89 1.51 52.11
N LEU A 14 -56.05 2.60 52.90
CA LEU A 14 -55.78 3.97 52.47
C LEU A 14 -54.28 4.15 52.20
N ILE A 15 -53.40 3.62 53.10
CA ILE A 15 -51.94 3.67 52.93
C ILE A 15 -51.58 2.95 51.60
N ALA A 16 -52.18 1.77 51.35
CA ALA A 16 -51.93 1.00 50.13
C ALA A 16 -52.41 1.76 48.91
N ALA A 17 -53.57 2.48 49.01
CA ALA A 17 -54.17 3.26 47.92
C ALA A 17 -53.26 4.42 47.47
N TYR A 18 -52.64 5.14 48.44
CA TYR A 18 -51.71 6.23 48.15
C TYR A 18 -50.46 5.66 47.47
N ARG A 19 -49.89 4.57 48.01
CA ARG A 19 -48.68 3.93 47.48
C ARG A 19 -48.90 3.35 46.06
N ASN A 20 -50.08 2.73 45.82
CA ASN A 20 -50.42 2.10 44.54
C ASN A 20 -50.90 3.07 43.48
N ARG A 21 -51.83 3.98 43.83
CA ARG A 21 -52.55 4.86 42.91
C ARG A 21 -52.38 6.37 43.13
N GLY A 22 -51.63 6.78 44.14
CA GLY A 22 -51.42 8.20 44.45
C GLY A 22 -50.91 9.04 43.30
N HIS A 23 -50.08 8.41 42.42
CA HIS A 23 -49.48 9.00 41.23
C HIS A 23 -50.57 9.48 40.22
N LEU A 24 -51.77 8.88 40.27
CA LEU A 24 -52.89 9.30 39.39
C LEU A 24 -53.49 10.66 39.81
N MET A 25 -53.19 11.10 41.04
CA MET A 25 -53.69 12.35 41.61
C MET A 25 -52.57 13.40 41.79
N ALA A 26 -51.32 13.05 41.49
CA ALA A 26 -50.16 13.95 41.63
C ALA A 26 -50.23 15.10 40.65
N ASP A 27 -49.78 16.27 41.09
CA ASP A 27 -49.77 17.48 40.25
C ASP A 27 -48.44 17.47 39.45
N ILE A 28 -48.42 16.62 38.39
CA ILE A 28 -47.23 16.38 37.56
C ILE A 28 -47.24 17.18 36.25
N ASP A 29 -48.43 17.57 35.76
CA ASP A 29 -48.55 18.28 34.49
C ASP A 29 -48.41 19.80 34.69
N PRO A 30 -47.32 20.43 34.19
CA PRO A 30 -47.18 21.89 34.34
C PRO A 30 -48.24 22.70 33.59
N LEU A 31 -48.91 22.10 32.58
CA LEU A 31 -49.98 22.73 31.80
C LEU A 31 -51.38 22.54 32.40
N ARG A 32 -51.56 21.57 33.33
CA ARG A 32 -52.84 21.25 33.98
C ARG A 32 -53.98 21.08 32.95
N LEU A 33 -53.69 20.37 31.85
CA LEU A 33 -54.63 20.14 30.73
C LEU A 33 -55.87 19.36 31.14
N ASP A 34 -55.74 18.34 32.00
CA ASP A 34 -56.91 17.60 32.44
C ASP A 34 -57.48 18.23 33.69
N ASN A 35 -58.70 18.75 33.60
CA ASN A 35 -59.39 19.40 34.71
C ASN A 35 -59.90 18.37 35.74
N THR A 36 -60.50 17.27 35.24
CA THR A 36 -61.09 16.18 36.01
C THR A 36 -60.06 15.37 36.86
N ARG A 37 -58.74 15.55 36.60
CA ARG A 37 -57.61 14.85 37.23
C ARG A 37 -57.62 14.87 38.77
N PHE A 38 -58.04 15.97 39.41
CA PHE A 38 -58.06 16.06 40.88
C PHE A 38 -59.51 16.02 41.41
N ARG A 39 -60.40 15.25 40.76
CA ARG A 39 -61.80 15.15 41.15
C ARG A 39 -62.34 13.70 41.10
N SER A 40 -61.66 12.78 40.39
CA SER A 40 -62.10 11.39 40.25
C SER A 40 -61.23 10.41 41.08
N HIS A 41 -60.58 10.91 42.15
CA HIS A 41 -59.72 10.13 43.03
C HIS A 41 -60.20 10.21 44.48
N THR A 52 -63.46 8.86 58.97
CA THR A 52 -64.14 10.04 59.51
C THR A 52 -63.15 11.12 59.93
N LEU A 53 -63.60 12.39 59.92
CA LEU A 53 -62.81 13.57 60.31
C LEU A 53 -62.34 13.50 61.77
N TRP A 54 -63.04 12.70 62.59
CA TRP A 54 -62.75 12.51 64.00
C TRP A 54 -61.59 11.52 64.18
N ASP A 55 -61.38 10.64 63.18
CA ASP A 55 -60.30 9.63 63.19
C ASP A 55 -58.94 10.24 62.87
N LEU A 56 -58.92 11.48 62.32
CA LEU A 56 -57.67 12.18 61.94
C LEU A 56 -56.77 12.43 63.16
N ASP A 57 -57.36 12.59 64.35
CA ASP A 57 -56.60 12.86 65.56
C ASP A 57 -56.27 11.60 66.36
N ARG A 58 -56.90 10.46 65.99
CA ARG A 58 -56.64 9.17 66.63
C ARG A 58 -55.33 8.55 66.09
N GLU A 59 -54.47 8.08 67.00
CA GLU A 59 -53.19 7.45 66.64
C GLU A 59 -53.42 5.97 66.26
N PHE A 60 -52.78 5.55 65.15
CA PHE A 60 -52.87 4.20 64.58
C PHE A 60 -51.49 3.54 64.56
N LYS A 61 -51.44 2.21 64.78
CA LYS A 61 -50.21 1.42 64.77
C LYS A 61 -49.94 0.91 63.37
N GLN A 69 -44.34 1.53 65.39
CA GLN A 69 -44.59 2.96 65.20
C GLN A 69 -46.08 3.31 65.35
N ARG A 70 -46.36 4.42 66.05
CA ARG A 70 -47.70 4.94 66.31
C ARG A 70 -47.77 6.39 65.85
N LYS A 71 -48.63 6.67 64.86
CA LYS A 71 -48.79 8.02 64.30
C LYS A 71 -50.26 8.38 64.14
N LYS A 72 -50.60 9.68 64.32
CA LYS A 72 -51.95 10.18 64.14
C LYS A 72 -52.31 10.09 62.65
N LEU A 73 -53.59 9.75 62.33
CA LEU A 73 -54.05 9.59 60.94
C LEU A 73 -53.76 10.84 60.09
N ARG A 74 -53.83 12.05 60.69
CA ARG A 74 -53.54 13.31 60.01
C ARG A 74 -52.06 13.36 59.55
N ASP A 75 -51.13 12.76 60.36
CA ASP A 75 -49.70 12.69 60.12
C ASP A 75 -49.38 11.65 59.08
N ILE A 76 -50.13 10.54 59.09
CA ILE A 76 -50.02 9.47 58.11
C ILE A 76 -50.44 10.04 56.75
N LEU A 77 -51.60 10.75 56.71
CA LEU A 77 -52.16 11.33 55.49
C LEU A 77 -51.27 12.44 54.90
N SER A 78 -50.62 13.26 55.76
CA SER A 78 -49.73 14.35 55.34
C SER A 78 -48.44 13.80 54.67
N VAL A 79 -47.88 12.70 55.24
CA VAL A 79 -46.69 12.00 54.73
C VAL A 79 -47.03 11.39 53.35
N LEU A 80 -48.19 10.69 53.24
CA LEU A 80 -48.67 10.07 52.00
C LEU A 80 -48.88 11.11 50.87
N ARG A 81 -49.57 12.24 51.17
CA ARG A 81 -49.88 13.30 50.22
C ARG A 81 -48.61 14.01 49.72
N ASP A 82 -47.67 14.30 50.63
CA ASP A 82 -46.39 14.93 50.29
C ASP A 82 -45.50 14.00 49.45
N ALA A 83 -45.49 12.70 49.77
CA ALA A 83 -44.69 11.70 49.06
C ALA A 83 -45.25 11.32 47.70
N TYR A 84 -46.58 11.21 47.61
CA TYR A 84 -47.21 10.64 46.42
C TYR A 84 -48.19 11.53 45.65
N CYS A 85 -48.53 12.74 46.14
CA CYS A 85 -49.56 13.54 45.44
C CYS A 85 -49.17 15.00 45.20
N ARG A 86 -47.89 15.34 45.32
CA ARG A 86 -47.42 16.70 45.05
C ARG A 86 -46.82 16.75 43.63
N HIS A 87 -45.54 17.07 43.47
CA HIS A 87 -45.01 17.21 42.08
C HIS A 87 -44.34 15.96 41.54
N VAL A 88 -44.37 14.85 42.30
CA VAL A 88 -43.75 13.58 41.95
C VAL A 88 -44.77 12.45 42.05
N GLY A 89 -45.03 11.82 40.92
CA GLY A 89 -45.89 10.65 40.81
C GLY A 89 -44.99 9.43 40.85
N VAL A 90 -45.09 8.61 41.92
CA VAL A 90 -44.22 7.44 42.13
C VAL A 90 -44.92 6.12 41.80
N GLU A 91 -44.38 5.35 40.82
CA GLU A 91 -44.88 4.01 40.49
C GLU A 91 -43.83 2.99 40.83
N TYR A 92 -44.13 2.13 41.81
CA TYR A 92 -43.15 1.17 42.29
C TYR A 92 -43.77 -0.12 42.90
N THR A 93 -45.10 -0.16 43.15
CA THR A 93 -45.67 -1.34 43.83
C THR A 93 -45.82 -2.54 42.87
N HIS A 94 -45.60 -2.32 41.56
CA HIS A 94 -45.56 -3.38 40.53
C HIS A 94 -44.26 -4.20 40.66
N ILE A 95 -43.24 -3.66 41.38
CA ILE A 95 -41.92 -4.27 41.62
C ILE A 95 -42.11 -5.55 42.46
N LEU A 96 -41.71 -6.69 41.91
CA LEU A 96 -41.84 -8.00 42.57
C LEU A 96 -40.89 -8.19 43.75
N GLU A 97 -39.71 -7.52 43.75
CA GLU A 97 -38.74 -7.62 44.84
C GLU A 97 -39.20 -6.76 46.04
N PRO A 98 -39.55 -7.35 47.20
CA PRO A 98 -40.04 -6.54 48.34
C PRO A 98 -39.00 -5.59 48.94
N GLU A 99 -37.69 -5.96 48.87
CA GLU A 99 -36.62 -5.11 49.40
C GLU A 99 -36.50 -3.79 48.57
N GLN A 100 -36.79 -3.85 47.26
CA GLN A 100 -36.75 -2.68 46.37
C GLN A 100 -37.92 -1.72 46.69
N GLN A 101 -39.13 -2.28 46.96
CA GLN A 101 -40.33 -1.54 47.36
C GLN A 101 -40.10 -0.83 48.68
N ARG A 102 -39.47 -1.52 49.67
CA ARG A 102 -39.16 -0.94 50.98
C ARG A 102 -38.13 0.19 50.86
N TRP A 103 -37.08 0.00 50.04
CA TRP A 103 -36.02 1.00 49.80
C TRP A 103 -36.64 2.32 49.30
N ILE A 104 -37.57 2.25 48.32
CA ILE A 104 -38.26 3.41 47.75
C ILE A 104 -39.17 4.04 48.81
N GLN A 105 -40.04 3.23 49.46
CA GLN A 105 -40.93 3.68 50.55
C GLN A 105 -40.19 4.51 51.61
N GLU A 106 -39.07 3.97 52.13
CA GLU A 106 -38.27 4.63 53.17
C GLU A 106 -37.70 5.97 52.71
N ARG A 107 -37.27 6.09 51.45
CA ARG A 107 -36.69 7.34 50.96
C ARG A 107 -37.73 8.38 50.52
N VAL A 108 -38.94 7.93 50.18
CA VAL A 108 -40.02 8.77 49.67
C VAL A 108 -40.96 9.23 50.81
N GLU A 109 -41.22 8.36 51.80
CA GLU A 109 -42.13 8.63 52.93
C GLU A 109 -41.40 9.19 54.16
N THR A 110 -40.49 10.13 53.96
CA THR A 110 -39.77 10.83 55.03
C THR A 110 -39.81 12.32 54.79
N LYS A 111 -39.55 13.09 55.87
CA LYS A 111 -39.45 14.55 55.80
C LYS A 111 -38.06 14.87 55.21
N HIS A 112 -38.05 15.28 53.94
CA HIS A 112 -36.85 15.58 53.16
C HIS A 112 -36.20 16.87 53.62
N ASP A 113 -34.85 16.89 53.61
CA ASP A 113 -34.07 18.06 53.96
C ASP A 113 -34.18 19.07 52.83
N LYS A 114 -34.70 20.29 53.14
CA LYS A 114 -34.85 21.36 52.16
C LYS A 114 -33.47 21.73 51.60
N PRO A 115 -33.31 21.92 50.26
CA PRO A 115 -31.98 22.22 49.72
C PRO A 115 -31.43 23.55 50.23
N THR A 116 -30.10 23.63 50.38
CA THR A 116 -29.43 24.85 50.82
C THR A 116 -29.53 25.90 49.69
N VAL A 117 -29.46 27.19 50.06
CA VAL A 117 -29.55 28.32 49.14
C VAL A 117 -28.51 28.14 48.01
N ALA A 118 -27.29 27.64 48.34
CA ALA A 118 -26.22 27.38 47.37
C ALA A 118 -26.65 26.36 46.30
N GLU A 119 -27.38 25.29 46.70
CA GLU A 119 -27.89 24.23 45.82
C GLU A 119 -29.02 24.80 44.95
N GLN A 120 -29.90 25.63 45.55
CA GLN A 120 -31.01 26.29 44.87
C GLN A 120 -30.50 27.29 43.82
N LYS A 121 -29.43 28.04 44.18
CA LYS A 121 -28.79 29.01 43.28
C LYS A 121 -28.07 28.27 42.14
N TYR A 122 -27.46 27.11 42.48
CA TYR A 122 -26.77 26.28 41.49
C TYR A 122 -27.77 25.72 40.47
N ILE A 123 -28.94 25.23 40.93
CA ILE A 123 -30.02 24.76 40.06
C ILE A 123 -30.44 25.93 39.13
N LEU A 124 -30.71 27.11 39.73
CA LEU A 124 -31.11 28.31 39.01
C LEU A 124 -30.09 28.69 37.93
N SER A 125 -28.77 28.65 38.27
CA SER A 125 -27.69 28.95 37.32
C SER A 125 -27.71 27.95 36.13
N LYS A 126 -28.14 26.67 36.36
CA LYS A 126 -28.26 25.69 35.25
C LYS A 126 -29.49 26.03 34.37
N LEU A 127 -30.60 26.55 34.96
CA LEU A 127 -31.79 27.02 34.19
C LEU A 127 -31.46 28.30 33.42
N ASN A 128 -30.60 29.20 34.00
CA ASN A 128 -30.13 30.44 33.34
C ASN A 128 -29.33 30.09 32.13
N ALA A 129 -28.38 29.14 32.28
CA ALA A 129 -27.53 28.66 31.19
C ALA A 129 -28.37 27.96 30.14
N ALA A 130 -29.30 27.11 30.58
CA ALA A 130 -30.11 26.32 29.64
C ALA A 130 -30.99 27.24 28.81
N GLU A 131 -31.63 28.20 29.48
CA GLU A 131 -32.50 29.15 28.83
C GLU A 131 -31.74 30.22 28.02
N ALA A 132 -30.50 30.58 28.40
CA ALA A 132 -29.76 31.57 27.61
C ALA A 132 -29.26 30.94 26.33
N PHE A 133 -28.94 29.64 26.35
CA PHE A 133 -28.53 28.87 25.19
C PHE A 133 -29.71 28.76 24.17
N GLU A 134 -30.94 28.53 24.68
CA GLU A 134 -32.15 28.42 23.84
C GLU A 134 -32.47 29.73 23.13
N THR A 135 -32.39 30.85 23.84
CA THR A 135 -32.64 32.19 23.32
C THR A 135 -31.66 32.51 22.18
N PHE A 136 -30.36 32.29 22.45
CA PHE A 136 -29.29 32.49 21.47
C PHE A 136 -29.52 31.67 20.21
N LEU A 137 -29.86 30.38 20.38
CA LEU A 137 -30.06 29.47 19.26
C LEU A 137 -31.18 29.93 18.32
N GLN A 138 -32.32 30.36 18.88
CA GLN A 138 -33.47 30.79 18.08
C GLN A 138 -33.31 32.19 17.45
N THR A 139 -32.40 33.01 18.00
CA THR A 139 -32.18 34.39 17.55
C THR A 139 -31.04 34.46 16.54
N LYS A 140 -29.91 33.79 16.83
CA LYS A 140 -28.71 33.79 16.01
C LYS A 140 -28.90 33.09 14.69
N TYR A 141 -29.48 31.87 14.72
CA TYR A 141 -29.61 31.09 13.50
C TYR A 141 -31.05 30.86 13.06
N VAL A 142 -31.19 30.64 11.74
CA VAL A 142 -32.45 30.28 11.09
C VAL A 142 -32.55 28.75 11.07
N GLY A 143 -33.77 28.22 11.05
CA GLY A 143 -34.03 26.79 10.97
C GLY A 143 -33.60 25.97 12.18
N GLN A 144 -33.69 26.53 13.40
CA GLN A 144 -33.30 25.81 14.61
C GLN A 144 -34.51 25.49 15.51
N LYS A 145 -35.75 25.82 15.06
CA LYS A 145 -36.96 25.63 15.86
C LYS A 145 -37.17 24.19 16.27
N ARG A 146 -36.87 23.23 15.36
CA ARG A 146 -37.07 21.80 15.61
C ARG A 146 -36.22 21.26 16.78
N PHE A 147 -35.11 21.94 17.11
CA PHE A 147 -34.18 21.51 18.15
C PHE A 147 -34.42 22.22 19.48
N SER A 148 -35.40 23.13 19.54
CA SER A 148 -35.72 23.91 20.74
C SER A 148 -36.06 23.03 21.95
N LEU A 149 -35.38 23.32 23.06
CA LEU A 149 -35.58 22.63 24.33
C LEU A 149 -36.52 23.49 25.22
N GLU A 150 -37.03 24.64 24.71
CA GLU A 150 -37.92 25.59 25.42
C GLU A 150 -39.21 24.91 25.92
N GLY A 151 -39.44 25.05 27.22
CA GLY A 151 -40.53 24.40 27.95
C GLY A 151 -40.07 23.12 28.61
N ALA A 152 -38.79 22.73 28.40
CA ALA A 152 -38.18 21.51 28.89
C ALA A 152 -36.76 21.73 29.37
N GLU A 153 -36.41 23.00 29.71
CA GLU A 153 -35.06 23.40 30.15
C GLU A 153 -34.65 22.71 31.44
N THR A 154 -35.63 22.31 32.28
CA THR A 154 -35.39 21.62 33.54
C THR A 154 -34.64 20.28 33.31
N VAL A 155 -34.66 19.71 32.07
CA VAL A 155 -33.87 18.50 31.76
C VAL A 155 -32.36 18.75 32.02
N ILE A 156 -31.86 20.01 31.84
CA ILE A 156 -30.43 20.31 32.07
C ILE A 156 -30.10 20.20 33.59
N PRO A 157 -30.74 20.91 34.57
CA PRO A 157 -30.37 20.64 35.98
C PRO A 157 -30.69 19.20 36.40
N MET A 158 -31.64 18.50 35.71
CA MET A 158 -31.95 17.11 36.04
C MET A 158 -30.78 16.19 35.60
N MET A 159 -30.26 16.38 34.36
CA MET A 159 -29.14 15.58 33.86
C MET A 159 -27.89 15.86 34.67
N ASP A 160 -27.72 17.11 35.11
CA ASP A 160 -26.59 17.56 35.93
C ASP A 160 -26.59 16.83 37.26
N ALA A 161 -27.80 16.66 37.88
CA ALA A 161 -27.95 15.98 39.17
C ALA A 161 -27.65 14.48 39.03
N VAL A 162 -28.04 13.84 37.89
CA VAL A 162 -27.74 12.43 37.59
C VAL A 162 -26.21 12.23 37.59
N ILE A 163 -25.49 13.04 36.78
CA ILE A 163 -24.05 12.96 36.61
C ILE A 163 -23.32 13.31 37.90
N ASP A 164 -23.76 14.38 38.59
CA ASP A 164 -23.17 14.76 39.87
C ASP A 164 -23.35 13.63 40.90
N GLN A 165 -24.54 12.97 40.93
CA GLN A 165 -24.79 11.85 41.84
C GLN A 165 -23.92 10.65 41.46
N CYS A 166 -23.67 10.42 40.15
CA CYS A 166 -22.79 9.32 39.71
C CYS A 166 -21.35 9.61 40.19
N ALA A 167 -20.91 10.89 40.14
CA ALA A 167 -19.59 11.31 40.61
C ALA A 167 -19.49 11.17 42.14
N GLU A 168 -20.62 11.35 42.84
CA GLU A 168 -20.70 11.23 44.30
C GLU A 168 -20.45 9.76 44.70
N HIS A 169 -20.91 8.83 43.86
CA HIS A 169 -20.71 7.38 44.02
C HIS A 169 -19.31 6.91 43.58
N GLY A 170 -18.48 7.84 43.12
CA GLY A 170 -17.12 7.58 42.65
C GLY A 170 -17.03 6.80 41.37
N LEU A 171 -18.05 6.90 40.50
CA LEU A 171 -18.12 6.17 39.24
C LEU A 171 -17.23 6.81 38.16
N ASP A 172 -16.92 6.05 37.13
CA ASP A 172 -15.95 6.45 36.12
C ASP A 172 -16.51 7.25 34.96
N GLU A 173 -17.69 6.91 34.46
CA GLU A 173 -18.20 7.60 33.28
C GLU A 173 -19.70 7.49 33.15
N VAL A 174 -20.31 8.51 32.56
CA VAL A 174 -21.73 8.53 32.21
C VAL A 174 -21.76 8.67 30.71
N VAL A 175 -22.41 7.74 30.04
CA VAL A 175 -22.51 7.77 28.59
C VAL A 175 -23.97 8.07 28.26
N ILE A 176 -24.17 9.14 27.50
CA ILE A 176 -25.48 9.61 27.11
C ILE A 176 -25.81 9.21 25.68
N ALA A 177 -27.09 8.89 25.46
CA ALA A 177 -27.73 8.70 24.16
C ALA A 177 -29.01 9.49 24.20
N MET A 178 -29.26 10.27 23.15
CA MET A 178 -30.45 11.10 23.08
C MET A 178 -30.85 11.41 21.63
N PRO A 179 -32.12 11.85 21.41
CA PRO A 179 -32.46 12.36 20.07
C PRO A 179 -31.99 13.83 19.93
N HIS A 180 -32.35 14.54 18.83
CA HIS A 180 -31.83 15.87 18.55
C HIS A 180 -32.30 17.03 19.48
N ARG A 181 -33.52 16.98 20.03
CA ARG A 181 -34.06 18.07 20.87
C ARG A 181 -33.12 18.39 22.09
N GLY A 182 -32.58 19.61 22.09
CA GLY A 182 -31.72 20.13 23.15
C GLY A 182 -30.31 19.60 23.16
N ARG A 183 -29.89 18.92 22.07
CA ARG A 183 -28.57 18.29 22.00
C ARG A 183 -27.39 19.23 22.18
N LEU A 184 -27.37 20.37 21.47
CA LEU A 184 -26.26 21.32 21.58
C LEU A 184 -26.24 21.99 22.97
N ASN A 185 -27.42 22.10 23.59
CA ASN A 185 -27.55 22.64 24.95
C ASN A 185 -26.91 21.65 25.91
N VAL A 186 -27.15 20.32 25.67
CA VAL A 186 -26.55 19.22 26.44
C VAL A 186 -25.04 19.25 26.23
N LEU A 187 -24.58 19.44 25.00
CA LEU A 187 -23.15 19.54 24.72
C LEU A 187 -22.48 20.66 25.54
N ALA A 188 -23.09 21.86 25.56
CA ALA A 188 -22.55 23.00 26.27
C ALA A 188 -22.70 22.90 27.79
N ASN A 189 -23.87 22.49 28.28
CA ASN A 189 -24.14 22.57 29.71
C ASN A 189 -24.05 21.27 30.52
N ILE A 190 -23.78 20.16 29.85
CA ILE A 190 -23.66 18.87 30.53
C ILE A 190 -22.29 18.26 30.17
N VAL A 191 -22.00 18.14 28.86
CA VAL A 191 -20.74 17.56 28.36
C VAL A 191 -19.59 18.60 28.62
N GLY A 192 -19.95 19.87 28.61
CA GLY A 192 -19.03 20.97 28.86
C GLY A 192 -18.19 21.33 27.66
N LYS A 193 -18.72 21.10 26.43
CA LYS A 193 -17.98 21.46 25.21
C LYS A 193 -18.03 22.97 25.02
N PRO A 194 -16.91 23.65 24.68
CA PRO A 194 -16.97 25.12 24.50
C PRO A 194 -17.73 25.48 23.21
N TYR A 195 -18.33 26.69 23.16
CA TYR A 195 -19.09 27.19 22.00
C TYR A 195 -18.25 27.21 20.72
N SER A 196 -16.92 27.47 20.87
CA SER A 196 -15.97 27.51 19.76
C SER A 196 -16.01 26.20 18.95
N GLN A 197 -16.14 25.04 19.64
CA GLN A 197 -16.23 23.73 19.02
C GLN A 197 -17.65 23.41 18.55
N ILE A 198 -18.66 23.74 19.38
CA ILE A 198 -20.07 23.45 19.09
C ILE A 198 -20.54 24.14 17.81
N PHE A 199 -20.14 25.41 17.60
CA PHE A 199 -20.62 26.20 16.47
C PHE A 199 -19.54 26.40 15.37
N SER A 200 -18.45 25.64 15.43
CA SER A 200 -17.36 25.60 14.45
C SER A 200 -17.94 25.18 13.08
N GLU A 201 -17.88 26.08 12.06
CA GLU A 201 -18.38 25.87 10.70
C GLU A 201 -19.85 25.38 10.71
N PHE A 202 -20.72 26.16 11.38
CA PHE A 202 -22.14 25.87 11.58
C PHE A 202 -22.98 26.15 10.31
N GLY A 215 -23.73 21.71 9.44
CA GLY A 215 -24.03 22.15 10.80
C GLY A 215 -25.03 21.25 11.49
N ASP A 216 -25.99 20.74 10.71
CA ASP A 216 -27.03 19.81 11.16
C ASP A 216 -26.41 18.47 11.58
N VAL A 217 -25.21 18.10 11.03
CA VAL A 217 -24.50 16.87 11.37
C VAL A 217 -24.08 16.92 12.86
N LYS A 218 -23.83 18.16 13.42
CA LYS A 218 -23.50 18.36 14.84
C LYS A 218 -24.58 17.74 15.77
N TYR A 219 -25.84 17.60 15.25
CA TYR A 219 -26.96 17.00 16.00
C TYR A 219 -26.90 15.45 16.01
N HIS A 220 -25.88 14.87 15.38
CA HIS A 220 -25.76 13.41 15.30
C HIS A 220 -24.37 12.91 15.71
N LEU A 221 -23.43 13.80 16.03
CA LEU A 221 -22.07 13.41 16.38
C LEU A 221 -21.85 13.00 17.83
N GLY A 222 -20.81 12.20 18.04
CA GLY A 222 -20.37 11.78 19.35
C GLY A 222 -19.59 12.93 19.96
N ALA A 223 -19.42 12.93 21.27
CA ALA A 223 -18.65 13.93 22.01
C ALA A 223 -18.16 13.35 23.32
N THR A 224 -17.09 13.93 23.86
CA THR A 224 -16.53 13.49 25.15
C THR A 224 -16.05 14.71 25.95
N GLY A 225 -16.22 14.63 27.26
CA GLY A 225 -15.83 15.68 28.19
C GLY A 225 -15.64 15.18 29.61
N THR A 226 -15.31 16.09 30.51
CA THR A 226 -15.10 15.81 31.94
C THR A 226 -16.02 16.70 32.74
N TYR A 227 -16.77 16.09 33.66
CA TYR A 227 -17.66 16.80 34.55
C TYR A 227 -16.97 16.96 35.90
N ILE A 228 -16.89 18.18 36.39
CA ILE A 228 -16.25 18.46 37.68
C ILE A 228 -17.37 18.86 38.65
N GLN A 229 -17.46 18.16 39.80
CA GLN A 229 -18.47 18.45 40.82
C GLN A 229 -18.33 19.88 41.36
N MET A 230 -19.46 20.58 41.44
CA MET A 230 -19.55 21.96 41.96
C MET A 230 -19.26 21.99 43.47
N PHE A 231 -19.92 21.09 44.25
CA PHE A 231 -19.81 21.03 45.71
C PHE A 231 -19.02 19.82 46.21
N GLY A 232 -18.70 18.89 45.33
CA GLY A 232 -17.93 17.71 45.68
C GLY A 232 -16.49 17.81 45.22
N ASP A 233 -15.69 16.78 45.56
CA ASP A 233 -14.27 16.73 45.20
C ASP A 233 -13.98 15.71 44.10
N ASN A 234 -15.02 15.21 43.43
CA ASN A 234 -14.82 14.23 42.38
C ASN A 234 -15.09 14.78 41.00
N ASP A 235 -14.55 14.09 40.00
CA ASP A 235 -14.81 14.36 38.59
C ASP A 235 -15.25 13.07 37.96
N ILE A 236 -15.91 13.14 36.81
CA ILE A 236 -16.40 11.98 36.10
C ILE A 236 -16.36 12.25 34.61
N GLU A 237 -16.05 11.22 33.80
CA GLU A 237 -16.07 11.37 32.35
C GLU A 237 -17.52 11.40 31.87
N VAL A 238 -17.81 12.26 30.89
CA VAL A 238 -19.14 12.35 30.31
C VAL A 238 -18.97 12.30 28.80
N SER A 239 -19.70 11.38 28.17
CA SER A 239 -19.67 11.24 26.73
C SER A 239 -21.08 11.13 26.18
N LEU A 240 -21.22 11.45 24.90
CA LEU A 240 -22.45 11.41 24.14
C LEU A 240 -22.19 10.57 22.91
N THR A 241 -23.07 9.65 22.57
CA THR A 241 -22.77 8.86 21.40
C THR A 241 -23.50 9.41 20.18
N ALA A 242 -23.00 8.99 19.01
CA ALA A 242 -23.55 9.35 17.70
C ALA A 242 -24.85 8.62 17.49
N ASN A 243 -25.77 9.18 16.67
CA ASN A 243 -27.04 8.50 16.39
C ASN A 243 -27.70 9.03 15.12
N PRO A 244 -28.59 8.24 14.49
CA PRO A 244 -29.29 8.75 13.32
C PRO A 244 -30.56 9.51 13.75
N SER A 245 -31.41 9.91 12.77
CA SER A 245 -32.65 10.61 13.09
C SER A 245 -33.70 9.61 13.61
N HIS A 246 -33.50 8.30 13.34
CA HIS A 246 -34.35 7.17 13.76
C HIS A 246 -34.40 7.13 15.25
N LEU A 247 -35.50 7.67 15.78
CA LEU A 247 -35.70 7.79 17.21
C LEU A 247 -35.64 6.42 17.89
N GLU A 248 -34.91 6.36 19.00
CA GLU A 248 -34.75 5.17 19.83
C GLU A 248 -33.82 4.10 19.22
N ALA A 249 -33.42 4.18 17.94
CA ALA A 249 -32.55 3.13 17.35
C ALA A 249 -31.19 2.99 18.06
N VAL A 250 -30.69 4.09 18.68
CA VAL A 250 -29.41 4.18 19.43
C VAL A 250 -29.50 3.48 20.80
N ASP A 251 -30.73 3.20 21.29
CA ASP A 251 -30.93 2.62 22.62
C ASP A 251 -30.08 1.36 22.85
N PRO A 252 -30.11 0.32 21.98
CA PRO A 252 -29.27 -0.86 22.25
C PRO A 252 -27.79 -0.59 22.00
N VAL A 253 -27.48 0.38 21.11
CA VAL A 253 -26.11 0.77 20.76
C VAL A 253 -25.46 1.34 22.00
N LEU A 254 -26.19 2.23 22.74
CA LEU A 254 -25.74 2.81 23.99
C LEU A 254 -25.37 1.70 24.97
N GLU A 255 -26.26 0.72 25.15
CA GLU A 255 -26.06 -0.43 26.06
C GLU A 255 -24.80 -1.23 25.71
N GLY A 256 -24.63 -1.52 24.42
CA GLY A 256 -23.47 -2.27 23.94
C GLY A 256 -22.17 -1.54 24.23
N LEU A 257 -22.14 -0.22 23.92
CA LEU A 257 -21.01 0.68 24.11
C LEU A 257 -20.62 0.72 25.58
N VAL A 258 -21.59 0.92 26.50
CA VAL A 258 -21.36 0.98 27.94
C VAL A 258 -20.80 -0.37 28.44
N ARG A 259 -21.45 -1.50 28.05
CA ARG A 259 -21.00 -2.85 28.45
C ARG A 259 -19.53 -3.08 28.02
N ALA A 260 -19.14 -2.64 26.78
CA ALA A 260 -17.74 -2.78 26.32
C ALA A 260 -16.79 -1.97 27.21
N LYS A 261 -17.23 -0.77 27.63
CA LYS A 261 -16.43 0.12 28.50
C LYS A 261 -16.30 -0.48 29.91
N GLN A 262 -17.38 -1.09 30.42
CA GLN A 262 -17.39 -1.78 31.71
C GLN A 262 -16.44 -3.02 31.69
N ASP A 263 -16.48 -3.83 30.62
CA ASP A 263 -15.59 -5.00 30.49
C ASP A 263 -14.12 -4.55 30.49
N LEU A 264 -13.79 -3.44 29.78
CA LEU A 264 -12.44 -2.86 29.74
C LEU A 264 -11.98 -2.39 31.13
N LEU A 265 -12.93 -1.87 31.94
CA LEU A 265 -12.66 -1.35 33.27
C LEU A 265 -12.71 -2.42 34.35
N ASP A 266 -12.96 -3.68 33.97
CA ASP A 266 -13.07 -4.84 34.88
C ASP A 266 -14.13 -4.52 35.97
N THR A 267 -15.27 -3.94 35.52
CA THR A 267 -16.39 -3.56 36.38
C THR A 267 -17.67 -4.19 35.83
N GLY A 268 -18.52 -4.66 36.74
CA GLY A 268 -19.78 -5.27 36.37
C GLY A 268 -19.73 -6.78 36.20
N GLU A 269 -20.62 -7.30 35.32
CA GLU A 269 -20.85 -8.71 35.00
C GLU A 269 -19.56 -9.48 34.65
N GLU A 270 -18.68 -8.88 33.82
CA GLU A 270 -17.40 -9.50 33.45
C GLU A 270 -16.23 -8.78 34.14
N GLY A 271 -16.46 -8.42 35.41
CA GLY A 271 -15.48 -7.72 36.22
C GLY A 271 -15.27 -8.29 37.61
N SER A 272 -14.16 -7.86 38.26
CA SER A 272 -13.82 -8.24 39.62
C SER A 272 -14.74 -7.51 40.62
N ASP A 273 -15.19 -6.29 40.26
CA ASP A 273 -16.11 -5.51 41.11
C ASP A 273 -17.52 -5.51 40.53
N ASN A 274 -18.52 -5.26 41.39
CA ASN A 274 -19.92 -5.17 40.96
C ASN A 274 -20.39 -3.70 41.04
N ARG A 275 -19.51 -2.75 40.68
CA ARG A 275 -19.85 -1.33 40.69
C ARG A 275 -20.58 -0.89 39.42
N PHE A 276 -20.31 -1.54 38.25
CA PHE A 276 -20.90 -1.16 36.94
C PHE A 276 -20.66 0.36 36.79
N SER A 277 -19.39 0.76 36.97
CA SER A 277 -18.93 2.14 37.11
C SER A 277 -19.08 3.01 35.85
N VAL A 278 -19.73 2.49 34.79
CA VAL A 278 -20.04 3.22 33.55
C VAL A 278 -21.56 3.20 33.47
N VAL A 279 -22.17 4.39 33.53
CA VAL A 279 -23.62 4.52 33.60
C VAL A 279 -24.25 4.93 32.28
N PRO A 280 -25.21 4.15 31.75
CA PRO A 280 -25.95 4.61 30.58
C PRO A 280 -27.02 5.62 31.01
N LEU A 281 -27.01 6.81 30.40
CA LEU A 281 -28.04 7.84 30.61
C LEU A 281 -28.75 7.98 29.28
N MET A 282 -29.98 7.50 29.21
CA MET A 282 -30.70 7.43 27.95
C MET A 282 -31.88 8.36 27.93
N LEU A 283 -31.86 9.32 26.98
CA LEU A 283 -32.93 10.27 26.83
C LEU A 283 -33.88 9.82 25.75
N HIS A 284 -35.13 10.20 25.91
CA HIS A 284 -36.21 9.82 25.00
C HIS A 284 -37.23 10.92 24.85
N GLY A 285 -38.05 10.81 23.79
CA GLY A 285 -39.23 11.63 23.59
C GLY A 285 -40.42 10.78 23.99
N ASP A 286 -41.55 11.39 24.39
CA ASP A 286 -42.71 10.64 24.87
C ASP A 286 -43.40 9.80 23.76
N ALA A 287 -43.55 10.33 22.53
CA ALA A 287 -44.21 9.54 21.48
C ALA A 287 -43.34 8.36 21.03
N ALA A 288 -42.01 8.58 20.93
CA ALA A 288 -41.07 7.56 20.44
C ALA A 288 -40.85 6.45 21.47
N PHE A 289 -40.82 6.81 22.77
CA PHE A 289 -40.63 5.82 23.86
C PHE A 289 -41.76 4.78 23.87
N ALA A 290 -42.97 5.20 23.56
CA ALA A 290 -44.16 4.32 23.58
C ALA A 290 -44.38 3.55 22.25
N GLY A 291 -43.94 4.09 21.12
CA GLY A 291 -44.22 3.47 19.83
C GLY A 291 -43.15 2.59 19.21
N GLN A 292 -41.90 2.75 19.62
CA GLN A 292 -40.77 2.03 19.01
C GLN A 292 -40.51 0.71 19.75
N GLY A 293 -40.57 -0.40 19.01
CA GLY A 293 -40.35 -1.75 19.55
C GLY A 293 -38.96 -1.97 20.13
N VAL A 294 -37.99 -1.21 19.66
CA VAL A 294 -36.60 -1.34 20.11
C VAL A 294 -36.44 -0.95 21.60
N VAL A 295 -37.34 -0.11 22.11
CA VAL A 295 -37.37 0.30 23.50
C VAL A 295 -37.55 -0.95 24.37
N ALA A 296 -38.62 -1.72 24.12
CA ALA A 296 -38.93 -2.97 24.86
C ALA A 296 -37.83 -4.01 24.69
N GLU A 297 -37.29 -4.20 23.46
CA GLU A 297 -36.17 -5.14 23.23
C GLU A 297 -34.91 -4.73 24.05
N THR A 298 -34.67 -3.44 24.22
CA THR A 298 -33.48 -2.93 24.92
C THR A 298 -33.67 -3.10 26.42
N LEU A 299 -34.87 -2.79 26.97
CA LEU A 299 -35.24 -3.04 28.36
C LEU A 299 -35.11 -4.55 28.68
N ASN A 300 -35.52 -5.41 27.75
CA ASN A 300 -35.44 -6.86 27.89
C ASN A 300 -33.99 -7.39 28.13
N LEU A 301 -32.96 -6.60 27.77
CA LEU A 301 -31.56 -6.93 27.93
C LEU A 301 -31.00 -6.57 29.29
N ALA A 302 -31.70 -5.73 30.05
CA ALA A 302 -31.23 -5.07 31.27
C ALA A 302 -30.70 -5.96 32.38
N LEU A 303 -31.18 -7.21 32.51
CA LEU A 303 -30.72 -8.10 33.56
C LEU A 303 -30.07 -9.38 33.00
N LEU A 304 -29.86 -9.44 31.66
CA LEU A 304 -29.25 -10.60 31.01
C LEU A 304 -27.75 -10.63 31.31
N ARG A 305 -27.19 -11.81 31.64
CA ARG A 305 -25.76 -11.90 31.93
C ARG A 305 -24.88 -11.34 30.74
N GLY A 306 -25.31 -11.57 29.51
CA GLY A 306 -24.55 -11.12 28.35
C GLY A 306 -24.70 -9.69 27.91
N TYR A 307 -25.72 -8.98 28.44
CA TYR A 307 -26.07 -7.65 27.99
C TYR A 307 -26.26 -6.61 29.10
N ARG A 308 -26.41 -7.02 30.39
CA ARG A 308 -26.63 -6.07 31.49
C ARG A 308 -25.49 -5.05 31.64
N THR A 309 -25.89 -3.83 32.02
CA THR A 309 -24.98 -2.71 32.23
C THR A 309 -25.16 -2.15 33.63
N GLY A 310 -25.89 -2.88 34.49
CA GLY A 310 -26.06 -2.47 35.89
C GLY A 310 -27.15 -1.46 36.12
N GLY A 311 -28.07 -1.40 35.15
CA GLY A 311 -29.16 -0.46 35.16
C GLY A 311 -28.88 0.82 34.41
N THR A 312 -29.86 1.20 33.60
CA THR A 312 -29.87 2.43 32.82
C THR A 312 -30.75 3.51 33.49
N ILE A 313 -30.28 4.75 33.49
CA ILE A 313 -31.10 5.86 33.95
C ILE A 313 -31.83 6.38 32.70
N HIS A 314 -33.15 6.26 32.68
CA HIS A 314 -33.92 6.76 31.55
C HIS A 314 -34.54 8.12 31.88
N ILE A 315 -34.44 9.09 30.95
CA ILE A 315 -35.13 10.36 31.10
C ILE A 315 -36.02 10.53 29.87
N VAL A 316 -37.34 10.62 30.09
CA VAL A 316 -38.26 10.90 28.98
C VAL A 316 -38.61 12.39 29.06
N VAL A 317 -38.30 13.13 27.99
CA VAL A 317 -38.66 14.54 27.86
C VAL A 317 -40.12 14.48 27.37
N ASN A 318 -41.04 14.37 28.32
CA ASN A 318 -42.46 14.20 28.02
C ASN A 318 -43.13 15.56 27.86
N ASN A 319 -43.07 16.09 26.64
CA ASN A 319 -43.69 17.38 26.30
C ASN A 319 -45.14 17.19 25.82
N GLN A 320 -45.69 15.98 26.03
CA GLN A 320 -47.10 15.55 25.86
C GLN A 320 -47.62 15.78 24.44
N ILE A 321 -46.72 15.63 23.47
CA ILE A 321 -46.99 15.82 22.05
C ILE A 321 -45.90 15.11 21.24
N GLY A 322 -46.28 14.70 20.04
CA GLY A 322 -45.36 14.08 19.09
C GLY A 322 -45.62 14.71 17.76
N PHE A 323 -44.89 15.83 17.47
CA PHE A 323 -45.06 16.64 16.28
C PHE A 323 -46.49 17.27 16.33
N THR A 324 -47.48 16.73 15.62
CA THR A 324 -48.85 17.28 15.74
C THR A 324 -49.78 16.33 16.54
N THR A 325 -49.26 15.16 16.94
CA THR A 325 -50.02 14.03 17.48
C THR A 325 -50.12 14.08 19.00
N ALA A 326 -51.36 13.94 19.45
CA ALA A 326 -51.69 13.96 20.88
C ALA A 326 -51.42 12.56 21.48
N PRO A 327 -51.06 12.49 22.79
CA PRO A 327 -50.82 11.19 23.44
C PRO A 327 -51.91 10.14 23.22
N THR A 328 -53.18 10.53 23.11
CA THR A 328 -54.26 9.55 22.92
C THR A 328 -54.16 8.80 21.57
N ASP A 329 -53.40 9.32 20.59
CA ASP A 329 -53.17 8.62 19.30
C ASP A 329 -51.79 7.98 19.27
N SER A 330 -50.95 8.22 20.30
CA SER A 330 -49.59 7.69 20.31
C SER A 330 -49.40 6.47 21.21
N ARG A 331 -50.31 6.23 22.18
CA ARG A 331 -50.16 5.12 23.12
C ARG A 331 -51.49 4.65 23.66
N SER A 332 -51.55 3.38 24.08
CA SER A 332 -52.77 2.78 24.66
C SER A 332 -52.67 2.64 26.18
N SER A 333 -51.73 3.36 26.79
CA SER A 333 -51.56 3.30 28.25
C SER A 333 -51.62 4.71 28.87
N GLU A 334 -51.85 4.77 30.20
CA GLU A 334 -51.88 6.01 30.97
C GLU A 334 -50.59 6.83 30.76
N TYR A 335 -49.41 6.18 30.85
CA TYR A 335 -48.09 6.83 30.73
C TYR A 335 -47.26 6.34 29.54
N CYS A 336 -46.42 7.22 28.95
CA CYS A 336 -45.53 6.89 27.83
C CYS A 336 -44.44 5.90 28.27
N THR A 337 -44.21 5.82 29.60
CA THR A 337 -43.18 5.00 30.26
C THR A 337 -43.69 3.61 30.74
N ASP A 338 -44.99 3.27 30.50
CA ASP A 338 -45.58 2.02 30.97
C ASP A 338 -44.85 0.74 30.45
N VAL A 339 -44.18 0.80 29.29
CA VAL A 339 -43.37 -0.30 28.76
C VAL A 339 -42.28 -0.73 29.80
N ALA A 340 -41.75 0.22 30.61
CA ALA A 340 -40.69 -0.07 31.59
C ALA A 340 -41.21 -0.94 32.76
N LYS A 341 -42.55 -1.10 32.88
CA LYS A 341 -43.15 -2.00 33.87
C LYS A 341 -42.81 -3.47 33.53
N MET A 342 -42.52 -3.75 32.24
CA MET A 342 -42.06 -5.04 31.70
C MET A 342 -40.90 -5.63 32.54
N ILE A 343 -39.96 -4.80 33.04
CA ILE A 343 -38.81 -5.33 33.80
C ILE A 343 -38.87 -4.90 35.27
N GLY A 344 -40.06 -4.51 35.72
CA GLY A 344 -40.29 -4.08 37.09
C GLY A 344 -39.42 -2.93 37.52
N ALA A 345 -39.18 -1.99 36.59
CA ALA A 345 -38.42 -0.77 36.87
C ALA A 345 -39.27 0.25 37.64
N PRO A 346 -38.71 0.92 38.65
CA PRO A 346 -39.45 2.02 39.29
C PRO A 346 -39.59 3.21 38.30
N ILE A 347 -40.77 3.86 38.32
CA ILE A 347 -41.06 4.98 37.44
C ILE A 347 -41.48 6.18 38.27
N PHE A 348 -40.82 7.32 38.02
CA PHE A 348 -41.11 8.60 38.68
C PHE A 348 -41.59 9.60 37.63
N HIS A 349 -42.81 10.11 37.79
CA HIS A 349 -43.39 11.14 36.91
C HIS A 349 -43.14 12.44 37.64
N VAL A 350 -42.42 13.37 37.01
CA VAL A 350 -42.08 14.59 37.75
C VAL A 350 -42.42 15.86 36.93
N ASN A 351 -42.99 16.84 37.64
CA ASN A 351 -43.36 18.16 37.12
C ASN A 351 -42.10 18.95 36.74
N GLY A 352 -41.94 19.18 35.42
CA GLY A 352 -40.82 19.90 34.84
C GLY A 352 -40.73 21.36 35.21
N ASP A 353 -41.75 21.91 35.88
CA ASP A 353 -41.73 23.28 36.35
C ASP A 353 -41.17 23.33 37.77
N ASP A 354 -40.91 22.17 38.41
CA ASP A 354 -40.34 22.10 39.78
C ASP A 354 -38.90 21.53 39.64
N PRO A 355 -37.88 22.35 39.30
CA PRO A 355 -36.54 21.79 39.10
C PRO A 355 -35.93 21.14 40.36
N GLU A 356 -36.42 21.48 41.54
CA GLU A 356 -35.97 20.87 42.80
C GLU A 356 -36.44 19.42 42.91
N ALA A 357 -37.71 19.14 42.53
CA ALA A 357 -38.24 17.78 42.54
C ALA A 357 -37.51 16.96 41.47
N CYS A 358 -37.27 17.57 40.30
CA CYS A 358 -36.59 16.96 39.17
C CYS A 358 -35.16 16.55 39.52
N ALA A 359 -34.41 17.43 40.21
CA ALA A 359 -33.03 17.14 40.63
C ALA A 359 -33.01 16.09 41.75
N TRP A 360 -33.99 16.13 42.69
CA TRP A 360 -34.10 15.17 43.80
C TRP A 360 -34.38 13.76 43.26
N VAL A 361 -35.34 13.64 42.31
CA VAL A 361 -35.71 12.39 41.65
C VAL A 361 -34.50 11.80 40.86
N ALA A 362 -33.73 12.67 40.17
CA ALA A 362 -32.53 12.28 39.41
C ALA A 362 -31.50 11.60 40.34
N ARG A 363 -31.29 12.18 41.55
CA ARG A 363 -30.35 11.69 42.56
C ARG A 363 -30.85 10.37 43.16
N LEU A 364 -32.18 10.28 43.43
CA LEU A 364 -32.81 9.06 43.94
C LEU A 364 -32.67 7.92 42.90
N ALA A 365 -32.84 8.23 41.59
CA ALA A 365 -32.72 7.27 40.49
C ALA A 365 -31.32 6.66 40.45
N VAL A 366 -30.26 7.49 40.59
CA VAL A 366 -28.87 7.03 40.60
C VAL A 366 -28.63 6.10 41.81
N ASP A 367 -29.14 6.50 42.99
CA ASP A 367 -29.03 5.72 44.24
C ASP A 367 -29.71 4.35 44.12
N PHE A 368 -30.89 4.28 43.47
CA PHE A 368 -31.61 3.03 43.27
C PHE A 368 -30.82 2.12 42.29
N ARG A 369 -30.31 2.70 41.19
CA ARG A 369 -29.52 1.98 40.19
C ARG A 369 -28.28 1.42 40.86
N GLN A 370 -27.65 2.21 41.78
CA GLN A 370 -26.46 1.71 42.48
C GLN A 370 -26.81 0.58 43.45
N ALA A 371 -27.98 0.65 44.09
CA ALA A 371 -28.36 -0.37 45.07
C ALA A 371 -28.85 -1.66 44.43
N PHE A 372 -29.61 -1.58 43.32
CA PHE A 372 -30.20 -2.79 42.77
C PHE A 372 -29.74 -3.17 41.37
N LYS A 373 -28.90 -2.35 40.73
CA LYS A 373 -28.33 -2.59 39.39
C LYS A 373 -29.42 -2.87 38.36
N LYS A 374 -30.53 -2.12 38.44
CA LYS A 374 -31.67 -2.19 37.54
C LYS A 374 -32.03 -0.78 37.03
N ASP A 375 -32.77 -0.71 35.92
CA ASP A 375 -33.21 0.52 35.29
C ASP A 375 -34.17 1.30 36.18
N VAL A 376 -34.12 2.62 36.05
CA VAL A 376 -34.99 3.61 36.67
C VAL A 376 -35.45 4.52 35.53
N VAL A 377 -36.75 4.82 35.49
CA VAL A 377 -37.27 5.68 34.45
C VAL A 377 -37.81 6.97 35.09
N ILE A 378 -37.38 8.13 34.57
CA ILE A 378 -37.85 9.46 34.99
C ILE A 378 -38.68 10.01 33.86
N ASP A 379 -39.97 10.22 34.13
CA ASP A 379 -40.92 10.77 33.18
C ASP A 379 -41.03 12.29 33.46
N MET A 380 -40.24 13.12 32.74
CA MET A 380 -40.31 14.56 33.01
C MET A 380 -41.43 15.21 32.21
N LEU A 381 -42.51 15.59 32.89
CA LEU A 381 -43.65 16.26 32.27
C LEU A 381 -43.32 17.71 32.07
N CYS A 382 -43.44 18.11 30.83
CA CYS A 382 -43.09 19.44 30.40
C CYS A 382 -43.93 19.80 29.17
N TYR A 383 -43.45 20.74 28.35
CA TYR A 383 -44.22 21.16 27.19
C TYR A 383 -43.28 21.59 26.09
N ARG A 384 -43.83 21.70 24.89
CA ARG A 384 -43.03 22.16 23.77
C ARG A 384 -43.50 23.54 23.46
N ARG A 385 -42.71 24.55 23.87
CA ARG A 385 -43.04 25.99 23.79
C ARG A 385 -43.38 26.46 22.37
N ARG A 386 -42.58 26.10 21.37
CA ARG A 386 -42.80 26.52 19.98
C ARG A 386 -43.45 25.39 19.16
N GLY A 387 -43.56 25.61 17.85
CA GLY A 387 -44.03 24.61 16.91
C GLY A 387 -42.96 23.53 16.77
N HIS A 388 -43.32 22.41 16.12
CA HIS A 388 -42.38 21.28 15.94
C HIS A 388 -41.19 21.67 15.06
N ASN A 389 -41.44 22.51 14.05
CA ASN A 389 -40.41 22.99 13.15
C ASN A 389 -40.90 24.27 12.41
N GLU A 390 -40.16 24.72 11.40
CA GLU A 390 -40.52 25.86 10.56
C GLU A 390 -41.76 25.49 9.77
N GLY A 391 -42.75 26.38 9.76
CA GLY A 391 -43.99 26.07 9.05
C GLY A 391 -45.04 25.40 9.92
N ASP A 392 -44.73 25.20 11.22
CA ASP A 392 -45.71 24.64 12.13
C ASP A 392 -46.32 25.74 13.00
N ASP A 393 -47.62 25.97 12.84
CA ASP A 393 -48.40 26.81 13.74
C ASP A 393 -49.12 25.76 14.60
N PRO A 394 -48.60 25.43 15.80
CA PRO A 394 -49.15 24.30 16.58
C PRO A 394 -50.62 24.41 17.02
N SER A 395 -51.22 25.60 16.98
CA SER A 395 -52.65 25.76 17.33
C SER A 395 -53.56 25.25 16.18
N MET A 396 -53.00 24.96 14.97
CA MET A 396 -53.80 24.38 13.87
C MET A 396 -54.36 22.98 14.25
N THR A 397 -53.53 22.18 14.95
CA THR A 397 -53.83 20.78 15.30
C THR A 397 -54.05 20.57 16.79
N GLN A 398 -53.46 21.44 17.63
CA GLN A 398 -53.60 21.38 19.09
C GLN A 398 -53.98 22.76 19.64
N PRO A 399 -55.17 23.33 19.27
CA PRO A 399 -55.53 24.69 19.74
C PRO A 399 -55.62 24.88 21.24
N TYR A 400 -56.23 23.92 21.97
CA TYR A 400 -56.38 23.97 23.42
C TYR A 400 -55.04 23.96 24.13
N MET A 401 -54.14 23.08 23.71
CA MET A 401 -52.82 22.95 24.32
C MET A 401 -52.00 24.21 24.08
N TYR A 402 -51.99 24.73 22.85
CA TYR A 402 -51.18 25.90 22.53
C TYR A 402 -51.74 27.19 23.10
N ASP A 403 -53.05 27.25 23.44
CA ASP A 403 -53.57 28.44 24.12
C ASP A 403 -53.06 28.44 25.58
N VAL A 404 -52.94 27.25 26.20
CA VAL A 404 -52.42 27.13 27.56
C VAL A 404 -50.91 27.50 27.58
N ILE A 405 -50.12 26.91 26.67
CA ILE A 405 -48.67 27.12 26.51
C ILE A 405 -48.32 28.60 26.26
N ASP A 406 -49.16 29.32 25.49
CA ASP A 406 -48.98 30.75 25.21
C ASP A 406 -49.06 31.62 26.50
N THR A 407 -49.62 31.08 27.61
CA THR A 407 -49.73 31.78 28.90
C THR A 407 -48.61 31.33 29.85
N LYS A 408 -47.67 30.48 29.36
CA LYS A 408 -46.66 29.93 30.24
C LYS A 408 -45.38 30.75 30.30
N ARG A 409 -45.00 31.14 31.53
CA ARG A 409 -43.72 31.80 31.75
C ARG A 409 -42.68 30.70 31.76
N GLY A 410 -41.43 30.99 31.41
CA GLY A 410 -40.37 29.98 31.39
C GLY A 410 -40.13 29.30 32.73
N SER A 411 -39.45 28.14 32.70
CA SER A 411 -39.11 27.34 33.87
C SER A 411 -38.18 28.10 34.82
N ARG A 412 -37.22 28.91 34.27
CA ARG A 412 -36.28 29.76 34.98
C ARG A 412 -37.01 30.84 35.77
N LYS A 413 -37.89 31.60 35.06
CA LYS A 413 -38.67 32.70 35.62
C LYS A 413 -39.60 32.18 36.73
N ALA A 414 -40.27 31.03 36.49
CA ALA A 414 -41.17 30.38 37.45
C ALA A 414 -40.42 29.98 38.72
N TYR A 415 -39.19 29.42 38.56
CA TYR A 415 -38.37 28.99 39.68
C TYR A 415 -37.85 30.20 40.46
N THR A 416 -37.44 31.29 39.74
CA THR A 416 -36.93 32.54 40.34
C THR A 416 -38.02 33.17 41.24
N GLU A 417 -39.26 33.23 40.74
CA GLU A 417 -40.41 33.81 41.44
C GLU A 417 -40.86 32.94 42.63
N ALA A 418 -40.77 31.60 42.50
CA ALA A 418 -41.12 30.65 43.57
C ALA A 418 -40.14 30.75 44.75
N LEU A 419 -38.83 30.96 44.45
CA LEU A 419 -37.76 31.13 45.44
C LEU A 419 -37.99 32.41 46.25
N ILE A 420 -38.54 33.47 45.58
CA ILE A 420 -38.88 34.76 46.19
C ILE A 420 -40.04 34.54 47.17
N GLY A 421 -41.12 33.92 46.69
CA GLY A 421 -42.32 33.60 47.45
C GLY A 421 -42.06 32.83 48.73
N ARG A 422 -41.15 31.83 48.66
CA ARG A 422 -40.77 30.98 49.80
C ARG A 422 -39.75 31.68 50.73
N GLY A 423 -39.26 32.86 50.34
CA GLY A 423 -38.26 33.61 51.09
C GLY A 423 -36.87 33.00 51.05
N ASP A 424 -36.63 32.08 50.08
CA ASP A 424 -35.36 31.38 49.90
C ASP A 424 -34.28 32.32 49.36
N ILE A 425 -34.64 33.25 48.46
CA ILE A 425 -33.71 34.24 47.91
C ILE A 425 -34.30 35.67 48.09
N SER A 426 -33.43 36.69 48.19
CA SER A 426 -33.83 38.10 48.30
C SER A 426 -34.10 38.68 46.89
N MET A 427 -34.61 39.93 46.83
CA MET A 427 -34.86 40.64 45.56
C MET A 427 -33.53 40.87 44.82
N LYS A 428 -32.47 41.20 45.58
CA LYS A 428 -31.10 41.41 45.07
C LYS A 428 -30.55 40.11 44.46
N GLU A 429 -30.80 38.97 45.15
CA GLU A 429 -30.40 37.63 44.71
C GLU A 429 -31.14 37.25 43.42
N ALA A 430 -32.44 37.62 43.30
CA ALA A 430 -33.21 37.34 42.07
C ALA A 430 -32.72 38.24 40.91
N GLU A 431 -32.26 39.47 41.23
CA GLU A 431 -31.71 40.42 40.28
C GLU A 431 -30.34 39.95 39.77
N ASP A 432 -29.44 39.41 40.65
CA ASP A 432 -28.13 38.87 40.23
C ASP A 432 -28.32 37.56 39.43
N ALA A 433 -29.46 36.88 39.65
CA ALA A 433 -29.85 35.68 38.91
C ALA A 433 -30.16 36.09 37.49
N LEU A 434 -30.95 37.18 37.31
CA LEU A 434 -31.29 37.76 36.01
C LEU A 434 -30.03 38.34 35.35
N ARG A 435 -29.07 38.85 36.14
CA ARG A 435 -27.79 39.35 35.62
C ARG A 435 -26.97 38.17 35.09
N ASP A 436 -27.02 37.03 35.81
CA ASP A 436 -26.33 35.80 35.41
C ASP A 436 -26.93 35.27 34.09
N TYR A 437 -28.27 35.33 33.91
CA TYR A 437 -28.90 34.91 32.65
C TYR A 437 -28.38 35.79 31.50
N GLN A 438 -28.38 37.13 31.70
CA GLN A 438 -27.93 38.12 30.71
C GLN A 438 -26.46 37.94 30.35
N GLY A 439 -25.62 37.75 31.38
CA GLY A 439 -24.18 37.48 31.22
C GLY A 439 -23.95 36.20 30.41
N GLN A 440 -24.74 35.15 30.68
CA GLN A 440 -24.64 33.87 29.96
C GLN A 440 -25.14 34.02 28.52
N LEU A 441 -26.23 34.81 28.30
CA LEU A 441 -26.77 35.07 26.95
C LEU A 441 -25.73 35.88 26.13
N GLU A 442 -25.09 36.86 26.78
CA GLU A 442 -24.06 37.68 26.15
C GLU A 442 -22.82 36.84 25.83
N ARG A 443 -22.38 35.97 26.77
CA ARG A 443 -21.19 35.11 26.61
C ARG A 443 -21.26 34.21 25.35
N VAL A 444 -22.39 33.51 25.13
CA VAL A 444 -22.54 32.65 23.97
C VAL A 444 -22.53 33.52 22.68
N PHE A 445 -23.25 34.67 22.64
CA PHE A 445 -23.25 35.60 21.49
C PHE A 445 -21.83 36.14 21.21
N ASN A 446 -21.09 36.52 22.26
CA ASN A 446 -19.72 37.05 22.13
C ASN A 446 -18.70 35.98 21.68
N GLU A 447 -18.73 34.77 22.27
CA GLU A 447 -17.81 33.67 21.95
C GLU A 447 -18.02 33.16 20.52
N VAL A 448 -19.28 33.07 20.08
CA VAL A 448 -19.60 32.63 18.71
C VAL A 448 -19.16 33.77 17.71
N ARG A 449 -19.33 35.05 18.10
CA ARG A 449 -18.92 36.22 17.29
C ARG A 449 -17.41 36.21 17.07
N GLU A 450 -16.64 35.91 18.13
CA GLU A 450 -15.18 35.82 18.09
C GLU A 450 -14.71 34.65 17.22
N LEU A 451 -15.48 33.52 17.23
CA LEU A 451 -15.26 32.32 16.45
C LEU A 451 -15.44 32.60 14.94
N GLU A 452 -16.49 33.37 14.57
CA GLU A 452 -16.76 33.79 13.18
C GLU A 452 -15.67 34.74 12.63
N LYS A 453 -15.00 35.49 13.52
CA LYS A 453 -13.91 36.41 13.17
C LYS A 453 -12.63 35.63 12.82
N HIS A 454 -12.46 34.42 13.39
CA HIS A 454 -11.29 33.56 13.16
C HIS A 454 -11.67 32.32 12.35
N LEU A 472 -0.25 -7.96 6.40
CA LEU A 472 -0.06 -8.64 7.68
C LEU A 472 -0.34 -10.15 7.57
N ALA A 473 0.55 -10.97 8.14
CA ALA A 473 0.46 -12.44 8.15
C ALA A 473 -0.58 -12.90 9.16
N THR A 474 -1.32 -13.96 8.80
CA THR A 474 -2.37 -14.52 9.66
C THR A 474 -2.06 -15.96 10.04
N ALA A 475 -1.12 -16.60 9.30
CA ALA A 475 -0.65 -17.98 9.51
C ALA A 475 -0.12 -18.16 10.93
N VAL A 476 -0.54 -19.25 11.58
CA VAL A 476 -0.15 -19.60 12.96
C VAL A 476 0.78 -20.80 12.90
N ASP A 477 1.45 -21.15 14.00
CA ASP A 477 2.28 -22.35 14.01
C ASP A 477 1.37 -23.54 14.33
N LYS A 478 1.75 -24.77 13.91
CA LYS A 478 1.00 -26.01 14.15
C LYS A 478 0.72 -26.20 15.64
N ALA A 479 1.68 -25.79 16.51
CA ALA A 479 1.54 -25.87 17.98
C ALA A 479 0.30 -25.07 18.46
N MET A 480 -0.05 -23.96 17.77
CA MET A 480 -1.22 -23.14 18.09
C MET A 480 -2.50 -23.94 17.83
N LEU A 481 -2.58 -24.60 16.65
CA LEU A 481 -3.71 -25.46 16.27
C LEU A 481 -3.87 -26.60 17.28
N GLN A 482 -2.74 -27.24 17.65
CA GLN A 482 -2.67 -28.35 18.60
C GLN A 482 -3.14 -27.94 19.99
N ARG A 483 -2.76 -26.74 20.46
CA ARG A 483 -3.17 -26.19 21.76
C ARG A 483 -4.68 -26.00 21.84
N ILE A 484 -5.28 -25.46 20.76
CA ILE A 484 -6.72 -25.23 20.68
C ILE A 484 -7.43 -26.60 20.65
N GLY A 485 -6.85 -27.57 19.96
CA GLY A 485 -7.37 -28.93 19.89
C GLY A 485 -7.37 -29.62 21.25
N ASP A 486 -6.21 -29.59 21.94
CA ASP A 486 -6.02 -30.17 23.27
C ASP A 486 -6.93 -29.50 24.32
N ALA A 487 -7.21 -28.19 24.17
CA ALA A 487 -8.08 -27.42 25.06
C ALA A 487 -9.49 -28.03 25.14
N HIS A 488 -9.97 -28.66 24.04
CA HIS A 488 -11.28 -29.32 23.98
C HIS A 488 -11.35 -30.58 24.85
N LEU A 489 -10.18 -31.15 25.20
CA LEU A 489 -10.10 -32.35 26.06
C LEU A 489 -9.57 -32.02 27.47
N ALA A 490 -9.12 -30.76 27.71
CA ALA A 490 -8.61 -30.34 29.01
C ALA A 490 -9.78 -29.92 29.92
N LEU A 491 -10.67 -30.87 30.21
CA LEU A 491 -11.88 -30.68 31.00
C LEU A 491 -11.58 -30.45 32.48
N PRO A 492 -12.42 -29.65 33.19
CA PRO A 492 -12.21 -29.47 34.64
C PRO A 492 -12.36 -30.79 35.37
N GLU A 493 -11.80 -30.88 36.59
CA GLU A 493 -11.88 -32.08 37.41
C GLU A 493 -13.34 -32.46 37.70
N GLY A 494 -13.68 -33.71 37.40
CA GLY A 494 -15.00 -34.27 37.61
C GLY A 494 -16.10 -33.81 36.65
N PHE A 495 -15.72 -33.13 35.54
CA PHE A 495 -16.70 -32.65 34.56
C PHE A 495 -17.30 -33.83 33.77
N THR A 496 -18.64 -33.88 33.65
CA THR A 496 -19.34 -34.94 32.90
C THR A 496 -19.79 -34.41 31.53
N VAL A 497 -19.08 -34.85 30.46
CA VAL A 497 -19.42 -34.47 29.10
C VAL A 497 -20.62 -35.27 28.63
N HIS A 498 -21.57 -34.61 27.95
CA HIS A 498 -22.69 -35.28 27.31
C HIS A 498 -22.11 -36.26 26.26
N PRO A 499 -22.59 -37.53 26.26
CA PRO A 499 -22.06 -38.53 25.31
C PRO A 499 -22.09 -38.12 23.83
N ARG A 500 -22.99 -37.22 23.40
CA ARG A 500 -23.03 -36.77 22.00
C ARG A 500 -22.03 -35.64 21.72
N VAL A 501 -21.47 -35.03 22.77
CA VAL A 501 -20.53 -33.91 22.62
C VAL A 501 -19.06 -34.43 22.66
N ARG A 502 -18.77 -35.49 23.45
CA ARG A 502 -17.44 -36.12 23.55
C ARG A 502 -16.82 -36.46 22.16
N PRO A 503 -17.54 -36.98 21.13
CA PRO A 503 -16.87 -37.24 19.84
C PRO A 503 -16.44 -35.97 19.11
N VAL A 504 -17.09 -34.83 19.43
CA VAL A 504 -16.76 -33.55 18.81
C VAL A 504 -15.44 -33.06 19.39
N LEU A 505 -15.24 -33.22 20.72
CA LEU A 505 -14.01 -32.82 21.42
C LEU A 505 -12.83 -33.62 20.91
N GLU A 506 -12.99 -34.96 20.81
CA GLU A 506 -11.96 -35.89 20.34
C GLU A 506 -11.63 -35.64 18.87
N LYS A 507 -12.68 -35.42 18.02
CA LYS A 507 -12.46 -35.13 16.58
C LYS A 507 -11.67 -33.81 16.42
N ARG A 508 -11.89 -32.82 17.32
CA ARG A 508 -11.17 -31.55 17.27
C ARG A 508 -9.69 -31.73 17.62
N ARG A 509 -9.38 -32.59 18.59
CA ARG A 509 -7.98 -32.87 18.92
C ARG A 509 -7.33 -33.62 17.73
N GLU A 510 -8.09 -34.52 17.08
CA GLU A 510 -7.66 -35.27 15.90
C GLU A 510 -7.39 -34.30 14.72
N MET A 511 -8.38 -33.45 14.39
CA MET A 511 -8.27 -32.46 13.31
C MET A 511 -7.06 -31.56 13.52
N ALA A 512 -6.88 -31.02 14.74
CA ALA A 512 -5.76 -30.13 15.08
C ALA A 512 -4.37 -30.73 14.75
N TYR A 513 -4.22 -32.06 14.89
CA TYR A 513 -2.95 -32.77 14.66
C TYR A 513 -2.86 -33.42 13.30
N GLU A 514 -4.01 -33.86 12.74
CA GLU A 514 -3.97 -34.67 11.51
C GLU A 514 -4.57 -34.02 10.27
N GLY A 515 -5.31 -32.94 10.42
CA GLY A 515 -5.91 -32.24 9.30
C GLY A 515 -7.37 -32.57 9.12
N ARG A 516 -7.88 -32.32 7.90
CA ARG A 516 -9.30 -32.45 7.53
C ARG A 516 -10.13 -31.56 8.50
N ILE A 517 -9.67 -30.33 8.72
CA ILE A 517 -10.31 -29.37 9.64
C ILE A 517 -11.59 -28.83 8.97
N ASP A 518 -12.73 -29.02 9.64
CA ASP A 518 -14.03 -28.57 9.16
C ASP A 518 -14.23 -27.08 9.50
N TRP A 519 -15.28 -26.46 8.93
CA TRP A 519 -15.63 -25.05 9.13
C TRP A 519 -15.79 -24.66 10.61
N ALA A 520 -16.59 -25.43 11.38
CA ALA A 520 -16.84 -25.09 12.78
C ALA A 520 -15.57 -25.03 13.62
N PHE A 521 -14.61 -25.96 13.41
CA PHE A 521 -13.39 -25.95 14.18
C PHE A 521 -12.45 -24.83 13.68
N ALA A 522 -12.44 -24.55 12.37
CA ALA A 522 -11.60 -23.47 11.81
C ALA A 522 -11.98 -22.11 12.48
N GLU A 523 -13.28 -21.81 12.57
CA GLU A 523 -13.79 -20.62 13.25
C GLU A 523 -13.24 -20.52 14.69
N LEU A 524 -13.28 -21.62 15.47
CA LEU A 524 -12.76 -21.64 16.86
C LEU A 524 -11.23 -21.57 16.90
N LEU A 525 -10.56 -22.05 15.82
CA LEU A 525 -9.11 -21.97 15.67
C LEU A 525 -8.71 -20.49 15.48
N ALA A 526 -9.50 -19.74 14.68
CA ALA A 526 -9.25 -18.32 14.42
C ALA A 526 -9.48 -17.50 15.71
N LEU A 527 -10.61 -17.72 16.39
CA LEU A 527 -10.96 -17.02 17.63
C LEU A 527 -10.02 -17.39 18.79
N GLY A 528 -9.70 -18.67 18.92
CA GLY A 528 -8.79 -19.19 19.95
C GLY A 528 -7.37 -18.67 19.81
N SER A 529 -6.87 -18.52 18.56
CA SER A 529 -5.52 -18.00 18.31
C SER A 529 -5.44 -16.50 18.60
N LEU A 530 -6.55 -15.78 18.36
CA LEU A 530 -6.66 -14.34 18.67
C LEU A 530 -6.63 -14.13 20.19
N ILE A 531 -7.38 -14.97 20.95
CA ILE A 531 -7.39 -14.96 22.42
C ILE A 531 -5.97 -15.25 22.94
N ALA A 532 -5.26 -16.23 22.31
CA ALA A 532 -3.89 -16.60 22.70
C ALA A 532 -2.90 -15.42 22.48
N GLU A 533 -3.20 -14.57 21.49
CA GLU A 533 -2.39 -13.37 21.15
C GLU A 533 -2.78 -12.15 22.01
N GLY A 534 -3.77 -12.31 22.88
CA GLY A 534 -4.21 -11.26 23.80
C GLY A 534 -5.47 -10.50 23.42
N LYS A 535 -6.20 -10.96 22.39
CA LYS A 535 -7.41 -10.26 21.96
C LYS A 535 -8.65 -10.68 22.74
N LEU A 536 -9.54 -9.70 23.00
CA LEU A 536 -10.83 -9.93 23.62
C LEU A 536 -11.75 -10.35 22.48
N VAL A 537 -12.40 -11.52 22.62
CA VAL A 537 -13.33 -12.03 21.62
C VAL A 537 -14.71 -12.12 22.25
N ARG A 538 -15.68 -11.39 21.66
CA ARG A 538 -17.06 -11.44 22.08
C ARG A 538 -17.88 -12.04 20.94
N LEU A 539 -18.52 -13.18 21.19
CA LEU A 539 -19.33 -13.90 20.20
C LEU A 539 -20.72 -14.17 20.79
N SER A 540 -21.77 -13.84 20.04
CA SER A 540 -23.13 -13.99 20.54
C SER A 540 -24.13 -14.08 19.40
N GLY A 541 -25.33 -14.52 19.73
CA GLY A 541 -26.41 -14.70 18.78
C GLY A 541 -27.37 -15.77 19.28
N GLN A 542 -28.41 -16.07 18.50
CA GLN A 542 -29.41 -17.03 18.91
C GLN A 542 -28.86 -18.48 18.89
N ASP A 543 -28.78 -19.07 20.10
CA ASP A 543 -28.25 -20.41 20.37
C ASP A 543 -26.79 -20.57 19.92
N THR A 544 -26.01 -19.49 19.97
CA THR A 544 -24.64 -19.38 19.51
C THR A 544 -23.63 -20.19 20.34
N GLN A 545 -23.91 -20.46 21.62
CA GLN A 545 -22.97 -21.29 22.44
C GLN A 545 -22.82 -22.69 21.85
N ARG A 546 -23.94 -23.33 21.50
CA ARG A 546 -23.93 -24.66 20.93
C ARG A 546 -23.78 -24.57 19.40
N GLY A 547 -24.48 -23.59 18.82
CA GLY A 547 -24.59 -23.39 17.39
C GLY A 547 -25.94 -23.93 16.94
N THR A 548 -26.58 -23.20 16.03
CA THR A 548 -27.89 -23.52 15.45
C THR A 548 -27.88 -24.89 14.77
N PHE A 549 -26.75 -25.23 14.12
CA PHE A 549 -26.61 -26.48 13.37
C PHE A 549 -25.80 -27.52 14.19
N THR A 550 -25.82 -27.35 15.53
CA THR A 550 -25.17 -28.18 16.56
C THR A 550 -23.69 -28.37 16.21
N GLN A 551 -23.07 -27.34 15.66
CA GLN A 551 -21.69 -27.49 15.19
C GLN A 551 -20.64 -26.78 16.05
N ARG A 552 -21.03 -25.77 16.84
CA ARG A 552 -20.01 -24.95 17.51
C ARG A 552 -19.52 -25.55 18.82
N HIS A 553 -20.40 -25.73 19.82
CA HIS A 553 -20.01 -26.24 21.15
C HIS A 553 -18.86 -25.38 21.75
N ALA A 554 -19.01 -24.01 21.69
CA ALA A 554 -18.08 -23.03 22.27
C ALA A 554 -18.19 -23.10 23.79
N VAL A 555 -19.38 -23.54 24.25
CA VAL A 555 -19.68 -23.79 25.66
C VAL A 555 -20.22 -25.22 25.72
N ILE A 556 -19.71 -26.00 26.68
CA ILE A 556 -20.20 -27.35 26.87
C ILE A 556 -20.79 -27.45 28.27
N VAL A 557 -21.88 -28.19 28.39
CA VAL A 557 -22.67 -28.25 29.61
C VAL A 557 -22.53 -29.63 30.26
N ASP A 558 -22.19 -29.62 31.56
CA ASP A 558 -22.05 -30.80 32.37
C ASP A 558 -23.40 -31.51 32.44
N ARG A 559 -23.44 -32.76 31.94
CA ARG A 559 -24.60 -33.67 31.88
C ARG A 559 -25.27 -33.90 33.25
N LYS A 560 -24.51 -33.79 34.36
CA LYS A 560 -25.06 -33.98 35.71
C LYS A 560 -25.35 -32.67 36.50
N THR A 561 -24.46 -31.66 36.38
CA THR A 561 -24.60 -30.44 37.18
C THR A 561 -25.09 -29.21 36.37
N GLY A 562 -25.01 -29.28 35.06
CA GLY A 562 -25.42 -28.14 34.23
C GLY A 562 -24.36 -27.05 34.19
N GLU A 563 -23.21 -27.26 34.87
CA GLU A 563 -22.09 -26.30 34.88
C GLU A 563 -21.53 -26.15 33.47
N GLU A 564 -21.17 -24.92 33.11
CA GLU A 564 -20.65 -24.59 31.79
C GLU A 564 -19.14 -24.61 31.77
N PHE A 565 -18.54 -25.16 30.70
CA PHE A 565 -17.11 -25.19 30.46
C PHE A 565 -16.85 -24.62 29.09
N THR A 566 -15.93 -23.66 28.99
CA THR A 566 -15.59 -22.96 27.74
C THR A 566 -14.16 -23.33 27.34
N PRO A 567 -14.00 -24.31 26.43
CA PRO A 567 -12.64 -24.74 26.05
C PRO A 567 -11.71 -23.60 25.57
N LEU A 568 -12.21 -22.64 24.75
CA LEU A 568 -11.37 -21.54 24.23
C LEU A 568 -10.83 -20.60 25.32
N GLN A 569 -11.50 -20.52 26.50
CA GLN A 569 -11.09 -19.66 27.61
C GLN A 569 -9.73 -20.11 28.21
N LEU A 570 -9.29 -21.35 27.94
CA LEU A 570 -8.01 -21.86 28.43
C LEU A 570 -6.84 -21.20 27.71
N LEU A 571 -7.13 -20.62 26.54
CA LEU A 571 -6.14 -19.95 25.70
C LEU A 571 -5.83 -18.52 26.18
N ALA A 572 -6.61 -18.04 27.19
CA ALA A 572 -6.40 -16.73 27.81
C ALA A 572 -5.21 -16.78 28.78
N THR A 573 -4.71 -18.00 29.05
CA THR A 573 -3.57 -18.25 29.93
C THR A 573 -2.46 -18.92 29.11
N ASN A 574 -1.25 -18.32 29.12
CA ASN A 574 -0.05 -18.83 28.43
C ASN A 574 0.40 -20.17 29.02
N PRO A 575 1.17 -21.01 28.29
CA PRO A 575 1.64 -22.28 28.87
C PRO A 575 2.44 -22.11 30.18
N ASP A 576 3.06 -20.93 30.41
CA ASP A 576 3.82 -20.65 31.64
C ASP A 576 2.91 -20.23 32.83
N GLY A 577 1.62 -20.05 32.55
CA GLY A 577 0.63 -19.68 33.55
C GLY A 577 0.28 -18.21 33.61
N THR A 578 0.93 -17.36 32.80
CA THR A 578 0.66 -15.91 32.79
C THR A 578 -0.53 -15.57 31.88
N PRO A 579 -1.36 -14.55 32.19
CA PRO A 579 -2.47 -14.21 31.28
C PRO A 579 -1.97 -13.61 29.97
N THR A 580 -2.71 -13.84 28.88
CA THR A 580 -2.35 -13.32 27.56
C THR A 580 -2.90 -11.90 27.41
N GLY A 581 -3.93 -11.57 28.21
CA GLY A 581 -4.67 -10.32 28.13
C GLY A 581 -5.96 -10.53 27.35
N GLY A 582 -6.07 -11.73 26.74
CA GLY A 582 -7.24 -12.12 25.95
C GLY A 582 -8.34 -12.71 26.80
N LYS A 583 -9.53 -12.84 26.22
CA LYS A 583 -10.71 -13.36 26.90
C LYS A 583 -11.74 -13.81 25.86
N PHE A 584 -12.56 -14.80 26.21
CA PHE A 584 -13.63 -15.29 25.35
C PHE A 584 -14.95 -15.07 26.04
N LEU A 585 -15.74 -14.17 25.47
CA LEU A 585 -17.05 -13.85 25.98
C LEU A 585 -18.07 -14.36 24.99
N VAL A 586 -18.75 -15.46 25.35
CA VAL A 586 -19.69 -16.07 24.42
C VAL A 586 -21.04 -16.25 25.09
N TYR A 587 -22.09 -15.82 24.37
CA TYR A 587 -23.44 -15.85 24.93
C TYR A 587 -24.48 -16.24 23.96
N ASN A 588 -25.57 -16.79 24.51
CA ASN A 588 -26.80 -17.00 23.80
C ASN A 588 -27.54 -15.67 23.89
N SER A 589 -27.98 -15.12 22.77
CA SER A 589 -28.71 -13.85 22.84
C SER A 589 -30.19 -14.11 23.17
N ALA A 590 -30.91 -13.03 23.47
CA ALA A 590 -32.35 -13.01 23.62
C ALA A 590 -32.89 -13.18 22.19
N LEU A 591 -34.16 -13.48 22.01
CA LEU A 591 -34.72 -13.67 20.68
C LEU A 591 -35.07 -12.31 20.10
N SER A 592 -34.01 -11.56 19.81
CA SER A 592 -34.03 -10.21 19.28
C SER A 592 -32.99 -10.08 18.18
N GLU A 593 -33.27 -9.28 17.15
CA GLU A 593 -32.29 -8.97 16.09
C GLU A 593 -31.90 -7.50 16.19
N PHE A 594 -32.91 -6.60 16.24
CA PHE A 594 -32.74 -5.16 16.31
C PHE A 594 -31.85 -4.77 17.54
N ALA A 595 -32.29 -5.14 18.74
CA ALA A 595 -31.52 -4.81 19.95
C ALA A 595 -30.19 -5.58 20.02
N ALA A 596 -30.15 -6.88 19.62
CA ALA A 596 -28.90 -7.64 19.66
C ALA A 596 -27.83 -7.10 18.68
N VAL A 597 -28.20 -6.82 17.40
CA VAL A 597 -27.26 -6.27 16.41
C VAL A 597 -26.83 -4.87 16.86
N GLY A 598 -27.78 -4.09 17.38
CA GLY A 598 -27.51 -2.75 17.91
C GLY A 598 -26.46 -2.81 19.00
N PHE A 599 -26.63 -3.76 19.93
CA PHE A 599 -25.73 -4.00 21.07
C PHE A 599 -24.30 -4.33 20.60
N GLU A 600 -24.15 -5.27 19.68
CA GLU A 600 -22.85 -5.70 19.17
C GLU A 600 -22.17 -4.58 18.39
N TYR A 601 -22.94 -3.81 17.60
CA TYR A 601 -22.34 -2.65 16.92
C TYR A 601 -21.80 -1.66 17.98
N GLY A 602 -22.62 -1.32 18.98
CA GLY A 602 -22.21 -0.42 20.05
C GLY A 602 -21.02 -0.95 20.84
N TYR A 603 -20.99 -2.30 21.12
CA TYR A 603 -19.87 -2.96 21.81
C TYR A 603 -18.55 -2.74 21.02
N SER A 604 -18.61 -2.86 19.67
CA SER A 604 -17.42 -2.69 18.80
C SER A 604 -16.92 -1.23 18.81
N VAL A 605 -17.83 -0.25 19.04
CA VAL A 605 -17.53 1.17 19.16
C VAL A 605 -16.89 1.43 20.56
N GLY A 606 -17.48 0.84 21.61
CA GLY A 606 -16.99 0.97 22.98
C GLY A 606 -15.60 0.38 23.22
N ASN A 607 -15.21 -0.65 22.43
CA ASN A 607 -13.90 -1.28 22.51
C ASN A 607 -13.43 -1.63 21.09
N PRO A 608 -12.70 -0.69 20.42
CA PRO A 608 -12.21 -0.95 19.05
C PRO A 608 -11.20 -2.10 18.94
N ASP A 609 -10.59 -2.51 20.08
CA ASP A 609 -9.59 -3.59 20.15
C ASP A 609 -10.24 -4.95 20.33
N ALA A 610 -11.56 -4.99 20.53
CA ALA A 610 -12.25 -6.27 20.68
C ALA A 610 -12.61 -6.86 19.33
N MET A 611 -12.71 -8.20 19.29
CA MET A 611 -13.20 -8.97 18.14
C MET A 611 -14.66 -9.23 18.49
N VAL A 612 -15.59 -8.57 17.80
CA VAL A 612 -17.02 -8.67 18.13
C VAL A 612 -17.77 -9.29 16.99
N LEU A 613 -18.44 -10.44 17.26
CA LEU A 613 -19.18 -11.15 16.24
C LEU A 613 -20.60 -11.43 16.69
N TRP A 614 -21.55 -11.10 15.81
CA TRP A 614 -22.96 -11.37 16.03
C TRP A 614 -23.38 -12.35 14.99
N GLU A 615 -24.09 -13.40 15.43
CA GLU A 615 -24.52 -14.43 14.52
C GLU A 615 -26.04 -14.48 14.44
N ALA A 616 -26.55 -14.40 13.18
CA ALA A 616 -27.97 -14.57 12.92
C ALA A 616 -28.30 -16.04 13.00
N GLN A 617 -29.51 -16.42 13.51
CA GLN A 617 -29.88 -17.85 13.51
C GLN A 617 -29.77 -18.37 12.09
N PHE A 618 -30.36 -17.59 11.17
CA PHE A 618 -30.33 -17.75 9.72
C PHE A 618 -30.20 -16.33 9.21
N GLY A 619 -29.43 -16.09 8.16
CA GLY A 619 -29.26 -14.73 7.60
C GLY A 619 -30.59 -14.03 7.33
N ASP A 620 -31.63 -14.83 6.99
CA ASP A 620 -32.99 -14.40 6.68
C ASP A 620 -33.66 -13.53 7.78
N PHE A 621 -33.21 -13.61 9.06
CA PHE A 621 -33.81 -12.85 10.16
C PHE A 621 -33.08 -11.52 10.46
N VAL A 622 -31.93 -11.25 9.79
CA VAL A 622 -31.19 -9.99 9.99
C VAL A 622 -32.02 -8.75 9.48
N ASN A 623 -33.02 -8.94 8.59
CA ASN A 623 -33.87 -7.79 8.17
C ASN A 623 -34.68 -7.18 9.37
N GLY A 624 -34.80 -7.93 10.51
CA GLY A 624 -35.39 -7.42 11.75
C GLY A 624 -34.47 -6.37 12.38
N ALA A 625 -33.21 -6.32 11.92
CA ALA A 625 -32.22 -5.35 12.40
C ALA A 625 -31.85 -4.39 11.27
N GLN A 626 -32.72 -4.21 10.26
CA GLN A 626 -32.41 -3.37 9.10
C GLN A 626 -32.01 -1.96 9.47
N SER A 627 -32.70 -1.36 10.48
CA SER A 627 -32.43 -0.02 10.95
C SER A 627 -30.98 0.08 11.42
N ILE A 628 -30.48 -0.92 12.18
CA ILE A 628 -29.08 -0.88 12.66
C ILE A 628 -28.13 -1.05 11.45
N ILE A 629 -28.46 -1.94 10.52
CA ILE A 629 -27.58 -2.12 9.35
C ILE A 629 -27.47 -0.80 8.54
N ASP A 630 -28.61 -0.25 8.14
CA ASP A 630 -28.73 0.98 7.37
C ASP A 630 -28.17 2.22 8.07
N GLU A 631 -28.53 2.44 9.35
CA GLU A 631 -28.19 3.66 10.05
C GLU A 631 -26.85 3.67 10.81
N PHE A 632 -26.31 2.54 11.19
CA PHE A 632 -25.07 2.53 11.97
C PHE A 632 -23.95 1.78 11.26
N ILE A 633 -24.15 0.47 10.98
CA ILE A 633 -23.12 -0.41 10.44
C ILE A 633 -22.58 0.04 9.07
N SER A 634 -23.47 0.19 8.07
CA SER A 634 -23.03 0.49 6.71
C SER A 634 -22.61 1.94 6.51
N SER A 635 -23.10 2.84 7.36
CA SER A 635 -22.99 4.28 7.12
C SER A 635 -22.39 5.16 8.24
N GLY A 636 -22.24 4.63 9.44
CA GLY A 636 -21.73 5.40 10.58
C GLY A 636 -20.40 6.08 10.40
N GLU A 637 -19.48 5.44 9.68
CA GLU A 637 -18.13 6.00 9.43
C GLU A 637 -18.21 7.24 8.54
N ALA A 638 -18.94 7.16 7.42
CA ALA A 638 -19.06 8.28 6.48
C ALA A 638 -19.84 9.43 7.06
N LYS A 639 -20.88 9.12 7.86
CA LYS A 639 -21.74 10.15 8.42
C LYS A 639 -21.15 10.85 9.65
N TRP A 640 -20.50 10.09 10.53
CA TRP A 640 -20.07 10.67 11.81
C TRP A 640 -18.61 10.44 12.12
N GLY A 641 -17.89 9.70 11.27
CA GLY A 641 -16.49 9.38 11.56
C GLY A 641 -16.39 8.36 12.67
N GLN A 642 -17.51 7.67 12.96
CA GLN A 642 -17.58 6.66 13.99
C GLN A 642 -17.25 5.32 13.35
N LEU A 643 -16.24 4.66 13.92
CA LEU A 643 -15.73 3.41 13.38
C LEU A 643 -16.23 2.20 14.20
N SER A 644 -16.41 1.08 13.49
CA SER A 644 -16.85 -0.19 14.05
C SER A 644 -16.21 -1.33 13.29
N ASP A 645 -15.69 -2.33 14.01
CA ASP A 645 -15.10 -3.53 13.45
C ASP A 645 -16.06 -4.72 13.66
N VAL A 646 -17.37 -4.45 13.87
CA VAL A 646 -18.37 -5.51 14.12
C VAL A 646 -18.41 -6.54 12.95
N VAL A 647 -18.58 -7.81 13.31
CA VAL A 647 -18.73 -8.91 12.37
C VAL A 647 -20.17 -9.42 12.44
N LEU A 648 -20.83 -9.53 11.28
CA LEU A 648 -22.14 -10.17 11.19
C LEU A 648 -21.97 -11.51 10.48
N LEU A 649 -22.35 -12.62 11.14
CA LEU A 649 -22.31 -13.99 10.56
C LEU A 649 -23.71 -14.35 10.15
N LEU A 650 -23.92 -14.54 8.84
CA LEU A 650 -25.26 -14.76 8.32
C LEU A 650 -25.37 -16.09 7.60
N PRO A 651 -25.91 -17.15 8.28
CA PRO A 651 -26.02 -18.48 7.63
C PRO A 651 -26.92 -18.34 6.40
N HIS A 652 -26.35 -18.74 5.25
CA HIS A 652 -26.88 -18.53 3.91
C HIS A 652 -26.65 -19.74 2.99
N GLY A 653 -27.61 -20.01 2.11
CA GLY A 653 -27.53 -21.10 1.15
C GLY A 653 -28.85 -21.76 0.81
N HIS A 654 -29.08 -22.01 -0.51
CA HIS A 654 -30.31 -22.66 -1.01
C HIS A 654 -30.24 -24.15 -0.73
N GLU A 655 -31.11 -24.64 0.16
CA GLU A 655 -31.12 -26.05 0.58
C GLU A 655 -32.54 -26.66 0.64
N GLY A 656 -33.55 -25.92 0.21
CA GLY A 656 -34.94 -26.36 0.21
C GLY A 656 -35.69 -26.08 1.50
N GLN A 657 -35.12 -25.21 2.38
CA GLN A 657 -35.75 -24.89 3.67
C GLN A 657 -36.71 -23.66 3.63
N GLY A 658 -37.03 -23.15 2.47
CA GLY A 658 -37.98 -22.06 2.34
C GLY A 658 -37.38 -20.67 2.27
N PRO A 659 -38.24 -19.68 1.93
CA PRO A 659 -37.76 -18.29 1.74
C PRO A 659 -37.26 -17.58 3.02
N ASP A 660 -37.48 -18.17 4.23
CA ASP A 660 -37.01 -17.59 5.47
C ASP A 660 -35.88 -18.38 6.13
N HIS A 661 -35.33 -19.38 5.44
CA HIS A 661 -34.20 -20.21 5.89
C HIS A 661 -33.27 -20.48 4.70
N THR A 662 -33.02 -19.45 3.87
CA THR A 662 -32.20 -19.60 2.67
C THR A 662 -31.25 -18.44 2.42
N SER A 663 -31.72 -17.20 2.60
CA SER A 663 -30.94 -16.04 2.21
C SER A 663 -30.76 -14.95 3.28
N GLY A 664 -29.50 -14.47 3.39
CA GLY A 664 -29.13 -13.33 4.20
C GLY A 664 -29.15 -12.04 3.38
N ARG A 665 -29.67 -12.12 2.13
CA ARG A 665 -29.85 -11.05 1.15
C ARG A 665 -28.51 -10.34 0.83
N ILE A 666 -27.62 -11.08 0.15
CA ILE A 666 -26.31 -10.62 -0.31
C ILE A 666 -26.46 -9.31 -1.10
N GLU A 667 -27.45 -9.26 -2.03
CA GLU A 667 -27.77 -8.13 -2.90
C GLU A 667 -28.07 -6.85 -2.11
N ARG A 668 -28.63 -6.96 -0.90
CA ARG A 668 -28.91 -5.78 -0.10
C ARG A 668 -27.62 -5.23 0.52
N PHE A 669 -26.72 -6.10 1.05
CA PHE A 669 -25.46 -5.64 1.61
C PHE A 669 -24.55 -5.10 0.52
N LEU A 670 -24.58 -5.73 -0.69
CA LEU A 670 -23.79 -5.27 -1.83
C LEU A 670 -24.26 -3.89 -2.31
N GLN A 671 -25.58 -3.62 -2.22
CA GLN A 671 -26.18 -2.36 -2.60
C GLN A 671 -25.80 -1.26 -1.63
N LEU A 672 -25.77 -1.58 -0.31
CA LEU A 672 -25.41 -0.65 0.76
C LEU A 672 -23.94 -0.24 0.72
N TRP A 673 -23.09 -1.16 0.26
CA TRP A 673 -21.64 -1.00 0.16
C TRP A 673 -21.24 0.18 -0.75
N ALA A 674 -20.22 0.92 -0.31
CA ALA A 674 -19.46 1.96 -1.00
C ALA A 674 -18.00 1.83 -0.55
N GLU A 675 -17.05 2.20 -1.43
CA GLU A 675 -15.60 2.06 -1.17
C GLU A 675 -15.21 2.36 0.28
N GLY A 676 -14.63 1.36 0.91
CA GLY A 676 -14.14 1.38 2.29
C GLY A 676 -15.17 1.43 3.38
N SER A 677 -16.43 1.01 3.10
CA SER A 677 -17.40 1.09 4.20
C SER A 677 -17.50 -0.25 4.92
N MET A 678 -17.51 -1.37 4.17
CA MET A 678 -17.65 -2.72 4.71
C MET A 678 -16.86 -3.71 3.90
N THR A 679 -16.55 -4.88 4.50
CA THR A 679 -15.94 -6.01 3.82
C THR A 679 -17.06 -7.04 3.77
N ILE A 680 -17.33 -7.60 2.59
CA ILE A 680 -18.41 -8.59 2.44
C ILE A 680 -17.81 -9.86 1.84
N ALA A 681 -17.94 -11.01 2.54
CA ALA A 681 -17.35 -12.25 2.05
C ALA A 681 -18.26 -13.47 2.21
N MET A 682 -18.05 -14.46 1.32
CA MET A 682 -18.75 -15.73 1.34
C MET A 682 -17.68 -16.82 1.17
N PRO A 683 -16.93 -17.15 2.24
CA PRO A 683 -15.85 -18.14 2.08
C PRO A 683 -16.39 -19.54 1.80
N SER A 684 -15.61 -20.34 1.03
CA SER A 684 -15.99 -21.70 0.63
C SER A 684 -15.18 -22.75 1.39
N THR A 685 -14.08 -22.33 2.04
CA THR A 685 -13.25 -23.31 2.75
C THR A 685 -13.04 -22.90 4.20
N PRO A 686 -12.91 -23.89 5.12
CA PRO A 686 -12.65 -23.56 6.53
C PRO A 686 -11.40 -22.69 6.74
N ALA A 687 -10.30 -23.01 6.05
CA ALA A 687 -9.05 -22.25 6.18
C ALA A 687 -9.20 -20.80 5.70
N ASN A 688 -9.95 -20.58 4.60
CA ASN A 688 -10.12 -19.21 4.11
C ASN A 688 -10.98 -18.40 5.06
N TYR A 689 -11.92 -19.05 5.76
CA TYR A 689 -12.75 -18.37 6.77
C TYR A 689 -11.88 -18.02 7.99
N PHE A 690 -10.98 -18.94 8.40
CA PHE A 690 -10.04 -18.75 9.50
C PHE A 690 -9.16 -17.51 9.23
N HIS A 691 -8.60 -17.43 8.02
CA HIS A 691 -7.73 -16.32 7.61
C HIS A 691 -8.51 -15.02 7.48
N LEU A 692 -9.77 -15.07 7.02
CA LEU A 692 -10.65 -13.91 6.92
C LEU A 692 -10.86 -13.28 8.32
N LEU A 693 -11.18 -14.11 9.33
CA LEU A 693 -11.42 -13.64 10.71
C LEU A 693 -10.12 -13.11 11.32
N ARG A 694 -9.00 -13.79 11.09
CA ARG A 694 -7.72 -13.35 11.64
C ARG A 694 -7.27 -12.03 10.98
N ARG A 695 -7.45 -11.87 9.65
CA ARG A 695 -7.11 -10.63 8.96
C ARG A 695 -7.96 -9.49 9.56
N HIS A 696 -9.28 -9.72 9.73
CA HIS A 696 -10.21 -8.77 10.30
C HIS A 696 -9.81 -8.32 11.72
N GLY A 697 -9.41 -9.25 12.57
CA GLY A 697 -9.01 -8.92 13.93
C GLY A 697 -7.62 -8.30 14.06
N LYS A 698 -6.75 -8.47 13.07
CA LYS A 698 -5.35 -8.01 13.15
C LYS A 698 -4.93 -6.92 12.14
N ASP A 699 -5.81 -6.49 11.21
CA ASP A 699 -5.46 -5.54 10.16
C ASP A 699 -5.29 -4.08 10.63
N GLY A 700 -5.62 -3.79 11.90
CA GLY A 700 -5.54 -2.45 12.49
C GLY A 700 -6.48 -1.44 11.86
N ILE A 701 -7.56 -1.93 11.22
CA ILE A 701 -8.58 -1.16 10.49
C ILE A 701 -9.94 -1.43 11.14
N GLN A 702 -10.74 -0.38 11.39
CA GLN A 702 -12.06 -0.53 11.99
C GLN A 702 -13.11 -0.45 10.88
N ARG A 703 -13.56 -1.61 10.39
CA ARG A 703 -14.51 -1.73 9.29
C ARG A 703 -15.41 -2.95 9.47
N PRO A 704 -16.74 -2.82 9.34
CA PRO A 704 -17.60 -4.02 9.52
C PRO A 704 -17.32 -5.10 8.47
N LEU A 705 -17.43 -6.37 8.91
CA LEU A 705 -17.27 -7.54 8.07
C LEU A 705 -18.61 -8.30 8.02
N ILE A 706 -19.13 -8.51 6.81
CA ILE A 706 -20.36 -9.27 6.62
C ILE A 706 -19.96 -10.61 6.03
N VAL A 707 -20.27 -11.71 6.76
CA VAL A 707 -19.89 -13.07 6.32
C VAL A 707 -21.14 -13.90 6.08
N PHE A 708 -21.27 -14.43 4.87
CA PHE A 708 -22.34 -15.37 4.50
C PHE A 708 -21.75 -16.75 4.78
N THR A 709 -22.23 -17.37 5.86
CA THR A 709 -21.71 -18.61 6.42
C THR A 709 -22.55 -19.85 6.03
N PRO A 710 -21.95 -21.06 6.11
CA PRO A 710 -22.67 -22.25 5.65
C PRO A 710 -23.57 -22.87 6.71
N LYS A 711 -24.38 -23.81 6.23
CA LYS A 711 -25.37 -24.62 6.95
C LYS A 711 -25.05 -26.08 6.67
N SER A 712 -25.59 -26.68 5.56
CA SER A 712 -25.23 -28.06 5.18
C SER A 712 -23.72 -28.23 4.87
N MET A 713 -23.08 -27.20 4.32
CA MET A 713 -21.65 -27.19 3.93
C MET A 713 -20.72 -27.33 5.17
N LEU A 714 -21.24 -27.10 6.39
CA LEU A 714 -20.50 -27.34 7.64
C LEU A 714 -20.07 -28.80 7.74
N ARG A 715 -20.90 -29.70 7.20
CA ARG A 715 -20.71 -31.17 7.26
C ARG A 715 -20.33 -31.79 5.90
N ASN A 716 -20.05 -30.97 4.89
CA ASN A 716 -19.67 -31.46 3.58
C ASN A 716 -18.20 -31.89 3.67
N LYS A 717 -17.92 -33.19 3.44
CA LYS A 717 -16.60 -33.81 3.53
C LYS A 717 -15.57 -33.23 2.54
N ALA A 718 -16.02 -32.61 1.43
CA ALA A 718 -15.13 -31.92 0.49
C ALA A 718 -14.74 -30.54 1.02
N ALA A 719 -15.55 -29.96 1.95
CA ALA A 719 -15.29 -28.64 2.50
C ALA A 719 -14.49 -28.75 3.81
N VAL A 720 -13.28 -29.30 3.71
CA VAL A 720 -12.33 -29.45 4.82
C VAL A 720 -10.97 -28.91 4.37
N SER A 721 -10.11 -28.54 5.33
CA SER A 721 -8.81 -27.96 5.02
C SER A 721 -7.65 -28.67 5.70
N ASP A 722 -6.47 -28.63 5.04
CA ASP A 722 -5.22 -29.22 5.54
C ASP A 722 -4.57 -28.30 6.55
N ILE A 723 -3.71 -28.84 7.44
CA ILE A 723 -2.96 -28.08 8.44
C ILE A 723 -2.18 -26.92 7.77
N ARG A 724 -1.51 -27.21 6.63
CA ARG A 724 -0.68 -26.25 5.86
C ARG A 724 -1.49 -25.03 5.38
N ASP A 725 -2.81 -25.18 5.15
CA ASP A 725 -3.69 -24.07 4.76
C ASP A 725 -3.78 -23.02 5.87
N PHE A 726 -3.57 -23.45 7.14
CA PHE A 726 -3.62 -22.58 8.33
C PHE A 726 -2.26 -22.06 8.72
N THR A 727 -1.22 -22.87 8.47
CA THR A 727 0.13 -22.55 8.94
C THR A 727 0.98 -21.90 7.87
N GLU A 728 0.69 -22.10 6.59
CA GLU A 728 1.58 -21.55 5.57
C GLU A 728 0.83 -20.81 4.45
N SER A 729 -0.38 -20.35 4.74
CA SER A 729 -1.17 -19.61 3.77
C SER A 729 -1.69 -18.31 4.39
N LYS A 730 -2.54 -17.62 3.65
CA LYS A 730 -3.17 -16.34 4.01
C LYS A 730 -4.57 -16.30 3.41
N PHE A 731 -5.35 -15.25 3.67
CA PHE A 731 -6.67 -15.12 3.10
C PHE A 731 -6.56 -14.98 1.58
N ARG A 732 -7.42 -15.69 0.88
CA ARG A 732 -7.47 -15.69 -0.57
C ARG A 732 -8.81 -15.15 -1.00
N SER A 733 -8.80 -13.95 -1.60
CA SER A 733 -9.99 -13.25 -2.08
C SER A 733 -10.58 -13.95 -3.31
N VAL A 734 -9.72 -14.63 -4.07
CA VAL A 734 -10.02 -15.38 -5.30
C VAL A 734 -9.38 -16.77 -5.18
N LEU A 735 -10.17 -17.83 -5.37
CA LEU A 735 -9.67 -19.21 -5.30
C LEU A 735 -9.86 -19.97 -6.60
N GLU A 736 -8.82 -20.69 -7.00
CA GLU A 736 -8.84 -21.59 -8.14
C GLU A 736 -9.06 -23.02 -7.68
N GLU A 737 -9.41 -23.90 -8.60
CA GLU A 737 -9.56 -25.34 -8.32
C GLU A 737 -8.19 -25.94 -7.96
N PRO A 738 -8.12 -26.77 -6.88
CA PRO A 738 -6.83 -27.40 -6.50
C PRO A 738 -6.14 -28.21 -7.61
N MET A 739 -6.88 -28.71 -8.63
CA MET A 739 -6.29 -29.45 -9.75
C MET A 739 -5.32 -28.58 -10.58
N TYR A 740 -5.49 -27.25 -10.55
CA TYR A 740 -4.62 -26.32 -11.29
C TYR A 740 -3.48 -25.83 -10.42
N THR A 741 -3.75 -25.54 -9.13
CA THR A 741 -2.74 -25.02 -8.19
C THR A 741 -1.85 -26.12 -7.59
N ASP A 742 -2.41 -27.32 -7.34
CA ASP A 742 -1.68 -28.42 -6.70
C ASP A 742 -1.66 -29.71 -7.52
N GLY A 743 -2.68 -29.92 -8.35
CA GLY A 743 -2.82 -31.13 -9.15
C GLY A 743 -2.14 -31.12 -10.50
N GLU A 744 -2.68 -31.93 -11.43
CA GLU A 744 -2.16 -32.09 -12.78
C GLU A 744 -3.12 -31.57 -13.88
N GLY A 745 -4.02 -30.65 -13.50
CA GLY A 745 -4.93 -30.01 -14.45
C GLY A 745 -4.23 -29.06 -15.41
N ASP A 746 -4.78 -28.93 -16.63
CA ASP A 746 -4.24 -28.03 -17.66
C ASP A 746 -5.21 -26.84 -17.89
N ARG A 747 -4.77 -25.63 -17.49
CA ARG A 747 -5.52 -24.38 -17.61
C ARG A 747 -5.79 -23.98 -19.06
N ASN A 748 -4.89 -24.34 -19.99
CA ASN A 748 -4.98 -24.01 -21.40
C ASN A 748 -6.11 -24.78 -22.13
N LYS A 749 -6.56 -25.90 -21.55
CA LYS A 749 -7.67 -26.68 -22.11
C LYS A 749 -9.03 -26.00 -21.85
N VAL A 750 -9.07 -25.03 -20.93
CA VAL A 750 -10.31 -24.35 -20.53
C VAL A 750 -10.79 -23.32 -21.55
N THR A 751 -12.03 -23.52 -22.06
CA THR A 751 -12.67 -22.59 -23.00
C THR A 751 -13.88 -21.88 -22.37
N ARG A 752 -14.44 -22.47 -21.29
CA ARG A 752 -15.60 -21.96 -20.54
C ARG A 752 -15.20 -21.73 -19.08
N LEU A 753 -15.37 -20.51 -18.59
CA LEU A 753 -15.04 -20.22 -17.21
C LEU A 753 -16.29 -19.88 -16.40
N LEU A 754 -16.49 -20.59 -15.30
CA LEU A 754 -17.60 -20.36 -14.38
C LEU A 754 -17.07 -19.63 -13.17
N LEU A 755 -17.66 -18.45 -12.88
CA LEU A 755 -17.32 -17.66 -11.70
C LEU A 755 -18.45 -17.82 -10.73
N THR A 756 -18.09 -18.07 -9.46
CA THR A 756 -19.10 -18.33 -8.43
C THR A 756 -18.54 -17.98 -7.05
N SER A 757 -19.36 -18.22 -6.05
CA SER A 757 -19.02 -18.03 -4.66
C SER A 757 -19.88 -18.96 -3.83
N GLY A 758 -19.33 -19.46 -2.73
CA GLY A 758 -20.07 -20.33 -1.81
C GLY A 758 -20.13 -21.78 -2.17
N LYS A 759 -21.02 -22.52 -1.48
CA LYS A 759 -21.20 -23.97 -1.56
C LYS A 759 -21.51 -24.52 -2.98
N ILE A 760 -22.07 -23.71 -3.92
CA ILE A 760 -22.41 -24.24 -5.24
C ILE A 760 -21.13 -24.70 -5.98
N TYR A 761 -19.95 -24.18 -5.57
CA TYR A 761 -18.65 -24.58 -6.11
C TYR A 761 -18.49 -26.10 -6.08
N TYR A 762 -18.77 -26.72 -4.90
CA TYR A 762 -18.64 -28.16 -4.68
C TYR A 762 -19.49 -28.99 -5.64
N GLU A 763 -20.73 -28.53 -5.89
CA GLU A 763 -21.66 -29.18 -6.82
C GLU A 763 -21.16 -29.03 -8.25
N LEU A 764 -20.65 -27.83 -8.61
CA LEU A 764 -20.09 -27.57 -9.95
C LEU A 764 -18.84 -28.42 -10.16
N ALA A 765 -17.95 -28.53 -9.13
CA ALA A 765 -16.71 -29.31 -9.20
C ALA A 765 -17.00 -30.81 -9.29
N ALA A 766 -18.04 -31.30 -8.55
CA ALA A 766 -18.49 -32.71 -8.58
C ALA A 766 -19.01 -33.06 -9.97
N ARG A 767 -19.74 -32.14 -10.63
CA ARG A 767 -20.26 -32.34 -11.98
C ARG A 767 -19.09 -32.35 -13.01
N LYS A 768 -18.09 -31.51 -12.80
CA LYS A 768 -16.94 -31.42 -13.68
C LYS A 768 -16.13 -32.73 -13.61
N ALA A 769 -15.97 -33.28 -12.40
CA ALA A 769 -15.25 -34.53 -12.16
C ALA A 769 -16.01 -35.71 -12.79
N LYS A 770 -17.37 -35.76 -12.65
CA LYS A 770 -18.22 -36.83 -13.18
C LYS A 770 -18.11 -36.96 -14.71
N GLU A 771 -18.23 -35.83 -15.44
CA GLU A 771 -18.19 -35.80 -16.90
C GLU A 771 -16.77 -35.57 -17.44
N ASN A 772 -15.74 -35.44 -16.56
CA ASN A 772 -14.33 -35.17 -16.91
C ASN A 772 -14.23 -33.93 -17.84
N ARG A 773 -14.86 -32.80 -17.42
CA ARG A 773 -14.91 -31.55 -18.20
C ARG A 773 -13.67 -30.69 -17.99
N GLU A 774 -12.62 -30.96 -18.79
CA GLU A 774 -11.33 -30.25 -18.78
C GLU A 774 -11.47 -28.89 -19.42
N ASP A 775 -12.53 -28.72 -20.24
CA ASP A 775 -12.88 -27.50 -21.00
C ASP A 775 -13.60 -26.46 -20.11
N VAL A 776 -13.84 -26.76 -18.82
CA VAL A 776 -14.55 -25.89 -17.86
C VAL A 776 -13.74 -25.72 -16.58
N ALA A 777 -13.52 -24.47 -16.14
CA ALA A 777 -12.83 -24.16 -14.89
C ALA A 777 -13.76 -23.37 -14.00
N ILE A 778 -13.67 -23.59 -12.68
CA ILE A 778 -14.53 -22.94 -11.70
C ILE A 778 -13.67 -22.02 -10.80
N VAL A 779 -13.92 -20.70 -10.88
CA VAL A 779 -13.18 -19.69 -10.11
C VAL A 779 -14.11 -19.12 -9.04
N ARG A 780 -13.62 -19.10 -7.81
CA ARG A 780 -14.40 -18.60 -6.68
C ARG A 780 -14.03 -17.18 -6.28
N ILE A 781 -15.04 -16.32 -6.11
CA ILE A 781 -14.88 -14.97 -5.60
C ILE A 781 -15.26 -15.06 -4.12
N GLU A 782 -14.23 -15.17 -3.24
CA GLU A 782 -14.39 -15.32 -1.79
C GLU A 782 -14.74 -14.00 -1.10
N GLN A 783 -14.12 -12.91 -1.57
CA GLN A 783 -14.36 -11.55 -1.09
C GLN A 783 -15.24 -10.86 -2.11
N LEU A 784 -16.51 -10.66 -1.77
CA LEU A 784 -17.51 -10.05 -2.67
C LEU A 784 -17.34 -8.53 -2.75
N ALA A 785 -16.99 -7.89 -1.63
CA ALA A 785 -16.77 -6.43 -1.56
C ALA A 785 -15.67 -6.12 -0.54
N PRO A 786 -14.65 -5.30 -0.91
CA PRO A 786 -14.42 -4.69 -2.23
C PRO A 786 -14.06 -5.79 -3.23
N LEU A 787 -14.40 -5.59 -4.51
CA LEU A 787 -14.09 -6.58 -5.53
C LEU A 787 -12.57 -6.74 -5.66
N PRO A 788 -12.07 -7.99 -5.63
CA PRO A 788 -10.61 -8.18 -5.75
C PRO A 788 -10.18 -8.13 -7.21
N ARG A 789 -10.27 -6.93 -7.80
CA ARG A 789 -9.97 -6.59 -9.19
C ARG A 789 -8.62 -7.14 -9.68
N ARG A 790 -7.50 -6.86 -8.96
CA ARG A 790 -6.16 -7.32 -9.32
C ARG A 790 -6.07 -8.87 -9.24
N ARG A 791 -6.51 -9.49 -8.12
CA ARG A 791 -6.45 -10.96 -8.05
C ARG A 791 -7.39 -11.57 -9.08
N LEU A 792 -8.57 -10.94 -9.33
CA LEU A 792 -9.51 -11.42 -10.33
C LEU A 792 -8.86 -11.43 -11.71
N ALA A 793 -8.26 -10.28 -12.14
CA ALA A 793 -7.59 -10.17 -13.43
C ALA A 793 -6.42 -11.16 -13.59
N GLU A 794 -5.52 -11.28 -12.59
CA GLU A 794 -4.33 -12.16 -12.62
C GLU A 794 -4.74 -13.63 -12.72
N THR A 795 -5.85 -14.02 -12.08
CA THR A 795 -6.37 -15.39 -12.11
C THR A 795 -6.91 -15.69 -13.52
N LEU A 796 -7.78 -14.82 -14.09
CA LEU A 796 -8.40 -15.08 -15.40
C LEU A 796 -7.41 -15.06 -16.54
N ASP A 797 -6.25 -14.35 -16.38
CA ASP A 797 -5.18 -14.28 -17.36
C ASP A 797 -4.46 -15.61 -17.56
N ARG A 798 -4.56 -16.51 -16.56
CA ARG A 798 -3.93 -17.84 -16.57
C ARG A 798 -4.73 -18.87 -17.40
N TYR A 799 -5.93 -18.49 -17.87
CA TYR A 799 -6.81 -19.30 -18.73
C TYR A 799 -6.95 -18.55 -20.07
N PRO A 800 -5.94 -18.63 -20.97
CA PRO A 800 -5.98 -17.79 -22.19
C PRO A 800 -6.98 -18.22 -23.26
N ASN A 801 -7.45 -19.48 -23.24
CA ASN A 801 -8.33 -19.98 -24.28
C ASN A 801 -9.82 -19.87 -23.95
N VAL A 802 -10.18 -19.10 -22.89
CA VAL A 802 -11.58 -18.92 -22.48
C VAL A 802 -12.35 -18.15 -23.57
N LYS A 803 -13.44 -18.75 -24.09
CA LYS A 803 -14.29 -18.16 -25.11
C LYS A 803 -15.59 -17.60 -24.52
N GLU A 804 -16.00 -18.07 -23.32
CA GLU A 804 -17.22 -17.63 -22.63
C GLU A 804 -17.07 -17.65 -21.12
N LYS A 805 -17.66 -16.69 -20.45
CA LYS A 805 -17.61 -16.57 -18.99
C LYS A 805 -19.01 -16.46 -18.43
N PHE A 806 -19.27 -17.18 -17.33
CA PHE A 806 -20.57 -17.15 -16.70
C PHE A 806 -20.45 -16.92 -15.21
N TRP A 807 -21.28 -16.01 -14.68
CA TRP A 807 -21.43 -15.84 -13.25
C TRP A 807 -22.52 -16.84 -12.84
N VAL A 808 -22.19 -17.78 -11.94
CA VAL A 808 -23.12 -18.83 -11.51
C VAL A 808 -23.50 -18.59 -10.06
N GLN A 809 -24.82 -18.62 -9.79
CA GLN A 809 -25.31 -18.44 -8.43
C GLN A 809 -26.60 -19.21 -8.20
N GLU A 810 -26.83 -19.57 -6.94
CA GLU A 810 -28.04 -20.26 -6.52
C GLU A 810 -29.23 -19.30 -6.43
N GLU A 811 -28.93 -18.03 -6.09
CA GLU A 811 -29.96 -17.02 -5.82
C GLU A 811 -30.73 -16.59 -7.06
N PRO A 812 -32.01 -16.18 -6.90
CA PRO A 812 -32.79 -15.61 -8.03
C PRO A 812 -32.02 -14.49 -8.77
N ALA A 813 -32.33 -14.27 -10.06
CA ALA A 813 -31.63 -13.32 -10.93
C ALA A 813 -31.54 -11.88 -10.37
N ASN A 814 -32.56 -11.43 -9.61
CA ASN A 814 -32.65 -10.11 -8.98
C ASN A 814 -32.01 -10.12 -7.59
N GLN A 815 -31.35 -11.24 -7.22
CA GLN A 815 -30.75 -11.42 -5.88
C GLN A 815 -29.33 -11.94 -6.00
N GLY A 816 -28.68 -12.20 -4.87
CA GLY A 816 -27.29 -12.65 -4.87
C GLY A 816 -26.37 -11.57 -5.35
N ALA A 817 -25.22 -11.96 -5.91
CA ALA A 817 -24.22 -10.99 -6.35
C ALA A 817 -24.46 -10.47 -7.77
N TRP A 818 -25.34 -11.12 -8.58
CA TRP A 818 -25.50 -10.72 -9.99
C TRP A 818 -25.97 -9.27 -10.19
N PRO A 819 -27.02 -8.72 -9.52
CA PRO A 819 -27.41 -7.32 -9.78
C PRO A 819 -26.25 -6.34 -9.70
N SER A 820 -25.30 -6.53 -8.76
CA SER A 820 -24.16 -5.61 -8.68
C SER A 820 -22.97 -6.07 -9.57
N PHE A 821 -22.62 -7.37 -9.58
CA PHE A 821 -21.51 -7.90 -10.40
C PHE A 821 -21.78 -7.79 -11.89
N GLY A 822 -23.03 -7.99 -12.29
CA GLY A 822 -23.46 -7.91 -13.69
C GLY A 822 -23.31 -6.52 -14.27
N LEU A 823 -23.34 -5.51 -13.39
CA LEU A 823 -23.17 -4.11 -13.76
C LEU A 823 -21.70 -3.67 -13.54
N THR A 824 -21.08 -4.11 -12.43
CA THR A 824 -19.71 -3.74 -12.03
C THR A 824 -18.58 -4.50 -12.83
N LEU A 825 -18.58 -5.84 -12.89
CA LEU A 825 -17.51 -6.63 -13.54
C LEU A 825 -17.26 -6.18 -15.02
N PRO A 826 -18.26 -5.99 -15.91
CA PRO A 826 -17.94 -5.49 -17.27
C PRO A 826 -17.37 -4.06 -17.29
N GLU A 827 -17.59 -3.27 -16.22
CA GLU A 827 -17.10 -1.90 -16.14
C GLU A 827 -15.66 -1.83 -15.60
N ILE A 828 -15.35 -2.48 -14.47
CA ILE A 828 -14.01 -2.45 -13.85
C ILE A 828 -12.97 -3.31 -14.62
N LEU A 829 -13.41 -4.37 -15.29
CA LEU A 829 -12.50 -5.22 -16.07
C LEU A 829 -13.10 -5.46 -17.47
N PRO A 830 -13.14 -4.41 -18.33
CA PRO A 830 -13.76 -4.58 -19.66
C PRO A 830 -13.12 -5.65 -20.55
N ASP A 831 -11.81 -5.89 -20.43
CA ASP A 831 -11.13 -6.91 -21.25
C ASP A 831 -11.43 -8.32 -20.77
N HIS A 832 -11.87 -8.47 -19.51
CA HIS A 832 -12.17 -9.77 -18.92
C HIS A 832 -13.66 -10.09 -18.91
N PHE A 833 -14.51 -9.14 -18.49
CA PHE A 833 -15.93 -9.43 -18.28
C PHE A 833 -16.93 -8.84 -19.29
N THR A 834 -16.47 -8.27 -20.42
CA THR A 834 -17.40 -7.83 -21.48
C THR A 834 -17.99 -9.13 -22.06
N GLY A 835 -19.31 -9.22 -22.07
CA GLY A 835 -20.00 -10.43 -22.54
C GLY A 835 -20.28 -11.44 -21.44
N LEU A 836 -20.06 -11.05 -20.16
CA LEU A 836 -20.34 -11.90 -18.99
C LEU A 836 -21.83 -12.23 -18.94
N LYS A 837 -22.13 -13.51 -18.81
CA LYS A 837 -23.52 -13.96 -18.77
C LYS A 837 -23.86 -14.55 -17.39
N ARG A 838 -25.16 -14.59 -17.07
CA ARG A 838 -25.66 -15.08 -15.79
C ARG A 838 -26.30 -16.46 -15.91
N ILE A 839 -25.99 -17.32 -14.92
CA ILE A 839 -26.63 -18.62 -14.68
C ILE A 839 -27.10 -18.56 -13.23
N SER A 840 -28.42 -18.57 -13.05
CA SER A 840 -29.02 -18.48 -11.72
C SER A 840 -30.46 -18.97 -11.71
N ARG A 841 -31.13 -18.82 -10.56
CA ARG A 841 -32.55 -19.07 -10.47
C ARG A 841 -33.24 -17.88 -11.16
N ARG A 842 -34.50 -18.04 -11.59
CA ARG A 842 -35.23 -16.94 -12.22
C ARG A 842 -35.48 -15.83 -11.18
N ALA A 843 -35.74 -14.58 -11.62
CA ALA A 843 -36.04 -13.50 -10.69
C ALA A 843 -37.29 -13.86 -9.92
N MET A 844 -37.25 -13.67 -8.58
CA MET A 844 -38.38 -14.01 -7.70
C MET A 844 -38.65 -12.90 -6.70
N SER A 845 -39.93 -12.75 -6.29
CA SER A 845 -40.36 -11.77 -5.31
C SER A 845 -39.97 -12.21 -3.86
N ALA A 846 -39.55 -13.47 -3.70
CA ALA A 846 -39.07 -14.01 -2.43
C ALA A 846 -37.64 -14.59 -2.61
N PRO A 847 -36.87 -14.86 -1.53
CA PRO A 847 -35.50 -15.37 -1.72
C PRO A 847 -35.41 -16.76 -2.35
N SER A 848 -36.51 -17.56 -2.27
CA SER A 848 -36.58 -18.89 -2.85
C SER A 848 -38.03 -19.39 -2.95
N SER A 849 -38.20 -20.59 -3.51
CA SER A 849 -39.49 -21.26 -3.55
C SER A 849 -39.77 -21.82 -2.17
N GLY A 850 -41.04 -22.00 -1.85
CA GLY A 850 -41.42 -22.57 -0.56
C GLY A 850 -41.30 -24.08 -0.54
N SER A 851 -41.21 -24.71 -1.74
CA SER A 851 -41.16 -26.18 -1.94
C SER A 851 -39.72 -26.71 -2.11
N SER A 852 -39.36 -27.74 -1.30
CA SER A 852 -38.05 -28.40 -1.38
C SER A 852 -37.93 -29.19 -2.70
N LYS A 853 -39.07 -29.60 -3.30
CA LYS A 853 -39.08 -30.32 -4.58
C LYS A 853 -38.72 -29.34 -5.71
N VAL A 854 -39.33 -28.13 -5.71
CA VAL A 854 -39.06 -27.07 -6.70
C VAL A 854 -37.59 -26.66 -6.55
N HIS A 855 -37.11 -26.47 -5.31
CA HIS A 855 -35.70 -26.16 -5.05
C HIS A 855 -34.71 -27.15 -5.75
N ALA A 856 -34.93 -28.46 -5.57
CA ALA A 856 -34.11 -29.55 -6.13
C ALA A 856 -34.06 -29.52 -7.67
N VAL A 857 -35.22 -29.28 -8.33
CA VAL A 857 -35.29 -29.19 -9.80
C VAL A 857 -34.47 -27.96 -10.25
N GLU A 858 -34.65 -26.82 -9.58
CA GLU A 858 -33.96 -25.55 -9.90
C GLU A 858 -32.46 -25.67 -9.69
N GLN A 859 -32.03 -26.39 -8.62
CA GLN A 859 -30.62 -26.60 -8.33
C GLN A 859 -29.96 -27.40 -9.46
N GLN A 860 -30.62 -28.49 -9.91
CA GLN A 860 -30.15 -29.34 -11.01
C GLN A 860 -30.14 -28.59 -12.32
N GLU A 861 -31.16 -27.72 -12.53
CA GLU A 861 -31.30 -26.91 -13.73
C GLU A 861 -30.12 -25.95 -13.87
N ILE A 862 -29.58 -25.41 -12.72
CA ILE A 862 -28.43 -24.50 -12.71
C ILE A 862 -27.15 -25.25 -13.15
N LEU A 863 -26.95 -26.46 -12.59
CA LEU A 863 -25.80 -27.32 -12.85
C LEU A 863 -25.81 -27.81 -14.30
N ASP A 864 -26.99 -28.13 -14.85
CA ASP A 864 -27.12 -28.61 -16.24
C ASP A 864 -26.85 -27.47 -17.22
N THR A 865 -27.33 -26.24 -16.91
CA THR A 865 -27.11 -25.03 -17.73
C THR A 865 -25.61 -24.68 -17.76
N ALA A 866 -24.93 -24.79 -16.58
CA ALA A 866 -23.50 -24.51 -16.45
C ALA A 866 -22.64 -25.47 -17.29
N PHE A 867 -23.08 -26.72 -17.46
CA PHE A 867 -22.35 -27.71 -18.23
C PHE A 867 -23.05 -28.12 -19.54
N GLY A 868 -24.04 -27.34 -19.97
CA GLY A 868 -24.78 -27.56 -21.20
C GLY A 868 -24.16 -26.88 -22.41
N ASP B 6 -55.26 -6.06 67.07
CA ASP B 6 -55.18 -5.66 65.67
C ASP B 6 -55.10 -6.90 64.74
N LYS B 7 -55.86 -7.95 65.09
CA LYS B 7 -55.96 -9.23 64.38
C LYS B 7 -56.61 -9.07 63.01
N ASN B 8 -57.64 -8.20 62.90
CA ASN B 8 -58.35 -7.90 61.65
C ASN B 8 -57.44 -7.23 60.63
N ALA B 9 -56.44 -6.45 61.11
CA ALA B 9 -55.47 -5.73 60.27
C ALA B 9 -54.52 -6.71 59.56
N ARG B 10 -54.08 -7.77 60.28
CA ARG B 10 -53.18 -8.81 59.76
C ARG B 10 -53.85 -9.62 58.65
N VAL B 11 -55.18 -9.80 58.75
CA VAL B 11 -56.04 -10.51 57.79
C VAL B 11 -56.09 -9.71 56.47
N ILE B 12 -56.37 -8.39 56.55
CA ILE B 12 -56.46 -7.44 55.41
C ILE B 12 -55.14 -7.45 54.61
N GLU B 13 -53.99 -7.42 55.32
CA GLU B 13 -52.65 -7.44 54.72
C GLU B 13 -52.39 -8.79 54.03
N LEU B 14 -52.86 -9.89 54.65
CA LEU B 14 -52.75 -11.25 54.12
C LEU B 14 -53.60 -11.39 52.86
N ILE B 15 -54.85 -10.85 52.87
CA ILE B 15 -55.75 -10.85 51.70
C ILE B 15 -55.05 -10.10 50.55
N ALA B 16 -54.45 -8.92 50.84
CA ALA B 16 -53.74 -8.12 49.83
C ALA B 16 -52.53 -8.87 49.27
N ALA B 17 -51.79 -9.62 50.13
CA ALA B 17 -50.61 -10.40 49.76
C ALA B 17 -50.95 -11.50 48.75
N TYR B 18 -52.07 -12.23 49.00
CA TYR B 18 -52.52 -13.28 48.08
C TYR B 18 -52.92 -12.68 46.73
N ARG B 19 -53.71 -11.59 46.75
CA ARG B 19 -54.18 -10.90 45.54
C ARG B 19 -53.02 -10.30 44.71
N ASN B 20 -52.01 -9.71 45.39
CA ASN B 20 -50.87 -9.06 44.72
C ASN B 20 -49.77 -10.02 44.28
N ARG B 21 -49.39 -10.98 45.17
CA ARG B 21 -48.21 -11.82 45.00
C ARG B 21 -48.44 -13.33 45.02
N GLY B 22 -49.68 -13.77 45.23
CA GLY B 22 -50.04 -15.18 45.29
C GLY B 22 -49.55 -16.00 44.12
N HIS B 23 -49.52 -15.36 42.90
CA HIS B 23 -49.09 -15.94 41.63
C HIS B 23 -47.62 -16.41 41.67
N LEU B 24 -46.79 -15.83 42.56
CA LEU B 24 -45.38 -16.22 42.72
C LEU B 24 -45.25 -17.57 43.43
N MET B 25 -46.32 -18.03 44.11
CA MET B 25 -46.34 -19.28 44.84
C MET B 25 -47.29 -20.31 44.20
N ALA B 26 -48.05 -19.93 43.14
CA ALA B 26 -48.96 -20.87 42.50
C ALA B 26 -48.18 -21.99 41.82
N ASP B 27 -48.76 -23.21 41.80
CA ASP B 27 -48.19 -24.40 41.18
C ASP B 27 -48.55 -24.39 39.66
N ILE B 28 -47.84 -23.57 38.91
CA ILE B 28 -48.08 -23.35 37.47
C ILE B 28 -47.15 -24.15 36.56
N ASP B 29 -45.97 -24.57 37.07
CA ASP B 29 -44.98 -25.26 36.25
C ASP B 29 -45.24 -26.78 36.31
N PRO B 30 -45.64 -27.41 35.18
CA PRO B 30 -45.85 -28.88 35.19
C PRO B 30 -44.56 -29.68 35.41
N LEU B 31 -43.38 -29.06 35.18
CA LEU B 31 -42.08 -29.70 35.38
C LEU B 31 -41.52 -29.50 36.81
N ARG B 32 -42.05 -28.55 37.60
CA ARG B 32 -41.59 -28.21 38.95
C ARG B 32 -40.04 -28.05 39.02
N LEU B 33 -39.45 -27.34 38.04
CA LEU B 33 -38.00 -27.14 37.88
C LEU B 33 -37.35 -26.37 39.02
N ASP B 34 -38.03 -25.31 39.49
CA ASP B 34 -37.53 -24.49 40.60
C ASP B 34 -38.03 -25.08 41.92
N ASN B 35 -37.08 -25.59 42.71
CA ASN B 35 -37.33 -26.21 44.01
C ASN B 35 -37.69 -25.16 45.05
N THR B 36 -36.95 -24.03 45.08
CA THR B 36 -37.08 -22.91 46.02
C THR B 36 -38.41 -22.15 45.90
N ARG B 37 -39.17 -22.35 44.80
CA ARG B 37 -40.45 -21.71 44.48
C ARG B 37 -41.47 -21.72 45.67
N PHE B 38 -41.67 -22.87 46.33
CA PHE B 38 -42.60 -23.01 47.44
C PHE B 38 -41.86 -23.06 48.78
N TRP B 54 -53.76 -19.54 67.01
CA TRP B 54 -54.56 -20.00 65.88
C TRP B 54 -55.88 -19.22 65.83
N ASP B 55 -55.91 -18.17 64.98
CA ASP B 55 -57.08 -17.32 64.77
C ASP B 55 -57.91 -17.84 63.57
N LEU B 56 -57.60 -19.07 63.09
CA LEU B 56 -58.24 -19.73 61.94
C LEU B 56 -59.73 -20.00 62.14
N ASP B 57 -60.17 -20.22 63.39
CA ASP B 57 -61.56 -20.52 63.71
C ASP B 57 -62.33 -19.23 64.09
N ARG B 58 -61.61 -18.11 64.31
CA ARG B 58 -62.19 -16.80 64.63
C ARG B 58 -62.76 -16.15 63.37
N GLU B 59 -64.00 -15.65 63.46
CA GLU B 59 -64.69 -15.02 62.32
C GLU B 59 -64.27 -13.56 62.17
N PHE B 60 -63.96 -13.15 60.92
CA PHE B 60 -63.52 -11.81 60.54
C PHE B 60 -64.48 -11.20 59.52
N LYS B 61 -64.66 -9.87 59.57
CA LYS B 61 -65.52 -9.12 58.65
C LYS B 61 -64.81 -8.87 57.32
N VAL B 62 -65.48 -9.23 56.21
CA VAL B 62 -64.97 -9.11 54.84
C VAL B 62 -66.06 -8.55 53.90
N ASP B 63 -65.64 -7.84 52.82
CA ASP B 63 -66.54 -7.24 51.84
C ASP B 63 -66.98 -8.27 50.81
N GLN B 69 -70.48 -9.36 55.38
CA GLN B 69 -70.11 -10.77 55.43
C GLN B 69 -69.11 -11.06 56.56
N ARG B 70 -69.37 -12.13 57.33
CA ARG B 70 -68.53 -12.60 58.43
C ARG B 70 -68.18 -14.07 58.18
N LYS B 71 -66.88 -14.37 57.97
CA LYS B 71 -66.40 -15.72 57.69
C LYS B 71 -65.15 -16.05 58.52
N LYS B 72 -64.97 -17.35 58.83
CA LYS B 72 -63.81 -17.87 59.57
C LYS B 72 -62.54 -17.72 58.74
N LEU B 73 -61.43 -17.28 59.38
CA LEU B 73 -60.12 -17.05 58.76
C LEU B 73 -59.67 -18.26 57.92
N ARG B 74 -60.03 -19.50 58.33
CA ARG B 74 -59.71 -20.72 57.58
C ARG B 74 -60.43 -20.72 56.20
N ASP B 75 -61.71 -20.25 56.16
CA ASP B 75 -62.51 -20.20 54.92
C ASP B 75 -62.08 -19.03 54.04
N ILE B 76 -61.56 -17.93 54.66
CA ILE B 76 -60.99 -16.79 53.91
C ILE B 76 -59.71 -17.26 53.22
N LEU B 77 -58.81 -17.92 53.99
CA LEU B 77 -57.52 -18.42 53.49
C LEU B 77 -57.64 -19.48 52.41
N SER B 78 -58.61 -20.40 52.53
CA SER B 78 -58.80 -21.49 51.59
C SER B 78 -59.30 -20.96 50.24
N VAL B 79 -60.15 -19.93 50.24
CA VAL B 79 -60.65 -19.30 49.00
C VAL B 79 -59.48 -18.57 48.28
N LEU B 80 -58.60 -17.91 49.06
CA LEU B 80 -57.44 -17.18 48.55
C LEU B 80 -56.36 -18.12 48.00
N ARG B 81 -56.16 -19.30 48.62
CA ARG B 81 -55.17 -20.28 48.15
C ARG B 81 -55.65 -20.98 46.86
N ASP B 82 -56.93 -21.40 46.82
CA ASP B 82 -57.50 -21.99 45.61
C ASP B 82 -57.53 -21.00 44.44
N ALA B 83 -57.85 -19.72 44.72
CA ALA B 83 -58.01 -18.69 43.70
C ALA B 83 -56.70 -18.27 43.08
N TYR B 84 -55.67 -18.09 43.94
CA TYR B 84 -54.38 -17.50 43.59
C TYR B 84 -53.14 -18.41 43.68
N CYS B 85 -53.21 -19.54 44.42
CA CYS B 85 -52.03 -20.38 44.61
C CYS B 85 -52.22 -21.85 44.21
N ARG B 86 -53.17 -22.15 43.32
CA ARG B 86 -53.37 -23.52 42.88
C ARG B 86 -52.68 -23.69 41.51
N HIS B 87 -53.44 -23.92 40.43
CA HIS B 87 -52.83 -24.10 39.10
C HIS B 87 -52.92 -22.84 38.23
N VAL B 88 -53.47 -21.73 38.78
CA VAL B 88 -53.62 -20.46 38.08
C VAL B 88 -52.97 -19.33 38.89
N GLY B 89 -51.98 -18.68 38.29
CA GLY B 89 -51.34 -17.51 38.86
C GLY B 89 -51.99 -16.31 38.22
N VAL B 90 -52.73 -15.50 39.00
CA VAL B 90 -53.48 -14.32 38.51
C VAL B 90 -52.70 -13.00 38.78
N GLU B 91 -52.44 -12.19 37.71
CA GLU B 91 -51.81 -10.86 37.83
C GLU B 91 -52.80 -9.81 37.38
N TYR B 92 -53.34 -9.02 38.32
CA TYR B 92 -54.37 -8.07 37.95
C TYR B 92 -54.33 -6.80 38.79
N THR B 93 -53.53 -6.77 39.88
CA THR B 93 -53.46 -5.60 40.76
C THR B 93 -52.69 -4.45 40.12
N HIS B 94 -52.04 -4.69 38.96
CA HIS B 94 -51.34 -3.66 38.20
C HIS B 94 -52.33 -2.87 37.32
N ILE B 95 -53.56 -3.36 37.16
CA ILE B 95 -54.57 -2.69 36.33
C ILE B 95 -55.02 -1.42 37.06
N LEU B 96 -54.92 -0.27 36.36
CA LEU B 96 -55.28 1.04 36.91
C LEU B 96 -56.80 1.22 37.11
N GLU B 97 -57.63 0.56 36.30
CA GLU B 97 -59.10 0.68 36.38
C GLU B 97 -59.59 -0.17 37.56
N PRO B 98 -60.17 0.44 38.65
CA PRO B 98 -60.62 -0.38 39.80
C PRO B 98 -61.79 -1.32 39.49
N GLU B 99 -62.66 -0.94 38.53
CA GLU B 99 -63.82 -1.78 38.13
C GLU B 99 -63.34 -3.09 37.46
N GLN B 100 -62.20 -3.06 36.74
CA GLN B 100 -61.61 -4.24 36.09
C GLN B 100 -61.00 -5.18 37.15
N GLN B 101 -60.31 -4.62 38.17
CA GLN B 101 -59.74 -5.37 39.31
C GLN B 101 -60.84 -6.06 40.10
N ARG B 102 -61.97 -5.36 40.31
CA ARG B 102 -63.14 -5.85 41.04
C ARG B 102 -63.81 -7.00 40.26
N TRP B 103 -63.94 -6.86 38.93
CA TRP B 103 -64.54 -7.86 38.03
C TRP B 103 -63.78 -9.19 38.14
N ILE B 104 -62.42 -9.14 38.07
CA ILE B 104 -61.54 -10.32 38.18
C ILE B 104 -61.66 -10.91 39.58
N GLN B 105 -61.55 -10.07 40.61
CA GLN B 105 -61.65 -10.45 42.02
C GLN B 105 -62.88 -11.27 42.30
N GLU B 106 -64.07 -10.77 41.88
CA GLU B 106 -65.37 -11.43 42.07
C GLU B 106 -65.47 -12.78 41.35
N ARG B 107 -64.90 -12.92 40.16
CA ARG B 107 -64.99 -14.18 39.41
C ARG B 107 -63.94 -15.23 39.83
N VAL B 108 -62.84 -14.78 40.43
CA VAL B 108 -61.72 -15.62 40.85
C VAL B 108 -61.87 -16.07 42.32
N GLU B 109 -62.42 -15.21 43.21
CA GLU B 109 -62.56 -15.49 44.64
C GLU B 109 -63.94 -16.06 45.02
N THR B 110 -64.44 -17.03 44.24
CA THR B 110 -65.72 -17.71 44.49
C THR B 110 -65.57 -19.20 44.27
N LYS B 111 -66.26 -20.02 45.09
CA LYS B 111 -66.24 -21.47 44.96
C LYS B 111 -66.86 -21.82 43.60
N HIS B 112 -66.00 -22.19 42.65
CA HIS B 112 -66.39 -22.50 41.27
C HIS B 112 -67.11 -23.81 41.16
N ASP B 113 -68.12 -23.85 40.27
CA ASP B 113 -68.90 -25.05 39.99
C ASP B 113 -68.03 -26.02 39.20
N LYS B 114 -67.81 -27.23 39.76
CA LYS B 114 -67.01 -28.29 39.14
C LYS B 114 -67.59 -28.63 37.76
N PRO B 115 -66.77 -28.79 36.70
CA PRO B 115 -67.35 -29.08 35.37
C PRO B 115 -68.12 -30.39 35.35
N THR B 116 -69.17 -30.45 34.51
CA THR B 116 -69.99 -31.65 34.36
C THR B 116 -69.17 -32.74 33.67
N VAL B 117 -69.50 -34.02 33.92
CA VAL B 117 -68.81 -35.19 33.35
C VAL B 117 -68.74 -35.05 31.81
N ALA B 118 -69.82 -34.53 31.18
CA ALA B 118 -69.91 -34.29 29.73
C ALA B 118 -68.83 -33.30 29.25
N GLU B 119 -68.58 -32.22 30.04
CA GLU B 119 -67.57 -31.19 29.75
C GLU B 119 -66.17 -31.77 29.94
N GLN B 120 -65.98 -32.59 30.99
CA GLN B 120 -64.72 -33.27 31.30
C GLN B 120 -64.36 -34.28 30.20
N LYS B 121 -65.37 -35.03 29.72
CA LYS B 121 -65.21 -36.01 28.66
C LYS B 121 -64.93 -35.30 27.34
N TYR B 122 -65.59 -34.13 27.11
CA TYR B 122 -65.37 -33.33 25.91
C TYR B 122 -63.94 -32.80 25.87
N ILE B 123 -63.42 -32.31 27.03
CA ILE B 123 -62.03 -31.83 27.13
C ILE B 123 -61.10 -32.99 26.79
N LEU B 124 -61.34 -34.17 27.41
CA LEU B 124 -60.58 -35.40 27.18
C LEU B 124 -60.58 -35.82 25.68
N SER B 125 -61.75 -35.73 24.98
CA SER B 125 -61.86 -36.01 23.55
C SER B 125 -60.98 -35.04 22.74
N LYS B 126 -60.89 -33.76 23.21
CA LYS B 126 -60.05 -32.75 22.54
C LYS B 126 -58.58 -33.09 22.79
N LEU B 127 -58.25 -33.62 23.99
CA LEU B 127 -56.88 -34.06 24.27
C LEU B 127 -56.51 -35.34 23.46
N ASN B 128 -57.49 -36.24 23.23
CA ASN B 128 -57.30 -37.48 22.45
C ASN B 128 -56.97 -37.14 21.00
N ALA B 129 -57.81 -36.29 20.36
CA ALA B 129 -57.65 -35.83 18.98
C ALA B 129 -56.31 -35.15 18.80
N ALA B 130 -55.94 -34.28 19.76
CA ALA B 130 -54.69 -33.52 19.74
C ALA B 130 -53.44 -34.43 19.81
N GLU B 131 -53.37 -35.35 20.78
CA GLU B 131 -52.22 -36.25 20.91
C GLU B 131 -52.19 -37.35 19.80
N ALA B 132 -53.35 -37.86 19.31
CA ALA B 132 -53.34 -38.82 18.20
C ALA B 132 -52.79 -38.14 16.93
N PHE B 133 -53.09 -36.84 16.74
CA PHE B 133 -52.55 -36.05 15.62
C PHE B 133 -51.03 -35.95 15.75
N GLU B 134 -50.53 -35.73 16.97
CA GLU B 134 -49.08 -35.61 17.22
C GLU B 134 -48.33 -36.92 16.98
N THR B 135 -48.87 -38.05 17.43
CA THR B 135 -48.31 -39.38 17.25
C THR B 135 -48.23 -39.70 15.76
N PHE B 136 -49.34 -39.49 15.03
CA PHE B 136 -49.41 -39.71 13.58
C PHE B 136 -48.36 -38.88 12.85
N LEU B 137 -48.23 -37.59 13.20
CA LEU B 137 -47.31 -36.67 12.54
C LEU B 137 -45.85 -37.12 12.66
N GLN B 138 -45.43 -37.55 13.86
CA GLN B 138 -44.04 -37.98 14.10
C GLN B 138 -43.72 -39.39 13.56
N THR B 139 -44.76 -40.21 13.32
CA THR B 139 -44.60 -41.60 12.84
C THR B 139 -44.72 -41.68 11.31
N LYS B 140 -45.72 -41.00 10.73
CA LYS B 140 -45.98 -41.03 9.29
C LYS B 140 -44.92 -40.30 8.49
N TYR B 141 -44.53 -39.10 8.92
CA TYR B 141 -43.59 -38.30 8.15
C TYR B 141 -42.26 -38.08 8.85
N VAL B 142 -41.23 -37.88 8.02
CA VAL B 142 -39.87 -37.53 8.39
C VAL B 142 -39.77 -36.00 8.37
N GLY B 143 -38.90 -35.44 9.19
CA GLY B 143 -38.68 -34.00 9.25
C GLY B 143 -39.82 -33.18 9.84
N GLN B 144 -40.57 -33.74 10.81
CA GLN B 144 -41.68 -33.01 11.43
C GLN B 144 -41.47 -32.75 12.93
N LYS B 145 -40.25 -32.99 13.47
CA LYS B 145 -39.94 -32.79 14.91
C LYS B 145 -40.13 -31.35 15.39
N ARG B 146 -39.70 -30.34 14.61
CA ARG B 146 -39.80 -28.93 15.00
C ARG B 146 -41.23 -28.44 15.20
N PHE B 147 -42.19 -29.06 14.51
CA PHE B 147 -43.59 -28.70 14.54
C PHE B 147 -44.37 -29.37 15.68
N SER B 148 -43.73 -30.29 16.43
CA SER B 148 -44.37 -31.06 17.51
C SER B 148 -44.99 -30.16 18.59
N LEU B 149 -46.22 -30.47 18.93
CA LEU B 149 -47.00 -29.81 19.99
C LEU B 149 -47.00 -30.70 21.24
N GLU B 150 -46.20 -31.79 21.25
CA GLU B 150 -46.11 -32.72 22.39
C GLU B 150 -45.57 -32.02 23.63
N GLY B 151 -46.33 -32.14 24.72
CA GLY B 151 -46.08 -31.48 25.98
C GLY B 151 -46.88 -30.18 26.12
N ALA B 152 -47.59 -29.80 25.04
CA ALA B 152 -48.38 -28.57 24.97
C ALA B 152 -49.73 -28.82 24.30
N GLU B 153 -50.21 -30.08 24.30
CA GLU B 153 -51.48 -30.49 23.68
C GLU B 153 -52.69 -29.80 24.33
N THR B 154 -52.56 -29.37 25.59
CA THR B 154 -53.63 -28.67 26.31
C THR B 154 -54.00 -27.33 25.61
N VAL B 155 -53.10 -26.76 24.74
CA VAL B 155 -53.44 -25.55 23.97
C VAL B 155 -54.69 -25.83 23.08
N ILE B 156 -54.89 -27.09 22.59
CA ILE B 156 -56.05 -27.45 21.75
C ILE B 156 -57.37 -27.29 22.58
N PRO B 157 -57.63 -27.97 23.74
CA PRO B 157 -58.88 -27.68 24.49
C PRO B 157 -58.96 -26.22 24.98
N MET B 158 -57.82 -25.54 25.19
CA MET B 158 -57.80 -24.14 25.61
C MET B 158 -58.31 -23.23 24.48
N MET B 159 -57.81 -23.42 23.23
CA MET B 159 -58.24 -22.63 22.07
C MET B 159 -59.72 -22.91 21.75
N ASP B 160 -60.14 -24.17 21.96
CA ASP B 160 -61.52 -24.63 21.75
C ASP B 160 -62.45 -23.89 22.69
N ALA B 161 -62.04 -23.70 23.97
CA ALA B 161 -62.83 -23.00 24.98
C ALA B 161 -62.94 -21.50 24.64
N VAL B 162 -61.86 -20.87 24.12
CA VAL B 162 -61.86 -19.47 23.67
C VAL B 162 -62.95 -19.29 22.59
N ILE B 163 -62.90 -20.12 21.53
CA ILE B 163 -63.79 -20.04 20.38
C ILE B 163 -65.22 -20.38 20.79
N ASP B 164 -65.40 -21.44 21.60
CA ASP B 164 -66.71 -21.82 22.11
C ASP B 164 -67.31 -20.68 22.95
N GLN B 165 -66.48 -20.01 23.79
CA GLN B 165 -66.95 -18.89 24.59
C GLN B 165 -67.30 -17.69 23.70
N CYS B 166 -66.55 -17.46 22.60
CA CYS B 166 -66.86 -16.38 21.65
C CYS B 166 -68.23 -16.69 20.98
N ALA B 167 -68.49 -17.96 20.65
CA ALA B 167 -69.78 -18.39 20.06
C ALA B 167 -70.92 -18.25 21.09
N GLU B 168 -70.60 -18.41 22.38
CA GLU B 168 -71.59 -18.28 23.46
C GLU B 168 -72.04 -16.80 23.57
N HIS B 169 -71.12 -15.86 23.25
CA HIS B 169 -71.37 -14.42 23.21
C HIS B 169 -72.06 -13.99 21.87
N GLY B 170 -72.32 -14.95 20.97
CA GLY B 170 -72.95 -14.72 19.66
C GLY B 170 -72.09 -13.89 18.71
N LEU B 171 -70.76 -13.96 18.84
CA LEU B 171 -69.86 -13.19 17.99
C LEU B 171 -69.76 -13.82 16.58
N ASP B 172 -69.22 -13.08 15.60
CA ASP B 172 -69.17 -13.49 14.20
C ASP B 172 -67.95 -14.31 13.77
N GLU B 173 -66.75 -13.97 14.27
CA GLU B 173 -65.54 -14.66 13.83
C GLU B 173 -64.42 -14.58 14.84
N VAL B 174 -63.54 -15.60 14.82
CA VAL B 174 -62.29 -15.63 15.58
C VAL B 174 -61.21 -15.78 14.52
N VAL B 175 -60.28 -14.83 14.47
CA VAL B 175 -59.18 -14.90 13.53
C VAL B 175 -57.93 -15.19 14.33
N ILE B 176 -57.25 -16.27 13.96
CA ILE B 176 -56.04 -16.74 14.61
C ILE B 176 -54.78 -16.36 13.81
N ALA B 177 -53.73 -16.04 14.58
CA ALA B 177 -52.37 -15.86 14.12
C ALA B 177 -51.50 -16.65 15.06
N MET B 178 -50.56 -17.40 14.50
CA MET B 178 -49.67 -18.24 15.30
C MET B 178 -48.38 -18.57 14.58
N PRO B 179 -47.32 -18.98 15.33
CA PRO B 179 -46.13 -19.51 14.65
C PRO B 179 -46.38 -20.98 14.22
N HIS B 180 -45.35 -21.70 13.72
CA HIS B 180 -45.51 -23.05 13.16
C HIS B 180 -45.86 -24.17 14.15
N ARG B 181 -45.40 -24.11 15.42
CA ARG B 181 -45.65 -25.19 16.40
C ARG B 181 -47.14 -25.49 16.60
N GLY B 182 -47.51 -26.73 16.23
CA GLY B 182 -48.85 -27.28 16.36
C GLY B 182 -49.86 -26.74 15.37
N ARG B 183 -49.40 -26.08 14.30
CA ARG B 183 -50.26 -25.45 13.31
C ARG B 183 -51.22 -26.40 12.61
N LEU B 184 -50.73 -27.55 12.11
CA LEU B 184 -51.61 -28.50 11.41
C LEU B 184 -52.60 -29.17 12.40
N ASN B 185 -52.19 -29.26 13.68
CA ASN B 185 -53.06 -29.80 14.73
C ASN B 185 -54.20 -28.80 14.95
N VAL B 186 -53.87 -27.48 14.91
CA VAL B 186 -54.81 -26.39 15.04
C VAL B 186 -55.76 -26.44 13.83
N LEU B 187 -55.20 -26.64 12.63
CA LEU B 187 -56.03 -26.75 11.42
C LEU B 187 -57.09 -27.86 11.55
N ALA B 188 -56.68 -29.04 12.01
CA ALA B 188 -57.57 -30.20 12.14
C ALA B 188 -58.52 -30.09 13.32
N ASN B 189 -58.02 -29.69 14.51
CA ASN B 189 -58.84 -29.76 15.72
C ASN B 189 -59.48 -28.44 16.20
N ILE B 190 -59.19 -27.31 15.53
CA ILE B 190 -59.77 -26.02 15.90
C ILE B 190 -60.49 -25.42 14.67
N VAL B 191 -59.77 -25.33 13.53
CA VAL B 191 -60.31 -24.75 12.29
C VAL B 191 -61.29 -25.76 11.67
N GLY B 192 -61.04 -27.05 11.93
CA GLY B 192 -61.88 -28.16 11.49
C GLY B 192 -61.65 -28.54 10.05
N LYS B 193 -60.43 -28.29 9.53
CA LYS B 193 -60.09 -28.68 8.16
C LYS B 193 -59.94 -30.20 8.07
N PRO B 194 -60.49 -30.87 7.04
CA PRO B 194 -60.32 -32.34 6.95
C PRO B 194 -58.87 -32.70 6.60
N TYR B 195 -58.43 -33.90 7.00
CA TYR B 195 -57.09 -34.44 6.72
C TYR B 195 -56.74 -34.42 5.24
N SER B 196 -57.74 -34.68 4.35
CA SER B 196 -57.60 -34.70 2.89
C SER B 196 -57.02 -33.40 2.35
N GLN B 197 -57.41 -32.24 2.94
CA GLN B 197 -56.95 -30.91 2.55
C GLN B 197 -55.62 -30.57 3.21
N ILE B 198 -55.47 -30.89 4.52
CA ILE B 198 -54.24 -30.64 5.28
C ILE B 198 -53.03 -31.38 4.67
N PHE B 199 -53.17 -32.68 4.36
CA PHE B 199 -52.04 -33.47 3.90
C PHE B 199 -51.98 -33.59 2.36
N SER B 200 -52.82 -32.82 1.65
CA SER B 200 -52.87 -32.79 0.19
C SER B 200 -51.51 -32.34 -0.35
N GLU B 201 -50.85 -33.19 -1.19
CA GLU B 201 -49.53 -32.94 -1.80
C GLU B 201 -48.50 -32.51 -0.72
N PHE B 202 -48.37 -33.34 0.33
CA PHE B 202 -47.48 -33.14 1.48
C PHE B 202 -46.04 -33.50 1.15
N ASP B 216 -44.16 -28.09 3.53
CA ASP B 216 -43.72 -27.11 4.54
C ASP B 216 -44.42 -25.76 4.38
N VAL B 217 -44.88 -25.41 3.14
CA VAL B 217 -45.62 -24.17 2.88
C VAL B 217 -46.96 -24.20 3.65
N LYS B 218 -47.52 -25.41 3.90
CA LYS B 218 -48.77 -25.62 4.69
C LYS B 218 -48.65 -25.00 6.08
N TYR B 219 -47.40 -24.87 6.60
CA TYR B 219 -47.14 -24.25 7.90
C TYR B 219 -47.20 -22.69 7.84
N HIS B 220 -47.47 -22.12 6.67
CA HIS B 220 -47.49 -20.66 6.52
C HIS B 220 -48.76 -20.16 5.83
N LEU B 221 -49.63 -21.08 5.38
CA LEU B 221 -50.84 -20.71 4.64
C LEU B 221 -52.01 -20.28 5.52
N GLY B 222 -52.91 -19.50 4.92
CA GLY B 222 -54.15 -19.05 5.54
C GLY B 222 -55.17 -20.16 5.42
N ALA B 223 -56.21 -20.16 6.28
CA ALA B 223 -57.26 -21.16 6.24
C ALA B 223 -58.53 -20.60 6.83
N THR B 224 -59.69 -21.17 6.43
CA THR B 224 -60.97 -20.71 6.95
C THR B 224 -61.88 -21.92 7.21
N GLY B 225 -62.69 -21.81 8.26
CA GLY B 225 -63.63 -22.85 8.65
C GLY B 225 -64.77 -22.33 9.50
N THR B 226 -65.64 -23.25 9.94
CA THR B 226 -66.80 -22.95 10.79
C THR B 226 -66.72 -23.82 12.03
N TYR B 227 -66.85 -23.19 13.19
CA TYR B 227 -66.85 -23.89 14.45
C TYR B 227 -68.29 -24.04 14.91
N ILE B 228 -68.69 -25.27 15.21
CA ILE B 228 -70.04 -25.55 15.69
C ILE B 228 -69.93 -25.95 17.17
N GLN B 229 -70.67 -25.26 18.06
CA GLN B 229 -70.68 -25.54 19.49
C GLN B 229 -71.15 -26.96 19.79
N MET B 230 -70.43 -27.66 20.68
CA MET B 230 -70.72 -29.02 21.11
C MET B 230 -72.02 -29.07 21.96
N PHE B 231 -72.11 -28.18 22.97
CA PHE B 231 -73.24 -28.12 23.92
C PHE B 231 -74.18 -26.94 23.67
N GLY B 232 -73.74 -25.97 22.87
CA GLY B 232 -74.54 -24.80 22.53
C GLY B 232 -75.19 -24.93 21.17
N ASP B 233 -76.01 -23.95 20.82
CA ASP B 233 -76.71 -23.95 19.53
C ASP B 233 -76.12 -22.92 18.56
N ASN B 234 -74.95 -22.35 18.87
CA ASN B 234 -74.35 -21.34 18.00
C ASN B 234 -73.16 -21.88 17.22
N ASP B 235 -72.85 -21.19 16.14
CA ASP B 235 -71.69 -21.45 15.32
C ASP B 235 -70.94 -20.13 15.16
N ILE B 236 -69.68 -20.21 14.76
CA ILE B 236 -68.82 -19.04 14.59
C ILE B 236 -67.79 -19.35 13.51
N GLU B 237 -67.43 -18.33 12.72
CA GLU B 237 -66.39 -18.50 11.70
C GLU B 237 -65.03 -18.53 12.38
N VAL B 238 -64.13 -19.39 11.90
CA VAL B 238 -62.77 -19.49 12.43
C VAL B 238 -61.81 -19.45 11.26
N SER B 239 -60.88 -18.51 11.30
CA SER B 239 -59.88 -18.40 10.25
C SER B 239 -58.50 -18.29 10.87
N LEU B 240 -57.50 -18.63 10.07
CA LEU B 240 -56.10 -18.61 10.41
C LEU B 240 -55.40 -17.77 9.36
N THR B 241 -54.58 -16.82 9.79
CA THR B 241 -53.91 -15.98 8.81
C THR B 241 -52.57 -16.57 8.40
N ALA B 242 -52.10 -16.20 7.21
CA ALA B 242 -50.81 -16.58 6.65
C ALA B 242 -49.70 -15.87 7.42
N ASN B 243 -48.48 -16.43 7.49
CA ASN B 243 -47.37 -15.76 8.19
C ASN B 243 -45.99 -16.29 7.77
N PRO B 244 -44.92 -15.48 7.93
CA PRO B 244 -43.57 -16.00 7.58
C PRO B 244 -43.00 -16.75 8.79
N SER B 245 -41.73 -17.15 8.70
CA SER B 245 -41.05 -17.82 9.81
C SER B 245 -40.66 -16.82 10.88
N HIS B 246 -40.65 -15.50 10.53
CA HIS B 246 -40.31 -14.37 11.44
C HIS B 246 -41.31 -14.32 12.53
N LEU B 247 -40.92 -14.86 13.68
CA LEU B 247 -41.79 -14.97 14.85
C LEU B 247 -42.30 -13.60 15.28
N GLU B 248 -43.60 -13.54 15.58
CA GLU B 248 -44.31 -12.36 16.02
C GLU B 248 -44.54 -11.29 14.92
N ALA B 249 -43.92 -11.40 13.72
CA ALA B 249 -44.10 -10.35 12.68
C ALA B 249 -45.58 -10.23 12.20
N VAL B 250 -46.37 -11.32 12.31
CA VAL B 250 -47.78 -11.40 11.92
C VAL B 250 -48.69 -10.69 12.95
N ASP B 251 -48.14 -10.37 14.15
CA ASP B 251 -48.97 -9.79 15.23
C ASP B 251 -49.74 -8.54 14.78
N PRO B 252 -49.10 -7.50 14.18
CA PRO B 252 -49.88 -6.32 13.76
C PRO B 252 -50.75 -6.59 12.55
N VAL B 253 -50.33 -7.59 11.69
CA VAL B 253 -51.05 -7.98 10.49
C VAL B 253 -52.40 -8.56 10.91
N LEU B 254 -52.41 -9.39 11.96
CA LEU B 254 -53.62 -9.97 12.53
C LEU B 254 -54.57 -8.86 12.93
N GLU B 255 -54.06 -7.86 13.67
CA GLU B 255 -54.85 -6.71 14.17
C GLU B 255 -55.47 -5.91 13.03
N GLY B 256 -54.69 -5.62 11.99
CA GLY B 256 -55.15 -4.91 10.81
C GLY B 256 -56.28 -5.64 10.10
N LEU B 257 -56.08 -6.95 9.88
CA LEU B 257 -57.03 -7.86 9.23
C LEU B 257 -58.36 -7.91 9.99
N VAL B 258 -58.29 -8.07 11.32
CA VAL B 258 -59.49 -8.11 12.18
C VAL B 258 -60.25 -6.76 12.15
N ARG B 259 -59.51 -5.62 12.30
CA ARG B 259 -60.11 -4.28 12.23
C ARG B 259 -60.84 -4.08 10.90
N ALA B 260 -60.23 -4.52 9.78
CA ALA B 260 -60.82 -4.45 8.44
C ALA B 260 -62.16 -5.20 8.40
N LYS B 261 -62.20 -6.38 9.02
CA LYS B 261 -63.39 -7.25 9.10
C LYS B 261 -64.45 -6.61 10.03
N GLN B 262 -64.00 -5.95 11.12
CA GLN B 262 -64.90 -5.24 12.04
C GLN B 262 -65.58 -4.06 11.36
N ASP B 263 -64.80 -3.25 10.59
CA ASP B 263 -65.34 -2.10 9.88
C ASP B 263 -66.39 -2.55 8.85
N LEU B 264 -66.11 -3.65 8.12
CA LEU B 264 -67.04 -4.24 7.14
C LEU B 264 -68.34 -4.70 7.79
N LEU B 265 -68.26 -5.21 9.03
CA LEU B 265 -69.42 -5.72 9.75
C LEU B 265 -70.15 -4.63 10.54
N ASP B 266 -69.69 -3.37 10.45
CA ASP B 266 -70.21 -2.20 11.17
C ASP B 266 -70.23 -2.52 12.69
N THR B 267 -69.12 -3.11 13.14
CA THR B 267 -68.92 -3.43 14.53
C THR B 267 -67.64 -2.73 14.99
N GLY B 268 -67.62 -2.38 16.27
CA GLY B 268 -66.47 -1.73 16.88
C GLY B 268 -66.39 -0.23 16.73
N GLU B 269 -65.16 0.29 16.77
CA GLU B 269 -64.79 1.71 16.73
C GLU B 269 -65.47 2.52 15.60
N GLU B 270 -65.54 1.95 14.40
CA GLU B 270 -66.14 2.62 13.26
C GLU B 270 -67.54 2.02 12.94
N GLY B 271 -68.13 1.35 13.93
CA GLY B 271 -69.43 0.71 13.77
C GLY B 271 -70.53 1.26 14.64
N SER B 272 -71.78 0.88 14.32
CA SER B 272 -72.99 1.27 15.05
C SER B 272 -73.09 0.52 16.38
N ASP B 273 -72.48 -0.68 16.47
CA ASP B 273 -72.48 -1.46 17.71
C ASP B 273 -71.08 -1.46 18.34
N ASN B 274 -71.03 -1.73 19.65
CA ASN B 274 -69.79 -1.82 20.43
C ASN B 274 -69.45 -3.29 20.77
N ARG B 275 -69.84 -4.23 19.91
CA ARG B 275 -69.59 -5.66 20.15
C ARG B 275 -68.17 -6.10 19.77
N PHE B 276 -67.53 -5.45 18.75
CA PHE B 276 -66.20 -5.86 18.25
C PHE B 276 -66.26 -7.38 17.96
N SER B 277 -67.29 -7.80 17.20
CA SER B 277 -67.68 -9.19 16.96
C SER B 277 -66.67 -10.06 16.19
N VAL B 278 -65.48 -9.51 15.85
CA VAL B 278 -64.40 -10.24 15.20
C VAL B 278 -63.25 -10.24 16.22
N VAL B 279 -62.91 -11.44 16.73
CA VAL B 279 -61.95 -11.59 17.82
C VAL B 279 -60.55 -12.01 17.33
N PRO B 280 -59.49 -11.23 17.64
CA PRO B 280 -58.13 -11.72 17.32
C PRO B 280 -57.69 -12.71 18.41
N LEU B 281 -57.27 -13.91 17.99
CA LEU B 281 -56.71 -14.94 18.87
C LEU B 281 -55.27 -15.09 18.45
N MET B 282 -54.34 -14.58 19.27
CA MET B 282 -52.93 -14.51 18.89
C MET B 282 -52.10 -15.46 19.73
N LEU B 283 -51.44 -16.42 19.05
CA LEU B 283 -50.57 -17.38 19.70
C LEU B 283 -49.15 -16.93 19.61
N HIS B 284 -48.37 -17.27 20.63
CA HIS B 284 -46.97 -16.90 20.76
C HIS B 284 -46.15 -18.00 21.40
N GLY B 285 -44.84 -17.89 21.26
CA GLY B 285 -43.86 -18.72 21.93
C GLY B 285 -43.29 -17.87 23.06
N ASP B 286 -42.77 -18.48 24.14
CA ASP B 286 -42.27 -17.71 25.29
C ASP B 286 -41.01 -16.89 25.00
N ALA B 287 -40.05 -17.41 24.20
CA ALA B 287 -38.84 -16.63 23.90
C ALA B 287 -39.13 -15.46 22.95
N ALA B 288 -40.00 -15.70 21.95
CA ALA B 288 -40.32 -14.70 20.95
C ALA B 288 -41.18 -13.58 21.53
N PHE B 289 -42.13 -13.92 22.42
CA PHE B 289 -43.03 -12.93 23.03
C PHE B 289 -42.25 -11.88 23.84
N ALA B 290 -41.16 -12.29 24.47
CA ALA B 290 -40.36 -11.40 25.30
C ALA B 290 -39.30 -10.63 24.52
N GLY B 291 -38.78 -11.19 23.40
CA GLY B 291 -37.67 -10.56 22.71
C GLY B 291 -37.97 -9.70 21.52
N GLN B 292 -39.14 -9.90 20.89
CA GLN B 292 -39.49 -9.20 19.66
C GLN B 292 -40.17 -7.87 19.95
N GLY B 293 -39.58 -6.76 19.45
CA GLY B 293 -40.09 -5.41 19.63
C GLY B 293 -41.47 -5.19 19.06
N VAL B 294 -41.84 -5.96 18.04
CA VAL B 294 -43.16 -5.84 17.39
C VAL B 294 -44.32 -6.20 18.37
N VAL B 295 -44.03 -7.01 19.38
CA VAL B 295 -45.01 -7.42 20.39
C VAL B 295 -45.48 -6.15 21.11
N ALA B 296 -44.53 -5.35 21.68
CA ALA B 296 -44.82 -4.10 22.39
C ALA B 296 -45.50 -3.09 21.47
N GLU B 297 -45.02 -2.97 20.21
CA GLU B 297 -45.65 -2.02 19.26
C GLU B 297 -47.10 -2.40 18.96
N THR B 298 -47.41 -3.70 18.93
CA THR B 298 -48.75 -4.22 18.59
C THR B 298 -49.67 -4.01 19.79
N LEU B 299 -49.18 -4.26 21.04
CA LEU B 299 -49.91 -4.02 22.28
C LEU B 299 -50.23 -2.52 22.39
N ASN B 300 -49.30 -1.66 21.97
CA ASN B 300 -49.46 -0.22 22.00
C ASN B 300 -50.66 0.28 21.13
N LEU B 301 -51.09 -0.52 20.16
CA LEU B 301 -52.21 -0.18 19.28
C LEU B 301 -53.58 -0.52 19.85
N ALA B 302 -53.63 -1.41 20.87
CA ALA B 302 -54.84 -2.03 21.42
C ALA B 302 -55.99 -1.11 21.82
N LEU B 303 -55.73 0.13 22.23
CA LEU B 303 -56.84 1.03 22.64
C LEU B 303 -56.89 2.29 21.78
N LEU B 304 -56.08 2.33 20.72
CA LEU B 304 -56.03 3.49 19.81
C LEU B 304 -57.26 3.52 18.93
N ARG B 305 -57.84 4.70 18.73
CA ARG B 305 -59.04 4.85 17.90
C ARG B 305 -58.80 4.35 16.45
N GLY B 306 -57.57 4.50 15.91
CA GLY B 306 -57.30 4.03 14.56
C GLY B 306 -56.99 2.55 14.40
N TYR B 307 -56.71 1.84 15.53
CA TYR B 307 -56.17 0.50 15.47
C TYR B 307 -56.82 -0.52 16.38
N ARG B 308 -57.62 -0.12 17.37
CA ARG B 308 -58.25 -1.04 18.32
C ARG B 308 -59.20 -2.04 17.67
N THR B 309 -59.21 -3.25 18.22
CA THR B 309 -60.01 -4.36 17.75
C THR B 309 -60.86 -4.91 18.88
N GLY B 310 -61.02 -4.13 19.95
CA GLY B 310 -61.83 -4.53 21.09
C GLY B 310 -61.20 -5.57 21.99
N GLY B 311 -59.86 -5.64 21.98
CA GLY B 311 -59.11 -6.58 22.78
C GLY B 311 -58.77 -7.88 22.08
N THR B 312 -57.51 -8.29 22.21
CA THR B 312 -56.95 -9.52 21.66
C THR B 312 -56.81 -10.56 22.76
N ILE B 313 -57.15 -11.83 22.45
CA ILE B 313 -56.90 -12.92 23.37
C ILE B 313 -55.50 -13.43 23.02
N HIS B 314 -54.57 -13.30 23.97
CA HIS B 314 -53.21 -13.82 23.72
C HIS B 314 -53.01 -15.16 24.41
N ILE B 315 -52.39 -16.12 23.71
CA ILE B 315 -52.03 -17.39 24.30
C ILE B 315 -50.54 -17.59 24.06
N VAL B 316 -49.76 -17.66 25.14
CA VAL B 316 -48.34 -17.96 25.04
C VAL B 316 -48.14 -19.44 25.35
N VAL B 317 -47.59 -20.18 24.39
CA VAL B 317 -47.26 -21.60 24.57
C VAL B 317 -45.89 -21.55 25.25
N ASN B 318 -45.91 -21.41 26.57
CA ASN B 318 -44.69 -21.25 27.37
C ASN B 318 -44.11 -22.58 27.75
N ASN B 319 -43.26 -23.14 26.83
CA ASN B 319 -42.62 -24.44 27.04
C ASN B 319 -41.27 -24.24 27.75
N GLN B 320 -41.02 -23.01 28.26
CA GLN B 320 -39.90 -22.60 29.13
C GLN B 320 -38.53 -22.83 28.48
N ILE B 321 -38.49 -22.72 27.14
CA ILE B 321 -37.31 -22.89 26.31
C ILE B 321 -37.51 -22.18 24.97
N GLY B 322 -36.40 -21.75 24.38
CA GLY B 322 -36.36 -21.14 23.06
C GLY B 322 -35.24 -21.79 22.29
N PHE B 323 -35.54 -22.90 21.59
CA PHE B 323 -34.56 -23.72 20.85
C PHE B 323 -33.60 -24.36 21.91
N THR B 324 -32.39 -23.82 22.13
CA THR B 324 -31.53 -24.37 23.18
C THR B 324 -31.43 -23.40 24.39
N THR B 325 -32.11 -22.24 24.30
CA THR B 325 -31.96 -21.13 25.22
C THR B 325 -32.95 -21.16 26.37
N ALA B 326 -32.39 -21.04 27.58
CA ALA B 326 -33.19 -20.99 28.81
C ALA B 326 -33.79 -19.59 29.01
N PRO B 327 -34.96 -19.50 29.70
CA PRO B 327 -35.58 -18.20 29.98
C PRO B 327 -34.65 -17.15 30.58
N THR B 328 -33.66 -17.54 31.42
CA THR B 328 -32.76 -16.55 32.03
C THR B 328 -31.89 -15.81 30.99
N ASP B 329 -31.72 -16.36 29.75
CA ASP B 329 -30.97 -15.68 28.69
C ASP B 329 -31.94 -15.03 27.68
N SER B 330 -33.24 -15.25 27.81
CA SER B 330 -34.24 -14.73 26.86
C SER B 330 -35.01 -13.49 27.36
N ARG B 331 -35.05 -13.25 28.70
CA ARG B 331 -35.81 -12.14 29.27
C ARG B 331 -35.22 -11.68 30.63
N SER B 332 -35.50 -10.42 30.99
CA SER B 332 -35.02 -9.79 32.22
C SER B 332 -36.16 -9.65 33.25
N SER B 333 -37.24 -10.41 33.06
CA SER B 333 -38.42 -10.33 33.92
C SER B 333 -38.86 -11.69 34.38
N GLU B 334 -39.66 -11.74 35.45
CA GLU B 334 -40.18 -12.98 36.03
C GLU B 334 -40.95 -13.80 34.99
N TYR B 335 -41.83 -13.16 34.20
CA TYR B 335 -42.67 -13.82 33.19
C TYR B 335 -42.39 -13.33 31.75
N CYS B 336 -42.58 -14.21 30.75
CA CYS B 336 -42.41 -13.91 29.33
C CYS B 336 -43.49 -12.93 28.86
N THR B 337 -44.60 -12.82 29.64
CA THR B 337 -45.77 -12.00 29.37
C THR B 337 -45.75 -10.61 30.03
N ASP B 338 -44.68 -10.27 30.78
CA ASP B 338 -44.56 -9.01 31.53
C ASP B 338 -44.68 -7.74 30.63
N VAL B 339 -44.33 -7.84 29.33
CA VAL B 339 -44.52 -6.74 28.37
C VAL B 339 -46.01 -6.28 28.31
N ALA B 340 -46.97 -7.22 28.49
CA ALA B 340 -48.41 -6.92 28.43
C ALA B 340 -48.89 -6.05 29.61
N LYS B 341 -48.03 -5.86 30.64
CA LYS B 341 -48.33 -4.96 31.75
C LYS B 341 -48.30 -3.50 31.25
N MET B 342 -47.61 -3.24 30.15
CA MET B 342 -47.53 -1.95 29.42
C MET B 342 -48.96 -1.37 29.17
N ILE B 343 -49.97 -2.22 28.84
CA ILE B 343 -51.32 -1.70 28.54
C ILE B 343 -52.35 -2.13 29.62
N GLY B 344 -51.86 -2.47 30.81
CA GLY B 344 -52.69 -2.87 31.93
C GLY B 344 -53.61 -4.05 31.66
N ALA B 345 -53.11 -5.04 30.89
CA ALA B 345 -53.86 -6.24 30.54
C ALA B 345 -53.74 -7.28 31.68
N PRO B 346 -54.84 -8.02 32.01
CA PRO B 346 -54.72 -9.10 33.02
C PRO B 346 -53.98 -10.30 32.46
N ILE B 347 -53.11 -10.89 33.26
CA ILE B 347 -52.29 -12.02 32.86
C ILE B 347 -52.64 -13.23 33.74
N PHE B 348 -52.88 -14.37 33.06
CA PHE B 348 -53.22 -15.60 33.73
C PHE B 348 -52.19 -16.64 33.39
N HIS B 349 -51.39 -17.03 34.39
CA HIS B 349 -50.37 -18.07 34.27
C HIS B 349 -51.07 -19.37 34.62
N VAL B 350 -51.11 -20.33 33.67
CA VAL B 350 -51.86 -21.55 33.94
C VAL B 350 -51.04 -22.81 33.62
N ASN B 351 -51.15 -23.81 34.53
CA ASN B 351 -50.51 -25.13 34.43
C ASN B 351 -51.12 -25.93 33.28
N GLY B 352 -50.29 -26.18 32.26
CA GLY B 352 -50.68 -26.90 31.04
C GLY B 352 -51.02 -28.36 31.26
N ASP B 353 -50.76 -28.91 32.45
CA ASP B 353 -51.12 -30.28 32.80
C ASP B 353 -52.53 -30.33 33.40
N ASP B 354 -53.15 -29.15 33.61
CA ASP B 354 -54.52 -29.01 34.10
C ASP B 354 -55.36 -28.49 32.92
N PRO B 355 -55.95 -29.36 32.07
CA PRO B 355 -56.75 -28.82 30.97
C PRO B 355 -58.06 -28.18 31.42
N GLU B 356 -58.52 -28.45 32.66
CA GLU B 356 -59.77 -27.86 33.16
C GLU B 356 -59.58 -26.40 33.52
N ALA B 357 -58.50 -26.09 34.27
CA ALA B 357 -58.09 -24.74 34.65
C ALA B 357 -57.77 -23.94 33.39
N CYS B 358 -57.08 -24.57 32.40
CA CYS B 358 -56.74 -23.95 31.11
C CYS B 358 -57.99 -23.53 30.33
N ALA B 359 -59.02 -24.42 30.30
CA ALA B 359 -60.29 -24.14 29.61
C ALA B 359 -61.10 -23.08 30.38
N TRP B 360 -61.08 -23.11 31.73
CA TRP B 360 -61.78 -22.13 32.58
C TRP B 360 -61.20 -20.72 32.38
N VAL B 361 -59.84 -20.61 32.37
CA VAL B 361 -59.10 -19.36 32.17
C VAL B 361 -59.41 -18.78 30.75
N ALA B 362 -59.48 -19.66 29.73
CA ALA B 362 -59.79 -19.28 28.34
C ALA B 362 -61.16 -18.60 28.26
N ARG B 363 -62.17 -19.16 28.96
CA ARG B 363 -63.55 -18.67 29.02
C ARG B 363 -63.61 -17.35 29.80
N LEU B 364 -62.85 -17.24 30.91
CA LEU B 364 -62.76 -16.01 31.70
C LEU B 364 -62.13 -14.89 30.86
N ALA B 365 -61.09 -15.22 30.05
CA ALA B 365 -60.39 -14.27 29.17
C ALA B 365 -61.33 -13.66 28.15
N VAL B 366 -62.19 -14.49 27.52
CA VAL B 366 -63.17 -14.04 26.53
C VAL B 366 -64.19 -13.09 27.22
N ASP B 367 -64.68 -13.47 28.41
CA ASP B 367 -65.63 -12.68 29.21
C ASP B 367 -65.06 -11.29 29.58
N PHE B 368 -63.77 -11.23 29.96
CA PHE B 368 -63.10 -9.98 30.31
C PHE B 368 -62.97 -9.09 29.06
N ARG B 369 -62.56 -9.67 27.92
CA ARG B 369 -62.41 -8.97 26.64
C ARG B 369 -63.78 -8.42 26.23
N GLN B 370 -64.85 -9.19 26.44
CA GLN B 370 -66.20 -8.70 26.11
C GLN B 370 -66.64 -7.55 27.02
N ALA B 371 -66.26 -7.61 28.31
CA ALA B 371 -66.67 -6.56 29.27
C ALA B 371 -65.83 -5.29 29.14
N PHE B 372 -64.53 -5.39 28.86
CA PHE B 372 -63.71 -4.19 28.90
C PHE B 372 -63.05 -3.83 27.57
N LYS B 373 -63.28 -4.62 26.49
CA LYS B 373 -62.76 -4.35 25.13
C LYS B 373 -61.25 -4.10 25.16
N LYS B 374 -60.53 -4.96 25.92
CA LYS B 374 -59.08 -4.89 26.17
C LYS B 374 -58.46 -6.29 26.23
N ASP B 375 -57.17 -6.36 25.84
CA ASP B 375 -56.32 -7.53 25.80
C ASP B 375 -56.27 -8.29 27.12
N VAL B 376 -56.18 -9.62 26.99
CA VAL B 376 -56.02 -10.60 28.06
C VAL B 376 -54.94 -11.54 27.63
N VAL B 377 -54.00 -11.85 28.53
CA VAL B 377 -52.90 -12.74 28.21
C VAL B 377 -53.00 -14.04 29.04
N ILE B 378 -52.91 -15.17 28.35
CA ILE B 378 -52.88 -16.49 28.97
C ILE B 378 -51.49 -17.05 28.75
N ASP B 379 -50.76 -17.21 29.86
CA ASP B 379 -49.42 -17.77 29.87
C ASP B 379 -49.54 -19.28 30.18
N MET B 380 -49.58 -20.13 29.13
CA MET B 380 -49.74 -21.58 29.37
C MET B 380 -48.39 -22.23 29.61
N LEU B 381 -48.11 -22.58 30.85
CA LEU B 381 -46.86 -23.24 31.20
C LEU B 381 -46.96 -24.71 30.83
N CYS B 382 -46.00 -25.13 30.05
CA CYS B 382 -45.95 -26.46 29.49
C CYS B 382 -44.49 -26.83 29.22
N TYR B 383 -44.25 -27.77 28.30
CA TYR B 383 -42.90 -28.22 28.01
C TYR B 383 -42.80 -28.69 26.56
N ARG B 384 -41.56 -28.81 26.06
CA ARG B 384 -41.28 -29.29 24.71
C ARG B 384 -40.71 -30.67 24.89
N ARG B 385 -41.54 -31.71 24.71
CA ARG B 385 -41.21 -33.12 24.92
C ARG B 385 -39.94 -33.57 24.16
N ARG B 386 -39.89 -33.26 22.86
CA ARG B 386 -38.81 -33.68 21.99
C ARG B 386 -37.85 -32.53 21.72
N GLY B 387 -36.78 -32.81 20.99
CA GLY B 387 -35.78 -31.84 20.59
C GLY B 387 -36.42 -30.79 19.72
N HIS B 388 -35.72 -29.68 19.50
CA HIS B 388 -36.28 -28.56 18.73
C HIS B 388 -36.50 -28.95 17.27
N ASN B 389 -35.61 -29.77 16.74
CA ASN B 389 -35.64 -30.26 15.36
C ASN B 389 -34.79 -31.53 15.30
N GLU B 390 -34.67 -32.12 14.10
CA GLU B 390 -33.87 -33.31 13.84
C GLU B 390 -32.42 -32.96 14.15
N GLY B 391 -31.74 -33.86 14.85
CA GLY B 391 -30.35 -33.60 15.22
C GLY B 391 -30.17 -32.87 16.54
N ASP B 392 -31.29 -32.46 17.20
CA ASP B 392 -31.23 -31.87 18.53
C ASP B 392 -31.47 -32.94 19.60
N ASP B 393 -30.41 -33.25 20.38
CA ASP B 393 -30.49 -34.06 21.59
C ASP B 393 -30.60 -32.99 22.67
N PRO B 394 -31.83 -32.68 23.16
CA PRO B 394 -32.00 -31.50 24.04
C PRO B 394 -31.31 -31.55 25.40
N SER B 395 -30.81 -32.71 25.81
CA SER B 395 -30.08 -32.86 27.07
C SER B 395 -28.61 -32.36 26.91
N MET B 396 -28.15 -32.07 25.67
CA MET B 396 -26.80 -31.50 25.44
C MET B 396 -26.65 -30.09 26.08
N THR B 397 -27.72 -29.29 25.99
CA THR B 397 -27.73 -27.89 26.43
C THR B 397 -28.66 -27.67 27.63
N GLN B 398 -29.67 -28.54 27.81
CA GLN B 398 -30.59 -28.43 28.95
C GLN B 398 -30.75 -29.82 29.61
N PRO B 399 -29.64 -30.39 30.22
CA PRO B 399 -29.75 -31.75 30.79
C PRO B 399 -30.75 -31.90 31.92
N TYR B 400 -30.80 -30.92 32.86
CA TYR B 400 -31.70 -30.95 34.01
C TYR B 400 -33.16 -30.93 33.56
N MET B 401 -33.53 -30.01 32.64
CA MET B 401 -34.90 -29.92 32.13
C MET B 401 -35.34 -31.23 31.46
N TYR B 402 -34.46 -31.79 30.59
CA TYR B 402 -34.82 -32.97 29.84
C TYR B 402 -34.80 -34.23 30.65
N ASP B 403 -34.10 -34.27 31.77
CA ASP B 403 -34.20 -35.44 32.65
C ASP B 403 -35.59 -35.43 33.30
N VAL B 404 -36.11 -34.23 33.60
CA VAL B 404 -37.44 -34.11 34.20
C VAL B 404 -38.52 -34.47 33.14
N ILE B 405 -38.41 -33.93 31.91
CA ILE B 405 -39.33 -34.17 30.79
C ILE B 405 -39.42 -35.67 30.46
N ASP B 406 -38.29 -36.39 30.52
CA ASP B 406 -38.23 -37.81 30.20
C ASP B 406 -39.07 -38.67 31.17
N THR B 407 -39.46 -38.12 32.34
CA THR B 407 -40.29 -38.78 33.36
C THR B 407 -41.74 -38.30 33.24
N LYS B 408 -42.05 -37.51 32.21
CA LYS B 408 -43.39 -36.93 32.05
C LYS B 408 -44.31 -37.78 31.21
N ARG B 409 -45.45 -38.17 31.79
CA ARG B 409 -46.51 -38.84 31.04
C ARG B 409 -47.25 -37.74 30.30
N GLY B 410 -47.87 -38.05 29.17
CA GLY B 410 -48.60 -37.04 28.39
C GLY B 410 -49.72 -36.33 29.14
N SER B 411 -50.16 -35.17 28.63
CA SER B 411 -51.24 -34.36 29.21
C SER B 411 -52.58 -35.14 29.20
N ARG B 412 -52.83 -35.92 28.11
CA ARG B 412 -54.02 -36.76 27.90
C ARG B 412 -54.06 -37.89 28.96
N LYS B 413 -52.94 -38.63 29.13
CA LYS B 413 -52.80 -39.74 30.09
C LYS B 413 -52.94 -39.23 31.53
N ALA B 414 -52.30 -38.09 31.85
CA ALA B 414 -52.35 -37.43 33.16
C ALA B 414 -53.77 -37.05 33.51
N TYR B 415 -54.52 -36.47 32.54
CA TYR B 415 -55.90 -36.05 32.75
C TYR B 415 -56.82 -37.27 32.92
N THR B 416 -56.60 -38.35 32.12
CA THR B 416 -57.38 -39.60 32.18
C THR B 416 -57.26 -40.23 33.57
N GLU B 417 -56.02 -40.31 34.10
CA GLU B 417 -55.71 -40.90 35.40
C GLU B 417 -56.25 -40.04 36.56
N ALA B 418 -56.22 -38.70 36.40
CA ALA B 418 -56.72 -37.75 37.42
C ALA B 418 -58.24 -37.83 37.55
N LEU B 419 -58.95 -38.05 36.41
CA LEU B 419 -60.41 -38.20 36.37
C LEU B 419 -60.83 -39.48 37.09
N ILE B 420 -60.00 -40.55 37.00
CA ILE B 420 -60.23 -41.84 37.66
C ILE B 420 -60.08 -41.63 39.18
N GLY B 421 -58.96 -41.03 39.58
CA GLY B 421 -58.63 -40.71 40.97
C GLY B 421 -59.70 -39.93 41.72
N ARG B 422 -60.28 -38.92 41.04
CA ARG B 422 -61.34 -38.06 41.60
C ARG B 422 -62.73 -38.73 41.53
N GLY B 423 -62.82 -39.89 40.88
CA GLY B 423 -64.07 -40.62 40.71
C GLY B 423 -65.02 -39.99 39.72
N ASP B 424 -64.50 -39.07 38.88
CA ASP B 424 -65.26 -38.36 37.85
C ASP B 424 -65.64 -39.30 36.69
N ILE B 425 -64.75 -40.25 36.34
CA ILE B 425 -65.02 -41.25 35.30
C ILE B 425 -64.69 -42.66 35.83
N SER B 426 -65.41 -43.68 35.31
CA SER B 426 -65.24 -45.09 35.68
C SER B 426 -64.08 -45.70 34.88
N MET B 427 -63.65 -46.94 35.24
CA MET B 427 -62.59 -47.65 34.52
C MET B 427 -63.02 -47.94 33.07
N LYS B 428 -64.33 -48.28 32.88
CA LYS B 428 -64.94 -48.53 31.57
C LYS B 428 -64.91 -47.24 30.72
N GLU B 429 -65.23 -46.08 31.35
CA GLU B 429 -65.23 -44.76 30.73
C GLU B 429 -63.82 -44.37 30.29
N ALA B 430 -62.80 -44.70 31.12
CA ALA B 430 -61.38 -44.46 30.84
C ALA B 430 -60.87 -45.37 29.73
N GLU B 431 -61.46 -46.57 29.59
CA GLU B 431 -61.14 -47.54 28.55
C GLU B 431 -61.73 -47.07 27.23
N ASP B 432 -62.97 -46.50 27.27
CA ASP B 432 -63.68 -45.94 26.10
C ASP B 432 -62.90 -44.74 25.56
N ALA B 433 -62.34 -43.94 26.49
CA ALA B 433 -61.49 -42.78 26.23
C ALA B 433 -60.21 -43.19 25.50
N LEU B 434 -59.57 -44.32 25.91
CA LEU B 434 -58.36 -44.87 25.26
C LEU B 434 -58.72 -45.45 23.89
N ARG B 435 -59.95 -46.01 23.74
CA ARG B 435 -60.40 -46.56 22.46
C ARG B 435 -60.67 -45.41 21.51
N ASP B 436 -61.19 -44.27 22.03
CA ASP B 436 -61.42 -43.06 21.24
C ASP B 436 -60.08 -42.52 20.73
N TYR B 437 -59.03 -42.62 21.59
CA TYR B 437 -57.67 -42.19 21.25
C TYR B 437 -57.22 -43.00 20.01
N GLN B 438 -57.27 -44.35 20.12
CA GLN B 438 -56.89 -45.33 19.11
C GLN B 438 -57.69 -45.17 17.81
N GLY B 439 -59.00 -44.99 17.93
CA GLY B 439 -59.88 -44.76 16.79
C GLY B 439 -59.52 -43.48 16.04
N GLN B 440 -59.14 -42.39 16.79
CA GLN B 440 -58.70 -41.12 16.21
C GLN B 440 -57.34 -41.28 15.55
N LEU B 441 -56.44 -42.05 16.18
CA LEU B 441 -55.10 -42.37 15.65
C LEU B 441 -55.22 -43.19 14.34
N GLU B 442 -56.15 -44.13 14.30
CA GLU B 442 -56.42 -44.95 13.13
C GLU B 442 -57.06 -44.14 12.02
N ARG B 443 -58.03 -43.27 12.35
CA ARG B 443 -58.76 -42.42 11.41
C ARG B 443 -57.84 -41.56 10.57
N VAL B 444 -56.87 -40.90 11.20
CA VAL B 444 -55.93 -40.00 10.51
C VAL B 444 -54.99 -40.82 9.58
N PHE B 445 -54.50 -42.00 10.06
CA PHE B 445 -53.67 -42.90 9.27
C PHE B 445 -54.46 -43.44 8.05
N ASN B 446 -55.71 -43.84 8.26
CA ASN B 446 -56.58 -44.39 7.21
C ASN B 446 -56.99 -43.33 6.17
N GLU B 447 -57.40 -42.12 6.62
CA GLU B 447 -57.82 -41.02 5.74
C GLU B 447 -56.65 -40.50 4.87
N VAL B 448 -55.43 -40.41 5.45
CA VAL B 448 -54.24 -39.95 4.70
C VAL B 448 -53.81 -41.06 3.71
N ARG B 449 -54.01 -42.36 4.08
CA ARG B 449 -53.70 -43.51 3.21
C ARG B 449 -54.59 -43.48 1.96
N GLU B 450 -55.90 -43.20 2.14
CA GLU B 450 -56.86 -43.09 1.03
C GLU B 450 -56.54 -41.86 0.16
N LEU B 451 -56.07 -40.76 0.78
CA LEU B 451 -55.69 -39.51 0.11
C LEU B 451 -54.49 -39.77 -0.83
N GLU B 452 -53.47 -40.54 -0.37
CA GLU B 452 -52.29 -40.91 -1.15
C GLU B 452 -52.64 -41.83 -2.35
N LYS B 453 -53.74 -42.62 -2.21
CA LYS B 453 -54.22 -43.52 -3.26
C LYS B 453 -54.89 -42.74 -4.40
N HIS B 454 -55.44 -41.53 -4.10
CA HIS B 454 -56.11 -40.67 -5.07
C HIS B 454 -55.28 -39.41 -5.35
N LEU B 472 -60.49 0.42 -18.09
CA LEU B 472 -61.19 1.22 -17.09
C LEU B 472 -60.58 2.64 -16.99
N ALA B 473 -61.37 3.65 -17.38
CA ALA B 473 -60.95 5.05 -17.36
C ALA B 473 -60.95 5.60 -15.94
N THR B 474 -59.96 6.45 -15.63
CA THR B 474 -59.78 7.03 -14.30
C THR B 474 -60.23 8.48 -14.26
N ALA B 475 -60.46 9.09 -15.43
CA ALA B 475 -60.92 10.49 -15.52
C ALA B 475 -62.25 10.66 -14.79
N VAL B 476 -62.49 11.86 -14.27
CA VAL B 476 -63.73 12.24 -13.58
C VAL B 476 -64.34 13.43 -14.27
N ASP B 477 -65.62 13.73 -14.03
CA ASP B 477 -66.24 14.90 -14.66
C ASP B 477 -65.88 16.13 -13.82
N LYS B 478 -65.92 17.33 -14.43
CA LYS B 478 -65.61 18.60 -13.76
C LYS B 478 -66.44 18.80 -12.50
N ALA B 479 -67.73 18.36 -12.52
CA ALA B 479 -68.65 18.43 -11.38
C ALA B 479 -68.11 17.67 -10.17
N MET B 480 -67.35 16.54 -10.39
CA MET B 480 -66.73 15.78 -9.31
C MET B 480 -65.65 16.61 -8.64
N LEU B 481 -64.77 17.25 -9.44
CA LEU B 481 -63.69 18.12 -8.93
C LEU B 481 -64.29 19.26 -8.12
N GLN B 482 -65.39 19.87 -8.65
CA GLN B 482 -66.09 21.00 -8.03
C GLN B 482 -66.72 20.62 -6.70
N ARG B 483 -67.35 19.44 -6.63
CA ARG B 483 -67.96 18.89 -5.41
C ARG B 483 -66.91 18.68 -4.30
N ILE B 484 -65.70 18.17 -4.65
CA ILE B 484 -64.62 17.94 -3.68
C ILE B 484 -64.09 19.29 -3.21
N GLY B 485 -64.03 20.27 -4.12
CA GLY B 485 -63.61 21.63 -3.83
C GLY B 485 -64.56 22.34 -2.87
N ASP B 486 -65.86 22.31 -3.19
CA ASP B 486 -66.93 22.90 -2.38
C ASP B 486 -67.02 22.23 -0.99
N ALA B 487 -66.72 20.92 -0.88
CA ALA B 487 -66.73 20.17 0.37
C ALA B 487 -65.77 20.78 1.42
N HIS B 488 -64.68 21.42 0.96
CA HIS B 488 -63.69 22.08 1.82
C HIS B 488 -64.26 23.36 2.47
N LEU B 489 -65.34 23.92 1.89
CA LEU B 489 -66.00 25.12 2.42
C LEU B 489 -67.37 24.80 3.04
N ALA B 490 -67.83 23.53 2.94
CA ALA B 490 -69.12 23.13 3.51
C ALA B 490 -68.91 22.73 4.99
N LEU B 491 -68.50 23.71 5.80
CA LEU B 491 -68.21 23.56 7.22
C LEU B 491 -69.45 23.35 8.06
N PRO B 492 -69.38 22.58 9.18
CA PRO B 492 -70.57 22.43 10.05
C PRO B 492 -70.97 23.78 10.64
N GLU B 493 -72.24 23.93 11.07
CA GLU B 493 -72.74 25.17 11.66
C GLU B 493 -71.93 25.56 12.89
N GLY B 494 -71.42 26.79 12.90
CA GLY B 494 -70.65 27.34 14.01
C GLY B 494 -69.22 26.84 14.12
N PHE B 495 -68.70 26.17 13.07
CA PHE B 495 -67.31 25.66 13.07
C PHE B 495 -66.33 26.83 12.92
N THR B 496 -65.30 26.90 13.80
CA THR B 496 -64.26 27.94 13.72
C THR B 496 -62.97 27.37 13.08
N VAL B 497 -62.72 27.75 11.82
CA VAL B 497 -61.51 27.32 11.10
C VAL B 497 -60.33 28.13 11.60
N HIS B 498 -59.19 27.49 11.80
CA HIS B 498 -57.95 28.16 12.14
C HIS B 498 -57.65 29.17 10.99
N PRO B 499 -57.30 30.44 11.33
CA PRO B 499 -57.04 31.45 10.29
C PRO B 499 -56.01 31.06 9.24
N ARG B 500 -55.03 30.17 9.56
CA ARG B 500 -54.01 29.75 8.58
C ARG B 500 -54.49 28.56 7.73
N VAL B 501 -55.61 27.93 8.12
CA VAL B 501 -56.17 26.77 7.43
C VAL B 501 -57.21 27.25 6.41
N ARG B 502 -58.00 28.29 6.74
CA ARG B 502 -59.04 28.90 5.91
C ARG B 502 -58.53 29.21 4.46
N PRO B 503 -57.34 29.83 4.20
CA PRO B 503 -56.91 30.08 2.79
C PRO B 503 -56.74 28.80 1.97
N VAL B 504 -56.29 27.71 2.63
CA VAL B 504 -56.10 26.39 2.04
C VAL B 504 -57.45 25.90 1.51
N LEU B 505 -58.50 26.00 2.32
CA LEU B 505 -59.84 25.54 1.93
C LEU B 505 -60.40 26.38 0.78
N GLU B 506 -60.12 27.70 0.80
CA GLU B 506 -60.55 28.64 -0.25
C GLU B 506 -59.77 28.37 -1.56
N LYS B 507 -58.46 28.13 -1.46
CA LYS B 507 -57.61 27.81 -2.62
C LYS B 507 -58.05 26.49 -3.26
N ARG B 508 -58.53 25.51 -2.47
CA ARG B 508 -58.99 24.24 -3.01
C ARG B 508 -60.28 24.42 -3.81
N ARG B 509 -61.23 25.25 -3.35
CA ARG B 509 -62.44 25.55 -4.12
C ARG B 509 -62.01 26.27 -5.43
N GLU B 510 -61.05 27.22 -5.34
CA GLU B 510 -60.50 27.94 -6.51
C GLU B 510 -59.89 26.93 -7.52
N MET B 511 -58.98 26.05 -7.05
CA MET B 511 -58.32 25.03 -7.88
C MET B 511 -59.32 24.08 -8.58
N ALA B 512 -60.37 23.64 -7.85
CA ALA B 512 -61.41 22.74 -8.36
C ALA B 512 -62.20 23.35 -9.53
N TYR B 513 -62.29 24.69 -9.60
CA TYR B 513 -63.03 25.37 -10.68
C TYR B 513 -62.11 26.02 -11.71
N GLU B 514 -60.89 26.46 -11.28
CA GLU B 514 -60.03 27.24 -12.18
C GLU B 514 -58.72 26.56 -12.62
N GLY B 515 -58.35 25.46 -11.97
CA GLY B 515 -57.13 24.76 -12.33
C GLY B 515 -55.96 25.11 -11.45
N ARG B 516 -54.72 24.85 -11.95
CA ARG B 516 -53.44 24.99 -11.23
C ARG B 516 -53.54 24.13 -9.95
N ILE B 517 -54.02 22.89 -10.09
CA ILE B 517 -54.21 21.96 -8.97
C ILE B 517 -52.85 21.42 -8.52
N ASP B 518 -52.51 21.63 -7.23
CA ASP B 518 -51.26 21.16 -6.66
C ASP B 518 -51.38 19.67 -6.24
N TRP B 519 -50.25 19.05 -5.87
CA TRP B 519 -50.13 17.65 -5.48
C TRP B 519 -51.08 17.28 -4.35
N ALA B 520 -51.08 18.06 -3.26
CA ALA B 520 -51.89 17.81 -2.08
C ALA B 520 -53.35 17.67 -2.44
N PHE B 521 -53.89 18.64 -3.20
CA PHE B 521 -55.30 18.62 -3.57
C PHE B 521 -55.62 17.48 -4.54
N ALA B 522 -54.70 17.17 -5.49
CA ALA B 522 -54.87 16.10 -6.47
C ALA B 522 -55.04 14.75 -5.78
N GLU B 523 -54.30 14.53 -4.69
CA GLU B 523 -54.41 13.32 -3.88
C GLU B 523 -55.83 13.23 -3.25
N LEU B 524 -56.34 14.36 -2.72
CA LEU B 524 -57.65 14.39 -2.08
C LEU B 524 -58.77 14.31 -3.12
N LEU B 525 -58.48 14.75 -4.35
CA LEU B 525 -59.40 14.63 -5.47
C LEU B 525 -59.52 13.16 -5.85
N ALA B 526 -58.40 12.40 -5.83
CA ALA B 526 -58.39 10.97 -6.14
C ALA B 526 -59.15 10.16 -5.07
N LEU B 527 -58.83 10.40 -3.78
CA LEU B 527 -59.47 9.74 -2.64
C LEU B 527 -60.94 10.12 -2.50
N GLY B 528 -61.25 11.41 -2.66
CA GLY B 528 -62.62 11.93 -2.58
C GLY B 528 -63.54 11.38 -3.67
N SER B 529 -63.02 11.23 -4.89
CA SER B 529 -63.80 10.69 -6.02
C SER B 529 -64.07 9.19 -5.83
N LEU B 530 -63.11 8.47 -5.21
CA LEU B 530 -63.24 7.05 -4.91
C LEU B 530 -64.33 6.84 -3.85
N ILE B 531 -64.35 7.70 -2.79
CA ILE B 531 -65.37 7.71 -1.74
C ILE B 531 -66.74 7.99 -2.39
N ALA B 532 -66.81 8.94 -3.35
CA ALA B 532 -68.05 9.30 -4.05
C ALA B 532 -68.60 8.13 -4.88
N GLU B 533 -67.70 7.25 -5.37
CA GLU B 533 -68.03 6.05 -6.14
C GLU B 533 -68.37 4.84 -5.24
N GLY B 534 -68.27 5.02 -3.93
CA GLY B 534 -68.62 3.99 -2.94
C GLY B 534 -67.46 3.25 -2.31
N LYS B 535 -66.22 3.69 -2.54
CA LYS B 535 -65.06 3.00 -2.00
C LYS B 535 -64.74 3.44 -0.58
N LEU B 536 -64.28 2.47 0.24
CA LEU B 536 -63.80 2.72 1.59
C LEU B 536 -62.34 3.13 1.44
N VAL B 537 -61.99 4.31 1.97
CA VAL B 537 -60.62 4.83 1.90
C VAL B 537 -60.09 4.96 3.32
N ARG B 538 -59.00 4.23 3.60
CA ARG B 538 -58.32 4.26 4.90
C ARG B 538 -56.94 4.81 4.65
N LEU B 539 -56.64 5.99 5.27
CA LEU B 539 -55.37 6.70 5.14
C LEU B 539 -54.79 6.97 6.52
N SER B 540 -53.53 6.62 6.73
CA SER B 540 -52.91 6.78 8.05
C SER B 540 -51.41 6.85 7.96
N GLY B 541 -50.80 7.32 9.05
CA GLY B 541 -49.37 7.50 9.19
C GLY B 541 -49.06 8.62 10.16
N GLN B 542 -47.77 8.88 10.32
CA GLN B 542 -47.33 9.87 11.30
C GLN B 542 -47.71 11.28 10.85
N ASP B 543 -48.63 11.91 11.65
CA ASP B 543 -49.18 13.25 11.43
C ASP B 543 -49.88 13.39 10.08
N THR B 544 -50.46 12.29 9.60
CA THR B 544 -51.10 12.18 8.29
C THR B 544 -52.38 13.02 8.16
N GLN B 545 -53.09 13.32 9.26
CA GLN B 545 -54.32 14.13 9.17
C GLN B 545 -54.00 15.53 8.61
N ARG B 546 -52.97 16.16 9.16
CA ARG B 546 -52.57 17.49 8.72
C ARG B 546 -51.61 17.40 7.54
N GLY B 547 -50.67 16.49 7.65
CA GLY B 547 -49.62 16.29 6.67
C GLY B 547 -48.35 16.77 7.33
N THR B 548 -47.24 15.99 7.18
CA THR B 548 -45.89 16.29 7.71
C THR B 548 -45.42 17.66 7.17
N PHE B 549 -45.77 17.98 5.91
CA PHE B 549 -45.31 19.23 5.28
C PHE B 549 -46.46 20.25 5.27
N THR B 550 -47.41 20.11 6.25
CA THR B 550 -48.60 20.96 6.49
C THR B 550 -49.41 21.14 5.20
N GLN B 551 -49.46 20.09 4.37
CA GLN B 551 -50.09 20.22 3.07
C GLN B 551 -51.44 19.53 2.96
N ARG B 552 -51.73 18.50 3.78
CA ARG B 552 -52.93 17.71 3.55
C ARG B 552 -54.23 18.33 4.10
N HIS B 553 -54.31 18.53 5.43
CA HIS B 553 -55.51 19.05 6.10
C HIS B 553 -56.74 18.18 5.73
N ALA B 554 -56.60 16.83 5.84
CA ALA B 554 -57.68 15.85 5.59
C ALA B 554 -58.65 15.95 6.73
N VAL B 555 -58.15 16.39 7.89
CA VAL B 555 -58.92 16.67 9.09
C VAL B 555 -58.58 18.09 9.52
N ILE B 556 -59.61 18.88 9.84
CA ILE B 556 -59.38 20.25 10.29
C ILE B 556 -59.97 20.40 11.69
N VAL B 557 -59.26 21.13 12.53
CA VAL B 557 -59.56 21.24 13.95
C VAL B 557 -60.12 22.60 14.28
N ASP B 558 -61.30 22.61 14.91
CA ASP B 558 -62.00 23.82 15.37
C ASP B 558 -61.10 24.55 16.35
N ARG B 559 -60.71 25.79 16.00
CA ARG B 559 -59.82 26.69 16.75
C ARG B 559 -60.36 26.98 18.19
N LYS B 560 -61.68 26.88 18.41
CA LYS B 560 -62.26 27.15 19.74
C LYS B 560 -62.64 25.88 20.54
N THR B 561 -63.17 24.83 19.88
CA THR B 561 -63.66 23.61 20.56
C THR B 561 -62.75 22.38 20.37
N GLY B 562 -61.82 22.42 19.41
CA GLY B 562 -60.95 21.28 19.14
C GLY B 562 -61.66 20.17 18.39
N GLU B 563 -62.95 20.36 18.04
CA GLU B 563 -63.75 19.39 17.27
C GLU B 563 -63.13 19.18 15.90
N GLU B 564 -63.10 17.93 15.43
CA GLU B 564 -62.53 17.57 14.13
C GLU B 564 -63.61 17.57 13.03
N PHE B 565 -63.26 18.11 11.84
CA PHE B 565 -64.13 18.10 10.65
C PHE B 565 -63.33 17.51 9.50
N THR B 566 -63.94 16.53 8.80
CA THR B 566 -63.29 15.83 7.69
C THR B 566 -64.02 16.18 6.38
N PRO B 567 -63.49 17.16 5.60
CA PRO B 567 -64.19 17.57 4.37
C PRO B 567 -64.50 16.43 3.39
N LEU B 568 -63.58 15.46 3.16
CA LEU B 568 -63.82 14.35 2.21
C LEU B 568 -64.99 13.42 2.60
N GLN B 569 -65.34 13.38 3.91
CA GLN B 569 -66.43 12.51 4.43
C GLN B 569 -67.80 12.97 3.88
N LEU B 570 -67.91 14.20 3.36
CA LEU B 570 -69.16 14.70 2.78
C LEU B 570 -69.45 14.03 1.44
N LEU B 571 -68.41 13.42 0.82
CA LEU B 571 -68.54 12.71 -0.47
C LEU B 571 -69.11 11.29 -0.29
N ALA B 572 -69.27 10.84 0.99
CA ALA B 572 -69.87 9.54 1.31
C ALA B 572 -71.40 9.62 1.14
N THR B 573 -71.92 10.84 0.91
CA THR B 573 -73.34 11.13 0.70
C THR B 573 -73.53 11.75 -0.70
N ASN B 574 -74.42 11.14 -1.52
CA ASN B 574 -74.76 11.60 -2.87
C ASN B 574 -75.48 12.96 -2.84
N PRO B 575 -75.49 13.75 -3.96
CA PRO B 575 -76.22 15.04 -3.95
C PRO B 575 -77.71 14.91 -3.59
N ASP B 576 -78.34 13.72 -3.79
CA ASP B 576 -79.75 13.50 -3.46
C ASP B 576 -79.95 13.18 -1.95
N GLY B 577 -78.84 13.00 -1.23
CA GLY B 577 -78.83 12.69 0.20
C GLY B 577 -78.66 11.23 0.57
N THR B 578 -78.55 10.33 -0.42
CA THR B 578 -78.38 8.89 -0.16
C THR B 578 -76.90 8.52 0.05
N PRO B 579 -76.56 7.51 0.89
CA PRO B 579 -75.14 7.14 1.03
C PRO B 579 -74.57 6.48 -0.23
N THR B 580 -73.28 6.68 -0.49
CA THR B 580 -72.60 6.10 -1.65
C THR B 580 -72.10 4.69 -1.31
N GLY B 581 -71.93 4.42 -0.02
CA GLY B 581 -71.35 3.16 0.46
C GLY B 581 -69.89 3.35 0.79
N GLY B 582 -69.36 4.53 0.44
CA GLY B 582 -67.98 4.91 0.71
C GLY B 582 -67.77 5.51 2.07
N LYS B 583 -66.50 5.56 2.52
CA LYS B 583 -66.10 6.11 3.82
C LYS B 583 -64.71 6.67 3.76
N PHE B 584 -64.40 7.66 4.61
CA PHE B 584 -63.04 8.17 4.72
C PHE B 584 -62.59 7.99 6.13
N LEU B 585 -61.64 7.08 6.31
CA LEU B 585 -61.08 6.73 7.61
C LEU B 585 -59.65 7.22 7.62
N VAL B 586 -59.41 8.32 8.33
CA VAL B 586 -58.08 8.92 8.34
C VAL B 586 -57.59 9.10 9.76
N TYR B 587 -56.35 8.65 10.01
CA TYR B 587 -55.79 8.69 11.34
C TYR B 587 -54.36 9.09 11.39
N ASN B 588 -53.98 9.65 12.53
CA ASN B 588 -52.60 9.85 12.92
C ASN B 588 -52.17 8.53 13.54
N SER B 589 -51.08 7.97 13.10
CA SER B 589 -50.61 6.72 13.68
C SER B 589 -49.78 6.96 14.94
N ALA B 590 -49.48 5.88 15.66
CA ALA B 590 -48.54 5.87 16.77
C ALA B 590 -47.16 6.06 16.15
N LEU B 591 -46.11 6.35 16.96
CA LEU B 591 -44.79 6.51 16.37
C LEU B 591 -44.15 5.14 16.19
N SER B 592 -44.70 4.41 15.22
CA SER B 592 -44.34 3.03 14.88
C SER B 592 -44.32 2.89 13.41
N GLU B 593 -43.38 2.07 12.89
CA GLU B 593 -43.33 1.75 11.46
C GLU B 593 -43.70 0.29 11.26
N PHE B 594 -43.04 -0.61 12.01
CA PHE B 594 -43.23 -2.07 11.96
C PHE B 594 -44.70 -2.43 12.19
N ALA B 595 -45.27 -2.06 13.37
CA ALA B 595 -46.65 -2.39 13.65
C ALA B 595 -47.63 -1.62 12.74
N ALA B 596 -47.37 -0.32 12.42
CA ALA B 596 -48.28 0.44 11.58
C ALA B 596 -48.33 -0.12 10.13
N VAL B 597 -47.16 -0.40 9.48
CA VAL B 597 -47.11 -0.96 8.12
C VAL B 597 -47.74 -2.35 8.15
N GLY B 598 -47.40 -3.14 9.19
CA GLY B 598 -48.02 -4.45 9.38
C GLY B 598 -49.53 -4.37 9.40
N PHE B 599 -50.09 -3.44 10.19
CA PHE B 599 -51.52 -3.21 10.35
C PHE B 599 -52.20 -2.89 9.01
N GLU B 600 -51.65 -1.94 8.24
CA GLU B 600 -52.22 -1.51 6.96
C GLU B 600 -52.13 -2.62 5.94
N TYR B 601 -51.03 -3.40 5.94
CA TYR B 601 -50.97 -4.58 5.07
C TYR B 601 -52.11 -5.56 5.45
N GLY B 602 -52.25 -5.82 6.75
CA GLY B 602 -53.29 -6.67 7.32
C GLY B 602 -54.69 -6.21 6.97
N TYR B 603 -54.91 -4.86 7.04
CA TYR B 603 -56.18 -4.22 6.74
C TYR B 603 -56.56 -4.46 5.26
N SER B 604 -55.59 -4.33 4.31
CA SER B 604 -55.90 -4.57 2.88
C SER B 604 -56.28 -6.05 2.61
N VAL B 605 -55.68 -6.99 3.37
CA VAL B 605 -55.99 -8.43 3.30
C VAL B 605 -57.43 -8.67 3.83
N GLY B 606 -57.77 -8.06 4.98
CA GLY B 606 -59.09 -8.15 5.60
C GLY B 606 -60.22 -7.58 4.77
N ASN B 607 -59.93 -6.54 3.94
CA ASN B 607 -60.92 -5.91 3.05
C ASN B 607 -60.28 -5.59 1.72
N PRO B 608 -60.32 -6.55 0.75
CA PRO B 608 -59.69 -6.31 -0.56
C PRO B 608 -60.33 -5.18 -1.36
N ASP B 609 -61.57 -4.77 -1.01
CA ASP B 609 -62.32 -3.69 -1.68
C ASP B 609 -61.98 -2.31 -1.12
N ALA B 610 -61.17 -2.25 -0.06
CA ALA B 610 -60.76 -0.97 0.53
C ALA B 610 -59.54 -0.39 -0.17
N MET B 611 -59.43 0.96 -0.15
CA MET B 611 -58.26 1.70 -0.61
C MET B 611 -57.49 1.98 0.67
N VAL B 612 -56.34 1.33 0.85
CA VAL B 612 -55.55 1.42 2.10
C VAL B 612 -54.21 2.03 1.82
N LEU B 613 -53.93 3.17 2.45
CA LEU B 613 -52.68 3.88 2.26
C LEU B 613 -52.01 4.15 3.58
N TRP B 614 -50.72 3.79 3.65
CA TRP B 614 -49.85 4.09 4.79
C TRP B 614 -48.83 5.08 4.33
N GLU B 615 -48.65 6.13 5.13
CA GLU B 615 -47.69 7.17 4.79
C GLU B 615 -46.55 7.22 5.80
N ALA B 616 -45.32 7.13 5.30
CA ALA B 616 -44.12 7.30 6.12
C ALA B 616 -43.94 8.79 6.39
N GLN B 617 -43.42 9.19 7.57
CA GLN B 617 -43.15 10.61 7.84
C GLN B 617 -42.21 11.11 6.78
N PHE B 618 -41.15 10.34 6.54
CA PHE B 618 -40.15 10.46 5.46
C PHE B 618 -39.91 9.02 5.03
N GLY B 619 -39.72 8.77 3.73
CA GLY B 619 -39.43 7.41 3.23
C GLY B 619 -38.30 6.70 3.96
N ASP B 620 -37.31 7.46 4.46
CA ASP B 620 -36.11 6.98 5.19
C ASP B 620 -36.41 6.13 6.45
N PHE B 621 -37.60 6.33 7.08
CA PHE B 621 -38.01 5.61 8.30
C PHE B 621 -38.73 4.29 8.02
N VAL B 622 -39.10 4.01 6.74
CA VAL B 622 -39.77 2.77 6.37
C VAL B 622 -38.84 1.54 6.61
N ASN B 623 -37.48 1.71 6.69
CA ASN B 623 -36.63 0.54 6.98
C ASN B 623 -36.92 -0.08 8.40
N GLY B 624 -37.62 0.64 9.27
CA GLY B 624 -38.06 0.13 10.57
C GLY B 624 -39.13 -0.92 10.41
N ALA B 625 -39.78 -0.92 9.23
CA ALA B 625 -40.80 -1.89 8.86
C ALA B 625 -40.27 -2.87 7.78
N GLN B 626 -38.94 -3.05 7.69
CA GLN B 626 -38.34 -3.91 6.64
C GLN B 626 -38.89 -5.33 6.65
N SER B 627 -39.06 -5.90 7.86
CA SER B 627 -39.64 -7.24 8.03
C SER B 627 -41.02 -7.34 7.34
N ILE B 628 -41.90 -6.33 7.46
CA ILE B 628 -43.22 -6.40 6.81
C ILE B 628 -43.07 -6.28 5.29
N ILE B 629 -42.19 -5.35 4.81
CA ILE B 629 -41.96 -5.15 3.39
C ILE B 629 -41.45 -6.48 2.78
N ASP B 630 -40.39 -7.05 3.37
CA ASP B 630 -39.74 -8.28 2.90
C ASP B 630 -40.63 -9.53 2.98
N GLU B 631 -41.30 -9.73 4.12
CA GLU B 631 -42.05 -10.94 4.43
C GLU B 631 -43.52 -10.97 4.06
N PHE B 632 -44.16 -9.82 3.91
CA PHE B 632 -45.59 -9.82 3.59
C PHE B 632 -45.89 -9.08 2.29
N ILE B 633 -45.53 -7.80 2.22
CA ILE B 633 -45.87 -6.89 1.10
C ILE B 633 -45.28 -7.35 -0.24
N SER B 634 -43.95 -7.51 -0.30
CA SER B 634 -43.30 -7.84 -1.59
C SER B 634 -43.44 -9.28 -2.00
N SER B 635 -43.73 -10.18 -1.06
CA SER B 635 -43.64 -11.61 -1.31
C SER B 635 -44.85 -12.50 -0.93
N GLY B 636 -45.80 -11.98 -0.16
CA GLY B 636 -46.96 -12.75 0.30
C GLY B 636 -47.79 -13.41 -0.79
N GLU B 637 -47.94 -12.79 -1.93
CA GLU B 637 -48.72 -13.36 -3.05
C GLU B 637 -48.05 -14.62 -3.62
N ALA B 638 -46.74 -14.53 -3.93
CA ALA B 638 -46.02 -15.67 -4.50
C ALA B 638 -45.87 -16.80 -3.48
N LYS B 639 -45.70 -16.47 -2.20
CA LYS B 639 -45.46 -17.50 -1.19
C LYS B 639 -46.73 -18.20 -0.71
N TRP B 640 -47.82 -17.44 -0.56
CA TRP B 640 -49.02 -18.00 0.05
C TRP B 640 -50.30 -17.78 -0.75
N GLY B 641 -50.21 -17.05 -1.88
CA GLY B 641 -51.40 -16.73 -2.66
C GLY B 641 -52.25 -15.69 -1.95
N GLN B 642 -51.65 -15.02 -0.96
CA GLN B 642 -52.32 -13.98 -0.19
C GLN B 642 -52.10 -12.65 -0.90
N LEU B 643 -53.19 -11.97 -1.23
CA LEU B 643 -53.16 -10.73 -1.98
C LEU B 643 -53.38 -9.50 -1.07
N SER B 644 -52.75 -8.41 -1.46
CA SER B 644 -52.85 -7.13 -0.77
C SER B 644 -52.75 -5.98 -1.77
N ASP B 645 -53.60 -4.97 -1.61
CA ASP B 645 -53.63 -3.79 -2.45
C ASP B 645 -53.08 -2.58 -1.67
N VAL B 646 -52.31 -2.83 -0.59
CA VAL B 646 -51.77 -1.79 0.26
C VAL B 646 -50.90 -0.77 -0.54
N VAL B 647 -51.05 0.51 -0.19
CA VAL B 647 -50.26 1.61 -0.77
C VAL B 647 -49.29 2.11 0.28
N LEU B 648 -48.02 2.21 -0.08
CA LEU B 648 -47.03 2.86 0.80
C LEU B 648 -46.65 4.19 0.15
N LEU B 649 -46.84 5.31 0.88
CA LEU B 649 -46.46 6.67 0.42
C LEU B 649 -45.17 7.02 1.12
N LEU B 650 -44.10 7.20 0.34
CA LEU B 650 -42.79 7.43 0.92
C LEU B 650 -42.21 8.78 0.47
N PRO B 651 -42.31 9.83 1.32
CA PRO B 651 -41.74 11.15 0.95
C PRO B 651 -40.24 11.00 0.70
N HIS B 652 -39.83 11.40 -0.51
CA HIS B 652 -38.51 11.17 -1.09
C HIS B 652 -38.02 12.36 -1.91
N GLY B 653 -36.73 12.65 -1.82
CA GLY B 653 -36.09 13.72 -2.60
C GLY B 653 -34.89 14.35 -1.95
N HIS B 654 -33.82 14.59 -2.73
CA HIS B 654 -32.58 15.24 -2.25
C HIS B 654 -32.82 16.75 -2.12
N GLU B 655 -32.82 17.26 -0.86
CA GLU B 655 -33.13 18.66 -0.57
C GLU B 655 -32.17 19.29 0.44
N GLY B 656 -31.13 18.57 0.86
CA GLY B 656 -30.16 19.05 1.84
C GLY B 656 -30.54 18.79 3.29
N GLN B 657 -31.51 17.88 3.53
CA GLN B 657 -31.99 17.58 4.88
C GLN B 657 -31.30 16.38 5.53
N GLY B 658 -30.24 15.85 4.91
CA GLY B 658 -29.49 14.76 5.51
C GLY B 658 -29.88 13.34 5.11
N PRO B 659 -29.04 12.37 5.53
CA PRO B 659 -29.23 10.96 5.10
C PRO B 659 -30.49 10.28 5.63
N ASP B 660 -31.20 10.87 6.61
CA ASP B 660 -32.44 10.28 7.14
C ASP B 660 -33.68 11.11 6.78
N HIS B 661 -33.52 12.14 5.92
CA HIS B 661 -34.65 12.94 5.43
C HIS B 661 -34.47 13.19 3.93
N THR B 662 -34.04 12.15 3.19
CA THR B 662 -33.78 12.27 1.76
C THR B 662 -34.31 11.09 0.92
N SER B 663 -34.16 9.84 1.41
CA SER B 663 -34.43 8.68 0.59
C SER B 663 -35.33 7.60 1.21
N GLY B 664 -36.28 7.13 0.40
CA GLY B 664 -37.13 5.98 0.70
C GLY B 664 -36.53 4.69 0.19
N ARG B 665 -35.28 4.75 -0.31
CA ARG B 665 -34.48 3.65 -0.86
C ARG B 665 -35.21 2.94 -2.03
N ILE B 666 -35.36 3.68 -3.15
CA ILE B 666 -35.96 3.22 -4.41
C ILE B 666 -35.32 1.88 -4.83
N GLU B 667 -33.95 1.82 -4.80
CA GLU B 667 -33.11 0.68 -5.20
C GLU B 667 -33.48 -0.60 -4.41
N ARG B 668 -33.92 -0.47 -3.16
CA ARG B 668 -34.29 -1.64 -2.36
C ARG B 668 -35.66 -2.18 -2.85
N PHE B 669 -36.64 -1.31 -3.10
CA PHE B 669 -37.96 -1.76 -3.59
C PHE B 669 -37.84 -2.33 -5.00
N LEU B 670 -36.95 -1.72 -5.82
CA LEU B 670 -36.71 -2.18 -7.20
C LEU B 670 -36.05 -3.56 -7.21
N GLN B 671 -35.17 -3.83 -6.21
CA GLN B 671 -34.46 -5.10 -6.05
C GLN B 671 -35.43 -6.20 -5.61
N LEU B 672 -36.39 -5.86 -4.71
CA LEU B 672 -37.40 -6.80 -4.20
C LEU B 672 -38.42 -7.21 -5.26
N TRP B 673 -38.69 -6.27 -6.20
CA TRP B 673 -39.67 -6.44 -7.28
C TRP B 673 -39.30 -7.62 -8.18
N ALA B 674 -40.35 -8.35 -8.61
CA ALA B 674 -40.40 -9.41 -9.64
C ALA B 674 -41.75 -9.26 -10.33
N GLU B 675 -41.83 -9.65 -11.62
CA GLU B 675 -43.03 -9.51 -12.46
C GLU B 675 -44.33 -9.81 -11.68
N GLY B 676 -45.19 -8.80 -11.64
CA GLY B 676 -46.49 -8.86 -11.00
C GLY B 676 -46.52 -8.88 -9.48
N SER B 677 -45.43 -8.47 -8.80
CA SER B 677 -45.50 -8.51 -7.34
C SER B 677 -45.94 -7.18 -6.78
N MET B 678 -45.41 -6.06 -7.34
CA MET B 678 -45.70 -4.71 -6.87
C MET B 678 -45.69 -3.73 -8.03
N THR B 679 -46.33 -2.57 -7.84
CA THR B 679 -46.26 -1.45 -8.76
C THR B 679 -45.41 -0.42 -8.00
N ILE B 680 -44.38 0.15 -8.65
CA ILE B 680 -43.51 1.14 -8.01
C ILE B 680 -43.50 2.41 -8.88
N ALA B 681 -43.86 3.56 -8.30
CA ALA B 681 -43.93 4.80 -9.07
C ALA B 681 -43.38 6.01 -8.34
N MET B 682 -42.89 6.98 -9.12
CA MET B 682 -42.41 8.27 -8.64
C MET B 682 -43.03 9.33 -9.55
N PRO B 683 -44.31 9.70 -9.32
CA PRO B 683 -44.97 10.66 -10.22
C PRO B 683 -44.40 12.07 -10.05
N SER B 684 -44.39 12.84 -11.15
CA SER B 684 -43.84 14.19 -11.20
C SER B 684 -44.92 15.25 -11.24
N THR B 685 -46.17 14.87 -11.56
CA THR B 685 -47.25 15.84 -11.63
C THR B 685 -48.42 15.44 -10.74
N PRO B 686 -49.17 16.43 -10.20
CA PRO B 686 -50.35 16.11 -9.38
C PRO B 686 -51.38 15.24 -10.12
N ALA B 687 -51.67 15.56 -11.40
CA ALA B 687 -52.66 14.78 -12.15
C ALA B 687 -52.22 13.33 -12.37
N ASN B 688 -50.90 13.10 -12.61
CA ASN B 688 -50.44 11.73 -12.82
C ASN B 688 -50.52 10.93 -11.53
N TYR B 689 -50.34 11.59 -10.37
CA TYR B 689 -50.48 10.95 -9.08
C TYR B 689 -51.96 10.61 -8.83
N PHE B 690 -52.87 11.53 -9.18
CA PHE B 690 -54.32 11.34 -9.07
C PHE B 690 -54.76 10.09 -9.86
N HIS B 691 -54.29 9.97 -11.12
CA HIS B 691 -54.63 8.86 -12.01
C HIS B 691 -53.99 7.56 -11.54
N LEU B 692 -52.78 7.63 -10.95
CA LEU B 692 -52.08 6.46 -10.40
C LEU B 692 -52.92 5.85 -9.25
N LEU B 693 -53.42 6.71 -8.32
CA LEU B 693 -54.24 6.28 -7.18
C LEU B 693 -55.58 5.74 -7.65
N ARG B 694 -56.22 6.40 -8.61
CA ARG B 694 -57.51 5.96 -9.14
C ARG B 694 -57.37 4.65 -9.91
N ARG B 695 -56.29 4.47 -10.72
CA ARG B 695 -56.05 3.19 -11.40
C ARG B 695 -55.89 2.07 -10.36
N HIS B 696 -55.09 2.31 -9.32
CA HIS B 696 -54.83 1.37 -8.23
C HIS B 696 -56.13 0.95 -7.49
N GLY B 697 -57.00 1.90 -7.20
CA GLY B 697 -58.25 1.58 -6.51
C GLY B 697 -59.34 0.99 -7.39
N LYS B 698 -59.24 1.12 -8.71
CA LYS B 698 -60.31 0.66 -9.62
C LYS B 698 -59.92 -0.44 -10.62
N ASP B 699 -58.63 -0.88 -10.66
CA ASP B 699 -58.14 -1.86 -11.65
C ASP B 699 -58.63 -3.31 -11.40
N GLY B 700 -59.30 -3.57 -10.28
CA GLY B 700 -59.78 -4.91 -9.92
C GLY B 700 -58.69 -5.91 -9.65
N ILE B 701 -57.46 -5.42 -9.34
CA ILE B 701 -56.25 -6.22 -9.11
C ILE B 701 -55.70 -5.93 -7.70
N GLN B 702 -55.32 -6.98 -6.96
CA GLN B 702 -54.80 -6.82 -5.61
C GLN B 702 -53.28 -6.92 -5.64
N ARG B 703 -52.61 -5.75 -5.69
CA ARG B 703 -51.16 -5.67 -5.80
C ARG B 703 -50.63 -4.45 -5.06
N PRO B 704 -49.59 -4.57 -4.21
CA PRO B 704 -49.09 -3.37 -3.52
C PRO B 704 -48.55 -2.30 -4.46
N LEU B 705 -48.75 -1.02 -4.09
CA LEU B 705 -48.28 0.14 -4.82
C LEU B 705 -47.31 0.90 -3.92
N ILE B 706 -46.08 1.13 -4.42
CA ILE B 706 -45.07 1.89 -3.68
C ILE B 706 -44.91 3.22 -4.40
N VAL B 707 -45.20 4.34 -3.68
CA VAL B 707 -45.14 5.67 -4.27
C VAL B 707 -44.10 6.51 -3.56
N PHE B 708 -43.15 7.05 -4.35
CA PHE B 708 -42.14 7.98 -3.85
C PHE B 708 -42.74 9.36 -4.09
N THR B 709 -43.20 9.99 -2.99
CA THR B 709 -43.95 11.24 -2.98
C THR B 709 -43.06 12.47 -2.70
N PRO B 710 -43.50 13.70 -3.08
CA PRO B 710 -42.61 14.86 -2.91
C PRO B 710 -42.67 15.48 -1.53
N LYS B 711 -41.79 16.48 -1.35
CA LYS B 711 -41.67 17.28 -0.14
C LYS B 711 -41.70 18.75 -0.58
N SER B 712 -40.54 19.35 -0.96
CA SER B 712 -40.52 20.74 -1.49
C SER B 712 -41.35 20.87 -2.79
N MET B 713 -41.42 19.81 -3.62
CA MET B 713 -42.17 19.80 -4.89
C MET B 713 -43.70 19.93 -4.67
N LEU B 714 -44.19 19.73 -3.42
CA LEU B 714 -45.60 19.97 -3.06
C LEU B 714 -45.98 21.45 -3.32
N ARG B 715 -45.01 22.35 -3.12
CA ARG B 715 -45.18 23.80 -3.25
C ARG B 715 -44.49 24.39 -4.49
N ASN B 716 -43.97 23.54 -5.38
CA ASN B 716 -43.31 24.02 -6.59
C ASN B 716 -44.41 24.43 -7.58
N LYS B 717 -44.44 25.73 -7.94
CA LYS B 717 -45.45 26.35 -8.81
C LYS B 717 -45.48 25.75 -10.23
N ALA B 718 -44.38 25.12 -10.69
CA ALA B 718 -44.33 24.43 -12.00
C ALA B 718 -44.98 23.05 -11.88
N ALA B 719 -45.06 22.48 -10.66
CA ALA B 719 -45.65 21.17 -10.43
C ALA B 719 -47.14 21.28 -10.07
N VAL B 720 -47.93 21.84 -11.01
CA VAL B 720 -49.39 21.99 -10.91
C VAL B 720 -50.02 21.44 -12.19
N SER B 721 -51.30 21.07 -12.14
CA SER B 721 -52.00 20.47 -13.28
C SER B 721 -53.31 21.18 -13.63
N ASP B 722 -53.70 21.12 -14.89
CA ASP B 722 -54.93 21.69 -15.41
C ASP B 722 -56.11 20.76 -15.16
N ILE B 723 -57.35 21.32 -15.16
CA ILE B 723 -58.61 20.58 -14.99
C ILE B 723 -58.69 19.43 -16.04
N ARG B 724 -58.34 19.72 -17.32
CA ARG B 724 -58.37 18.78 -18.44
C ARG B 724 -57.49 17.53 -18.18
N ASP B 725 -56.41 17.67 -17.36
CA ASP B 725 -55.52 16.55 -17.03
C ASP B 725 -56.24 15.54 -16.09
N PHE B 726 -57.31 15.98 -15.39
CA PHE B 726 -58.11 15.15 -14.48
C PHE B 726 -59.38 14.63 -15.17
N THR B 727 -59.96 15.44 -16.07
CA THR B 727 -61.23 15.13 -16.73
C THR B 727 -61.08 14.46 -18.10
N GLU B 728 -59.92 14.61 -18.78
CA GLU B 728 -59.78 14.03 -20.13
C GLU B 728 -58.47 13.28 -20.34
N SER B 729 -57.80 12.88 -19.26
CA SER B 729 -56.55 12.14 -19.39
C SER B 729 -56.60 10.83 -18.58
N LYS B 730 -55.45 10.15 -18.49
CA LYS B 730 -55.25 8.87 -17.80
C LYS B 730 -53.83 8.87 -17.22
N PHE B 731 -53.47 7.79 -16.50
CA PHE B 731 -52.11 7.63 -15.97
C PHE B 731 -51.14 7.45 -17.12
N ARG B 732 -50.05 8.19 -17.07
CA ARG B 732 -49.03 8.13 -18.09
C ARG B 732 -47.77 7.61 -17.40
N SER B 733 -47.36 6.40 -17.78
CA SER B 733 -46.19 5.71 -17.24
C SER B 733 -44.90 6.38 -17.71
N VAL B 734 -44.96 7.04 -18.87
CA VAL B 734 -43.86 7.76 -19.53
C VAL B 734 -44.40 9.13 -19.93
N LEU B 735 -43.70 10.20 -19.51
CA LEU B 735 -44.11 11.55 -19.86
C LEU B 735 -43.06 12.29 -20.65
N GLU B 736 -43.50 12.97 -21.72
CA GLU B 736 -42.67 13.84 -22.53
C GLU B 736 -42.85 15.27 -22.07
N GLU B 737 -41.95 16.16 -22.49
CA GLU B 737 -42.08 17.60 -22.22
C GLU B 737 -43.31 18.15 -22.95
N PRO B 738 -44.14 18.99 -22.28
CA PRO B 738 -45.33 19.56 -22.95
C PRO B 738 -45.06 20.33 -24.25
N MET B 739 -43.82 20.85 -24.46
CA MET B 739 -43.45 21.57 -25.67
C MET B 739 -43.52 20.66 -26.92
N TYR B 740 -43.40 19.34 -26.73
CA TYR B 740 -43.46 18.39 -27.84
C TYR B 740 -44.87 17.84 -28.04
N THR B 741 -45.60 17.57 -26.94
CA THR B 741 -46.96 17.02 -26.98
C THR B 741 -48.03 18.10 -27.24
N ASP B 742 -47.86 19.31 -26.68
CA ASP B 742 -48.85 20.38 -26.78
C ASP B 742 -48.29 21.67 -27.40
N GLY B 743 -47.00 21.92 -27.23
CA GLY B 743 -46.34 23.13 -27.74
C GLY B 743 -45.87 23.09 -29.18
N GLU B 744 -44.84 23.91 -29.48
CA GLU B 744 -44.28 24.04 -30.81
C GLU B 744 -42.82 23.54 -30.90
N GLY B 745 -42.42 22.66 -29.97
CA GLY B 745 -41.10 22.07 -29.94
C GLY B 745 -40.86 21.10 -31.07
N ASP B 746 -39.60 20.99 -31.54
CA ASP B 746 -39.21 20.10 -32.64
C ASP B 746 -38.35 18.94 -32.10
N ARG B 747 -38.93 17.72 -32.09
CA ARG B 747 -38.30 16.48 -31.63
C ARG B 747 -37.09 16.07 -32.49
N ASN B 748 -37.10 16.43 -33.78
CA ASN B 748 -36.03 16.10 -34.73
C ASN B 748 -34.72 16.87 -34.45
N LYS B 749 -34.80 18.00 -33.73
CA LYS B 749 -33.63 18.78 -33.33
C LYS B 749 -32.87 18.12 -32.16
N VAL B 750 -33.49 17.17 -31.45
CA VAL B 750 -32.92 16.51 -30.25
C VAL B 750 -31.82 15.49 -30.59
N THR B 751 -30.60 15.73 -30.02
CA THR B 751 -29.43 14.85 -30.20
C THR B 751 -29.06 14.17 -28.88
N ARG B 752 -29.42 14.77 -27.74
CA ARG B 752 -29.16 14.22 -26.40
C ARG B 752 -30.49 13.97 -25.68
N LEU B 753 -30.73 12.74 -25.25
CA LEU B 753 -31.94 12.44 -24.51
C LEU B 753 -31.61 12.15 -23.05
N LEU B 754 -32.26 12.87 -22.14
CA LEU B 754 -32.11 12.68 -20.70
C LEU B 754 -33.34 11.94 -20.17
N LEU B 755 -33.13 10.78 -19.57
CA LEU B 755 -34.20 9.98 -18.96
C LEU B 755 -34.12 10.17 -17.49
N THR B 756 -35.24 10.48 -16.86
CA THR B 756 -35.26 10.75 -15.43
C THR B 756 -36.61 10.40 -14.81
N SER B 757 -36.76 10.69 -13.52
CA SER B 757 -37.98 10.50 -12.75
C SER B 757 -37.96 11.43 -11.55
N GLY B 758 -39.12 11.93 -11.16
CA GLY B 758 -39.24 12.81 -9.99
C GLY B 758 -38.96 14.28 -10.23
N LYS B 759 -38.84 15.04 -9.11
CA LYS B 759 -38.65 16.49 -9.09
C LYS B 759 -37.43 17.01 -9.91
N ILE B 760 -36.36 16.24 -10.12
CA ILE B 760 -35.18 16.74 -10.86
C ILE B 760 -35.57 17.15 -12.31
N TYR B 761 -36.71 16.63 -12.84
CA TYR B 761 -37.24 17.01 -14.14
C TYR B 761 -37.37 18.54 -14.25
N TYR B 762 -38.00 19.18 -13.23
CA TYR B 762 -38.25 20.62 -13.19
C TYR B 762 -36.96 21.43 -13.28
N GLU B 763 -35.90 20.97 -12.58
CA GLU B 763 -34.60 21.61 -12.59
C GLU B 763 -33.95 21.45 -13.96
N LEU B 764 -34.05 20.24 -14.56
CA LEU B 764 -33.51 19.97 -15.90
C LEU B 764 -34.24 20.79 -16.95
N ALA B 765 -35.59 20.90 -16.84
CA ALA B 765 -36.43 21.68 -17.78
C ALA B 765 -36.17 23.19 -17.64
N ALA B 766 -35.91 23.68 -16.40
CA ALA B 766 -35.58 25.10 -16.14
C ALA B 766 -34.24 25.44 -16.79
N ARG B 767 -33.26 24.50 -16.72
CA ARG B 767 -31.94 24.68 -17.33
C ARG B 767 -32.05 24.65 -18.87
N LYS B 768 -32.90 23.76 -19.41
CA LYS B 768 -33.15 23.64 -20.85
C LYS B 768 -33.69 24.99 -21.39
N ALA B 769 -34.70 25.57 -20.69
CA ALA B 769 -35.35 26.84 -21.04
C ALA B 769 -34.36 28.00 -20.98
N LYS B 770 -33.52 28.06 -19.93
CA LYS B 770 -32.54 29.13 -19.71
C LYS B 770 -31.53 29.23 -20.85
N GLU B 771 -30.95 28.09 -21.28
CA GLU B 771 -29.94 28.04 -22.34
C GLU B 771 -30.55 27.79 -23.73
N ASN B 772 -31.91 27.70 -23.83
CA ASN B 772 -32.65 27.44 -25.08
C ASN B 772 -32.08 26.20 -25.81
N ARG B 773 -31.93 25.08 -25.06
CA ARG B 773 -31.35 23.85 -25.60
C ARG B 773 -32.41 22.99 -26.30
N GLU B 774 -32.53 23.20 -27.62
CA GLU B 774 -33.46 22.48 -28.49
C GLU B 774 -32.89 21.10 -28.83
N ASP B 775 -31.56 20.92 -28.65
CA ASP B 775 -30.83 19.67 -28.90
C ASP B 775 -31.00 18.63 -27.75
N VAL B 776 -31.56 19.05 -26.61
CA VAL B 776 -31.75 18.16 -25.46
C VAL B 776 -33.25 17.97 -25.14
N ALA B 777 -33.69 16.71 -24.92
CA ALA B 777 -35.05 16.41 -24.50
C ALA B 777 -35.04 15.63 -23.17
N ILE B 778 -36.06 15.86 -22.32
CA ILE B 778 -36.16 15.22 -21.03
C ILE B 778 -37.39 14.32 -21.01
N VAL B 779 -37.19 13.02 -20.81
CA VAL B 779 -38.25 12.01 -20.78
C VAL B 779 -38.35 11.46 -19.37
N ARG B 780 -39.56 11.49 -18.81
CA ARG B 780 -39.80 11.01 -17.45
C ARG B 780 -40.34 9.59 -17.43
N ILE B 781 -39.77 8.75 -16.56
CA ILE B 781 -40.24 7.38 -16.30
C ILE B 781 -41.02 7.49 -14.98
N GLU B 782 -42.35 7.61 -15.08
CA GLU B 782 -43.26 7.81 -13.94
C GLU B 782 -43.52 6.51 -13.19
N GLN B 783 -43.64 5.41 -13.95
CA GLN B 783 -43.84 4.06 -13.42
C GLN B 783 -42.50 3.35 -13.49
N LEU B 784 -41.84 3.17 -12.34
CA LEU B 784 -40.50 2.54 -12.28
C LEU B 784 -40.58 1.02 -12.42
N ALA B 785 -41.64 0.40 -11.87
CA ALA B 785 -41.86 -1.05 -11.95
C ALA B 785 -43.37 -1.36 -12.03
N PRO B 786 -43.84 -2.20 -12.99
CA PRO B 786 -43.08 -2.82 -14.09
C PRO B 786 -42.60 -1.74 -15.06
N LEU B 787 -41.46 -1.96 -15.71
CA LEU B 787 -40.93 -0.99 -16.67
C LEU B 787 -41.91 -0.84 -17.85
N PRO B 788 -42.29 0.40 -18.19
CA PRO B 788 -43.25 0.58 -19.30
C PRO B 788 -42.57 0.46 -20.65
N ARG B 789 -42.09 -0.74 -20.96
CA ARG B 789 -41.36 -1.12 -22.17
C ARG B 789 -42.01 -0.61 -23.48
N ARG B 790 -43.35 -0.86 -23.71
CA ARG B 790 -44.04 -0.41 -24.96
C ARG B 790 -44.02 1.12 -25.10
N ARG B 791 -44.47 1.84 -24.05
CA ARG B 791 -44.55 3.30 -24.05
C ARG B 791 -43.15 3.92 -24.21
N LEU B 792 -42.13 3.35 -23.55
CA LEU B 792 -40.74 3.79 -23.62
C LEU B 792 -40.18 3.59 -25.06
N ALA B 793 -40.55 2.48 -25.74
CA ALA B 793 -40.11 2.20 -27.11
C ALA B 793 -40.74 3.20 -28.08
N GLU B 794 -42.07 3.44 -27.94
CA GLU B 794 -42.82 4.35 -28.82
C GLU B 794 -42.42 5.81 -28.60
N THR B 795 -42.09 6.18 -27.33
CA THR B 795 -41.67 7.54 -26.98
C THR B 795 -40.31 7.84 -27.60
N LEU B 796 -39.29 6.99 -27.36
CA LEU B 796 -37.94 7.25 -27.88
C LEU B 796 -37.85 7.25 -29.43
N ASP B 797 -38.73 6.46 -30.10
CA ASP B 797 -38.79 6.38 -31.57
C ASP B 797 -39.12 7.71 -32.24
N ARG B 798 -39.77 8.63 -31.49
CA ARG B 798 -40.18 9.95 -31.96
C ARG B 798 -39.02 10.97 -31.98
N TYR B 799 -37.84 10.59 -31.48
CA TYR B 799 -36.61 11.39 -31.48
C TYR B 799 -35.57 10.64 -32.32
N PRO B 800 -35.65 10.73 -33.68
CA PRO B 800 -34.75 9.92 -34.51
C PRO B 800 -33.28 10.34 -34.55
N ASN B 801 -32.97 11.60 -34.22
CA ASN B 801 -31.61 12.13 -34.31
C ASN B 801 -30.82 12.06 -32.98
N VAL B 802 -31.30 11.26 -31.99
CA VAL B 802 -30.62 11.11 -30.70
C VAL B 802 -29.31 10.34 -30.93
N LYS B 803 -28.18 10.91 -30.47
CA LYS B 803 -26.86 10.30 -30.60
C LYS B 803 -26.36 9.77 -29.25
N GLU B 804 -26.93 10.27 -28.13
CA GLU B 804 -26.56 9.84 -26.76
C GLU B 804 -27.74 9.88 -25.80
N LYS B 805 -27.78 8.93 -24.87
CA LYS B 805 -28.85 8.81 -23.88
C LYS B 805 -28.26 8.72 -22.49
N PHE B 806 -28.85 9.46 -21.55
CA PHE B 806 -28.39 9.46 -20.17
C PHE B 806 -29.52 9.26 -19.19
N TRP B 807 -29.31 8.37 -18.20
CA TRP B 807 -30.23 8.22 -17.08
C TRP B 807 -29.75 9.24 -16.04
N VAL B 808 -30.62 10.20 -15.66
CA VAL B 808 -30.27 11.27 -14.72
C VAL B 808 -31.03 11.06 -13.42
N GLN B 809 -30.30 11.09 -12.29
CA GLN B 809 -30.91 10.92 -10.98
C GLN B 809 -30.15 11.70 -9.92
N GLU B 810 -30.88 12.04 -8.84
CA GLU B 810 -30.31 12.77 -7.69
C GLU B 810 -29.55 11.81 -6.80
N GLU B 811 -30.01 10.56 -6.74
CA GLU B 811 -29.48 9.54 -5.82
C GLU B 811 -28.06 9.10 -6.14
N PRO B 812 -27.27 8.70 -5.09
CA PRO B 812 -25.92 8.14 -5.33
C PRO B 812 -25.95 7.00 -6.38
N ALA B 813 -24.81 6.78 -7.09
CA ALA B 813 -24.68 5.80 -8.19
C ALA B 813 -25.16 4.38 -7.83
N ASN B 814 -24.97 3.94 -6.58
CA ASN B 814 -25.38 2.63 -6.05
C ASN B 814 -26.81 2.65 -5.52
N GLN B 815 -27.53 3.78 -5.72
CA GLN B 815 -28.90 3.95 -5.21
C GLN B 815 -29.82 4.46 -6.30
N GLY B 816 -31.07 4.74 -5.95
CA GLY B 816 -32.03 5.20 -6.94
C GLY B 816 -32.38 4.09 -7.92
N ALA B 817 -32.75 4.46 -9.15
CA ALA B 817 -33.16 3.49 -10.16
C ALA B 817 -31.99 2.96 -11.00
N TRP B 818 -30.80 3.62 -10.98
CA TRP B 818 -29.68 3.20 -11.83
C TRP B 818 -29.23 1.74 -11.63
N PRO B 819 -28.94 1.21 -10.41
CA PRO B 819 -28.48 -0.18 -10.31
C PRO B 819 -29.38 -1.17 -11.07
N SER B 820 -30.72 -0.98 -11.08
CA SER B 820 -31.58 -1.91 -11.81
C SER B 820 -31.81 -1.47 -13.26
N PHE B 821 -32.06 -0.16 -13.52
CA PHE B 821 -32.26 0.37 -14.89
C PHE B 821 -31.02 0.23 -15.77
N GLY B 822 -29.83 0.43 -15.18
CA GLY B 822 -28.55 0.34 -15.88
C GLY B 822 -28.28 -1.06 -16.39
N LEU B 823 -28.85 -2.05 -15.71
CA LEU B 823 -28.74 -3.46 -16.07
C LEU B 823 -29.93 -3.92 -16.97
N THR B 824 -31.16 -3.48 -16.66
CA THR B 824 -32.40 -3.92 -17.32
C THR B 824 -32.70 -3.24 -18.65
N LEU B 825 -32.66 -1.89 -18.73
CA LEU B 825 -33.00 -1.16 -19.96
C LEU B 825 -32.18 -1.63 -21.16
N PRO B 826 -30.83 -1.80 -21.10
CA PRO B 826 -30.12 -2.30 -22.29
C PRO B 826 -30.55 -3.72 -22.69
N GLU B 827 -31.00 -4.53 -21.71
CA GLU B 827 -31.42 -5.91 -21.93
C GLU B 827 -32.81 -6.00 -22.58
N ILE B 828 -33.84 -5.37 -21.99
CA ILE B 828 -35.23 -5.43 -22.49
C ILE B 828 -35.46 -4.54 -23.74
N LEU B 829 -34.60 -3.51 -23.99
CA LEU B 829 -34.72 -2.61 -25.16
C LEU B 829 -33.30 -2.34 -25.72
N PRO B 830 -32.60 -3.36 -26.29
CA PRO B 830 -31.22 -3.17 -26.78
C PRO B 830 -31.03 -2.13 -27.90
N ASP B 831 -32.05 -1.95 -28.75
CA ASP B 831 -31.97 -0.99 -29.86
C ASP B 831 -32.13 0.46 -29.38
N HIS B 832 -32.66 0.67 -28.17
CA HIS B 832 -32.83 2.01 -27.63
C HIS B 832 -31.85 2.32 -26.50
N PHE B 833 -31.46 1.33 -25.69
CA PHE B 833 -30.65 1.62 -24.51
C PHE B 833 -29.24 1.01 -24.46
N THR B 834 -28.69 0.58 -25.61
CA THR B 834 -27.31 0.12 -25.67
C THR B 834 -26.45 1.40 -25.65
N GLY B 835 -25.50 1.47 -24.72
CA GLY B 835 -24.66 2.65 -24.58
C GLY B 835 -25.23 3.69 -23.63
N LEU B 836 -26.33 3.35 -22.90
CA LEU B 836 -26.95 4.23 -21.91
C LEU B 836 -25.93 4.57 -20.83
N LYS B 837 -25.81 5.85 -20.48
CA LYS B 837 -24.85 6.28 -19.48
C LYS B 837 -25.57 6.90 -18.28
N ARG B 838 -24.88 6.95 -17.13
CA ARG B 838 -25.43 7.47 -15.88
C ARG B 838 -24.90 8.86 -15.53
N ILE B 839 -25.83 9.71 -15.04
CA ILE B 839 -25.54 11.02 -14.47
C ILE B 839 -26.23 10.99 -13.11
N SER B 840 -25.44 10.99 -12.03
CA SER B 840 -25.96 10.92 -10.66
C SER B 840 -24.95 11.42 -9.65
N ARG B 841 -25.30 11.31 -8.36
CA ARG B 841 -24.35 11.58 -7.30
C ARG B 841 -23.38 10.40 -7.27
N ARG B 842 -22.20 10.55 -6.66
CA ARG B 842 -21.23 9.44 -6.59
C ARG B 842 -21.81 8.35 -5.67
N ALA B 843 -21.32 7.10 -5.78
CA ALA B 843 -21.76 6.02 -4.89
C ALA B 843 -21.42 6.41 -3.45
N MET B 844 -22.37 6.21 -2.54
CA MET B 844 -22.21 6.57 -1.13
C MET B 844 -22.72 5.47 -0.21
N SER B 845 -22.07 5.32 0.98
CA SER B 845 -22.48 4.33 1.98
C SER B 845 -23.75 4.79 2.74
N ALA B 846 -24.16 6.07 2.56
CA ALA B 846 -25.39 6.63 3.13
C ALA B 846 -26.26 7.21 1.98
N PRO B 847 -27.57 7.52 2.20
CA PRO B 847 -28.40 7.98 1.07
C PRO B 847 -28.02 9.36 0.53
N SER B 848 -27.28 10.17 1.35
CA SER B 848 -26.82 11.50 0.98
C SER B 848 -25.73 11.98 1.92
N SER B 849 -25.20 13.18 1.64
CA SER B 849 -24.26 13.88 2.49
C SER B 849 -25.06 14.44 3.66
N GLY B 850 -24.41 14.67 4.79
CA GLY B 850 -25.06 15.28 5.93
C GLY B 850 -25.14 16.80 5.84
N SER B 851 -24.36 17.39 4.90
CA SER B 851 -24.25 18.85 4.70
C SER B 851 -25.16 19.38 3.59
N SER B 852 -25.97 20.40 3.90
CA SER B 852 -26.84 21.06 2.92
C SER B 852 -26.00 21.84 1.87
N LYS B 853 -24.76 22.25 2.23
CA LYS B 853 -23.85 22.96 1.33
C LYS B 853 -23.31 21.98 0.29
N VAL B 854 -22.91 20.76 0.74
CA VAL B 854 -22.41 19.68 -0.13
C VAL B 854 -23.55 19.26 -1.07
N HIS B 855 -24.76 19.14 -0.54
CA HIS B 855 -25.95 18.78 -1.33
C HIS B 855 -26.12 19.73 -2.55
N ALA B 856 -26.09 21.06 -2.28
CA ALA B 856 -26.26 22.13 -3.28
C ALA B 856 -25.20 22.05 -4.41
N VAL B 857 -23.92 21.81 -4.06
CA VAL B 857 -22.82 21.69 -5.03
C VAL B 857 -23.07 20.48 -5.91
N GLU B 858 -23.42 19.31 -5.29
CA GLU B 858 -23.71 18.06 -5.99
C GLU B 858 -24.92 18.19 -6.92
N GLN B 859 -25.96 18.90 -6.48
CA GLN B 859 -27.18 19.09 -7.28
C GLN B 859 -26.81 19.89 -8.57
N GLN B 860 -26.03 20.97 -8.42
CA GLN B 860 -25.59 21.80 -9.55
C GLN B 860 -24.66 21.02 -10.47
N GLU B 861 -23.80 20.18 -9.88
CA GLU B 861 -22.87 19.33 -10.61
C GLU B 861 -23.61 18.36 -11.55
N ILE B 862 -24.78 17.84 -11.11
CA ILE B 862 -25.63 16.93 -11.91
C ILE B 862 -26.21 17.67 -13.12
N LEU B 863 -26.77 18.87 -12.88
CA LEU B 863 -27.38 19.71 -13.91
C LEU B 863 -26.36 20.19 -14.95
N ASP B 864 -25.12 20.53 -14.50
CA ASP B 864 -24.05 20.99 -15.39
C ASP B 864 -23.57 19.84 -16.25
N THR B 865 -23.46 18.61 -15.68
CA THR B 865 -23.03 17.40 -16.40
C THR B 865 -24.07 17.04 -17.48
N ALA B 866 -25.37 17.16 -17.13
CA ALA B 866 -26.48 16.86 -18.04
C ALA B 866 -26.51 17.80 -19.25
N PHE B 867 -26.06 19.06 -19.08
CA PHE B 867 -26.04 20.05 -20.17
C PHE B 867 -24.60 20.45 -20.60
N GLY B 868 -23.60 19.66 -20.20
CA GLY B 868 -22.21 19.88 -20.55
C GLY B 868 -21.81 19.17 -21.83
N ASN C 8 58.45 14.64 -61.60
CA ASN C 8 57.18 13.92 -61.56
C ASN C 8 57.06 13.09 -60.28
N ALA C 9 58.17 12.47 -59.85
CA ALA C 9 58.27 11.68 -58.62
C ALA C 9 58.26 12.59 -57.38
N ARG C 10 58.92 13.77 -57.49
CA ARG C 10 59.01 14.79 -56.43
C ARG C 10 57.62 15.37 -56.11
N VAL C 11 56.76 15.48 -57.14
CA VAL C 11 55.38 15.98 -57.04
C VAL C 11 54.52 14.98 -56.22
N ILE C 12 54.59 13.67 -56.54
CA ILE C 12 53.85 12.58 -55.89
C ILE C 12 54.18 12.56 -54.38
N GLU C 13 55.47 12.69 -54.03
CA GLU C 13 55.97 12.73 -52.66
C GLU C 13 55.45 13.99 -51.93
N LEU C 14 55.41 15.14 -52.65
CA LEU C 14 54.92 16.42 -52.14
C LEU C 14 53.41 16.31 -51.88
N ILE C 15 52.63 15.72 -52.83
CA ILE C 15 51.19 15.49 -52.66
C ILE C 15 50.95 14.63 -51.39
N ALA C 16 51.74 13.55 -51.22
CA ALA C 16 51.64 12.66 -50.06
C ALA C 16 51.97 13.41 -48.77
N ALA C 17 52.97 14.32 -48.80
CA ALA C 17 53.43 15.11 -47.64
C ALA C 17 52.34 16.06 -47.14
N TYR C 18 51.63 16.75 -48.07
CA TYR C 18 50.53 17.63 -47.71
C TYR C 18 49.38 16.82 -47.10
N ARG C 19 49.00 15.70 -47.73
CA ARG C 19 47.92 14.83 -47.26
C ARG C 19 48.23 14.20 -45.88
N ASN C 20 49.48 13.75 -45.66
CA ASN C 20 49.90 13.10 -44.41
C ASN C 20 50.22 14.07 -43.28
N ARG C 21 50.98 15.14 -43.56
CA ARG C 21 51.54 16.05 -42.56
C ARG C 21 51.16 17.52 -42.69
N GLY C 22 50.37 17.88 -43.71
CA GLY C 22 49.94 19.28 -43.94
C GLY C 22 49.24 19.93 -42.76
N HIS C 23 48.54 19.12 -41.91
CA HIS C 23 47.83 19.53 -40.70
C HIS C 23 48.81 20.12 -39.65
N LEU C 24 50.10 19.74 -39.69
CA LEU C 24 51.12 20.28 -38.77
C LEU C 24 51.49 21.74 -39.12
N MET C 25 51.14 22.20 -40.33
CA MET C 25 51.43 23.56 -40.80
C MET C 25 50.15 24.41 -40.93
N ALA C 26 48.98 23.82 -40.63
CA ALA C 26 47.69 24.49 -40.77
C ALA C 26 47.50 25.57 -39.70
N ASP C 27 46.92 26.72 -40.10
CA ASP C 27 46.68 27.85 -39.19
C ASP C 27 45.38 27.58 -38.40
N ILE C 28 45.48 26.66 -37.41
CA ILE C 28 44.35 26.19 -36.59
C ILE C 28 44.23 26.90 -35.24
N ASP C 29 45.34 27.47 -34.72
CA ASP C 29 45.34 28.10 -33.40
C ASP C 29 44.94 29.59 -33.51
N PRO C 30 43.77 29.98 -32.98
CA PRO C 30 43.38 31.41 -33.03
C PRO C 30 44.30 32.34 -32.20
N LEU C 31 45.07 31.77 -31.22
CA LEU C 31 46.01 32.53 -30.38
C LEU C 31 47.42 32.60 -30.98
N ARG C 32 47.76 31.76 -31.98
CA ARG C 32 49.08 31.69 -32.64
C ARG C 32 50.23 31.63 -31.61
N LEU C 33 50.07 30.82 -30.55
CA LEU C 33 51.02 30.68 -29.44
C LEU C 33 52.38 30.14 -29.89
N ASP C 34 52.41 29.15 -30.79
CA ASP C 34 53.67 28.61 -31.25
C ASP C 34 54.14 29.41 -32.45
N ASN C 35 55.27 30.11 -32.29
CA ASN C 35 55.90 30.92 -33.33
C ASN C 35 56.56 30.04 -34.40
N THR C 36 57.29 28.99 -33.96
CA THR C 36 58.05 28.04 -34.80
C THR C 36 57.16 27.17 -35.72
N ARG C 37 55.84 27.14 -35.47
CA ARG C 37 54.84 26.33 -36.19
C ARG C 37 54.94 26.46 -37.73
N PHE C 38 55.05 27.68 -38.25
CA PHE C 38 55.13 27.91 -39.70
C PHE C 38 56.58 28.18 -40.16
N LEU C 53 62.47 24.07 -56.57
CA LEU C 53 62.27 23.54 -57.92
C LEU C 53 62.23 24.66 -58.97
N TRP C 54 61.25 25.60 -58.85
CA TRP C 54 60.98 26.75 -59.73
C TRP C 54 60.44 26.29 -61.12
N ASP C 55 59.61 25.22 -61.13
CA ASP C 55 58.95 24.65 -62.31
C ASP C 55 57.44 24.39 -61.98
N LEU C 56 56.82 25.40 -61.36
CA LEU C 56 55.42 25.54 -60.94
C LEU C 56 54.47 25.69 -62.13
N ASP C 57 55.00 26.10 -63.29
CA ASP C 57 54.20 26.30 -64.49
C ASP C 57 54.15 25.05 -65.39
N ARG C 58 54.99 24.05 -65.08
CA ARG C 58 55.07 22.77 -65.80
C ARG C 58 53.91 21.84 -65.42
N GLU C 59 53.34 21.16 -66.43
CA GLU C 59 52.22 20.21 -66.32
C GLU C 59 52.67 18.87 -65.77
N PHE C 60 51.91 18.33 -64.78
CA PHE C 60 52.16 17.01 -64.20
C PHE C 60 50.89 16.17 -64.19
N LYS C 61 51.03 14.85 -64.39
CA LYS C 61 49.92 13.90 -64.44
C LYS C 61 49.49 13.47 -63.04
N LYS C 71 47.19 18.82 -64.68
CA LYS C 71 47.19 20.04 -63.88
C LYS C 71 48.62 20.53 -63.57
N LYS C 72 48.83 21.86 -63.61
CA LYS C 72 50.13 22.47 -63.34
C LYS C 72 50.44 22.43 -61.83
N LEU C 73 51.72 22.25 -61.49
CA LEU C 73 52.25 22.18 -60.12
C LEU C 73 51.76 23.34 -59.23
N ARG C 74 51.66 24.59 -59.76
CA ARG C 74 51.14 25.74 -58.99
C ARG C 74 49.71 25.48 -58.51
N ASP C 75 48.88 24.83 -59.37
CA ASP C 75 47.49 24.48 -59.14
C ASP C 75 47.38 23.29 -58.21
N ILE C 76 48.33 22.34 -58.29
CA ILE C 76 48.38 21.20 -57.40
C ILE C 76 48.68 21.75 -56.00
N LEU C 77 49.72 22.63 -55.89
CA LEU C 77 50.14 23.24 -54.63
C LEU C 77 49.05 24.13 -54.01
N SER C 78 48.28 24.85 -54.84
CA SER C 78 47.23 25.73 -54.35
C SER C 78 46.09 24.92 -53.75
N VAL C 79 45.68 23.83 -54.42
CA VAL C 79 44.63 22.92 -53.95
C VAL C 79 45.05 22.28 -52.61
N LEU C 80 46.30 21.77 -52.51
CA LEU C 80 46.87 21.17 -51.29
C LEU C 80 46.94 22.17 -50.10
N ARG C 81 47.40 23.42 -50.34
CA ARG C 81 47.51 24.47 -49.32
C ARG C 81 46.12 24.91 -48.81
N ASP C 82 45.15 25.13 -49.74
CA ASP C 82 43.78 25.51 -49.40
C ASP C 82 43.04 24.42 -48.64
N ALA C 83 43.32 23.15 -48.95
CA ALA C 83 42.64 22.02 -48.33
C ALA C 83 43.23 21.62 -46.98
N TYR C 84 44.57 21.64 -46.88
CA TYR C 84 45.32 21.10 -45.73
C TYR C 84 46.10 22.08 -44.88
N CYS C 85 46.34 23.32 -45.35
CA CYS C 85 47.21 24.27 -44.65
C CYS C 85 46.58 25.65 -44.44
N ARG C 86 45.27 25.69 -44.17
CA ARG C 86 44.56 26.94 -43.88
C ARG C 86 43.93 26.82 -42.49
N HIS C 87 42.60 26.96 -42.35
CA HIS C 87 42.00 26.90 -41.01
C HIS C 87 41.57 25.50 -40.60
N VAL C 88 41.76 24.50 -41.49
CA VAL C 88 41.39 23.12 -41.20
C VAL C 88 42.61 22.21 -41.34
N GLY C 89 42.95 21.54 -40.25
CA GLY C 89 44.00 20.53 -40.20
C GLY C 89 43.33 19.18 -40.34
N VAL C 90 43.60 18.46 -41.44
CA VAL C 90 42.95 17.17 -41.71
C VAL C 90 43.87 15.97 -41.46
N GLU C 91 43.45 15.07 -40.55
CA GLU C 91 44.15 13.82 -40.29
C GLU C 91 43.31 12.67 -40.79
N TYR C 92 43.76 11.95 -41.81
CA TYR C 92 42.95 10.86 -42.37
C TYR C 92 43.75 9.76 -43.02
N THR C 93 45.07 9.95 -43.25
CA THR C 93 45.86 8.92 -43.95
C THR C 93 46.23 7.74 -43.03
N HIS C 94 45.82 7.80 -41.75
CA HIS C 94 46.00 6.70 -40.80
C HIS C 94 44.90 5.64 -41.00
N ILE C 95 43.78 6.05 -41.64
CA ILE C 95 42.60 5.22 -41.93
C ILE C 95 42.99 4.06 -42.89
N LEU C 96 42.77 2.81 -42.43
CA LEU C 96 43.11 1.60 -43.17
C LEU C 96 42.19 1.35 -44.38
N GLU C 97 40.94 1.82 -44.36
CA GLU C 97 40.00 1.63 -45.47
C GLU C 97 40.32 2.65 -46.58
N PRO C 98 40.77 2.20 -47.79
CA PRO C 98 41.12 3.17 -48.85
C PRO C 98 39.93 3.97 -49.40
N GLU C 99 38.72 3.39 -49.37
CA GLU C 99 37.51 4.06 -49.85
C GLU C 99 37.16 5.28 -48.94
N GLN C 100 37.48 5.18 -47.64
CA GLN C 100 37.23 6.27 -46.67
C GLN C 100 38.23 7.41 -46.91
N GLN C 101 39.52 7.08 -47.19
CA GLN C 101 40.58 8.05 -47.53
C GLN C 101 40.24 8.78 -48.82
N ARG C 102 39.73 8.06 -49.81
CA ARG C 102 39.31 8.60 -51.11
C ARG C 102 38.12 9.55 -50.96
N TRP C 103 37.13 9.17 -50.15
CA TRP C 103 35.93 9.97 -49.87
C TRP C 103 36.31 11.35 -49.29
N ILE C 104 37.23 11.35 -48.27
CA ILE C 104 37.72 12.58 -47.63
C ILE C 104 38.52 13.41 -48.64
N GLN C 105 39.52 12.82 -49.34
CA GLN C 105 40.33 13.44 -50.39
C GLN C 105 39.49 14.20 -51.39
N GLU C 106 38.46 13.53 -51.96
CA GLU C 106 37.58 14.11 -52.98
C GLU C 106 36.80 15.32 -52.47
N ARG C 107 36.31 15.28 -51.21
CA ARG C 107 35.53 16.37 -50.65
C ARG C 107 36.39 17.55 -50.13
N VAL C 108 37.65 17.28 -49.78
CA VAL C 108 38.57 18.26 -49.21
C VAL C 108 39.42 18.95 -50.32
N GLU C 109 39.84 18.19 -51.36
CA GLU C 109 40.68 18.68 -52.45
C GLU C 109 39.88 19.17 -53.68
N THR C 110 38.70 19.77 -53.47
CA THR C 110 37.86 20.30 -54.54
C THR C 110 37.43 21.71 -54.21
N LYS C 111 37.29 22.58 -55.25
CA LYS C 111 36.89 23.98 -55.15
C LYS C 111 35.49 24.03 -54.54
N HIS C 112 35.44 24.43 -53.26
CA HIS C 112 34.20 24.51 -52.47
C HIS C 112 33.36 25.71 -52.88
N ASP C 113 32.04 25.53 -52.88
CA ASP C 113 31.10 26.60 -53.19
C ASP C 113 31.03 27.54 -52.00
N LYS C 114 31.35 28.83 -52.21
CA LYS C 114 31.33 29.84 -51.16
C LYS C 114 29.92 29.96 -50.58
N PRO C 115 29.74 30.03 -49.23
CA PRO C 115 28.37 30.09 -48.68
C PRO C 115 27.62 31.35 -49.13
N THR C 116 26.29 31.23 -49.29
CA THR C 116 25.44 32.35 -49.68
C THR C 116 25.36 33.33 -48.51
N VAL C 117 25.09 34.63 -48.81
CA VAL C 117 24.99 35.71 -47.83
C VAL C 117 23.99 35.31 -46.73
N ALA C 118 22.86 34.65 -47.10
CA ALA C 118 21.83 34.16 -46.16
C ALA C 118 22.42 33.16 -45.15
N GLU C 119 23.31 32.25 -45.60
CA GLU C 119 23.98 31.24 -44.76
C GLU C 119 25.00 31.92 -43.84
N GLN C 120 25.73 32.90 -44.38
CA GLN C 120 26.73 33.69 -43.64
C GLN C 120 26.06 34.52 -42.55
N LYS C 121 24.89 35.13 -42.87
CA LYS C 121 24.10 35.93 -41.93
C LYS C 121 23.50 35.01 -40.87
N TYR C 122 23.08 33.80 -41.27
CA TYR C 122 22.53 32.81 -40.34
C TYR C 122 23.60 32.37 -39.33
N ILE C 123 24.85 32.10 -39.81
CA ILE C 123 25.97 31.73 -38.95
C ILE C 123 26.19 32.88 -37.96
N LEU C 124 26.27 34.12 -38.46
CA LEU C 124 26.47 35.33 -37.66
C LEU C 124 25.38 35.48 -36.58
N SER C 125 24.11 35.23 -36.93
CA SER C 125 23.00 35.30 -35.96
C SER C 125 23.17 34.25 -34.82
N LYS C 126 23.78 33.06 -35.10
CA LYS C 126 24.06 32.05 -34.05
C LYS C 126 25.19 32.56 -33.13
N LEU C 127 26.19 33.25 -33.72
CA LEU C 127 27.29 33.87 -32.97
C LEU C 127 26.77 35.04 -32.10
N ASN C 128 25.84 35.86 -32.64
CA ASN C 128 25.16 36.95 -31.94
C ASN C 128 24.41 36.40 -30.71
N ALA C 129 23.53 35.41 -30.91
CA ALA C 129 22.78 34.76 -29.82
C ALA C 129 23.71 34.13 -28.77
N ALA C 130 24.76 33.40 -29.18
CA ALA C 130 25.67 32.73 -28.22
C ALA C 130 26.45 33.72 -27.38
N GLU C 131 27.00 34.75 -28.02
CA GLU C 131 27.75 35.75 -27.31
C GLU C 131 26.84 36.65 -26.46
N ALA C 132 25.58 36.86 -26.85
CA ALA C 132 24.65 37.67 -26.05
C ALA C 132 24.25 36.93 -24.79
N PHE C 133 24.13 35.57 -24.89
CA PHE C 133 23.85 34.67 -23.79
C PHE C 133 25.03 34.69 -22.77
N GLU C 134 26.28 34.70 -23.29
CA GLU C 134 27.48 34.73 -22.44
C GLU C 134 27.59 36.02 -21.63
N THR C 135 27.32 37.16 -22.28
CA THR C 135 27.36 38.49 -21.68
C THR C 135 26.32 38.57 -20.56
N PHE C 136 25.07 38.17 -20.85
CA PHE C 136 23.98 38.14 -19.90
C PHE C 136 24.34 37.29 -18.67
N LEU C 137 24.87 36.08 -18.88
CA LEU C 137 25.22 35.14 -17.83
C LEU C 137 26.24 35.72 -16.84
N GLN C 138 27.30 36.37 -17.35
CA GLN C 138 28.35 36.94 -16.51
C GLN C 138 27.94 38.26 -15.81
N THR C 139 26.93 38.97 -16.34
CA THR C 139 26.47 40.25 -15.81
C THR C 139 25.32 40.08 -14.82
N LYS C 140 24.32 39.24 -15.17
CA LYS C 140 23.12 39.01 -14.36
C LYS C 140 23.41 38.24 -13.09
N TYR C 141 24.18 37.14 -13.19
CA TYR C 141 24.42 36.30 -12.04
C TYR C 141 25.88 36.27 -11.57
N VAL C 142 26.05 35.97 -10.28
CA VAL C 142 27.32 35.79 -9.59
C VAL C 142 27.69 34.31 -9.68
N GLY C 143 28.98 34.01 -9.67
CA GLY C 143 29.50 32.65 -9.67
C GLY C 143 29.21 31.83 -10.91
N GLN C 144 29.22 32.47 -12.09
CA GLN C 144 28.96 31.78 -13.37
C GLN C 144 30.20 31.71 -14.27
N LYS C 145 31.37 32.24 -13.83
CA LYS C 145 32.58 32.30 -14.66
C LYS C 145 33.08 30.92 -15.08
N ARG C 146 32.92 29.90 -14.22
CA ARG C 146 33.38 28.54 -14.51
C ARG C 146 32.56 27.85 -15.63
N PHE C 147 31.42 28.44 -16.01
CA PHE C 147 30.58 27.90 -17.09
C PHE C 147 30.70 28.71 -18.39
N SER C 148 31.51 29.78 -18.38
CA SER C 148 31.68 30.67 -19.51
C SER C 148 32.18 29.93 -20.77
N LEU C 149 31.48 30.20 -21.88
CA LEU C 149 31.80 29.67 -23.21
C LEU C 149 32.58 30.73 -24.01
N GLU C 150 32.91 31.88 -23.38
CA GLU C 150 33.64 32.99 -24.02
C GLU C 150 35.00 32.54 -24.56
N GLY C 151 35.23 32.81 -25.84
CA GLY C 151 36.40 32.40 -26.58
C GLY C 151 36.16 31.10 -27.34
N ALA C 152 34.96 30.47 -27.14
CA ALA C 152 34.56 29.21 -27.75
C ALA C 152 33.12 29.25 -28.25
N GLU C 153 32.59 30.46 -28.51
CA GLU C 153 31.19 30.66 -28.95
C GLU C 153 30.89 30.01 -30.30
N THR C 154 31.94 29.82 -31.15
CA THR C 154 31.81 29.18 -32.45
C THR C 154 31.27 27.73 -32.32
N VAL C 155 31.40 27.09 -31.11
CA VAL C 155 30.82 25.75 -30.91
C VAL C 155 29.28 25.78 -31.15
N ILE C 156 28.59 26.93 -30.91
CA ILE C 156 27.14 27.04 -31.11
C ILE C 156 26.82 26.95 -32.63
N PRO C 157 27.34 27.78 -33.59
CA PRO C 157 27.03 27.53 -35.01
C PRO C 157 27.58 26.18 -35.53
N MET C 158 28.64 25.62 -34.88
CA MET C 158 29.17 24.32 -35.27
C MET C 158 28.18 23.19 -34.90
N MET C 159 27.61 23.22 -33.66
CA MET C 159 26.62 22.23 -33.22
C MET C 159 25.34 22.35 -34.03
N ASP C 160 24.99 23.59 -34.40
CA ASP C 160 23.80 23.89 -35.21
C ASP C 160 23.93 23.25 -36.59
N ALA C 161 25.14 23.33 -37.20
CA ALA C 161 25.41 22.76 -38.52
C ALA C 161 25.36 21.21 -38.46
N VAL C 162 25.85 20.59 -37.36
CA VAL C 162 25.78 19.13 -37.14
C VAL C 162 24.30 18.70 -37.21
N ILE C 163 23.45 19.33 -36.36
CA ILE C 163 22.04 19.00 -36.21
C ILE C 163 21.27 19.31 -37.49
N ASP C 164 21.53 20.47 -38.12
CA ASP C 164 20.90 20.84 -39.39
C ASP C 164 21.27 19.83 -40.47
N GLN C 165 22.55 19.38 -40.51
CA GLN C 165 22.98 18.35 -41.48
C GLN C 165 22.29 17.01 -41.18
N CYS C 166 22.09 16.66 -39.90
CA CYS C 166 21.40 15.41 -39.53
C CYS C 166 19.94 15.49 -40.01
N ALA C 167 19.29 16.67 -39.90
CA ALA C 167 17.93 16.89 -40.37
C ALA C 167 17.86 16.85 -41.89
N GLU C 168 18.95 17.26 -42.57
CA GLU C 168 19.05 17.24 -44.03
C GLU C 168 19.06 15.79 -44.54
N HIS C 169 19.66 14.87 -43.73
CA HIS C 169 19.72 13.43 -44.00
C HIS C 169 18.40 12.71 -43.60
N GLY C 170 17.41 13.47 -43.10
CA GLY C 170 16.11 12.96 -42.68
C GLY C 170 16.15 12.07 -41.46
N LEU C 171 17.14 12.29 -40.58
CA LEU C 171 17.33 11.50 -39.36
C LEU C 171 16.30 11.91 -38.26
N ASP C 172 16.14 11.04 -37.26
CA ASP C 172 15.12 11.21 -36.24
C ASP C 172 15.52 12.04 -35.01
N GLU C 173 16.75 11.89 -34.51
CA GLU C 173 17.14 12.57 -33.28
C GLU C 173 18.64 12.69 -33.18
N VAL C 174 19.08 13.71 -32.45
CA VAL C 174 20.47 13.97 -32.08
C VAL C 174 20.48 14.03 -30.56
N VAL C 175 21.24 13.16 -29.95
CA VAL C 175 21.35 13.12 -28.49
C VAL C 175 22.74 13.65 -28.14
N ILE C 176 22.76 14.69 -27.31
CA ILE C 176 23.98 15.34 -26.86
C ILE C 176 24.36 14.90 -25.46
N ALA C 177 25.67 14.78 -25.25
CA ALA C 177 26.33 14.61 -23.96
C ALA C 177 27.47 15.61 -23.93
N MET C 178 27.61 16.32 -22.83
CA MET C 178 28.62 17.37 -22.70
C MET C 178 28.95 17.66 -21.25
N PRO C 179 30.13 18.28 -20.97
CA PRO C 179 30.40 18.77 -19.60
C PRO C 179 29.66 20.11 -19.39
N HIS C 180 29.87 20.79 -18.23
CA HIS C 180 29.14 22.00 -17.86
C HIS C 180 29.43 23.27 -18.71
N ARG C 181 30.66 23.45 -19.27
CA ARG C 181 31.00 24.66 -20.03
C ARG C 181 30.06 24.90 -21.24
N GLY C 182 29.33 26.01 -21.17
CA GLY C 182 28.39 26.47 -22.20
C GLY C 182 27.08 25.72 -22.28
N ARG C 183 26.76 24.93 -21.24
CA ARG C 183 25.57 24.08 -21.22
C ARG C 183 24.25 24.82 -21.36
N LEU C 184 24.04 25.90 -20.59
CA LEU C 184 22.79 26.65 -20.67
C LEU C 184 22.68 27.40 -22.01
N ASN C 185 23.82 27.74 -22.62
CA ASN C 185 23.87 28.38 -23.93
C ASN C 185 23.41 27.36 -24.97
N VAL C 186 23.84 26.09 -24.80
CA VAL C 186 23.45 24.94 -25.65
C VAL C 186 21.96 24.72 -25.47
N LEU C 187 21.47 24.78 -24.22
CA LEU C 187 20.03 24.62 -23.96
C LEU C 187 19.19 25.63 -24.72
N ALA C 188 19.59 26.92 -24.66
CA ALA C 188 18.87 28.00 -25.31
C ALA C 188 19.04 28.03 -26.83
N ASN C 189 20.27 27.85 -27.32
CA ASN C 189 20.54 28.07 -28.75
C ASN C 189 20.66 26.82 -29.62
N ILE C 190 20.60 25.62 -29.04
CA ILE C 190 20.67 24.38 -29.80
C ILE C 190 19.43 23.53 -29.50
N VAL C 191 19.16 23.27 -28.20
CA VAL C 191 18.02 22.46 -27.74
C VAL C 191 16.74 23.30 -27.94
N GLY C 192 16.86 24.63 -27.86
CA GLY C 192 15.78 25.57 -28.07
C GLY C 192 14.86 25.71 -26.87
N LYS C 193 15.40 25.49 -25.66
CA LYS C 193 14.62 25.64 -24.43
C LYS C 193 14.40 27.13 -24.15
N PRO C 194 13.17 27.58 -23.81
CA PRO C 194 12.99 29.01 -23.50
C PRO C 194 13.68 29.40 -22.18
N TYR C 195 14.07 30.69 -22.04
CA TYR C 195 14.77 31.23 -20.87
C TYR C 195 13.95 31.03 -19.59
N SER C 196 12.60 31.09 -19.72
CA SER C 196 11.63 30.89 -18.62
C SER C 196 11.88 29.58 -17.88
N GLN C 197 12.30 28.52 -18.59
CA GLN C 197 12.55 27.22 -17.97
C GLN C 197 14.00 27.07 -17.53
N ILE C 198 14.96 27.52 -18.37
CA ILE C 198 16.40 27.47 -18.07
C ILE C 198 16.73 28.18 -16.75
N PHE C 199 16.13 29.36 -16.51
CA PHE C 199 16.44 30.19 -15.36
C PHE C 199 15.34 30.17 -14.28
N SER C 200 14.28 29.36 -14.46
CA SER C 200 13.19 29.14 -13.49
C SER C 200 13.78 28.70 -12.15
N GLU C 201 13.72 29.61 -11.15
CA GLU C 201 14.20 29.45 -9.76
C GLU C 201 15.71 29.08 -9.74
N PHE C 202 16.53 29.97 -10.29
CA PHE C 202 17.99 29.82 -10.42
C PHE C 202 18.68 30.22 -9.13
N ASP C 216 25.06 24.76 -9.90
CA ASP C 216 23.62 24.56 -10.07
C ASP C 216 23.31 23.18 -10.70
N VAL C 217 22.19 22.56 -10.24
CA VAL C 217 21.71 21.26 -10.72
C VAL C 217 21.32 21.39 -12.21
N LYS C 218 20.89 22.60 -12.67
CA LYS C 218 20.55 22.88 -14.08
C LYS C 218 21.69 22.49 -15.06
N TYR C 219 22.96 22.51 -14.58
CA TYR C 219 24.16 22.12 -15.34
C TYR C 219 24.36 20.61 -15.40
N HIS C 220 23.44 19.84 -14.83
CA HIS C 220 23.58 18.38 -14.85
C HIS C 220 22.30 17.67 -15.32
N LEU C 221 21.21 18.41 -15.57
CA LEU C 221 19.93 17.79 -15.95
C LEU C 221 19.81 17.40 -17.43
N GLY C 222 18.88 16.49 -17.70
CA GLY C 222 18.53 16.12 -19.05
C GLY C 222 17.59 17.18 -19.61
N ALA C 223 17.42 17.20 -20.93
CA ALA C 223 16.51 18.12 -21.61
C ALA C 223 16.12 17.57 -22.96
N THR C 224 14.97 18.00 -23.49
CA THR C 224 14.50 17.57 -24.80
C THR C 224 13.85 18.74 -25.54
N GLY C 225 14.03 18.75 -26.85
CA GLY C 225 13.49 19.80 -27.72
C GLY C 225 13.39 19.36 -29.17
N THR C 226 12.93 20.26 -30.03
CA THR C 226 12.77 20.05 -31.47
C THR C 226 13.53 21.12 -32.21
N TYR C 227 14.36 20.68 -33.16
CA TYR C 227 15.12 21.59 -34.01
C TYR C 227 14.40 21.71 -35.33
N ILE C 228 14.12 22.94 -35.75
CA ILE C 228 13.45 23.20 -37.03
C ILE C 228 14.48 23.84 -37.96
N GLN C 229 14.69 23.26 -39.15
CA GLN C 229 15.64 23.77 -40.15
C GLN C 229 15.26 25.19 -40.60
N MET C 230 16.26 26.07 -40.66
CA MET C 230 16.12 27.46 -41.08
C MET C 230 15.81 27.54 -42.58
N PHE C 231 16.59 26.83 -43.42
CA PHE C 231 16.48 26.85 -44.88
C PHE C 231 15.85 25.57 -45.45
N GLY C 232 15.77 24.53 -44.64
CA GLY C 232 15.20 23.25 -45.06
C GLY C 232 13.77 23.10 -44.57
N ASP C 233 13.13 21.98 -44.99
CA ASP C 233 11.76 21.68 -44.64
C ASP C 233 11.66 20.54 -43.60
N ASN C 234 12.79 20.18 -42.98
CA ASN C 234 12.78 19.10 -42.00
C ASN C 234 12.95 19.59 -40.58
N ASP C 235 12.54 18.75 -39.64
CA ASP C 235 12.74 18.97 -38.22
C ASP C 235 13.38 17.69 -37.65
N ILE C 236 14.01 17.83 -36.49
CA ILE C 236 14.69 16.72 -35.84
C ILE C 236 14.60 16.91 -34.33
N GLU C 237 14.49 15.80 -33.59
CA GLU C 237 14.45 15.85 -32.14
C GLU C 237 15.87 16.08 -31.62
N VAL C 238 16.00 16.90 -30.59
CA VAL C 238 17.30 17.19 -29.97
C VAL C 238 17.14 17.01 -28.47
N SER C 239 17.99 16.18 -27.89
CA SER C 239 17.98 15.95 -26.45
C SER C 239 19.39 16.05 -25.90
N LEU C 240 19.47 16.31 -24.61
CA LEU C 240 20.69 16.44 -23.85
C LEU C 240 20.57 15.47 -22.68
N THR C 241 21.60 14.70 -22.45
CA THR C 241 21.48 13.74 -21.36
C THR C 241 22.04 14.34 -20.04
N ALA C 242 21.59 13.74 -18.92
CA ALA C 242 22.03 14.10 -17.57
C ALA C 242 23.47 13.59 -17.34
N ASN C 243 24.30 14.29 -16.51
CA ASN C 243 25.67 13.84 -16.25
C ASN C 243 26.22 14.38 -14.93
N PRO C 244 27.22 13.69 -14.33
CA PRO C 244 27.82 14.23 -13.11
C PRO C 244 28.94 15.22 -13.46
N SER C 245 29.71 15.67 -12.45
CA SER C 245 30.83 16.57 -12.68
C SER C 245 32.03 15.81 -13.25
N HIS C 246 32.05 14.48 -13.07
CA HIS C 246 33.08 13.54 -13.55
C HIS C 246 33.13 13.61 -15.06
N LEU C 247 34.10 14.37 -15.55
CA LEU C 247 34.31 14.60 -16.96
C LEU C 247 34.49 13.28 -17.69
N GLU C 248 33.80 13.15 -18.82
CA GLU C 248 33.84 12.02 -19.74
C GLU C 248 33.09 10.77 -19.22
N ALA C 249 32.67 10.71 -17.94
CA ALA C 249 31.99 9.49 -17.43
C ALA C 249 30.66 9.19 -18.15
N VAL C 250 29.99 10.22 -18.71
CA VAL C 250 28.73 10.16 -19.46
C VAL C 250 28.93 9.57 -20.88
N ASP C 251 30.19 9.53 -21.37
CA ASP C 251 30.48 9.07 -22.74
C ASP C 251 29.85 7.69 -23.05
N PRO C 252 30.05 6.62 -22.25
CA PRO C 252 29.41 5.34 -22.60
C PRO C 252 27.90 5.35 -22.37
N VAL C 253 27.43 6.21 -21.42
CA VAL C 253 26.01 6.35 -21.06
C VAL C 253 25.26 6.87 -22.28
N LEU C 254 25.86 7.89 -22.96
CA LEU C 254 25.33 8.47 -24.18
C LEU C 254 25.14 7.36 -25.22
N GLU C 255 26.18 6.57 -25.45
CA GLU C 255 26.17 5.46 -26.44
C GLU C 255 25.07 4.44 -26.14
N GLY C 256 24.94 4.04 -24.87
CA GLY C 256 23.91 3.10 -24.46
C GLY C 256 22.51 3.62 -24.72
N LEU C 257 22.28 4.89 -24.33
CA LEU C 257 21.01 5.61 -24.49
C LEU C 257 20.61 5.69 -25.96
N VAL C 258 21.56 6.06 -26.84
CA VAL C 258 21.33 6.18 -28.29
C VAL C 258 21.00 4.80 -28.89
N ARG C 259 21.82 3.77 -28.55
CA ARG C 259 21.58 2.39 -29.03
C ARG C 259 20.18 1.90 -28.62
N ALA C 260 19.71 2.20 -27.36
CA ALA C 260 18.36 1.82 -26.93
C ALA C 260 17.29 2.52 -27.78
N LYS C 261 17.52 3.79 -28.14
CA LYS C 261 16.60 4.59 -28.98
C LYS C 261 16.59 4.07 -30.43
N GLN C 262 17.75 3.69 -30.97
CA GLN C 262 17.90 3.05 -32.29
C GLN C 262 17.18 1.69 -32.34
N ASP C 263 17.32 0.84 -31.30
CA ASP C 263 16.64 -0.46 -31.28
C ASP C 263 15.13 -0.27 -31.29
N LEU C 264 14.61 0.72 -30.51
CA LEU C 264 13.18 1.06 -30.46
C LEU C 264 12.65 1.53 -31.81
N LEU C 265 13.48 2.28 -32.56
CA LEU C 265 13.11 2.83 -33.85
C LEU C 265 13.33 1.87 -35.01
N ASP C 266 13.83 0.64 -34.71
CA ASP C 266 14.12 -0.41 -35.69
C ASP C 266 15.10 0.15 -36.75
N THR C 267 16.15 0.88 -36.27
CA THR C 267 17.18 1.50 -37.09
C THR C 267 18.58 1.06 -36.61
N GLY C 268 19.45 0.73 -37.55
CA GLY C 268 20.80 0.30 -37.23
C GLY C 268 20.99 -1.20 -37.11
N GLU C 269 21.97 -1.60 -36.24
CA GLU C 269 22.44 -2.96 -35.99
C GLU C 269 21.30 -3.96 -35.73
N GLU C 270 20.31 -3.60 -34.88
CA GLU C 270 19.20 -4.48 -34.55
C GLU C 270 17.90 -4.04 -35.26
N GLY C 271 18.06 -3.28 -36.33
CA GLY C 271 16.93 -2.79 -37.12
C GLY C 271 16.86 -3.29 -38.54
N SER C 272 15.71 -3.03 -39.19
CA SER C 272 15.46 -3.39 -40.58
C SER C 272 16.25 -2.48 -41.53
N ASP C 273 16.50 -1.22 -41.11
CA ASP C 273 17.27 -0.25 -41.89
C ASP C 273 18.67 -0.06 -41.29
N ASN C 274 19.62 0.42 -42.11
CA ASN C 274 20.98 0.69 -41.66
C ASN C 274 21.24 2.21 -41.59
N ARG C 275 20.18 3.01 -41.28
CA ARG C 275 20.30 4.47 -41.18
C ARG C 275 20.93 4.94 -39.87
N PHE C 276 20.73 4.19 -38.73
CA PHE C 276 21.22 4.58 -37.38
C PHE C 276 20.71 6.02 -37.15
N SER C 277 19.39 6.20 -37.36
CA SER C 277 18.68 7.49 -37.39
C SER C 277 18.75 8.30 -36.08
N VAL C 278 19.41 7.80 -35.02
CA VAL C 278 19.64 8.53 -33.77
C VAL C 278 21.16 8.73 -33.71
N VAL C 279 21.58 9.99 -33.61
CA VAL C 279 22.98 10.37 -33.69
C VAL C 279 23.53 10.84 -32.34
N PRO C 280 24.62 10.20 -31.85
CA PRO C 280 25.27 10.72 -30.63
C PRO C 280 26.17 11.90 -30.99
N LEU C 281 25.94 13.04 -30.33
CA LEU C 281 26.78 14.23 -30.45
C LEU C 281 27.47 14.41 -29.11
N MET C 282 28.77 14.11 -29.05
CA MET C 282 29.49 14.09 -27.79
C MET C 282 30.49 15.22 -27.70
N LEU C 283 30.31 16.10 -26.69
CA LEU C 283 31.23 17.21 -26.46
C LEU C 283 32.22 16.84 -25.39
N HIS C 284 33.40 17.39 -25.52
CA HIS C 284 34.54 17.14 -24.62
C HIS C 284 35.35 18.40 -24.39
N GLY C 285 36.17 18.36 -23.32
CA GLY C 285 37.21 19.35 -23.05
C GLY C 285 38.52 18.73 -23.50
N ASP C 286 39.56 19.53 -23.84
CA ASP C 286 40.84 19.02 -24.35
C ASP C 286 41.64 18.23 -23.30
N ALA C 287 41.70 18.67 -22.03
CA ALA C 287 42.47 17.94 -21.02
C ALA C 287 41.79 16.60 -20.69
N ALA C 288 40.44 16.63 -20.57
CA ALA C 288 39.66 15.43 -20.17
C ALA C 288 39.65 14.36 -21.26
N PHE C 289 39.57 14.80 -22.55
CA PHE C 289 39.54 13.87 -23.69
C PHE C 289 40.81 13.03 -23.77
N ALA C 290 41.95 13.61 -23.40
CA ALA C 290 43.25 12.92 -23.47
C ALA C 290 43.59 12.10 -22.21
N GLY C 291 43.08 12.49 -21.05
CA GLY C 291 43.47 11.84 -19.81
C GLY C 291 42.54 10.79 -19.23
N GLN C 292 41.27 10.78 -19.65
CA GLN C 292 40.27 9.87 -19.09
C GLN C 292 40.22 8.58 -19.89
N GLY C 293 40.48 7.45 -19.22
CA GLY C 293 40.50 6.11 -19.83
C GLY C 293 39.18 5.70 -20.44
N VAL C 294 38.09 6.27 -19.94
CA VAL C 294 36.73 5.94 -20.40
C VAL C 294 36.52 6.36 -21.86
N VAL C 295 37.26 7.38 -22.32
CA VAL C 295 37.22 7.88 -23.69
C VAL C 295 37.61 6.73 -24.63
N ALA C 296 38.79 6.11 -24.39
CA ALA C 296 39.31 4.99 -25.20
C ALA C 296 38.38 3.76 -25.11
N GLU C 297 37.86 3.43 -23.90
CA GLU C 297 36.92 2.32 -23.75
C GLU C 297 35.62 2.56 -24.55
N THR C 298 35.17 3.80 -24.65
CA THR C 298 33.92 4.16 -25.33
C THR C 298 34.12 4.12 -26.83
N LEU C 299 35.27 4.64 -27.33
CA LEU C 299 35.68 4.56 -28.75
C LEU C 299 35.78 3.06 -29.17
N ASN C 300 36.31 2.21 -28.27
CA ASN C 300 36.46 0.78 -28.51
C ASN C 300 35.10 0.08 -28.80
N LEU C 301 33.98 0.66 -28.38
CA LEU C 301 32.64 0.13 -28.60
C LEU C 301 32.03 0.47 -29.95
N ALA C 302 32.56 1.49 -30.64
CA ALA C 302 32.04 2.11 -31.85
C ALA C 302 31.68 1.17 -33.01
N LEU C 303 32.36 0.01 -33.19
CA LEU C 303 32.05 -0.87 -34.31
C LEU C 303 31.60 -2.26 -33.83
N LEU C 304 31.41 -2.44 -32.52
CA LEU C 304 30.97 -3.68 -31.93
C LEU C 304 29.49 -3.93 -32.20
N ARG C 305 29.14 -5.16 -32.62
CA ARG C 305 27.75 -5.53 -32.91
C ARG C 305 26.82 -5.27 -31.72
N GLY C 306 27.29 -5.44 -30.48
CA GLY C 306 26.45 -5.21 -29.30
C GLY C 306 26.40 -3.78 -28.78
N TYR C 307 27.22 -2.87 -29.36
CA TYR C 307 27.35 -1.52 -28.81
C TYR C 307 27.39 -0.37 -29.86
N ARG C 308 27.58 -0.67 -31.16
CA ARG C 308 27.67 0.38 -32.21
C ARG C 308 26.40 1.19 -32.33
N THR C 309 26.58 2.47 -32.62
CA THR C 309 25.50 3.45 -32.77
C THR C 309 25.61 4.13 -34.13
N GLY C 310 26.42 3.58 -35.03
CA GLY C 310 26.56 4.09 -36.39
C GLY C 310 27.49 5.28 -36.51
N GLY C 311 28.34 5.43 -35.51
CA GLY C 311 29.28 6.53 -35.46
C GLY C 311 28.80 7.70 -34.65
N THR C 312 29.70 8.21 -33.80
CA THR C 312 29.51 9.36 -32.94
C THR C 312 30.20 10.60 -33.53
N ILE C 313 29.53 11.75 -33.47
CA ILE C 313 30.17 13.02 -33.84
C ILE C 313 30.80 13.56 -32.56
N HIS C 314 32.12 13.64 -32.53
CA HIS C 314 32.80 14.19 -31.35
C HIS C 314 33.21 15.65 -31.59
N ILE C 315 32.95 16.53 -30.60
CA ILE C 315 33.42 17.91 -30.67
C ILE C 315 34.25 18.16 -29.43
N VAL C 316 35.52 18.47 -29.63
CA VAL C 316 36.39 18.82 -28.50
C VAL C 316 36.50 20.35 -28.45
N VAL C 317 36.08 20.95 -27.33
CA VAL C 317 36.21 22.38 -27.11
C VAL C 317 37.65 22.53 -26.62
N ASN C 318 38.58 22.62 -27.57
CA ASN C 318 40.00 22.67 -27.27
C ASN C 318 40.44 24.11 -27.03
N ASN C 319 40.30 24.54 -25.76
CA ASN C 319 40.67 25.89 -25.34
C ASN C 319 42.14 25.91 -24.86
N GLN C 320 42.89 24.80 -25.14
CA GLN C 320 44.36 24.64 -24.97
C GLN C 320 44.82 24.84 -23.53
N ILE C 321 43.98 24.45 -22.60
CA ILE C 321 44.21 24.56 -21.16
C ILE C 321 43.26 23.62 -20.45
N GLY C 322 43.65 23.24 -19.24
CA GLY C 322 42.85 22.42 -18.34
C GLY C 322 42.97 22.99 -16.95
N PHE C 323 42.09 23.97 -16.62
CA PHE C 323 42.12 24.71 -15.37
C PHE C 323 43.41 25.56 -15.34
N THR C 324 44.48 25.15 -14.64
CA THR C 324 45.73 25.93 -14.70
C THR C 324 46.82 25.19 -15.55
N THR C 325 46.50 23.99 -16.04
CA THR C 325 47.42 23.04 -16.66
C THR C 325 47.53 23.20 -18.16
N ALA C 326 48.78 23.30 -18.63
CA ALA C 326 49.11 23.46 -20.03
C ALA C 326 49.08 22.08 -20.73
N PRO C 327 48.76 22.04 -22.05
CA PRO C 327 48.75 20.78 -22.79
C PRO C 327 50.00 19.89 -22.62
N THR C 328 51.19 20.48 -22.47
CA THR C 328 52.41 19.68 -22.30
C THR C 328 52.40 18.82 -21.02
N ASP C 329 51.60 19.18 -19.99
CA ASP C 329 51.46 18.36 -18.77
C ASP C 329 50.19 17.50 -18.80
N SER C 330 49.33 17.66 -19.82
CA SER C 330 48.06 16.93 -19.91
C SER C 330 48.07 15.74 -20.89
N ARG C 331 49.02 15.71 -21.86
CA ARG C 331 49.05 14.64 -22.85
C ARG C 331 50.47 14.43 -23.40
N SER C 332 50.72 13.21 -23.92
CA SER C 332 52.01 12.82 -24.49
C SER C 332 51.94 12.77 -26.03
N SER C 333 50.94 13.45 -26.61
CA SER C 333 50.77 13.44 -28.07
C SER C 333 50.59 14.85 -28.60
N GLU C 334 50.79 15.04 -29.91
CA GLU C 334 50.63 16.31 -30.61
C GLU C 334 49.23 16.90 -30.38
N TYR C 335 48.17 16.08 -30.52
CA TYR C 335 46.77 16.50 -30.37
C TYR C 335 46.02 15.79 -29.21
N CYS C 336 45.05 16.48 -28.58
CA CYS C 336 44.20 15.95 -27.51
C CYS C 336 43.30 14.84 -28.03
N THR C 337 43.09 14.80 -29.36
CA THR C 337 42.22 13.86 -30.08
C THR C 337 42.94 12.60 -30.64
N ASP C 338 44.27 12.47 -30.41
CA ASP C 338 45.07 11.35 -30.94
C ASP C 338 44.58 9.94 -30.48
N VAL C 339 43.88 9.84 -29.33
CA VAL C 339 43.27 8.60 -28.88
C VAL C 339 42.24 8.07 -29.96
N ALA C 340 41.58 8.96 -30.73
CA ALA C 340 40.58 8.56 -31.73
C ALA C 340 41.24 7.85 -32.96
N LYS C 341 42.58 7.91 -33.05
CA LYS C 341 43.32 7.18 -34.09
C LYS C 341 43.21 5.65 -33.81
N MET C 342 42.95 5.26 -32.56
CA MET C 342 42.72 3.89 -32.07
C MET C 342 41.69 3.16 -32.95
N ILE C 343 40.62 3.84 -33.42
CA ILE C 343 39.58 3.17 -34.23
C ILE C 343 39.62 3.70 -35.69
N GLY C 344 40.72 4.37 -36.03
CA GLY C 344 40.94 4.99 -37.33
C GLY C 344 39.85 5.98 -37.68
N ALA C 345 39.45 6.83 -36.71
CA ALA C 345 38.46 7.88 -36.94
C ALA C 345 39.13 9.04 -37.62
N PRO C 346 38.47 9.72 -38.62
CA PRO C 346 39.10 10.90 -39.22
C PRO C 346 39.03 12.05 -38.22
N ILE C 347 40.09 12.87 -38.16
CA ILE C 347 40.12 13.98 -37.22
C ILE C 347 40.30 15.29 -38.01
N PHE C 348 39.48 16.29 -37.65
CA PHE C 348 39.54 17.64 -38.22
C PHE C 348 39.85 18.64 -37.12
N HIS C 349 41.02 19.31 -37.24
CA HIS C 349 41.44 20.36 -36.31
C HIS C 349 40.99 21.65 -36.97
N VAL C 350 40.12 22.42 -36.30
CA VAL C 350 39.57 23.60 -36.96
C VAL C 350 39.68 24.85 -36.07
N ASN C 351 40.10 25.95 -36.70
CA ASN C 351 40.25 27.26 -36.10
C ASN C 351 38.89 27.82 -35.68
N GLY C 352 38.68 27.94 -34.36
CA GLY C 352 37.46 28.43 -33.74
C GLY C 352 37.12 29.87 -34.05
N ASP C 353 38.05 30.63 -34.66
CA ASP C 353 37.80 32.02 -35.05
C ASP C 353 37.23 32.07 -36.46
N ASP C 354 37.17 30.92 -37.15
CA ASP C 354 36.62 30.81 -38.50
C ASP C 354 35.34 29.98 -38.41
N PRO C 355 34.16 30.61 -38.17
CA PRO C 355 32.93 29.81 -38.00
C PRO C 355 32.37 29.21 -39.30
N GLU C 356 32.83 29.67 -40.47
CA GLU C 356 32.42 29.09 -41.75
C GLU C 356 33.09 27.73 -41.92
N ALA C 357 34.40 27.64 -41.64
CA ALA C 357 35.19 26.41 -41.70
C ALA C 357 34.65 25.43 -40.66
N CYS C 358 34.33 25.92 -39.44
CA CYS C 358 33.77 25.12 -38.34
C CYS C 358 32.43 24.50 -38.73
N ALA C 359 31.55 25.27 -39.39
CA ALA C 359 30.23 24.80 -39.83
C ALA C 359 30.38 23.83 -41.02
N TRP C 360 31.36 24.09 -41.94
CA TRP C 360 31.62 23.23 -43.10
C TRP C 360 32.12 21.85 -42.64
N VAL C 361 33.06 21.83 -41.67
CA VAL C 361 33.65 20.63 -41.10
C VAL C 361 32.55 19.80 -40.36
N ALA C 362 31.63 20.47 -39.63
CA ALA C 362 30.52 19.85 -38.92
C ALA C 362 29.61 19.07 -39.89
N ARG C 363 29.30 19.69 -41.07
CA ARG C 363 28.47 19.11 -42.13
C ARG C 363 29.20 17.93 -42.80
N LEU C 364 30.52 18.08 -43.04
CA LEU C 364 31.36 17.01 -43.60
C LEU C 364 31.41 15.80 -42.65
N ALA C 365 31.50 16.06 -41.31
CA ALA C 365 31.53 15.04 -40.26
C ALA C 365 30.26 14.20 -40.29
N VAL C 366 29.09 14.84 -40.41
CA VAL C 366 27.79 14.16 -40.47
C VAL C 366 27.73 13.28 -41.73
N ASP C 367 28.16 13.82 -42.88
CA ASP C 367 28.19 13.10 -44.18
C ASP C 367 29.10 11.87 -44.14
N PHE C 368 30.27 11.96 -43.46
CA PHE C 368 31.19 10.84 -43.31
C PHE C 368 30.55 9.75 -42.40
N ARG C 369 29.94 10.17 -41.27
CA ARG C 369 29.28 9.26 -40.34
C ARG C 369 28.13 8.57 -41.07
N GLN C 370 27.40 9.28 -41.96
CA GLN C 370 26.31 8.64 -42.71
C GLN C 370 26.85 7.63 -43.71
N ALA C 371 27.99 7.94 -44.35
CA ALA C 371 28.56 7.05 -45.37
C ALA C 371 29.26 5.83 -44.77
N PHE C 372 29.98 5.98 -43.65
CA PHE C 372 30.76 4.85 -43.17
C PHE C 372 30.34 4.31 -41.80
N LYS C 373 29.39 4.97 -41.11
CA LYS C 373 28.83 4.55 -39.80
C LYS C 373 29.94 4.39 -38.77
N LYS C 374 30.88 5.37 -38.77
CA LYS C 374 32.04 5.40 -37.87
C LYS C 374 32.24 6.82 -37.30
N ASP C 375 32.89 6.92 -36.11
CA ASP C 375 33.17 8.19 -35.42
C ASP C 375 33.99 9.15 -36.28
N VAL C 376 33.68 10.44 -36.09
CA VAL C 376 34.36 11.60 -36.65
C VAL C 376 34.67 12.52 -35.48
N VAL C 377 35.88 13.05 -35.43
CA VAL C 377 36.27 13.92 -34.33
C VAL C 377 36.62 15.27 -34.86
N ILE C 378 35.99 16.31 -34.28
CA ILE C 378 36.23 17.72 -34.61
C ILE C 378 36.97 18.31 -33.39
N ASP C 379 38.20 18.74 -33.64
CA ASP C 379 39.06 19.37 -32.64
C ASP C 379 38.94 20.89 -32.83
N MET C 380 38.01 21.54 -32.07
CA MET C 380 37.83 22.98 -32.25
C MET C 380 38.82 23.77 -31.39
N LEU C 381 39.83 24.34 -32.06
CA LEU C 381 40.84 25.15 -31.37
C LEU C 381 40.27 26.51 -31.09
N CYS C 382 40.33 26.86 -29.81
CA CYS C 382 39.74 28.08 -29.29
C CYS C 382 40.51 28.49 -28.03
N TYR C 383 39.87 29.27 -27.15
CA TYR C 383 40.55 29.75 -25.94
C TYR C 383 39.54 29.96 -24.85
N ARG C 384 40.05 30.12 -23.64
CA ARG C 384 39.19 30.36 -22.49
C ARG C 384 39.45 31.80 -22.09
N ARG C 385 38.54 32.73 -22.52
CA ARG C 385 38.68 34.19 -22.33
C ARG C 385 38.94 34.58 -20.87
N ARG C 386 38.20 33.99 -19.94
CA ARG C 386 38.31 34.28 -18.51
C ARG C 386 39.12 33.19 -17.75
N GLY C 387 39.22 33.37 -16.43
CA GLY C 387 39.83 32.39 -15.54
C GLY C 387 38.92 31.18 -15.45
N HIS C 388 39.48 30.04 -15.03
CA HIS C 388 38.72 28.79 -14.90
C HIS C 388 37.52 28.94 -13.92
N ASN C 389 37.68 29.74 -12.87
CA ASN C 389 36.59 29.99 -11.89
C ASN C 389 36.81 31.36 -11.18
N GLU C 390 36.04 31.66 -10.10
CA GLU C 390 36.08 32.99 -9.43
C GLU C 390 37.43 33.39 -8.77
N GLY C 391 38.13 32.46 -8.11
CA GLY C 391 39.41 32.74 -7.47
C GLY C 391 40.62 32.70 -8.40
N ASP C 392 40.39 32.53 -9.73
CA ASP C 392 41.46 32.44 -10.70
C ASP C 392 41.80 33.75 -11.44
N ASP C 393 43.07 34.11 -11.38
CA ASP C 393 43.73 35.14 -12.19
C ASP C 393 44.64 34.29 -13.09
N PRO C 394 44.20 33.93 -14.32
CA PRO C 394 44.92 32.90 -15.11
C PRO C 394 46.34 33.24 -15.58
N SER C 395 46.78 34.50 -15.45
CA SER C 395 48.16 34.91 -15.79
C SER C 395 49.10 34.57 -14.60
N MET C 396 48.56 34.17 -13.44
CA MET C 396 49.36 33.66 -12.32
C MET C 396 50.10 32.36 -12.71
N THR C 397 49.43 31.53 -13.53
CA THR C 397 49.93 30.22 -13.98
C THR C 397 50.24 30.15 -15.46
N GLN C 398 49.57 30.98 -16.29
CA GLN C 398 49.77 30.98 -17.73
C GLN C 398 49.93 32.43 -18.26
N PRO C 399 51.03 33.14 -17.86
CA PRO C 399 51.18 34.56 -18.26
C PRO C 399 51.20 34.83 -19.75
N TYR C 400 51.96 34.03 -20.51
CA TYR C 400 52.09 34.20 -21.96
C TYR C 400 50.73 34.02 -22.69
N MET C 401 49.98 32.96 -22.35
CA MET C 401 48.69 32.70 -23.00
C MET C 401 47.66 33.81 -22.64
N TYR C 402 47.57 34.22 -21.37
CA TYR C 402 46.61 35.25 -21.04
C TYR C 402 47.03 36.65 -21.49
N ASP C 403 48.30 36.91 -21.84
CA ASP C 403 48.62 38.21 -22.41
C ASP C 403 48.10 38.26 -23.85
N VAL C 404 48.17 37.11 -24.57
CA VAL C 404 47.69 37.02 -25.94
C VAL C 404 46.13 37.11 -25.94
N ILE C 405 45.45 36.32 -25.08
CA ILE C 405 43.98 36.26 -24.95
C ILE C 405 43.41 37.65 -24.67
N ASP C 406 44.07 38.44 -23.78
CA ASP C 406 43.68 39.81 -23.40
C ASP C 406 43.62 40.77 -24.62
N THR C 407 44.26 40.42 -25.75
CA THR C 407 44.26 41.23 -26.98
C THR C 407 43.25 40.65 -27.99
N LYS C 408 42.45 39.64 -27.58
CA LYS C 408 41.54 38.98 -28.50
C LYS C 408 40.15 39.60 -28.53
N ARG C 409 39.73 40.02 -29.74
CA ARG C 409 38.36 40.48 -29.98
C ARG C 409 37.51 39.21 -30.08
N GLY C 410 36.23 39.30 -29.73
CA GLY C 410 35.35 38.14 -29.79
C GLY C 410 35.22 37.48 -31.15
N SER C 411 34.74 36.22 -31.18
CA SER C 411 34.53 35.43 -32.39
C SER C 411 33.47 36.08 -33.31
N ARG C 412 32.39 36.65 -32.70
CA ARG C 412 31.30 37.35 -33.38
C ARG C 412 31.83 38.61 -34.10
N LYS C 413 32.59 39.46 -33.36
CA LYS C 413 33.17 40.71 -33.87
C LYS C 413 34.17 40.42 -35.00
N ALA C 414 35.03 39.39 -34.82
CA ALA C 414 36.02 38.96 -35.82
C ALA C 414 35.34 38.50 -37.11
N TYR C 415 34.24 37.72 -36.99
CA TYR C 415 33.50 37.24 -38.16
C TYR C 415 32.77 38.40 -38.86
N THR C 416 32.17 39.34 -38.08
CA THR C 416 31.46 40.51 -38.60
C THR C 416 32.40 41.38 -39.45
N GLU C 417 33.61 41.65 -38.94
CA GLU C 417 34.63 42.46 -39.60
C GLU C 417 35.21 41.76 -40.85
N ALA C 418 35.36 40.42 -40.79
CA ALA C 418 35.88 39.62 -41.92
C ALA C 418 34.89 39.62 -43.09
N LEU C 419 33.57 39.57 -42.81
CA LEU C 419 32.48 39.61 -43.80
C LEU C 419 32.46 40.96 -44.53
N ILE C 420 32.81 42.05 -43.80
CA ILE C 420 32.89 43.42 -44.34
C ILE C 420 34.10 43.49 -45.29
N GLY C 421 35.27 43.04 -44.82
CA GLY C 421 36.52 43.00 -45.57
C GLY C 421 36.43 42.27 -46.90
N ARG C 422 35.71 41.13 -46.92
CA ARG C 422 35.50 40.31 -48.11
C ARG C 422 34.39 40.86 -49.03
N GLY C 423 33.68 41.89 -48.56
CA GLY C 423 32.58 42.52 -49.29
C GLY C 423 31.33 41.67 -49.31
N ASP C 424 31.25 40.66 -48.43
CA ASP C 424 30.11 39.73 -48.30
C ASP C 424 28.90 40.44 -47.71
N ILE C 425 29.12 41.37 -46.76
CA ILE C 425 28.04 42.15 -46.15
C ILE C 425 28.33 43.66 -46.29
N SER C 426 27.27 44.49 -46.31
CA SER C 426 27.39 45.95 -46.34
C SER C 426 27.56 46.48 -44.91
N MET C 427 27.87 47.79 -44.76
CA MET C 427 28.02 48.42 -43.45
C MET C 427 26.70 48.39 -42.68
N LYS C 428 25.57 48.60 -43.41
CA LYS C 428 24.20 48.55 -42.88
C LYS C 428 23.88 47.14 -42.38
N GLU C 429 24.28 46.09 -43.15
CA GLU C 429 24.11 44.69 -42.83
C GLU C 429 24.90 44.33 -41.57
N ALA C 430 26.10 44.95 -41.40
CA ALA C 430 26.91 44.79 -40.20
C ALA C 430 26.23 45.50 -39.02
N GLU C 431 25.64 46.71 -39.27
CA GLU C 431 24.90 47.49 -38.28
C GLU C 431 23.61 46.76 -37.86
N ASP C 432 22.96 46.04 -38.81
CA ASP C 432 21.77 45.21 -38.57
C ASP C 432 22.12 44.01 -37.67
N ALA C 433 23.35 43.45 -37.83
CA ALA C 433 23.85 42.34 -37.02
C ALA C 433 24.12 42.84 -35.60
N LEU C 434 24.66 44.06 -35.45
CA LEU C 434 24.90 44.66 -34.15
C LEU C 434 23.57 44.93 -33.41
N ARG C 435 22.50 45.29 -34.17
CA ARG C 435 21.17 45.50 -33.60
C ARG C 435 20.60 44.16 -33.15
N ASP C 436 20.86 43.09 -33.94
CA ASP C 436 20.46 41.71 -33.62
C ASP C 436 21.15 41.23 -32.33
N TYR C 437 22.47 41.51 -32.16
CA TYR C 437 23.19 41.13 -30.93
C TYR C 437 22.56 41.83 -29.72
N GLN C 438 22.22 43.16 -29.84
CA GLN C 438 21.62 43.98 -28.78
C GLN C 438 20.19 43.53 -28.45
N GLY C 439 19.39 43.27 -29.48
CA GLY C 439 18.03 42.76 -29.36
C GLY C 439 18.00 41.42 -28.64
N GLN C 440 18.96 40.51 -28.98
CA GLN C 440 19.09 39.20 -28.34
C GLN C 440 19.55 39.35 -26.88
N LEU C 441 20.51 40.28 -26.63
CA LEU C 441 21.01 40.59 -25.29
C LEU C 441 19.87 41.14 -24.41
N GLU C 442 19.03 42.02 -24.99
CA GLU C 442 17.89 42.61 -24.29
C GLU C 442 16.81 41.57 -24.03
N ARG C 443 16.50 40.71 -25.03
CA ARG C 443 15.47 39.66 -24.93
C ARG C 443 15.72 38.69 -23.74
N VAL C 444 16.97 38.20 -23.55
CA VAL C 444 17.24 37.30 -22.44
C VAL C 444 17.05 38.09 -21.10
N PHE C 445 17.61 39.30 -20.98
CA PHE C 445 17.48 40.16 -19.77
C PHE C 445 15.98 40.44 -19.46
N ASN C 446 15.17 40.79 -20.48
CA ASN C 446 13.75 41.09 -20.29
C ASN C 446 12.90 39.85 -20.00
N GLU C 447 13.20 38.70 -20.66
CA GLU C 447 12.46 37.46 -20.45
C GLU C 447 12.74 36.90 -19.05
N VAL C 448 13.98 37.05 -18.56
CA VAL C 448 14.34 36.60 -17.23
C VAL C 448 13.68 37.56 -16.20
N ARG C 449 13.61 38.87 -16.51
CA ARG C 449 12.94 39.89 -15.69
C ARG C 449 11.47 39.53 -15.45
N GLU C 450 10.72 39.23 -16.53
CA GLU C 450 9.30 38.87 -16.54
C GLU C 450 9.06 37.56 -15.75
N LEU C 451 10.03 36.61 -15.84
CA LEU C 451 10.02 35.32 -15.13
C LEU C 451 10.13 35.54 -13.60
N GLU C 452 11.01 36.46 -13.16
CA GLU C 452 11.21 36.82 -11.75
C GLU C 452 9.96 37.50 -11.14
N LYS C 453 9.17 38.19 -11.99
CA LYS C 453 7.93 38.87 -11.60
C LYS C 453 6.81 37.85 -11.32
N HIS C 454 6.85 36.68 -11.99
CA HIS C 454 5.86 35.61 -11.85
C HIS C 454 6.44 34.40 -11.11
N LEU C 472 2.02 -7.14 -7.79
CA LEU C 472 1.76 -7.88 -9.02
C LEU C 472 2.25 -9.35 -8.94
N ALA C 473 1.55 -10.27 -9.64
CA ALA C 473 1.87 -11.69 -9.68
C ALA C 473 2.95 -11.99 -10.71
N THR C 474 3.91 -12.85 -10.36
CA THR C 474 5.02 -13.21 -11.25
C THR C 474 4.98 -14.69 -11.66
N ALA C 475 4.10 -15.50 -11.04
CA ALA C 475 3.94 -16.93 -11.35
C ALA C 475 3.52 -17.11 -12.81
N VAL C 476 4.06 -18.13 -13.48
CA VAL C 476 3.73 -18.46 -14.87
C VAL C 476 3.00 -19.80 -14.90
N ASP C 477 2.37 -20.16 -16.02
CA ASP C 477 1.73 -21.47 -16.12
C ASP C 477 2.82 -22.49 -16.51
N LYS C 478 2.60 -23.78 -16.21
CA LYS C 478 3.54 -24.87 -16.51
C LYS C 478 3.86 -24.93 -18.01
N ALA C 479 2.87 -24.60 -18.87
CA ALA C 479 3.03 -24.58 -20.33
C ALA C 479 4.12 -23.58 -20.74
N MET C 480 4.29 -22.45 -19.98
CA MET C 480 5.33 -21.44 -20.24
C MET C 480 6.71 -22.06 -20.00
N LEU C 481 6.87 -22.77 -18.86
CA LEU C 481 8.13 -23.45 -18.51
C LEU C 481 8.48 -24.49 -19.58
N GLN C 482 7.48 -25.26 -20.02
CA GLN C 482 7.59 -26.31 -21.03
C GLN C 482 8.02 -25.74 -22.39
N ARG C 483 7.43 -24.60 -22.80
CA ARG C 483 7.74 -23.91 -24.05
C ARG C 483 9.20 -23.44 -24.08
N ILE C 484 9.70 -22.92 -22.96
CA ILE C 484 11.10 -22.45 -22.83
C ILE C 484 12.03 -23.67 -22.88
N GLY C 485 11.61 -24.78 -22.27
CA GLY C 485 12.34 -26.05 -22.27
C GLY C 485 12.46 -26.64 -23.66
N ASP C 486 11.32 -26.76 -24.37
CA ASP C 486 11.23 -27.27 -25.74
C ASP C 486 12.02 -26.40 -26.72
N ALA C 487 12.08 -25.06 -26.49
CA ALA C 487 12.82 -24.11 -27.32
C ALA C 487 14.32 -24.46 -27.41
N HIS C 488 14.88 -25.09 -26.35
CA HIS C 488 16.28 -25.52 -26.31
C HIS C 488 16.56 -26.69 -27.25
N LEU C 489 15.50 -27.43 -27.66
CA LEU C 489 15.62 -28.57 -28.57
C LEU C 489 15.05 -28.23 -29.96
N ALA C 490 14.40 -27.06 -30.13
CA ALA C 490 13.83 -26.64 -31.42
C ALA C 490 14.92 -25.96 -32.28
N LEU C 491 15.94 -26.73 -32.62
CA LEU C 491 17.10 -26.30 -33.39
C LEU C 491 16.75 -26.03 -34.85
N PRO C 492 17.45 -25.06 -35.52
CA PRO C 492 17.20 -24.85 -36.95
C PRO C 492 17.59 -26.09 -37.76
N GLU C 493 17.03 -26.23 -38.98
CA GLU C 493 17.32 -27.40 -39.82
C GLU C 493 18.82 -27.46 -40.16
N GLY C 494 19.40 -28.64 -39.93
CA GLY C 494 20.82 -28.90 -40.19
C GLY C 494 21.78 -28.31 -39.18
N PHE C 495 21.29 -27.83 -38.02
CA PHE C 495 22.15 -27.23 -37.00
C PHE C 495 22.94 -28.34 -36.27
N THR C 496 24.27 -28.18 -36.12
CA THR C 496 25.12 -29.15 -35.43
C THR C 496 25.47 -28.63 -34.03
N VAL C 497 24.85 -29.19 -32.99
CA VAL C 497 25.12 -28.83 -31.60
C VAL C 497 26.42 -29.48 -31.18
N HIS C 498 27.26 -28.71 -30.44
CA HIS C 498 28.48 -29.24 -29.85
C HIS C 498 28.06 -30.42 -28.91
N PRO C 499 28.75 -31.58 -29.02
CA PRO C 499 28.37 -32.74 -28.18
C PRO C 499 28.32 -32.48 -26.67
N ARG C 500 29.09 -31.51 -26.14
CA ARG C 500 29.07 -31.21 -24.69
C ARG C 500 27.94 -30.23 -24.33
N VAL C 501 27.33 -29.57 -25.34
CA VAL C 501 26.24 -28.61 -25.16
C VAL C 501 24.88 -29.34 -25.24
N ARG C 502 24.77 -30.36 -26.12
CA ARG C 502 23.55 -31.18 -26.31
C ARG C 502 22.95 -31.68 -24.94
N PRO C 503 23.71 -32.23 -23.94
CA PRO C 503 23.06 -32.69 -22.70
C PRO C 503 22.41 -31.56 -21.89
N VAL C 504 22.91 -30.31 -22.04
CA VAL C 504 22.37 -29.13 -21.34
C VAL C 504 20.97 -28.80 -21.90
N LEU C 505 20.79 -28.91 -23.23
CA LEU C 505 19.53 -28.67 -23.92
C LEU C 505 18.49 -29.69 -23.47
N GLU C 506 18.88 -30.99 -23.45
CA GLU C 506 18.02 -32.10 -23.05
C GLU C 506 17.66 -31.99 -21.56
N LYS C 507 18.64 -31.66 -20.68
CA LYS C 507 18.37 -31.47 -19.25
C LYS C 507 17.37 -30.31 -19.02
N ARG C 508 17.43 -29.25 -19.85
CA ARG C 508 16.52 -28.14 -19.73
C ARG C 508 15.08 -28.53 -20.12
N ARG C 509 14.91 -29.37 -21.16
CA ARG C 509 13.57 -29.87 -21.51
C ARG C 509 13.06 -30.78 -20.37
N GLU C 510 13.97 -31.55 -19.75
CA GLU C 510 13.66 -32.45 -18.63
C GLU C 510 13.21 -31.64 -17.42
N MET C 511 13.99 -30.61 -17.02
CA MET C 511 13.69 -29.74 -15.89
C MET C 511 12.34 -29.03 -16.05
N ALA C 512 12.06 -28.52 -17.25
CA ALA C 512 10.82 -27.79 -17.58
C ALA C 512 9.57 -28.66 -17.35
N TYR C 513 9.70 -29.99 -17.55
CA TYR C 513 8.56 -30.92 -17.37
C TYR C 513 8.58 -31.65 -16.05
N GLU C 514 9.78 -31.90 -15.49
CA GLU C 514 9.88 -32.76 -14.30
C GLU C 514 10.36 -32.08 -13.01
N GLY C 515 10.93 -30.89 -13.12
CA GLY C 515 11.38 -30.17 -11.94
C GLY C 515 12.88 -30.27 -11.74
N ARG C 516 13.33 -30.03 -10.48
CA ARG C 516 14.74 -29.96 -10.08
C ARG C 516 15.43 -28.91 -10.98
N ILE C 517 14.78 -27.74 -11.15
CA ILE C 517 15.28 -26.63 -11.99
C ILE C 517 16.44 -25.95 -11.28
N ASP C 518 17.60 -25.91 -11.94
CA ASP C 518 18.81 -25.28 -11.42
C ASP C 518 18.77 -23.75 -11.70
N TRP C 519 19.71 -23.01 -11.08
CA TRP C 519 19.82 -21.55 -11.19
C TRP C 519 19.91 -21.06 -12.63
N ALA C 520 20.83 -21.62 -13.43
CA ALA C 520 21.05 -21.16 -14.80
C ALA C 520 19.76 -21.24 -15.64
N PHE C 521 18.97 -22.34 -15.51
CA PHE C 521 17.76 -22.47 -16.29
C PHE C 521 16.65 -21.54 -15.75
N ALA C 522 16.56 -21.36 -14.43
CA ALA C 522 15.54 -20.46 -13.84
C ALA C 522 15.70 -19.01 -14.36
N GLU C 523 16.97 -18.56 -14.51
CA GLU C 523 17.29 -17.24 -15.06
C GLU C 523 16.70 -17.10 -16.48
N LEU C 524 16.94 -18.11 -17.33
CA LEU C 524 16.44 -18.15 -18.72
C LEU C 524 14.93 -18.34 -18.77
N LEU C 525 14.34 -18.99 -17.74
CA LEU C 525 12.89 -19.15 -17.61
C LEU C 525 12.25 -17.80 -17.31
N ALA C 526 12.93 -16.96 -16.46
CA ALA C 526 12.45 -15.61 -16.13
C ALA C 526 12.54 -14.69 -17.37
N LEU C 527 13.70 -14.69 -18.05
CA LEU C 527 13.94 -13.86 -19.25
C LEU C 527 13.08 -14.31 -20.43
N GLY C 528 12.97 -15.62 -20.64
CA GLY C 528 12.16 -16.21 -21.70
C GLY C 528 10.68 -15.95 -21.57
N SER C 529 10.16 -15.98 -20.33
CA SER C 529 8.73 -15.71 -20.06
C SER C 529 8.42 -14.20 -20.26
N LEU C 530 9.39 -13.33 -19.97
CA LEU C 530 9.27 -11.88 -20.17
C LEU C 530 9.21 -11.58 -21.67
N ILE C 531 10.08 -12.23 -22.48
CA ILE C 531 10.10 -12.12 -23.95
C ILE C 531 8.75 -12.61 -24.51
N ALA C 532 8.19 -13.72 -23.94
CA ALA C 532 6.92 -14.29 -24.38
C ALA C 532 5.75 -13.33 -24.10
N GLU C 533 5.89 -12.48 -23.05
CA GLU C 533 4.90 -11.46 -22.66
C GLU C 533 5.08 -10.14 -23.45
N GLY C 534 6.09 -10.08 -24.31
CA GLY C 534 6.36 -8.92 -25.15
C GLY C 534 7.48 -7.99 -24.71
N LYS C 535 8.26 -8.38 -23.69
CA LYS C 535 9.34 -7.54 -23.20
C LYS C 535 10.62 -7.68 -24.01
N LEU C 536 11.35 -6.55 -24.19
CA LEU C 536 12.67 -6.53 -24.79
C LEU C 536 13.64 -6.86 -23.67
N VAL C 537 14.48 -7.88 -23.87
CA VAL C 537 15.48 -8.30 -22.88
C VAL C 537 16.86 -8.12 -23.50
N ARG C 538 17.70 -7.30 -22.86
CA ARG C 538 19.08 -7.09 -23.27
C ARG C 538 19.98 -7.60 -22.15
N LEU C 539 20.82 -8.60 -22.46
CA LEU C 539 21.72 -9.24 -21.52
C LEU C 539 23.14 -9.24 -22.09
N SER C 540 24.12 -8.78 -21.31
CA SER C 540 25.49 -8.69 -21.79
C SER C 540 26.48 -8.67 -20.64
N GLY C 541 27.73 -8.89 -20.96
CA GLY C 541 28.83 -8.94 -20.00
C GLY C 541 29.92 -9.81 -20.58
N GLN C 542 31.00 -10.03 -19.80
CA GLN C 542 32.15 -10.80 -20.26
C GLN C 542 31.82 -12.30 -20.33
N ASP C 543 31.87 -12.83 -21.59
CA ASP C 543 31.56 -14.23 -21.94
C ASP C 543 30.15 -14.65 -21.52
N THR C 544 29.21 -13.69 -21.52
CA THR C 544 27.83 -13.83 -21.06
C THR C 544 26.97 -14.77 -21.95
N GLN C 545 27.28 -14.90 -23.25
CA GLN C 545 26.49 -15.80 -24.12
C GLN C 545 26.58 -17.26 -23.62
N ARG C 546 27.81 -17.72 -23.29
CA ARG C 546 28.00 -19.06 -22.81
C ARG C 546 27.84 -19.10 -21.28
N GLY C 547 28.38 -18.05 -20.65
CA GLY C 547 28.42 -17.90 -19.22
C GLY C 547 29.82 -18.27 -18.76
N THR C 548 30.36 -17.50 -17.83
CA THR C 548 31.70 -17.66 -17.27
C THR C 548 31.87 -19.06 -16.67
N PHE C 549 30.80 -19.61 -16.06
CA PHE C 549 30.88 -20.92 -15.40
C PHE C 549 30.26 -22.00 -16.29
N THR C 550 30.23 -21.74 -17.63
CA THR C 550 29.73 -22.60 -18.71
C THR C 550 28.27 -23.05 -18.43
N GLN C 551 27.50 -22.21 -17.70
CA GLN C 551 26.14 -22.57 -17.24
C GLN C 551 25.01 -21.95 -18.03
N ARG C 552 25.25 -20.83 -18.77
CA ARG C 552 24.14 -20.13 -19.43
C ARG C 552 23.77 -20.74 -20.81
N HIS C 553 24.67 -20.72 -21.81
CA HIS C 553 24.38 -21.22 -23.16
C HIS C 553 23.13 -20.53 -23.74
N ALA C 554 23.04 -19.17 -23.60
CA ALA C 554 21.97 -18.34 -24.14
C ALA C 554 22.09 -18.30 -25.65
N VAL C 555 23.32 -18.50 -26.13
CA VAL C 555 23.67 -18.60 -27.54
C VAL C 555 24.45 -19.88 -27.72
N ILE C 556 24.07 -20.66 -28.73
CA ILE C 556 24.78 -21.91 -29.00
C ILE C 556 25.37 -21.82 -30.40
N VAL C 557 26.58 -22.34 -30.53
CA VAL C 557 27.37 -22.23 -31.74
C VAL C 557 27.45 -23.55 -32.48
N ASP C 558 27.11 -23.52 -33.78
CA ASP C 558 27.15 -24.67 -34.67
C ASP C 558 28.59 -25.15 -34.77
N ARG C 559 28.83 -26.41 -34.33
CA ARG C 559 30.11 -27.13 -34.31
C ARG C 559 30.80 -27.18 -35.68
N LYS C 560 30.04 -27.11 -36.80
CA LYS C 560 30.61 -27.16 -38.16
C LYS C 560 30.70 -25.77 -38.85
N THR C 561 29.68 -24.91 -38.69
CA THR C 561 29.64 -23.62 -39.40
C THR C 561 29.92 -22.40 -38.53
N GLY C 562 29.86 -22.55 -37.21
CA GLY C 562 30.06 -21.41 -36.31
C GLY C 562 28.85 -20.49 -36.22
N GLU C 563 27.75 -20.85 -36.93
CA GLU C 563 26.49 -20.08 -36.90
C GLU C 563 25.91 -20.09 -35.50
N GLU C 564 25.34 -18.95 -35.06
CA GLU C 564 24.78 -18.81 -33.73
C GLU C 564 23.28 -19.07 -33.72
N PHE C 565 22.78 -19.79 -32.71
CA PHE C 565 21.36 -20.06 -32.48
C PHE C 565 21.01 -19.63 -31.06
N THR C 566 19.95 -18.85 -30.91
CA THR C 566 19.51 -18.31 -29.61
C THR C 566 18.16 -18.93 -29.26
N PRO C 567 18.15 -19.98 -28.40
CA PRO C 567 16.88 -20.66 -28.08
C PRO C 567 15.78 -19.73 -27.53
N LEU C 568 16.11 -18.75 -26.65
CA LEU C 568 15.09 -17.85 -26.07
C LEU C 568 14.41 -16.92 -27.11
N GLN C 569 15.05 -16.66 -28.27
CA GLN C 569 14.51 -15.81 -29.33
C GLN C 569 13.25 -16.44 -29.98
N LEU C 570 13.02 -17.75 -29.79
CA LEU C 570 11.84 -18.44 -30.33
C LEU C 570 10.59 -18.01 -29.58
N LEU C 571 10.77 -17.44 -28.39
CA LEU C 571 9.66 -16.99 -27.54
C LEU C 571 9.15 -15.62 -27.95
N ALA C 572 9.84 -14.96 -28.91
CA ALA C 572 9.43 -13.66 -29.46
C ALA C 572 8.27 -13.86 -30.45
N THR C 573 7.96 -15.14 -30.79
CA THR C 573 6.89 -15.55 -31.69
C THR C 573 5.91 -16.42 -30.91
N ASN C 574 4.63 -16.05 -30.94
CA ASN C 574 3.57 -16.77 -30.27
C ASN C 574 3.30 -18.12 -30.99
N PRO C 575 2.71 -19.14 -30.32
CA PRO C 575 2.47 -20.42 -31.01
C PRO C 575 1.67 -20.32 -32.33
N ASP C 576 0.83 -19.26 -32.50
CA ASP C 576 0.06 -19.05 -33.72
C ASP C 576 0.89 -18.40 -34.87
N GLY C 577 2.14 -18.01 -34.57
CA GLY C 577 3.04 -17.42 -35.55
C GLY C 577 3.13 -15.91 -35.53
N THR C 578 2.37 -15.24 -34.63
CA THR C 578 2.38 -13.78 -34.52
C THR C 578 3.49 -13.30 -33.56
N PRO C 579 4.12 -12.14 -33.79
CA PRO C 579 5.14 -11.68 -32.84
C PRO C 579 4.54 -11.24 -31.50
N THR C 580 5.29 -11.42 -30.40
CA THR C 580 4.85 -11.03 -29.06
C THR C 580 5.17 -9.54 -28.82
N GLY C 581 6.13 -9.01 -29.58
CA GLY C 581 6.65 -7.66 -29.41
C GLY C 581 7.95 -7.70 -28.62
N GLY C 582 8.28 -8.88 -28.09
CA GLY C 582 9.48 -9.13 -27.31
C GLY C 582 10.68 -9.47 -28.18
N LYS C 583 11.87 -9.44 -27.57
CA LYS C 583 13.14 -9.71 -28.27
C LYS C 583 14.22 -10.06 -27.24
N PHE C 584 15.20 -10.88 -27.65
CA PHE C 584 16.33 -11.24 -26.79
C PHE C 584 17.60 -10.80 -27.44
N LEU C 585 18.24 -9.81 -26.82
CA LEU C 585 19.47 -9.24 -27.30
C LEU C 585 20.57 -9.64 -26.33
N VAL C 586 21.42 -10.57 -26.75
CA VAL C 586 22.45 -11.07 -25.84
C VAL C 586 23.82 -10.98 -26.51
N TYR C 587 24.78 -10.44 -25.75
CA TYR C 587 26.11 -10.21 -26.29
C TYR C 587 27.20 -10.50 -25.32
N ASN C 588 28.36 -10.83 -25.88
CA ASN C 588 29.63 -10.87 -25.17
C ASN C 588 30.14 -9.44 -25.18
N SER C 589 30.49 -8.90 -24.02
CA SER C 589 31.00 -7.53 -24.01
C SER C 589 32.49 -7.49 -24.32
N ALA C 590 33.01 -6.27 -24.52
CA ALA C 590 34.44 -6.04 -24.65
C ALA C 590 35.01 -6.22 -23.24
N LEU C 591 36.33 -6.34 -23.08
CA LEU C 591 36.91 -6.49 -21.75
C LEU C 591 37.01 -5.13 -21.07
N SER C 592 35.83 -4.59 -20.74
CA SER C 592 35.62 -3.29 -20.13
C SER C 592 34.57 -3.41 -19.04
N GLU C 593 34.71 -2.61 -17.98
CA GLU C 593 33.70 -2.54 -16.91
C GLU C 593 33.06 -1.16 -16.91
N PHE C 594 33.89 -0.11 -16.89
CA PHE C 594 33.49 1.30 -16.89
C PHE C 594 32.58 1.59 -18.10
N ALA C 595 33.08 1.40 -19.33
CA ALA C 595 32.28 1.66 -20.53
C ALA C 595 31.07 0.70 -20.66
N ALA C 596 31.25 -0.62 -20.34
CA ALA C 596 30.14 -1.57 -20.43
C ALA C 596 28.99 -1.25 -19.43
N VAL C 597 29.32 -1.00 -18.13
CA VAL C 597 28.28 -0.69 -17.11
C VAL C 597 27.62 0.65 -17.49
N GLY C 598 28.41 1.63 -17.89
CA GLY C 598 27.93 2.92 -18.38
C GLY C 598 26.91 2.74 -19.49
N PHE C 599 27.27 1.91 -20.50
CA PHE C 599 26.41 1.61 -21.65
C PHE C 599 25.06 1.02 -21.25
N GLU C 600 25.06 0.02 -20.37
CA GLU C 600 23.84 -0.66 -19.93
C GLU C 600 22.99 0.28 -19.10
N TYR C 601 23.62 1.13 -18.26
CA TYR C 601 22.85 2.13 -17.52
C TYR C 601 22.13 3.07 -18.51
N GLY C 602 22.87 3.60 -19.49
CA GLY C 602 22.32 4.47 -20.51
C GLY C 602 21.23 3.79 -21.32
N TYR C 603 21.43 2.50 -21.67
CA TYR C 603 20.46 1.70 -22.41
C TYR C 603 19.11 1.65 -21.64
N SER C 604 19.11 1.36 -20.32
CA SER C 604 17.89 1.34 -19.48
C SER C 604 17.18 2.75 -19.43
N VAL C 605 17.96 3.85 -19.53
CA VAL C 605 17.45 5.22 -19.57
C VAL C 605 16.77 5.45 -20.97
N GLY C 606 17.44 5.03 -22.04
CA GLY C 606 16.96 5.16 -23.42
C GLY C 606 15.68 4.39 -23.70
N ASN C 607 15.47 3.24 -22.98
CA ASN C 607 14.27 2.42 -23.12
C ASN C 607 13.87 1.90 -21.74
N PRO C 608 13.01 2.68 -21.03
CA PRO C 608 12.56 2.27 -19.69
C PRO C 608 11.76 0.96 -19.64
N ASP C 609 11.22 0.53 -20.80
CA ASP C 609 10.40 -0.69 -20.93
C ASP C 609 11.26 -1.93 -21.21
N ALA C 610 12.56 -1.74 -21.39
CA ALA C 610 13.46 -2.87 -21.61
C ALA C 610 13.91 -3.48 -20.29
N MET C 611 14.23 -4.77 -20.34
CA MET C 611 14.85 -5.51 -19.23
C MET C 611 16.33 -5.51 -19.58
N VAL C 612 17.13 -4.77 -18.84
CA VAL C 612 18.56 -4.61 -19.14
C VAL C 612 19.40 -5.17 -18.02
N LEU C 613 20.25 -6.17 -18.36
CA LEU C 613 21.11 -6.82 -17.37
C LEU C 613 22.56 -6.81 -17.82
N TRP C 614 23.45 -6.39 -16.91
CA TRP C 614 24.87 -6.42 -17.11
C TRP C 614 25.43 -7.41 -16.13
N GLU C 615 26.30 -8.28 -16.63
CA GLU C 615 26.90 -9.29 -15.80
C GLU C 615 28.40 -9.10 -15.69
N ALA C 616 28.89 -9.01 -14.44
CA ALA C 616 30.32 -8.97 -14.16
C ALA C 616 30.89 -10.37 -14.32
N GLN C 617 32.14 -10.52 -14.81
CA GLN C 617 32.75 -11.86 -14.92
C GLN C 617 32.72 -12.48 -13.53
N PHE C 618 33.18 -11.70 -12.56
CA PHE C 618 33.17 -11.95 -11.12
C PHE C 618 32.80 -10.59 -10.53
N GLY C 619 31.98 -10.54 -9.47
CA GLY C 619 31.60 -9.27 -8.84
C GLY C 619 32.79 -8.36 -8.51
N ASP C 620 33.96 -8.97 -8.24
CA ASP C 620 35.23 -8.31 -7.88
C ASP C 620 35.73 -7.30 -8.92
N PHE C 621 35.30 -7.42 -10.20
CA PHE C 621 35.78 -6.54 -11.25
C PHE C 621 34.87 -5.31 -11.47
N VAL C 622 33.71 -5.23 -10.80
CA VAL C 622 32.78 -4.10 -10.94
C VAL C 622 33.37 -2.82 -10.31
N ASN C 623 34.42 -2.91 -9.47
CA ASN C 623 35.04 -1.67 -8.96
C ASN C 623 35.72 -0.87 -10.11
N GLY C 624 35.95 -1.48 -11.29
CA GLY C 624 36.47 -0.79 -12.47
C GLY C 624 35.41 0.13 -13.05
N ALA C 625 34.15 -0.04 -12.60
CA ALA C 625 33.01 0.77 -13.02
C ALA C 625 32.49 1.59 -11.84
N GLN C 626 33.35 1.86 -10.83
CA GLN C 626 32.92 2.58 -9.61
C GLN C 626 32.27 3.92 -9.90
N SER C 627 32.86 4.68 -10.86
CA SER C 627 32.36 5.97 -11.26
C SER C 627 30.91 5.87 -11.75
N ILE C 628 30.56 4.85 -12.55
CA ILE C 628 29.16 4.69 -13.03
C ILE C 628 28.23 4.32 -11.84
N ILE C 629 28.69 3.41 -10.95
CA ILE C 629 27.86 2.96 -9.82
C ILE C 629 27.55 4.15 -8.91
N ASP C 630 28.60 4.93 -8.54
CA ASP C 630 28.51 6.09 -7.68
C ASP C 630 27.73 7.26 -8.29
N GLU C 631 28.06 7.63 -9.55
CA GLU C 631 27.54 8.83 -10.18
C GLU C 631 26.24 8.68 -10.96
N PHE C 632 25.88 7.48 -11.41
CA PHE C 632 24.67 7.32 -12.22
C PHE C 632 23.67 6.37 -11.57
N ILE C 633 24.08 5.10 -11.36
CA ILE C 633 23.21 4.03 -10.89
C ILE C 633 22.62 4.29 -9.49
N SER C 634 23.46 4.51 -8.47
CA SER C 634 22.97 4.66 -7.10
C SER C 634 22.33 6.00 -6.81
N SER C 635 22.65 7.02 -7.61
CA SER C 635 22.30 8.40 -7.28
C SER C 635 21.58 9.25 -8.36
N GLY C 636 21.54 8.80 -9.61
CA GLY C 636 20.91 9.54 -10.70
C GLY C 636 19.48 9.98 -10.49
N GLU C 637 18.68 9.17 -9.82
CA GLU C 637 17.26 9.47 -9.56
C GLU C 637 17.11 10.65 -8.59
N ALA C 638 17.85 10.63 -7.45
CA ALA C 638 17.79 11.69 -6.45
C ALA C 638 18.38 12.97 -6.97
N LYS C 639 19.45 12.87 -7.77
CA LYS C 639 20.13 14.08 -8.26
C LYS C 639 19.44 14.73 -9.43
N TRP C 640 18.92 13.95 -10.38
CA TRP C 640 18.40 14.52 -11.61
C TRP C 640 17.00 14.08 -11.97
N GLY C 641 16.40 13.19 -11.17
CA GLY C 641 15.08 12.65 -11.49
C GLY C 641 15.16 11.69 -12.67
N GLN C 642 16.37 11.25 -12.98
CA GLN C 642 16.64 10.30 -14.07
C GLN C 642 16.51 8.89 -13.52
N LEU C 643 15.63 8.11 -14.14
CA LEU C 643 15.32 6.78 -13.68
C LEU C 643 16.01 5.72 -14.55
N SER C 644 16.37 4.60 -13.92
CA SER C 644 17.01 3.46 -14.55
C SER C 644 16.59 2.18 -13.87
N ASP C 645 16.24 1.15 -14.67
CA ASP C 645 15.84 -0.14 -14.19
C ASP C 645 16.98 -1.15 -14.44
N VAL C 646 18.22 -0.68 -14.62
CA VAL C 646 19.38 -1.53 -14.91
C VAL C 646 19.60 -2.61 -13.82
N VAL C 647 19.96 -3.81 -14.25
CA VAL C 647 20.29 -4.93 -13.37
C VAL C 647 21.79 -5.18 -13.46
N LEU C 648 22.45 -5.25 -12.29
CA LEU C 648 23.85 -5.69 -12.23
C LEU C 648 23.88 -7.10 -11.62
N LEU C 649 24.45 -8.08 -12.34
CA LEU C 649 24.61 -9.46 -11.86
C LEU C 649 26.05 -9.62 -11.45
N LEU C 650 26.29 -9.85 -10.15
CA LEU C 650 27.65 -9.90 -9.62
C LEU C 650 27.97 -11.25 -8.99
N PRO C 651 28.67 -12.16 -9.73
CA PRO C 651 29.02 -13.48 -9.16
C PRO C 651 29.86 -13.30 -7.92
N HIS C 652 29.35 -13.87 -6.81
CA HIS C 652 29.85 -13.65 -5.45
C HIS C 652 29.83 -14.96 -4.61
N GLY C 653 30.82 -15.12 -3.72
CA GLY C 653 30.93 -16.25 -2.82
C GLY C 653 32.34 -16.70 -2.50
N HIS C 654 32.61 -17.00 -1.21
CA HIS C 654 33.91 -17.46 -0.73
C HIS C 654 34.08 -18.94 -1.09
N GLU C 655 35.03 -19.24 -2.00
CA GLU C 655 35.27 -20.59 -2.52
C GLU C 655 36.76 -20.96 -2.60
N GLY C 656 37.63 -20.09 -2.12
CA GLY C 656 39.08 -20.29 -2.13
C GLY C 656 39.77 -19.82 -3.38
N GLN C 657 39.08 -19.02 -4.22
CA GLN C 657 39.64 -18.50 -5.47
C GLN C 657 40.39 -17.16 -5.34
N GLY C 658 40.62 -16.67 -4.12
CA GLY C 658 41.39 -15.45 -3.93
C GLY C 658 40.56 -14.18 -3.77
N PRO C 659 41.26 -13.09 -3.38
CA PRO C 659 40.58 -11.79 -3.11
C PRO C 659 39.97 -11.11 -4.34
N ASP C 660 40.29 -11.58 -5.58
CA ASP C 660 39.75 -11.00 -6.81
C ASP C 660 38.75 -11.91 -7.51
N HIS C 661 38.38 -13.06 -6.88
CA HIS C 661 37.39 -14.01 -7.40
C HIS C 661 36.51 -14.48 -6.24
N THR C 662 36.10 -13.55 -5.35
CA THR C 662 35.30 -13.93 -4.19
C THR C 662 34.17 -12.94 -3.87
N SER C 663 34.41 -11.63 -4.00
CA SER C 663 33.47 -10.63 -3.54
C SER C 663 33.10 -9.54 -4.50
N GLY C 664 31.79 -9.27 -4.60
CA GLY C 664 31.21 -8.16 -5.35
C GLY C 664 31.03 -6.94 -4.45
N ARG C 665 31.56 -7.00 -3.21
CA ARG C 665 31.57 -5.97 -2.19
C ARG C 665 30.11 -5.52 -1.84
N ILE C 666 29.36 -6.44 -1.20
CA ILE C 666 27.99 -6.23 -0.73
C ILE C 666 27.92 -4.96 0.12
N GLU C 667 28.88 -4.80 1.07
CA GLU C 667 29.03 -3.70 2.01
C GLU C 667 29.11 -2.33 1.31
N ARG C 668 29.68 -2.28 0.09
CA ARG C 668 29.78 -1.01 -0.62
C ARG C 668 28.41 -0.62 -1.22
N PHE C 669 27.67 -1.60 -1.79
CA PHE C 669 26.35 -1.32 -2.37
C PHE C 669 25.36 -1.00 -1.25
N LEU C 670 25.48 -1.69 -0.09
CA LEU C 670 24.63 -1.43 1.07
C LEU C 670 24.89 -0.05 1.66
N GLN C 671 26.15 0.42 1.61
CA GLN C 671 26.56 1.75 2.08
C GLN C 671 25.98 2.84 1.17
N LEU C 672 26.01 2.61 -0.15
CA LEU C 672 25.50 3.55 -1.16
C LEU C 672 23.98 3.69 -1.11
N TRP C 673 23.28 2.62 -0.71
CA TRP C 673 21.83 2.53 -0.64
C TRP C 673 21.24 3.56 0.34
N ALA C 674 20.11 4.15 -0.07
CA ALA C 674 19.19 5.01 0.67
C ALA C 674 17.79 4.68 0.20
N GLU C 675 16.78 4.84 1.08
CA GLU C 675 15.38 4.46 0.81
C GLU C 675 14.96 4.79 -0.63
N GLY C 676 14.53 3.75 -1.34
CA GLY C 676 14.05 3.80 -2.71
C GLY C 676 15.07 4.08 -3.80
N SER C 677 16.39 3.87 -3.53
CA SER C 677 17.33 4.17 -4.60
C SER C 677 17.63 2.92 -5.41
N MET C 678 17.82 1.77 -4.74
CA MET C 678 18.18 0.50 -5.37
C MET C 678 17.56 -0.67 -4.63
N THR C 679 17.46 -1.82 -5.31
CA THR C 679 17.04 -3.08 -4.71
C THR C 679 18.31 -3.92 -4.71
N ILE C 680 18.66 -4.50 -3.56
CA ILE C 680 19.88 -5.31 -3.46
C ILE C 680 19.50 -6.69 -2.93
N ALA C 681 19.84 -7.75 -3.70
CA ALA C 681 19.45 -9.11 -3.30
C ALA C 681 20.55 -10.15 -3.51
N MET C 682 20.51 -11.20 -2.67
CA MET C 682 21.40 -12.37 -2.79
C MET C 682 20.51 -13.61 -2.67
N PRO C 683 19.82 -14.00 -3.78
CA PRO C 683 18.90 -15.14 -3.71
C PRO C 683 19.65 -16.44 -3.50
N SER C 684 19.03 -17.40 -2.78
CA SER C 684 19.63 -18.70 -2.48
C SER C 684 19.00 -19.82 -3.31
N THR C 685 17.84 -19.55 -3.94
CA THR C 685 17.19 -20.60 -4.73
C THR C 685 16.92 -20.14 -6.15
N PRO C 686 16.95 -21.07 -7.14
CA PRO C 686 16.66 -20.70 -8.53
C PRO C 686 15.28 -20.04 -8.69
N ALA C 687 14.23 -20.59 -8.05
CA ALA C 687 12.87 -20.01 -8.15
C ALA C 687 12.79 -18.60 -7.57
N ASN C 688 13.49 -18.33 -6.46
CA ASN C 688 13.44 -16.99 -5.88
C ASN C 688 14.15 -15.99 -6.77
N TYR C 689 15.20 -16.43 -7.49
CA TYR C 689 15.90 -15.58 -8.46
C TYR C 689 14.98 -15.30 -9.66
N PHE C 690 14.25 -16.34 -10.13
CA PHE C 690 13.29 -16.22 -11.24
C PHE C 690 12.21 -15.15 -10.90
N HIS C 691 11.65 -15.23 -9.68
CA HIS C 691 10.62 -14.30 -9.22
C HIS C 691 11.17 -12.91 -9.00
N LEU C 692 12.42 -12.79 -8.52
CA LEU C 692 13.10 -11.52 -8.34
C LEU C 692 13.20 -10.77 -9.70
N LEU C 693 13.66 -11.49 -10.76
CA LEU C 693 13.80 -10.90 -12.10
C LEU C 693 12.44 -10.54 -12.71
N ARG C 694 11.44 -11.41 -12.52
CA ARG C 694 10.10 -11.14 -13.06
C ARG C 694 9.45 -9.95 -12.33
N ARG C 695 9.61 -9.86 -10.98
CA ARG C 695 9.09 -8.71 -10.22
C ARG C 695 9.74 -7.42 -10.75
N HIS C 696 11.07 -7.44 -10.94
CA HIS C 696 11.85 -6.31 -11.44
C HIS C 696 11.38 -5.84 -12.84
N GLY C 697 11.12 -6.78 -13.74
CA GLY C 697 10.67 -6.42 -15.07
C GLY C 697 9.20 -6.04 -15.18
N LYS C 698 8.38 -6.39 -14.18
CA LYS C 698 6.90 -6.17 -14.24
C LYS C 698 6.32 -5.25 -13.16
N ASP C 699 7.14 -4.72 -12.23
CA ASP C 699 6.65 -3.87 -11.13
C ASP C 699 6.26 -2.42 -11.53
N GLY C 700 6.52 -2.03 -12.77
CA GLY C 700 6.25 -0.69 -13.27
C GLY C 700 7.05 0.42 -12.59
N ILE C 701 8.14 0.06 -11.86
CA ILE C 701 9.04 0.93 -11.10
C ILE C 701 10.39 1.00 -11.84
N GLN C 702 11.03 2.15 -11.84
CA GLN C 702 12.33 2.32 -12.44
C GLN C 702 13.32 2.44 -11.32
N ARG C 703 14.00 1.32 -11.03
CA ARG C 703 14.95 1.26 -9.92
C ARG C 703 16.02 0.21 -10.18
N PRO C 704 17.32 0.55 -10.01
CA PRO C 704 18.36 -0.47 -10.24
C PRO C 704 18.26 -1.65 -9.28
N LEU C 705 18.59 -2.85 -9.79
CA LEU C 705 18.60 -4.09 -9.02
C LEU C 705 20.03 -4.63 -9.02
N ILE C 706 20.58 -4.83 -7.81
CA ILE C 706 21.92 -5.38 -7.66
C ILE C 706 21.74 -6.81 -7.14
N VAL C 707 22.22 -7.81 -7.93
CA VAL C 707 22.08 -9.22 -7.58
C VAL C 707 23.45 -9.84 -7.39
N PHE C 708 23.65 -10.45 -6.21
CA PHE C 708 24.85 -11.22 -5.90
C PHE C 708 24.49 -12.65 -6.27
N THR C 709 25.06 -13.11 -7.40
CA THR C 709 24.76 -14.39 -8.04
C THR C 709 25.78 -15.50 -7.69
N PRO C 710 25.42 -16.80 -7.85
CA PRO C 710 26.34 -17.85 -7.43
C PRO C 710 27.37 -18.23 -8.48
N LYS C 711 28.32 -19.06 -8.03
CA LYS C 711 29.44 -19.62 -8.78
C LYS C 711 29.33 -21.13 -8.63
N SER C 712 29.90 -21.76 -7.58
CA SER C 712 29.78 -23.20 -7.31
C SER C 712 28.31 -23.63 -7.01
N MET C 713 27.51 -22.73 -6.39
CA MET C 713 26.11 -22.99 -6.04
C MET C 713 25.21 -23.19 -7.29
N LEU C 714 25.70 -22.82 -8.50
CA LEU C 714 25.00 -23.10 -9.76
C LEU C 714 24.81 -24.61 -9.93
N ARG C 715 25.78 -25.41 -9.45
CA ARG C 715 25.82 -26.86 -9.59
C ARG C 715 25.55 -27.60 -8.27
N ASN C 716 25.17 -26.91 -7.21
CA ASN C 716 24.84 -27.54 -5.95
C ASN C 716 23.45 -28.18 -6.09
N LYS C 717 23.37 -29.52 -5.94
CA LYS C 717 22.15 -30.33 -6.10
C LYS C 717 21.06 -29.99 -5.09
N ALA C 718 21.40 -29.40 -3.93
CA ALA C 718 20.41 -28.92 -2.96
C ALA C 718 19.80 -27.58 -3.41
N ALA C 719 20.51 -26.82 -4.29
CA ALA C 719 20.05 -25.52 -4.77
C ALA C 719 19.27 -25.67 -6.08
N VAL C 720 18.15 -26.44 -6.02
CA VAL C 720 17.23 -26.68 -7.15
C VAL C 720 15.80 -26.39 -6.68
N SER C 721 14.89 -26.11 -7.63
CA SER C 721 13.52 -25.76 -7.32
C SER C 721 12.49 -26.59 -8.08
N ASP C 722 11.32 -26.78 -7.47
CA ASP C 722 10.20 -27.52 -8.04
C ASP C 722 9.41 -26.64 -9.00
N ILE C 723 8.67 -27.26 -9.94
CA ILE C 723 7.79 -26.56 -10.90
C ILE C 723 6.81 -25.63 -10.14
N ARG C 724 6.19 -26.10 -9.04
CA ARG C 724 5.23 -25.32 -8.24
C ARG C 724 5.82 -24.02 -7.68
N ASP C 725 7.15 -23.97 -7.44
CA ASP C 725 7.81 -22.76 -6.96
C ASP C 725 7.82 -21.66 -8.04
N PHE C 726 7.64 -22.03 -9.32
CA PHE C 726 7.56 -21.12 -10.46
C PHE C 726 6.12 -20.81 -10.86
N THR C 727 5.21 -21.79 -10.69
CA THR C 727 3.83 -21.68 -11.11
C THR C 727 2.86 -21.24 -10.01
N GLU C 728 3.19 -21.40 -8.73
CA GLU C 728 2.21 -21.06 -7.69
C GLU C 728 2.84 -20.26 -6.54
N SER C 729 4.01 -19.66 -6.77
CA SER C 729 4.67 -18.87 -5.73
C SER C 729 4.98 -17.45 -6.24
N LYS C 730 5.72 -16.69 -5.43
CA LYS C 730 6.12 -15.31 -5.66
C LYS C 730 7.50 -15.08 -5.05
N PHE C 731 8.07 -13.87 -5.21
CA PHE C 731 9.37 -13.53 -4.62
C PHE C 731 9.26 -13.50 -3.08
N ARG C 732 10.15 -14.19 -2.41
CA ARG C 732 10.17 -14.26 -0.95
C ARG C 732 11.45 -13.57 -0.50
N SER C 733 11.27 -12.40 0.15
CA SER C 733 12.35 -11.57 0.68
C SER C 733 13.03 -12.24 1.89
N VAL C 734 12.29 -13.11 2.59
CA VAL C 734 12.72 -13.87 3.77
C VAL C 734 12.31 -15.33 3.57
N LEU C 735 13.26 -16.25 3.71
CA LEU C 735 12.99 -17.67 3.54
C LEU C 735 13.31 -18.48 4.79
N GLU C 736 12.39 -19.39 5.13
CA GLU C 736 12.57 -20.34 6.22
C GLU C 736 13.03 -21.68 5.67
N GLU C 737 13.52 -22.56 6.56
CA GLU C 737 13.89 -23.94 6.19
C GLU C 737 12.65 -24.73 5.78
N PRO C 738 12.72 -25.52 4.68
CA PRO C 738 11.54 -26.31 4.24
C PRO C 738 10.98 -27.28 5.30
N MET C 739 11.79 -27.71 6.29
CA MET C 739 11.33 -28.61 7.36
C MET C 739 10.24 -27.96 8.22
N TYR C 740 10.19 -26.61 8.26
CA TYR C 740 9.19 -25.88 9.05
C TYR C 740 7.98 -25.53 8.21
N THR C 741 8.20 -25.13 6.94
CA THR C 741 7.11 -24.73 6.03
C THR C 741 6.40 -25.93 5.36
N ASP C 742 7.14 -27.00 5.04
CA ASP C 742 6.62 -28.16 4.31
C ASP C 742 6.84 -29.49 5.04
N GLY C 743 7.86 -29.57 5.88
CA GLY C 743 8.19 -30.79 6.62
C GLY C 743 7.51 -30.96 7.96
N GLU C 744 8.18 -31.70 8.86
CA GLU C 744 7.68 -32.04 10.18
C GLU C 744 8.53 -31.44 11.32
N GLY C 745 9.29 -30.39 11.00
CA GLY C 745 10.10 -29.66 11.97
C GLY C 745 9.27 -28.88 12.99
N ASP C 746 9.79 -28.71 14.22
CA ASP C 746 9.12 -28.01 15.31
C ASP C 746 9.87 -26.70 15.62
N ARG C 747 9.25 -25.56 15.27
CA ARG C 747 9.78 -24.20 15.47
C ARG C 747 9.98 -23.86 16.96
N ASN C 748 9.17 -24.46 17.85
CA ASN C 748 9.17 -24.23 19.30
C ASN C 748 10.39 -24.86 20.00
N LYS C 749 11.08 -25.76 19.33
CA LYS C 749 12.30 -26.37 19.85
C LYS C 749 13.50 -25.46 19.64
N VAL C 750 13.38 -24.47 18.74
CA VAL C 750 14.49 -23.57 18.38
C VAL C 750 14.80 -22.59 19.51
N THR C 751 16.08 -22.62 19.98
CA THR C 751 16.63 -21.74 21.01
C THR C 751 17.72 -20.81 20.43
N ARG C 752 18.30 -21.16 19.27
CA ARG C 752 19.33 -20.39 18.58
C ARG C 752 18.88 -20.12 17.14
N LEU C 753 18.89 -18.85 16.76
CA LEU C 753 18.49 -18.49 15.42
C LEU C 753 19.68 -17.94 14.63
N LEU C 754 19.95 -18.56 13.48
CA LEU C 754 21.00 -18.10 12.60
C LEU C 754 20.37 -17.38 11.44
N LEU C 755 20.73 -16.10 11.24
CA LEU C 755 20.26 -15.29 10.12
C LEU C 755 21.39 -15.20 9.13
N THR C 756 21.09 -15.47 7.87
CA THR C 756 22.13 -15.48 6.85
C THR C 756 21.55 -15.13 5.48
N SER C 757 22.39 -15.19 4.46
CA SER C 757 22.05 -14.95 3.07
C SER C 757 23.05 -15.67 2.18
N GLY C 758 22.59 -16.18 1.05
CA GLY C 758 23.45 -16.86 0.09
C GLY C 758 23.74 -18.33 0.36
N LYS C 759 24.74 -18.86 -0.37
CA LYS C 759 25.14 -20.26 -0.37
C LYS C 759 25.54 -20.83 1.03
N ILE C 760 25.98 -20.02 2.01
CA ILE C 760 26.38 -20.56 3.32
C ILE C 760 25.18 -21.26 4.01
N TYR C 761 23.92 -20.91 3.62
CA TYR C 761 22.71 -21.55 4.12
C TYR C 761 22.81 -23.08 3.99
N TYR C 762 23.19 -23.56 2.79
CA TYR C 762 23.28 -25.00 2.46
C TYR C 762 24.28 -25.73 3.36
N GLU C 763 25.43 -25.08 3.66
CA GLU C 763 26.44 -25.61 4.55
C GLU C 763 25.92 -25.66 5.99
N LEU C 764 25.22 -24.59 6.43
CA LEU C 764 24.62 -24.52 7.76
C LEU C 764 23.52 -25.57 7.92
N ALA C 765 22.67 -25.75 6.87
CA ALA C 765 21.58 -26.73 6.87
C ALA C 765 22.11 -28.18 6.85
N ALA C 766 23.24 -28.42 6.12
CA ALA C 766 23.91 -29.73 6.05
C ALA C 766 24.48 -30.09 7.43
N ARG C 767 25.05 -29.09 8.14
CA ARG C 767 25.58 -29.29 9.50
C ARG C 767 24.45 -29.59 10.50
N LYS C 768 23.31 -28.90 10.37
CA LYS C 768 22.15 -29.09 11.25
C LYS C 768 21.60 -30.52 11.07
N ALA C 769 21.50 -30.98 9.81
CA ALA C 769 21.01 -32.32 9.48
C ALA C 769 21.96 -33.41 10.03
N LYS C 770 23.30 -33.20 9.90
CA LYS C 770 24.32 -34.14 10.36
C LYS C 770 24.24 -34.39 11.88
N GLU C 771 24.17 -33.33 12.68
CA GLU C 771 24.10 -33.40 14.15
C GLU C 771 22.67 -33.44 14.69
N ASN C 772 21.64 -33.43 13.80
CA ASN C 772 20.21 -33.44 14.15
C ASN C 772 19.89 -32.28 15.13
N ARG C 773 20.34 -31.05 14.80
CA ARG C 773 20.17 -29.87 15.66
C ARG C 773 18.79 -29.21 15.48
N GLU C 774 17.82 -29.65 16.28
CA GLU C 774 16.44 -29.13 16.31
C GLU C 774 16.36 -27.80 17.07
N ASP C 775 17.36 -27.52 17.93
CA ASP C 775 17.47 -26.30 18.74
C ASP C 775 17.94 -25.09 17.92
N VAL C 776 18.39 -25.32 16.67
CA VAL C 776 18.92 -24.27 15.80
C VAL C 776 18.05 -24.12 14.56
N ALA C 777 17.73 -22.86 14.17
CA ALA C 777 16.96 -22.56 12.96
C ALA C 777 17.73 -21.60 12.10
N ILE C 778 17.67 -21.78 10.76
CA ILE C 778 18.38 -20.92 9.80
C ILE C 778 17.35 -20.13 8.97
N VAL C 779 17.43 -18.80 9.07
CA VAL C 779 16.52 -17.88 8.35
C VAL C 779 17.35 -17.11 7.33
N ARG C 780 16.88 -17.09 6.08
CA ARG C 780 17.58 -16.40 4.99
C ARG C 780 16.98 -15.05 4.69
N ILE C 781 17.83 -14.03 4.57
CA ILE C 781 17.43 -12.68 4.15
C ILE C 781 17.84 -12.61 2.67
N GLU C 782 16.86 -12.84 1.78
CA GLU C 782 17.03 -12.87 0.32
C GLU C 782 17.15 -11.46 -0.27
N GLN C 783 16.35 -10.51 0.24
CA GLN C 783 16.37 -9.11 -0.15
C GLN C 783 17.13 -8.34 0.92
N LEU C 784 18.36 -7.92 0.60
CA LEU C 784 19.23 -7.21 1.55
C LEU C 784 18.81 -5.75 1.73
N ALA C 785 18.36 -5.11 0.63
CA ALA C 785 17.90 -3.71 0.63
C ALA C 785 16.76 -3.52 -0.37
N PRO C 786 15.62 -2.89 0.02
CA PRO C 786 15.28 -2.42 1.39
C PRO C 786 15.10 -3.62 2.32
N LEU C 787 15.41 -3.44 3.62
CA LEU C 787 15.27 -4.52 4.58
C LEU C 787 13.81 -4.95 4.67
N PRO C 788 13.51 -6.26 4.56
CA PRO C 788 12.11 -6.71 4.66
C PRO C 788 11.68 -6.81 6.12
N ARG C 789 11.57 -5.64 6.76
CA ARG C 789 11.24 -5.42 8.17
C ARG C 789 10.01 -6.25 8.63
N ARG C 790 8.86 -6.09 7.94
CA ARG C 790 7.59 -6.78 8.28
C ARG C 790 7.76 -8.28 8.15
N ARG C 791 8.30 -8.74 7.01
CA ARG C 791 8.51 -10.18 6.79
C ARG C 791 9.50 -10.74 7.83
N LEU C 792 10.58 -9.98 8.16
CA LEU C 792 11.53 -10.43 9.17
C LEU C 792 10.87 -10.60 10.53
N ALA C 793 10.07 -9.62 10.95
CA ALA C 793 9.40 -9.66 12.23
C ALA C 793 8.43 -10.82 12.32
N GLU C 794 7.59 -11.01 11.28
CA GLU C 794 6.59 -12.09 11.21
C GLU C 794 7.25 -13.47 11.24
N THR C 795 8.43 -13.62 10.58
CA THR C 795 9.17 -14.89 10.56
C THR C 795 9.72 -15.18 11.96
N LEU C 796 10.48 -14.23 12.57
CA LEU C 796 11.11 -14.42 13.88
C LEU C 796 10.08 -14.68 15.01
N ASP C 797 8.84 -14.14 14.87
CA ASP C 797 7.76 -14.31 15.85
C ASP C 797 7.28 -15.76 15.96
N ARG C 798 7.51 -16.57 14.91
CA ARG C 798 7.10 -17.99 14.85
C ARG C 798 8.07 -18.92 15.61
N TYR C 799 9.19 -18.37 16.12
CA TYR C 799 10.18 -19.08 16.94
C TYR C 799 10.19 -18.43 18.34
N PRO C 800 9.22 -18.75 19.21
CA PRO C 800 9.12 -18.02 20.49
C PRO C 800 10.17 -18.37 21.56
N ASN C 801 10.89 -19.47 21.43
CA ASN C 801 11.85 -19.86 22.46
C ASN C 801 13.30 -19.52 22.12
N VAL C 802 13.51 -18.62 21.14
CA VAL C 802 14.86 -18.22 20.75
C VAL C 802 15.46 -17.37 21.88
N LYS C 803 16.65 -17.78 22.35
CA LYS C 803 17.39 -17.13 23.43
C LYS C 803 18.59 -16.33 22.90
N GLU C 804 19.05 -16.65 21.67
CA GLU C 804 20.19 -15.99 21.03
C GLU C 804 20.03 -15.95 19.50
N LYS C 805 20.47 -14.86 18.88
CA LYS C 805 20.39 -14.67 17.44
C LYS C 805 21.75 -14.30 16.89
N PHE C 806 22.12 -14.89 15.77
CA PHE C 806 23.41 -14.62 15.14
C PHE C 806 23.27 -14.30 13.67
N TRP C 807 23.92 -13.24 13.22
CA TRP C 807 24.04 -12.95 11.79
C TRP C 807 25.27 -13.72 11.33
N VAL C 808 25.09 -14.65 10.38
CA VAL C 808 26.18 -15.52 9.88
C VAL C 808 26.52 -15.12 8.45
N GLN C 809 27.81 -14.91 8.20
CA GLN C 809 28.29 -14.56 6.86
C GLN C 809 29.68 -15.10 6.60
N GLU C 810 29.98 -15.33 5.33
CA GLU C 810 31.28 -15.80 4.87
C GLU C 810 32.29 -14.67 4.85
N GLU C 811 31.81 -13.45 4.58
CA GLU C 811 32.66 -12.28 4.39
C GLU C 811 33.34 -11.80 5.68
N PRO C 812 34.54 -11.16 5.55
CA PRO C 812 35.20 -10.56 6.71
C PRO C 812 34.26 -9.63 7.51
N ALA C 813 34.53 -9.44 8.82
CA ALA C 813 33.67 -8.67 9.76
C ALA C 813 33.34 -7.23 9.27
N ASN C 814 34.28 -6.57 8.55
CA ASN C 814 34.13 -5.23 8.00
C ASN C 814 33.50 -5.26 6.61
N GLN C 815 33.05 -6.45 6.15
CA GLN C 815 32.48 -6.64 4.79
C GLN C 815 31.16 -7.41 4.87
N GLY C 816 30.58 -7.72 3.71
CA GLY C 816 29.27 -8.38 3.63
C GLY C 816 28.16 -7.49 4.14
N ALA C 817 27.13 -8.07 4.74
CA ALA C 817 25.98 -7.30 5.24
C ALA C 817 26.12 -6.83 6.68
N TRP C 818 27.09 -7.39 7.47
CA TRP C 818 27.21 -7.06 8.91
C TRP C 818 27.42 -5.56 9.20
N PRO C 819 28.38 -4.81 8.57
CA PRO C 819 28.53 -3.39 8.93
C PRO C 819 27.22 -2.61 8.92
N SER C 820 26.30 -2.89 7.96
CA SER C 820 25.03 -2.16 7.92
C SER C 820 23.94 -2.86 8.74
N PHE C 821 23.81 -4.21 8.66
CA PHE C 821 22.80 -4.98 9.42
C PHE C 821 23.04 -4.91 10.93
N GLY C 822 24.30 -4.94 11.34
CA GLY C 822 24.70 -4.87 12.75
C GLY C 822 24.31 -3.56 13.40
N LEU C 823 24.20 -2.50 12.59
CA LEU C 823 23.79 -1.17 13.03
C LEU C 823 22.27 -0.96 12.82
N THR C 824 21.71 -1.43 11.70
CA THR C 824 20.30 -1.24 11.32
C THR C 824 19.30 -2.21 11.99
N LEU C 825 19.58 -3.54 12.06
CA LEU C 825 18.62 -4.51 12.63
C LEU C 825 18.28 -4.21 14.11
N PRO C 826 19.22 -3.97 15.04
CA PRO C 826 18.82 -3.59 16.40
C PRO C 826 18.10 -2.21 16.50
N GLU C 827 18.11 -1.39 15.42
CA GLU C 827 17.41 -0.11 15.42
C GLU C 827 15.96 -0.23 14.89
N ILE C 828 15.78 -0.89 13.74
CA ILE C 828 14.49 -1.02 13.05
C ILE C 828 13.57 -2.06 13.74
N LEU C 829 14.17 -3.11 14.35
CA LEU C 829 13.44 -4.15 15.08
C LEU C 829 14.13 -4.35 16.45
N PRO C 830 13.96 -3.39 17.42
CA PRO C 830 14.65 -3.53 18.72
C PRO C 830 14.20 -4.72 19.54
N ASP C 831 12.92 -5.13 19.47
CA ASP C 831 12.45 -6.28 20.25
C ASP C 831 12.90 -7.63 19.66
N HIS C 832 13.39 -7.61 18.41
CA HIS C 832 13.85 -8.83 17.75
C HIS C 832 15.37 -8.96 17.71
N PHE C 833 16.10 -7.87 17.42
CA PHE C 833 17.55 -7.93 17.20
C PHE C 833 18.44 -7.24 18.27
N THR C 834 17.88 -6.84 19.43
CA THR C 834 18.71 -6.31 20.55
C THR C 834 19.55 -7.51 21.03
N GLY C 835 20.86 -7.35 21.03
CA GLY C 835 21.74 -8.45 21.41
C GLY C 835 22.18 -9.35 20.25
N LEU C 836 21.91 -8.92 19.00
CA LEU C 836 22.31 -9.64 17.79
C LEU C 836 23.84 -9.72 17.73
N LYS C 837 24.36 -10.92 17.50
CA LYS C 837 25.79 -11.12 17.45
C LYS C 837 26.22 -11.56 16.05
N ARG C 838 27.51 -11.36 15.74
CA ARG C 838 28.08 -11.68 14.45
C ARG C 838 28.93 -12.96 14.48
N ILE C 839 28.77 -13.78 13.41
CA ILE C 839 29.60 -14.95 13.10
C ILE C 839 30.05 -14.73 11.67
N SER C 840 31.34 -14.50 11.48
CA SER C 840 31.93 -14.22 10.18
C SER C 840 33.41 -14.47 10.17
N ARG C 841 34.06 -14.15 9.04
CA ARG C 841 35.50 -14.18 8.96
C ARG C 841 35.99 -12.93 9.73
N ARG C 842 37.25 -12.92 10.18
CA ARG C 842 37.79 -11.75 10.89
C ARG C 842 37.86 -10.57 9.91
N ALA C 843 37.90 -9.31 10.43
CA ALA C 843 38.03 -8.12 9.57
C ALA C 843 39.32 -8.24 8.78
N MET C 844 39.27 -7.94 7.47
CA MET C 844 40.42 -8.05 6.57
C MET C 844 40.51 -6.85 5.65
N SER C 845 41.75 -6.48 5.26
CA SER C 845 42.00 -5.37 4.34
C SER C 845 41.70 -5.77 2.88
N ALA C 846 41.51 -7.07 2.63
CA ALA C 846 41.16 -7.63 1.31
C ALA C 846 39.84 -8.44 1.44
N PRO C 847 39.12 -8.76 0.33
CA PRO C 847 37.85 -9.49 0.48
C PRO C 847 37.99 -10.90 1.02
N SER C 848 39.20 -11.50 0.94
CA SER C 848 39.49 -12.85 1.42
C SER C 848 40.99 -13.09 1.50
N SER C 849 41.38 -14.27 2.01
CA SER C 849 42.75 -14.72 2.03
C SER C 849 43.13 -15.14 0.60
N GLY C 850 44.40 -15.09 0.27
CA GLY C 850 44.87 -15.51 -1.04
C GLY C 850 45.00 -17.01 -1.17
N SER C 851 45.01 -17.72 -0.01
CA SER C 851 45.20 -19.18 0.10
C SER C 851 43.87 -19.96 0.20
N SER C 852 43.69 -20.96 -0.67
CA SER C 852 42.51 -21.84 -0.65
C SER C 852 42.53 -22.74 0.63
N LYS C 853 43.72 -22.99 1.21
CA LYS C 853 43.85 -23.77 2.45
C LYS C 853 43.33 -22.95 3.65
N VAL C 854 43.71 -21.66 3.71
CA VAL C 854 43.27 -20.72 4.75
C VAL C 854 41.77 -20.56 4.64
N HIS C 855 41.25 -20.40 3.40
CA HIS C 855 39.81 -20.27 3.13
C HIS C 855 39.01 -21.44 3.77
N ALA C 856 39.45 -22.70 3.52
CA ALA C 856 38.81 -23.93 4.00
C ALA C 856 38.76 -23.99 5.53
N VAL C 857 39.86 -23.61 6.21
CA VAL C 857 39.91 -23.60 7.70
C VAL C 857 38.90 -22.57 8.22
N GLU C 858 38.89 -21.36 7.62
CA GLU C 858 37.99 -20.26 8.01
C GLU C 858 36.53 -20.62 7.78
N GLN C 859 36.23 -21.32 6.65
CA GLN C 859 34.86 -21.73 6.34
C GLN C 859 34.36 -22.71 7.41
N GLN C 860 35.19 -23.70 7.79
CA GLN C 860 34.85 -24.70 8.82
C GLN C 860 34.71 -24.03 10.18
N GLU C 861 35.58 -23.04 10.46
CA GLU C 861 35.58 -22.29 11.72
C GLU C 861 34.26 -21.55 11.91
N ILE C 862 33.66 -21.01 10.79
CA ILE C 862 32.36 -20.31 10.82
C ILE C 862 31.24 -21.31 11.20
N LEU C 863 31.24 -22.48 10.55
CA LEU C 863 30.22 -23.53 10.75
C LEU C 863 30.29 -24.10 12.17
N ASP C 864 31.52 -24.26 12.72
CA ASP C 864 31.73 -24.79 14.07
C ASP C 864 31.27 -23.78 15.10
N THR C 865 31.54 -22.48 14.87
CA THR C 865 31.13 -21.37 15.76
C THR C 865 29.59 -21.28 15.80
N ALA C 866 28.94 -21.42 14.62
CA ALA C 866 27.49 -21.36 14.48
C ALA C 866 26.78 -22.48 15.25
N PHE C 867 27.44 -23.67 15.34
CA PHE C 867 26.86 -24.82 16.05
C PHE C 867 27.63 -25.20 17.33
N GLY C 868 28.47 -24.28 17.83
CA GLY C 868 29.23 -24.46 19.05
C GLY C 868 28.46 -24.00 20.28
N LYS D 7 55.83 6.15 -64.80
CA LYS D 7 56.89 5.17 -65.08
C LYS D 7 57.54 4.73 -63.77
N ASN D 8 58.10 5.69 -63.02
CA ASN D 8 58.71 5.47 -61.72
C ASN D 8 57.79 6.05 -60.62
N ALA D 9 56.68 6.69 -61.06
CA ALA D 9 55.66 7.24 -60.18
C ALA D 9 54.88 6.09 -59.55
N ARG D 10 54.64 5.00 -60.34
CA ARG D 10 53.98 3.76 -59.91
C ARG D 10 54.91 2.97 -58.98
N VAL D 11 56.24 3.18 -59.14
CA VAL D 11 57.30 2.58 -58.35
C VAL D 11 57.33 3.30 -56.99
N ILE D 12 57.26 4.65 -57.00
CA ILE D 12 57.19 5.48 -55.78
C ILE D 12 55.91 5.13 -55.00
N GLU D 13 54.81 4.88 -55.75
CA GLU D 13 53.50 4.45 -55.23
C GLU D 13 53.62 3.08 -54.58
N LEU D 14 54.39 2.16 -55.22
CA LEU D 14 54.63 0.80 -54.74
C LEU D 14 55.40 0.82 -53.43
N ILE D 15 56.51 1.57 -53.38
CA ILE D 15 57.35 1.72 -52.18
C ILE D 15 56.47 2.25 -50.99
N ALA D 16 55.68 3.33 -51.23
CA ALA D 16 54.82 3.91 -50.20
C ALA D 16 53.75 2.93 -49.72
N ALA D 17 53.15 2.14 -50.64
CA ALA D 17 52.10 1.15 -50.34
C ALA D 17 52.62 0.05 -49.40
N TYR D 18 53.84 -0.46 -49.66
CA TYR D 18 54.47 -1.47 -48.81
C TYR D 18 54.75 -0.90 -47.42
N ARG D 19 55.34 0.30 -47.37
CA ARG D 19 55.67 0.98 -46.09
C ARG D 19 54.42 1.32 -45.26
N ASN D 20 53.35 1.79 -45.91
CA ASN D 20 52.11 2.19 -45.23
C ASN D 20 51.19 1.03 -44.87
N ARG D 21 50.95 0.10 -45.82
CA ARG D 21 49.93 -0.94 -45.73
C ARG D 21 50.40 -2.40 -45.85
N GLY D 22 51.69 -2.63 -46.10
CA GLY D 22 52.24 -4.00 -46.22
C GLY D 22 51.92 -4.90 -45.05
N HIS D 23 51.81 -4.32 -43.82
CA HIS D 23 51.47 -5.04 -42.57
C HIS D 23 50.09 -5.74 -42.68
N LEU D 24 49.18 -5.24 -43.55
CA LEU D 24 47.87 -5.85 -43.76
C LEU D 24 47.96 -7.15 -44.55
N MET D 25 49.10 -7.39 -45.23
CA MET D 25 49.35 -8.59 -46.04
C MET D 25 50.45 -9.48 -45.42
N ALA D 26 51.14 -9.02 -44.34
CA ALA D 26 52.18 -9.83 -43.70
C ALA D 26 51.60 -11.13 -43.09
N ASP D 27 52.34 -12.25 -43.22
CA ASP D 27 51.94 -13.57 -42.69
C ASP D 27 52.29 -13.60 -41.18
N ILE D 28 51.44 -12.95 -40.38
CA ILE D 28 51.64 -12.78 -38.92
C ILE D 28 50.83 -13.77 -38.08
N ASP D 29 49.73 -14.32 -38.62
CA ASP D 29 48.87 -15.23 -37.87
C ASP D 29 49.35 -16.67 -38.02
N PRO D 30 49.87 -17.32 -36.93
CA PRO D 30 50.31 -18.72 -37.04
C PRO D 30 49.18 -19.72 -37.33
N LEU D 31 47.92 -19.33 -37.08
CA LEU D 31 46.74 -20.16 -37.34
C LEU D 31 46.14 -19.94 -38.75
N ARG D 32 46.53 -18.84 -39.46
CA ARG D 32 46.03 -18.49 -40.81
C ARG D 32 44.47 -18.59 -40.89
N LEU D 33 43.77 -18.08 -39.83
CA LEU D 33 42.31 -18.14 -39.70
C LEU D 33 41.58 -17.36 -40.79
N ASP D 34 42.09 -16.17 -41.16
CA ASP D 34 41.46 -15.38 -42.21
C ASP D 34 42.01 -15.80 -43.56
N ASN D 35 41.13 -16.36 -44.40
CA ASN D 35 41.46 -16.80 -45.75
C ASN D 35 41.62 -15.60 -46.70
N THR D 36 40.69 -14.63 -46.61
CA THR D 36 40.62 -13.41 -47.44
C THR D 36 41.82 -12.45 -47.26
N ARG D 37 42.61 -12.64 -46.18
CA ARG D 37 43.77 -11.81 -45.80
C ARG D 37 44.75 -11.54 -46.97
N PHE D 38 45.13 -12.59 -47.73
CA PHE D 38 46.08 -12.45 -48.84
C PHE D 38 45.35 -12.42 -50.19
N ARG D 39 44.22 -11.69 -50.26
CA ARG D 39 43.42 -11.56 -51.48
C ARG D 39 42.88 -10.15 -51.64
N LEU D 56 60.68 -4.82 -64.35
CA LEU D 56 61.13 -5.75 -63.31
C LEU D 56 62.66 -5.84 -63.27
N ASP D 57 63.30 -5.87 -64.45
CA ASP D 57 64.75 -5.92 -64.62
C ASP D 57 65.33 -4.51 -64.89
N ARG D 58 64.45 -3.50 -65.08
CA ARG D 58 64.82 -2.09 -65.30
C ARG D 58 65.24 -1.45 -63.99
N GLU D 59 66.38 -0.73 -64.00
CA GLU D 59 66.93 -0.07 -62.82
C GLU D 59 66.25 1.28 -62.57
N PHE D 60 65.85 1.54 -61.30
CA PHE D 60 65.17 2.75 -60.85
C PHE D 60 65.97 3.43 -59.72
N LYS D 61 65.88 4.76 -59.62
CA LYS D 61 66.56 5.53 -58.57
C LYS D 61 65.75 5.51 -57.25
N VAL D 62 66.41 5.13 -56.14
CA VAL D 62 65.80 5.02 -54.82
C VAL D 62 66.72 5.60 -53.75
N ARG D 70 70.84 3.26 -57.46
CA ARG D 70 70.16 2.67 -58.61
C ARG D 70 70.09 1.13 -58.46
N LYS D 71 68.86 0.62 -58.34
CA LYS D 71 68.59 -0.82 -58.15
C LYS D 71 67.48 -1.30 -59.09
N LYS D 72 67.59 -2.57 -59.54
CA LYS D 72 66.60 -3.21 -60.41
C LYS D 72 65.30 -3.39 -59.62
N LEU D 73 64.17 -3.07 -60.28
CA LEU D 73 62.79 -3.11 -59.75
C LEU D 73 62.51 -4.38 -58.94
N ARG D 74 63.05 -5.53 -59.39
CA ARG D 74 62.89 -6.82 -58.72
C ARG D 74 63.54 -6.81 -57.33
N ASP D 75 64.74 -6.23 -57.20
CA ASP D 75 65.48 -6.15 -55.95
C ASP D 75 64.81 -5.17 -54.97
N ILE D 76 64.22 -4.06 -55.49
CA ILE D 76 63.50 -3.07 -54.68
C ILE D 76 62.29 -3.74 -54.02
N LEU D 77 61.45 -4.45 -54.83
CA LEU D 77 60.24 -5.13 -54.33
C LEU D 77 60.56 -6.32 -53.41
N SER D 78 61.64 -7.08 -53.70
CA SER D 78 62.07 -8.21 -52.86
C SER D 78 62.46 -7.71 -51.45
N VAL D 79 63.17 -6.56 -51.36
CA VAL D 79 63.54 -5.91 -50.09
C VAL D 79 62.24 -5.50 -49.36
N LEU D 80 61.28 -4.87 -50.10
CA LEU D 80 59.99 -4.43 -49.55
C LEU D 80 59.15 -5.59 -49.03
N ARG D 81 59.06 -6.69 -49.81
CA ARG D 81 58.29 -7.89 -49.44
C ARG D 81 58.89 -8.55 -48.17
N ASP D 82 60.22 -8.71 -48.10
CA ASP D 82 60.88 -9.30 -46.94
C ASP D 82 60.72 -8.44 -45.67
N ALA D 83 60.72 -7.11 -45.83
CA ALA D 83 60.64 -6.18 -44.72
C ALA D 83 59.23 -6.02 -44.18
N TYR D 84 58.23 -5.95 -45.08
CA TYR D 84 56.86 -5.61 -44.70
C TYR D 84 55.82 -6.70 -44.89
N CYS D 85 56.12 -7.79 -45.64
CA CYS D 85 55.08 -8.79 -45.89
C CYS D 85 55.51 -10.24 -45.60
N ARG D 86 56.45 -10.44 -44.65
CA ARG D 86 56.92 -11.79 -44.29
C ARG D 86 56.27 -12.16 -42.94
N HIS D 87 57.06 -12.34 -41.86
CA HIS D 87 56.47 -12.69 -40.56
C HIS D 87 56.36 -11.49 -39.59
N VAL D 88 56.73 -10.27 -40.06
CA VAL D 88 56.70 -9.05 -39.28
C VAL D 88 55.86 -7.98 -40.02
N GLY D 89 54.79 -7.56 -39.35
CA GLY D 89 53.91 -6.49 -39.81
C GLY D 89 54.39 -5.22 -39.13
N VAL D 90 54.92 -4.26 -39.91
CA VAL D 90 55.48 -3.00 -39.36
C VAL D 90 54.52 -1.81 -39.58
N GLU D 91 54.17 -1.14 -38.46
CA GLU D 91 53.33 0.06 -38.43
C GLU D 91 54.15 1.22 -37.89
N TYR D 92 54.56 2.13 -38.76
CA TYR D 92 55.42 3.23 -38.33
C TYR D 92 55.18 4.53 -39.10
N THR D 93 54.32 4.52 -40.13
CA THR D 93 54.09 5.71 -40.97
C THR D 93 53.15 6.73 -40.30
N HIS D 94 52.50 6.36 -39.16
CA HIS D 94 51.66 7.25 -38.39
C HIS D 94 52.52 8.14 -37.50
N ILE D 95 53.81 7.75 -37.29
CA ILE D 95 54.76 8.47 -36.46
C ILE D 95 54.98 9.87 -37.09
N LEU D 96 54.80 10.93 -36.26
CA LEU D 96 54.93 12.31 -36.75
C LEU D 96 56.39 12.74 -36.92
N GLU D 97 57.32 12.18 -36.13
CA GLU D 97 58.75 12.54 -36.19
C GLU D 97 59.40 11.85 -37.41
N PRO D 98 59.88 12.61 -38.44
CA PRO D 98 60.47 11.98 -39.63
C PRO D 98 61.76 11.19 -39.36
N GLU D 99 62.56 11.63 -38.37
CA GLU D 99 63.82 10.96 -38.01
C GLU D 99 63.54 9.53 -37.43
N GLN D 100 62.42 9.36 -36.73
CA GLN D 100 62.01 8.08 -36.16
C GLN D 100 61.55 7.11 -37.28
N GLN D 101 60.75 7.61 -38.25
CA GLN D 101 60.30 6.86 -39.43
C GLN D 101 61.50 6.39 -40.24
N ARG D 102 62.53 7.26 -40.42
CA ARG D 102 63.76 6.99 -41.17
C ARG D 102 64.60 5.93 -40.47
N TRP D 103 64.73 6.01 -39.13
CA TRP D 103 65.47 5.05 -38.30
C TRP D 103 64.90 3.63 -38.49
N ILE D 104 63.56 3.48 -38.45
CA ILE D 104 62.86 2.19 -38.62
C ILE D 104 63.06 1.69 -40.06
N GLN D 105 62.81 2.57 -41.06
CA GLN D 105 62.99 2.34 -42.50
C GLN D 105 64.35 1.74 -42.83
N GLU D 106 65.44 2.35 -42.31
CA GLU D 106 66.83 1.92 -42.53
C GLU D 106 67.12 0.55 -41.91
N ARG D 107 66.60 0.26 -40.72
CA ARG D 107 66.87 -1.02 -40.05
C ARG D 107 65.99 -2.18 -40.54
N VAL D 108 64.83 -1.87 -41.11
CA VAL D 108 63.85 -2.86 -41.59
C VAL D 108 64.06 -3.19 -43.09
N GLU D 109 64.45 -2.20 -43.91
CA GLU D 109 64.64 -2.36 -45.35
C GLU D 109 66.10 -2.68 -45.77
N THR D 110 66.77 -3.60 -45.07
CA THR D 110 68.14 -4.03 -45.39
C THR D 110 68.25 -5.54 -45.23
N LYS D 111 68.97 -6.22 -46.17
CA LYS D 111 69.18 -7.66 -46.10
C LYS D 111 69.90 -7.97 -44.78
N HIS D 112 69.14 -8.50 -43.82
CA HIS D 112 69.59 -8.81 -42.47
C HIS D 112 70.54 -10.00 -42.45
N ASP D 113 71.55 -9.94 -41.57
CA ASP D 113 72.50 -11.02 -41.37
C ASP D 113 71.80 -12.17 -40.66
N LYS D 114 71.76 -13.35 -41.30
CA LYS D 114 71.12 -14.56 -40.75
C LYS D 114 71.77 -14.89 -39.41
N PRO D 115 70.98 -15.25 -38.35
CA PRO D 115 71.60 -15.53 -37.05
C PRO D 115 72.56 -16.71 -37.10
N THR D 116 73.61 -16.68 -36.28
CA THR D 116 74.61 -17.75 -36.21
C THR D 116 73.94 -18.98 -35.58
N VAL D 117 74.46 -20.19 -35.90
CA VAL D 117 73.95 -21.47 -35.40
C VAL D 117 73.88 -21.43 -33.85
N ALA D 118 74.88 -20.80 -33.19
CA ALA D 118 74.93 -20.63 -31.74
C ALA D 118 73.72 -19.85 -31.20
N GLU D 119 73.31 -18.77 -31.91
CA GLU D 119 72.16 -17.93 -31.57
C GLU D 119 70.87 -18.70 -31.80
N GLN D 120 70.80 -19.47 -32.90
CA GLN D 120 69.65 -20.30 -33.25
C GLN D 120 69.45 -21.43 -32.24
N LYS D 121 70.56 -22.05 -31.79
CA LYS D 121 70.55 -23.11 -30.78
C LYS D 121 70.17 -22.53 -29.43
N TYR D 122 70.63 -21.29 -29.13
CA TYR D 122 70.30 -20.60 -27.89
C TYR D 122 68.79 -20.29 -27.85
N ILE D 123 68.21 -19.80 -28.97
CA ILE D 123 66.77 -19.54 -29.07
C ILE D 123 66.02 -20.86 -28.81
N LEU D 124 66.43 -21.94 -29.50
CA LEU D 124 65.86 -23.29 -29.35
C LEU D 124 65.92 -23.80 -27.89
N SER D 125 67.06 -23.60 -27.18
CA SER D 125 67.21 -24.02 -25.78
C SER D 125 66.18 -23.32 -24.89
N LYS D 126 65.96 -22.01 -25.16
CA LYS D 126 64.98 -21.16 -24.47
C LYS D 126 63.57 -21.71 -24.74
N LEU D 127 63.27 -22.14 -26.00
CA LEU D 127 61.98 -22.76 -26.32
C LEU D 127 61.83 -24.14 -25.66
N ASN D 128 62.95 -24.89 -25.51
CA ASN D 128 62.95 -26.20 -24.87
C ASN D 128 62.58 -26.05 -23.41
N ALA D 129 63.25 -25.07 -22.72
CA ALA D 129 63.05 -24.75 -21.30
C ALA D 129 61.62 -24.33 -21.05
N ALA D 130 61.10 -23.45 -21.94
CA ALA D 130 59.78 -22.86 -21.87
C ALA D 130 58.72 -23.92 -21.99
N GLU D 131 58.82 -24.78 -23.00
CA GLU D 131 57.87 -25.85 -23.23
C GLU D 131 58.00 -27.00 -22.22
N ALA D 132 59.22 -27.29 -21.69
CA ALA D 132 59.36 -28.35 -20.67
C ALA D 132 58.68 -27.91 -19.35
N PHE D 133 58.72 -26.59 -19.07
CA PHE D 133 58.08 -25.99 -17.91
C PHE D 133 56.55 -26.13 -18.05
N GLU D 134 56.01 -25.90 -19.25
CA GLU D 134 54.57 -26.01 -19.52
C GLU D 134 54.05 -27.43 -19.38
N THR D 135 54.81 -28.43 -19.88
CA THR D 135 54.45 -29.84 -19.81
C THR D 135 54.41 -30.27 -18.33
N PHE D 136 55.48 -29.92 -17.57
CA PHE D 136 55.58 -30.23 -16.15
C PHE D 136 54.40 -29.64 -15.38
N LEU D 137 54.07 -28.37 -15.64
CA LEU D 137 53.00 -27.66 -14.94
C LEU D 137 51.64 -28.34 -15.11
N GLN D 138 51.30 -28.75 -16.34
CA GLN D 138 50.00 -29.37 -16.63
C GLN D 138 49.91 -30.84 -16.17
N THR D 139 51.07 -31.51 -15.98
CA THR D 139 51.14 -32.92 -15.60
C THR D 139 51.24 -33.10 -14.07
N LYS D 140 52.13 -32.32 -13.44
CA LYS D 140 52.39 -32.39 -12.00
C LYS D 140 51.23 -31.90 -11.17
N TYR D 141 50.63 -30.75 -11.51
CA TYR D 141 49.57 -30.16 -10.70
C TYR D 141 48.23 -30.07 -11.41
N VAL D 142 47.17 -30.09 -10.60
CA VAL D 142 45.78 -29.94 -11.03
C VAL D 142 45.43 -28.46 -10.93
N GLY D 143 44.49 -28.01 -11.75
CA GLY D 143 44.03 -26.63 -11.77
C GLY D 143 45.03 -25.60 -12.24
N GLN D 144 45.91 -25.95 -13.20
CA GLN D 144 46.93 -25.02 -13.72
C GLN D 144 46.66 -24.64 -15.18
N LYS D 145 45.54 -25.09 -15.77
CA LYS D 145 45.19 -24.85 -17.18
C LYS D 145 45.10 -23.36 -17.54
N ARG D 146 44.51 -22.52 -16.66
CA ARG D 146 44.33 -21.08 -16.91
C ARG D 146 45.65 -20.29 -16.95
N PHE D 147 46.74 -20.88 -16.47
CA PHE D 147 48.05 -20.25 -16.49
C PHE D 147 48.94 -20.74 -17.63
N SER D 148 48.40 -21.67 -18.45
CA SER D 148 49.16 -22.25 -19.56
C SER D 148 49.65 -21.22 -20.58
N LEU D 149 50.91 -21.31 -20.93
CA LEU D 149 51.57 -20.47 -21.93
C LEU D 149 51.72 -21.25 -23.25
N GLU D 150 51.14 -22.47 -23.32
CA GLU D 150 51.18 -23.33 -24.52
C GLU D 150 50.54 -22.63 -25.72
N GLY D 151 51.32 -22.57 -26.82
CA GLY D 151 50.95 -21.86 -28.04
C GLY D 151 51.52 -20.45 -28.07
N ALA D 152 52.17 -20.02 -26.98
CA ALA D 152 52.75 -18.69 -26.81
C ALA D 152 54.13 -18.77 -26.13
N GLU D 153 54.80 -19.93 -26.20
CA GLU D 153 56.12 -20.17 -25.59
C GLU D 153 57.20 -19.25 -26.18
N THR D 154 57.01 -18.77 -27.43
CA THR D 154 57.95 -17.85 -28.07
C THR D 154 58.09 -16.54 -27.27
N VAL D 155 57.13 -16.19 -26.37
CA VAL D 155 57.26 -15.00 -25.53
C VAL D 155 58.53 -15.12 -24.63
N ILE D 156 58.92 -16.36 -24.20
CA ILE D 156 60.13 -16.59 -23.39
C ILE D 156 61.41 -16.18 -24.20
N PRO D 157 61.79 -16.73 -25.41
CA PRO D 157 62.98 -16.20 -26.10
C PRO D 157 62.83 -14.72 -26.50
N MET D 158 61.57 -14.21 -26.67
CA MET D 158 61.34 -12.80 -27.00
C MET D 158 61.70 -11.91 -25.80
N MET D 159 61.24 -12.26 -24.58
CA MET D 159 61.54 -11.49 -23.36
C MET D 159 63.03 -11.56 -23.05
N ASP D 160 63.65 -12.71 -23.32
CA ASP D 160 65.08 -12.96 -23.13
C ASP D 160 65.90 -12.02 -24.01
N ALA D 161 65.46 -11.81 -25.27
CA ALA D 161 66.14 -10.93 -26.23
C ALA D 161 66.01 -9.47 -25.79
N VAL D 162 64.84 -9.06 -25.25
CA VAL D 162 64.61 -7.70 -24.71
C VAL D 162 65.66 -7.43 -23.62
N ILE D 163 65.73 -8.32 -22.61
CA ILE D 163 66.59 -8.18 -21.44
C ILE D 163 68.06 -8.27 -21.85
N ASP D 164 68.42 -9.23 -22.72
CA ASP D 164 69.78 -9.38 -23.22
C ASP D 164 70.19 -8.11 -23.98
N GLN D 165 69.27 -7.53 -24.79
CA GLN D 165 69.56 -6.27 -25.52
C GLN D 165 69.72 -5.11 -24.54
N CYS D 166 68.93 -5.08 -23.43
CA CYS D 166 69.06 -4.03 -22.41
C CYS D 166 70.45 -4.15 -21.73
N ALA D 167 70.92 -5.38 -21.48
CA ALA D 167 72.25 -5.64 -20.89
C ALA D 167 73.35 -5.26 -21.88
N GLU D 168 73.09 -5.40 -23.19
CA GLU D 168 74.04 -5.04 -24.25
C GLU D 168 74.25 -3.51 -24.26
N HIS D 169 73.18 -2.75 -23.92
CA HIS D 169 73.20 -1.28 -23.80
C HIS D 169 73.80 -0.82 -22.42
N GLY D 170 74.22 -1.77 -21.58
CA GLY D 170 74.79 -1.50 -20.27
C GLY D 170 73.81 -0.90 -19.26
N LEU D 171 72.51 -1.21 -19.42
CA LEU D 171 71.46 -0.68 -18.55
C LEU D 171 71.46 -1.41 -17.18
N ASP D 172 70.79 -0.80 -16.18
CA ASP D 172 70.82 -1.29 -14.81
C ASP D 172 69.74 -2.29 -14.44
N GLU D 173 68.50 -2.11 -14.92
CA GLU D 173 67.43 -3.02 -14.52
C GLU D 173 66.29 -3.02 -15.52
N VAL D 174 65.60 -4.17 -15.61
CA VAL D 174 64.39 -4.34 -16.39
C VAL D 174 63.34 -4.73 -15.37
N VAL D 175 62.27 -3.95 -15.26
CA VAL D 175 61.18 -4.24 -14.35
C VAL D 175 60.00 -4.68 -15.20
N ILE D 176 59.49 -5.88 -14.91
CA ILE D 176 58.38 -6.50 -15.60
C ILE D 176 57.09 -6.37 -14.81
N ALA D 177 56.00 -6.17 -15.56
CA ALA D 177 54.62 -6.23 -15.11
C ALA D 177 53.88 -7.09 -16.10
N MET D 178 53.08 -8.03 -15.60
CA MET D 178 52.34 -8.94 -16.47
C MET D 178 51.10 -9.51 -15.79
N PRO D 179 50.12 -10.04 -16.58
CA PRO D 179 49.04 -10.82 -15.96
C PRO D 179 49.53 -12.24 -15.61
N HIS D 180 48.63 -13.13 -15.16
CA HIS D 180 49.01 -14.46 -14.66
C HIS D 180 49.54 -15.47 -15.72
N ARG D 181 49.06 -15.41 -16.99
CA ARG D 181 49.48 -16.38 -18.02
C ARG D 181 51.01 -16.43 -18.22
N GLY D 182 51.58 -17.60 -17.94
CA GLY D 182 52.99 -17.94 -18.09
C GLY D 182 53.89 -17.31 -17.06
N ARG D 183 53.33 -16.81 -15.95
CA ARG D 183 54.08 -16.10 -14.92
C ARG D 183 55.18 -16.92 -14.27
N LEU D 184 54.90 -18.16 -13.87
CA LEU D 184 55.92 -19.00 -13.22
C LEU D 184 57.01 -19.42 -14.23
N ASN D 185 56.64 -19.51 -15.52
CA ASN D 185 57.58 -19.82 -16.60
C ASN D 185 58.53 -18.63 -16.74
N VAL D 186 57.98 -17.38 -16.62
CA VAL D 186 58.74 -16.14 -16.66
C VAL D 186 59.67 -16.11 -15.43
N LEU D 187 59.15 -16.51 -14.26
CA LEU D 187 59.97 -16.56 -13.03
C LEU D 187 61.20 -17.47 -13.22
N ALA D 188 60.99 -18.67 -13.77
CA ALA D 188 62.05 -19.65 -13.96
C ALA D 188 62.99 -19.31 -15.12
N ASN D 189 62.44 -18.92 -16.27
CA ASN D 189 63.28 -18.77 -17.46
C ASN D 189 63.68 -17.34 -17.85
N ILE D 190 63.19 -16.33 -17.12
CA ILE D 190 63.57 -14.93 -17.39
C ILE D 190 64.17 -14.31 -16.12
N VAL D 191 63.44 -14.40 -14.98
CA VAL D 191 63.87 -13.84 -13.70
C VAL D 191 64.99 -14.74 -13.13
N GLY D 192 64.96 -16.02 -13.48
CA GLY D 192 65.98 -16.99 -13.10
C GLY D 192 65.79 -17.51 -11.69
N LYS D 193 64.53 -17.52 -11.17
CA LYS D 193 64.26 -18.03 -9.84
C LYS D 193 64.35 -19.57 -9.87
N PRO D 194 65.01 -20.21 -8.88
CA PRO D 194 65.07 -21.68 -8.91
C PRO D 194 63.70 -22.30 -8.59
N TYR D 195 63.48 -23.53 -9.07
CA TYR D 195 62.23 -24.25 -8.85
C TYR D 195 61.91 -24.43 -7.38
N SER D 196 62.95 -24.62 -6.52
CA SER D 196 62.82 -24.79 -5.07
C SER D 196 62.04 -23.63 -4.41
N GLN D 197 62.23 -22.38 -4.92
CA GLN D 197 61.53 -21.19 -4.43
C GLN D 197 60.16 -21.03 -5.07
N ILE D 198 60.03 -21.29 -6.39
CA ILE D 198 58.77 -21.11 -7.14
C ILE D 198 57.67 -22.07 -6.65
N PHE D 199 58.01 -23.35 -6.39
CA PHE D 199 57.03 -24.36 -5.99
C PHE D 199 57.09 -24.65 -4.49
N SER D 200 57.77 -23.76 -3.70
CA SER D 200 57.84 -23.86 -2.24
C SER D 200 56.43 -23.70 -1.67
N GLU D 201 55.95 -24.74 -0.92
CA GLU D 201 54.61 -24.82 -0.31
C GLU D 201 53.49 -24.50 -1.37
N PHE D 202 53.53 -25.21 -2.51
CA PHE D 202 52.61 -25.03 -3.64
C PHE D 202 51.26 -25.68 -3.37
N GLY D 215 47.19 -22.00 -8.83
CA GLY D 215 46.19 -20.98 -8.54
C GLY D 215 46.53 -20.11 -7.36
N ASP D 216 47.79 -20.22 -6.89
CA ASP D 216 48.31 -19.57 -5.71
C ASP D 216 48.50 -18.05 -5.81
N VAL D 217 48.94 -17.51 -4.66
CA VAL D 217 49.40 -16.16 -4.40
C VAL D 217 50.70 -15.95 -5.22
N LYS D 218 51.45 -17.05 -5.54
CA LYS D 218 52.68 -17.04 -6.35
C LYS D 218 52.45 -16.36 -7.70
N TYR D 219 51.19 -16.39 -8.21
CA TYR D 219 50.82 -15.74 -9.47
C TYR D 219 50.62 -14.20 -9.32
N HIS D 220 50.80 -13.67 -8.10
CA HIS D 220 50.60 -12.23 -7.87
C HIS D 220 51.77 -11.57 -7.13
N LEU D 221 52.75 -12.35 -6.64
CA LEU D 221 53.88 -11.82 -5.86
C LEU D 221 54.98 -11.17 -6.72
N GLY D 222 55.71 -10.25 -6.09
CA GLY D 222 56.88 -9.62 -6.70
C GLY D 222 58.04 -10.58 -6.63
N ALA D 223 59.07 -10.34 -7.45
CA ALA D 223 60.27 -11.17 -7.48
C ALA D 223 61.44 -10.37 -8.02
N THR D 224 62.67 -10.76 -7.64
CA THR D 224 63.88 -10.08 -8.12
C THR D 224 64.95 -11.13 -8.44
N GLY D 225 65.72 -10.84 -9.47
CA GLY D 225 66.82 -11.70 -9.92
C GLY D 225 67.86 -10.95 -10.72
N THR D 226 68.85 -11.69 -11.20
CA THR D 226 69.95 -11.17 -12.01
C THR D 226 70.02 -11.96 -13.30
N TYR D 227 70.05 -11.26 -14.41
CA TYR D 227 70.16 -11.87 -15.72
C TYR D 227 71.60 -11.78 -16.16
N ILE D 228 72.19 -12.91 -16.52
CA ILE D 228 73.58 -12.96 -16.99
C ILE D 228 73.54 -13.27 -18.49
N GLN D 229 74.19 -12.43 -19.32
CA GLN D 229 74.27 -12.61 -20.78
C GLN D 229 74.95 -13.92 -21.14
N MET D 230 74.34 -14.65 -22.09
CA MET D 230 74.85 -15.93 -22.60
C MET D 230 76.11 -15.72 -23.43
N PHE D 231 76.06 -14.76 -24.38
CA PHE D 231 77.16 -14.49 -25.33
C PHE D 231 77.92 -13.18 -25.03
N GLY D 232 77.42 -12.38 -24.08
CA GLY D 232 78.04 -11.12 -23.66
C GLY D 232 78.67 -11.24 -22.28
N ASP D 233 79.32 -10.17 -21.83
CA ASP D 233 79.97 -10.15 -20.52
C ASP D 233 79.23 -9.25 -19.54
N ASN D 234 77.98 -8.87 -19.87
CA ASN D 234 77.22 -8.00 -18.96
C ASN D 234 76.11 -8.76 -18.23
N ASP D 235 75.68 -8.18 -17.12
CA ASP D 235 74.57 -8.67 -16.35
C ASP D 235 73.64 -7.50 -16.11
N ILE D 236 72.39 -7.80 -15.76
CA ILE D 236 71.36 -6.77 -15.52
C ILE D 236 70.39 -7.29 -14.48
N GLU D 237 69.87 -6.39 -13.63
CA GLU D 237 68.87 -6.77 -12.64
C GLU D 237 67.53 -6.97 -13.34
N VAL D 238 66.79 -8.00 -12.94
CA VAL D 238 65.46 -8.28 -13.50
C VAL D 238 64.51 -8.46 -12.33
N SER D 239 63.43 -7.68 -12.34
CA SER D 239 62.42 -7.80 -11.28
C SER D 239 61.04 -7.86 -11.91
N LEU D 240 60.10 -8.39 -11.13
CA LEU D 240 58.72 -8.58 -11.51
C LEU D 240 57.90 -7.95 -10.40
N THR D 241 56.94 -7.13 -10.76
CA THR D 241 56.14 -6.43 -9.76
C THR D 241 54.91 -7.28 -9.38
N ALA D 242 54.38 -7.06 -8.17
CA ALA D 242 53.15 -7.69 -7.67
C ALA D 242 51.95 -7.10 -8.41
N ASN D 243 50.85 -7.84 -8.54
CA ASN D 243 49.65 -7.31 -9.21
C ASN D 243 48.38 -8.09 -8.83
N PRO D 244 47.18 -7.47 -8.97
CA PRO D 244 45.95 -8.21 -8.69
C PRO D 244 45.50 -8.97 -9.95
N SER D 245 44.32 -9.59 -9.91
CA SER D 245 43.77 -10.28 -11.07
C SER D 245 43.22 -9.29 -12.09
N HIS D 246 42.97 -8.02 -11.65
CA HIS D 246 42.45 -6.91 -12.48
C HIS D 246 43.44 -6.61 -13.56
N LEU D 247 43.13 -7.11 -14.76
CA LEU D 247 44.01 -7.00 -15.92
C LEU D 247 44.29 -5.56 -16.25
N GLU D 248 45.57 -5.27 -16.53
CA GLU D 248 46.09 -3.95 -16.89
C GLU D 248 46.14 -2.94 -15.72
N ALA D 249 45.56 -3.21 -14.54
CA ALA D 249 45.56 -2.22 -13.44
C ALA D 249 47.00 -1.91 -12.92
N VAL D 250 47.96 -2.85 -13.11
CA VAL D 250 49.37 -2.74 -12.71
C VAL D 250 50.16 -1.82 -13.68
N ASP D 251 49.59 -1.53 -14.86
CA ASP D 251 50.29 -0.73 -15.89
C ASP D 251 50.85 0.60 -15.34
N PRO D 252 50.03 1.48 -14.69
CA PRO D 252 50.61 2.74 -14.19
C PRO D 252 51.51 2.52 -12.98
N VAL D 253 51.26 1.43 -12.20
CA VAL D 253 52.03 1.07 -11.01
C VAL D 253 53.47 0.75 -11.45
N LEU D 254 53.61 -0.02 -12.54
CA LEU D 254 54.90 -0.35 -13.12
C LEU D 254 55.67 0.92 -13.45
N GLU D 255 55.00 1.88 -14.13
CA GLU D 255 55.59 3.17 -14.54
C GLU D 255 56.08 3.98 -13.34
N GLY D 256 55.26 4.06 -12.30
CA GLY D 256 55.59 4.78 -11.08
C GLY D 256 56.82 4.20 -10.40
N LEU D 257 56.83 2.86 -10.26
CA LEU D 257 57.92 2.06 -9.66
C LEU D 257 59.24 2.29 -10.40
N VAL D 258 59.23 2.20 -11.74
CA VAL D 258 60.41 2.41 -12.59
C VAL D 258 60.93 3.85 -12.45
N ARG D 259 60.02 4.85 -12.53
CA ARG D 259 60.39 6.27 -12.41
C ARG D 259 61.07 6.53 -11.05
N ALA D 260 60.56 5.92 -9.95
CA ALA D 260 61.16 6.03 -8.60
C ALA D 260 62.57 5.53 -8.62
N LYS D 261 62.80 4.35 -9.26
CA LYS D 261 64.10 3.68 -9.41
C LYS D 261 65.06 4.53 -10.28
N GLN D 262 64.53 5.16 -11.36
CA GLN D 262 65.35 6.03 -12.22
C GLN D 262 65.79 7.30 -11.46
N ASP D 263 64.88 7.92 -10.66
CA ASP D 263 65.21 9.11 -9.86
C ASP D 263 66.32 8.78 -8.86
N LEU D 264 66.23 7.59 -8.20
CA LEU D 264 67.24 7.10 -7.25
C LEU D 264 68.61 6.91 -7.92
N LEU D 265 68.59 6.46 -9.19
CA LEU D 265 69.81 6.19 -9.94
C LEU D 265 70.37 7.43 -10.65
N ASP D 266 69.70 8.59 -10.50
CA ASP D 266 70.05 9.87 -11.12
C ASP D 266 70.14 9.66 -12.66
N THR D 267 69.14 8.96 -13.21
CA THR D 267 69.03 8.70 -14.64
C THR D 267 67.63 9.16 -15.12
N GLY D 268 67.61 9.70 -16.33
CA GLY D 268 66.38 10.16 -16.96
C GLY D 268 66.04 11.61 -16.73
N GLU D 269 64.72 11.88 -16.63
CA GLU D 269 64.07 13.20 -16.49
C GLU D 269 64.62 14.01 -15.29
N GLU D 270 64.77 13.38 -14.12
CA GLU D 270 65.25 14.05 -12.92
C GLU D 270 66.71 13.66 -12.62
N GLY D 271 67.39 13.13 -13.64
CA GLY D 271 68.78 12.69 -13.56
C GLY D 271 69.75 13.46 -14.42
N SER D 272 71.06 13.37 -14.05
CA SER D 272 72.18 14.01 -14.72
C SER D 272 72.44 13.39 -16.11
N ASP D 273 72.09 12.10 -16.29
CA ASP D 273 72.22 11.40 -17.57
C ASP D 273 70.83 11.18 -18.19
N ASN D 274 70.81 10.99 -19.52
CA ASN D 274 69.58 10.75 -20.27
C ASN D 274 69.48 9.27 -20.71
N ARG D 275 70.00 8.35 -19.87
CA ARG D 275 70.00 6.91 -20.19
C ARG D 275 68.67 6.23 -19.87
N PHE D 276 67.93 6.69 -18.80
CA PHE D 276 66.66 6.06 -18.35
C PHE D 276 66.96 4.56 -18.19
N SER D 277 68.01 4.26 -17.43
CA SER D 277 68.65 2.94 -17.32
C SER D 277 67.83 1.88 -16.56
N VAL D 278 66.56 2.19 -16.26
CA VAL D 278 65.61 1.25 -15.68
C VAL D 278 64.50 1.15 -16.73
N VAL D 279 64.30 -0.04 -17.28
CA VAL D 279 63.38 -0.26 -18.38
C VAL D 279 62.09 -0.93 -17.95
N PRO D 280 60.94 -0.31 -18.24
CA PRO D 280 59.67 -1.03 -17.99
C PRO D 280 59.38 -2.02 -19.13
N LEU D 281 59.16 -3.30 -18.77
CA LEU D 281 58.78 -4.33 -19.73
C LEU D 281 57.37 -4.74 -19.32
N MET D 282 56.38 -4.35 -20.13
CA MET D 282 54.98 -4.52 -19.77
C MET D 282 54.30 -5.52 -20.68
N LEU D 283 53.82 -6.63 -20.08
CA LEU D 283 53.11 -7.67 -20.80
C LEU D 283 51.64 -7.45 -20.70
N HIS D 284 50.94 -7.84 -21.75
CA HIS D 284 49.47 -7.69 -21.87
C HIS D 284 48.84 -8.88 -22.58
N GLY D 285 47.54 -8.98 -22.45
CA GLY D 285 46.69 -9.90 -23.20
C GLY D 285 46.00 -9.08 -24.27
N ASP D 286 45.58 -9.69 -25.40
CA ASP D 286 44.98 -8.96 -26.50
C ASP D 286 43.61 -8.36 -26.17
N ALA D 287 42.72 -9.08 -25.45
CA ALA D 287 41.40 -8.52 -25.11
C ALA D 287 41.52 -7.40 -24.08
N ALA D 288 42.41 -7.57 -23.09
CA ALA D 288 42.55 -6.59 -22.00
C ALA D 288 43.21 -5.30 -22.50
N PHE D 289 44.21 -5.43 -23.40
CA PHE D 289 44.94 -4.26 -23.95
C PHE D 289 44.01 -3.31 -24.70
N ALA D 290 43.00 -3.85 -25.38
CA ALA D 290 42.06 -3.05 -26.15
C ALA D 290 40.88 -2.50 -25.33
N GLY D 291 40.46 -3.21 -24.27
CA GLY D 291 39.26 -2.81 -23.55
C GLY D 291 39.40 -2.02 -22.27
N GLN D 292 40.60 -2.05 -21.66
CA GLN D 292 40.83 -1.39 -20.37
C GLN D 292 41.30 0.05 -20.58
N GLY D 293 40.54 1.01 -20.04
CA GLY D 293 40.83 2.43 -20.15
C GLY D 293 42.16 2.84 -19.55
N VAL D 294 42.66 2.07 -18.57
CA VAL D 294 43.93 2.37 -17.89
C VAL D 294 45.13 2.26 -18.86
N VAL D 295 44.98 1.48 -19.94
CA VAL D 295 46.00 1.31 -20.96
C VAL D 295 46.28 2.67 -21.58
N ALA D 296 45.20 3.33 -22.13
CA ALA D 296 45.28 4.67 -22.75
C ALA D 296 45.79 5.72 -21.76
N GLU D 297 45.30 5.70 -20.51
CA GLU D 297 45.75 6.65 -19.47
C GLU D 297 47.24 6.50 -19.18
N THR D 298 47.76 5.26 -19.21
CA THR D 298 49.16 4.96 -18.90
C THR D 298 50.04 5.38 -20.05
N LEU D 299 49.59 5.14 -21.33
CA LEU D 299 50.29 5.59 -22.54
C LEU D 299 50.37 7.11 -22.58
N ASN D 300 49.30 7.77 -22.13
CA ASN D 300 49.22 9.23 -22.08
C ASN D 300 50.32 9.86 -21.17
N LEU D 301 50.89 9.07 -20.25
CA LEU D 301 51.95 9.53 -19.33
C LEU D 301 53.35 9.46 -19.89
N ALA D 302 53.53 8.68 -20.98
CA ALA D 302 54.82 8.27 -21.54
C ALA D 302 55.83 9.38 -21.86
N LEU D 303 55.40 10.60 -22.20
CA LEU D 303 56.34 11.67 -22.53
C LEU D 303 56.20 12.87 -21.58
N LEU D 304 55.37 12.74 -20.53
CA LEU D 304 55.15 13.80 -19.55
C LEU D 304 56.35 13.95 -18.65
N ARG D 305 56.76 15.19 -18.40
CA ARG D 305 57.91 15.49 -17.52
C ARG D 305 57.74 14.88 -16.12
N GLY D 306 56.51 14.81 -15.61
CA GLY D 306 56.33 14.22 -14.29
C GLY D 306 56.29 12.70 -14.22
N TYR D 307 56.03 12.03 -15.37
CA TYR D 307 55.72 10.62 -15.39
C TYR D 307 56.53 9.75 -16.36
N ARG D 308 57.28 10.34 -17.33
CA ARG D 308 58.03 9.57 -18.32
C ARG D 308 59.11 8.69 -17.72
N THR D 309 59.31 7.53 -18.35
CA THR D 309 60.28 6.53 -17.90
C THR D 309 61.25 6.22 -19.05
N GLY D 310 61.22 7.07 -20.07
CA GLY D 310 62.09 6.93 -21.24
C GLY D 310 61.69 5.85 -22.21
N GLY D 311 60.40 5.52 -22.23
CA GLY D 311 59.82 4.52 -23.11
C GLY D 311 59.69 3.15 -22.47
N THR D 312 58.51 2.56 -22.64
CA THR D 312 58.14 1.23 -22.18
C THR D 312 58.18 0.23 -23.35
N ILE D 313 58.70 -0.98 -23.10
CA ILE D 313 58.65 -2.03 -24.09
C ILE D 313 57.34 -2.77 -23.79
N HIS D 314 56.39 -2.74 -24.74
CA HIS D 314 55.13 -3.48 -24.54
C HIS D 314 55.15 -4.78 -25.33
N ILE D 315 54.71 -5.87 -24.68
CA ILE D 315 54.56 -7.15 -25.36
C ILE D 315 53.13 -7.60 -25.15
N VAL D 316 52.37 -7.73 -26.25
CA VAL D 316 51.01 -8.24 -26.19
C VAL D 316 51.06 -9.72 -26.59
N VAL D 317 50.64 -10.60 -25.67
CA VAL D 317 50.53 -12.04 -25.95
C VAL D 317 49.17 -12.17 -26.64
N ASN D 318 49.18 -11.93 -27.95
CA ASN D 318 47.94 -11.91 -28.75
C ASN D 318 47.59 -13.30 -29.23
N ASN D 319 46.84 -14.05 -28.36
CA ASN D 319 46.41 -15.41 -28.67
C ASN D 319 45.04 -15.39 -29.36
N GLN D 320 44.60 -14.15 -29.79
CA GLN D 320 43.41 -13.87 -30.63
C GLN D 320 42.10 -14.39 -30.01
N ILE D 321 42.07 -14.35 -28.67
CA ILE D 321 40.93 -14.79 -27.88
C ILE D 321 40.99 -14.12 -26.51
N GLY D 322 39.82 -13.96 -25.93
CA GLY D 322 39.67 -13.41 -24.58
C GLY D 322 38.68 -14.29 -23.86
N PHE D 323 39.17 -15.38 -23.22
CA PHE D 323 38.33 -16.40 -22.55
C PHE D 323 37.49 -17.11 -23.65
N THR D 324 36.22 -16.77 -23.86
CA THR D 324 35.44 -17.39 -24.94
C THR D 324 35.18 -16.39 -26.08
N THR D 325 35.68 -15.13 -25.92
CA THR D 325 35.34 -14.00 -26.78
C THR D 325 36.34 -13.80 -27.91
N ALA D 326 35.78 -13.68 -29.11
CA ALA D 326 36.54 -13.45 -30.34
C ALA D 326 36.91 -11.94 -30.46
N PRO D 327 38.03 -11.64 -31.15
CA PRO D 327 38.44 -10.23 -31.31
C PRO D 327 37.36 -9.30 -31.85
N THR D 328 36.46 -9.77 -32.73
CA THR D 328 35.41 -8.92 -33.29
C THR D 328 34.45 -8.40 -32.23
N ASP D 329 34.35 -9.05 -31.04
CA ASP D 329 33.51 -8.55 -29.93
C ASP D 329 34.34 -7.83 -28.86
N SER D 330 35.66 -7.83 -29.00
CA SER D 330 36.56 -7.23 -28.00
C SER D 330 37.13 -5.85 -28.41
N ARG D 331 37.12 -5.53 -29.73
CA ARG D 331 37.69 -4.27 -30.22
C ARG D 331 37.05 -3.82 -31.54
N SER D 332 37.09 -2.52 -31.81
CA SER D 332 36.55 -1.87 -33.00
C SER D 332 37.68 -1.44 -33.93
N SER D 333 38.84 -2.08 -33.84
CA SER D 333 39.99 -1.74 -34.68
C SER D 333 40.64 -2.99 -35.23
N GLU D 334 41.43 -2.83 -36.30
CA GLU D 334 42.16 -3.92 -36.95
C GLU D 334 43.04 -4.70 -35.95
N TYR D 335 43.82 -3.97 -35.12
CA TYR D 335 44.74 -4.54 -34.13
C TYR D 335 44.39 -4.20 -32.69
N CYS D 336 44.71 -5.11 -31.73
CA CYS D 336 44.50 -4.92 -30.29
C CYS D 336 45.40 -3.83 -29.76
N THR D 337 46.48 -3.51 -30.51
CA THR D 337 47.51 -2.51 -30.16
C THR D 337 47.25 -1.10 -30.73
N ASP D 338 46.16 -0.89 -31.50
CA ASP D 338 45.86 0.40 -32.16
C ASP D 338 45.77 1.60 -31.19
N VAL D 339 45.43 1.36 -29.89
CA VAL D 339 45.44 2.40 -28.85
C VAL D 339 46.85 3.07 -28.74
N ALA D 340 47.94 2.31 -28.99
CA ALA D 340 49.32 2.83 -28.89
C ALA D 340 49.64 3.86 -30.00
N LYS D 341 48.77 3.98 -31.02
CA LYS D 341 48.93 4.97 -32.08
C LYS D 341 48.68 6.36 -31.50
N MET D 342 47.94 6.44 -30.38
CA MET D 342 47.65 7.65 -29.59
C MET D 342 48.95 8.45 -29.28
N ILE D 343 50.09 7.78 -29.00
CA ILE D 343 51.34 8.47 -28.67
C ILE D 343 52.41 8.29 -29.78
N GLY D 344 51.95 7.90 -30.98
CA GLY D 344 52.82 7.68 -32.13
C GLY D 344 53.93 6.67 -31.89
N ALA D 345 53.60 5.58 -31.17
CA ALA D 345 54.53 4.50 -30.87
C ALA D 345 54.64 3.59 -32.10
N PRO D 346 55.87 3.09 -32.45
CA PRO D 346 55.98 2.10 -33.54
C PRO D 346 55.41 0.76 -33.05
N ILE D 347 54.70 0.06 -33.94
CA ILE D 347 54.06 -1.21 -33.61
C ILE D 347 54.57 -2.30 -34.55
N PHE D 348 54.97 -3.43 -33.95
CA PHE D 348 55.44 -4.59 -34.69
C PHE D 348 54.56 -5.78 -34.39
N HIS D 349 53.86 -6.27 -35.43
CA HIS D 349 53.02 -7.47 -35.36
C HIS D 349 53.92 -8.62 -35.79
N VAL D 350 54.15 -9.59 -34.91
CA VAL D 350 55.08 -10.66 -35.25
C VAL D 350 54.48 -12.06 -35.02
N ASN D 351 54.75 -12.96 -35.98
CA ASN D 351 54.32 -14.35 -35.98
C ASN D 351 55.03 -15.12 -34.87
N GLY D 352 54.26 -15.56 -33.88
CA GLY D 352 54.75 -16.30 -32.72
C GLY D 352 55.32 -17.67 -33.02
N ASP D 353 55.17 -18.16 -34.27
CA ASP D 353 55.74 -19.44 -34.69
C ASP D 353 57.15 -19.20 -35.27
N ASP D 354 57.58 -17.92 -35.35
CA ASP D 354 58.92 -17.54 -35.80
C ASP D 354 59.65 -16.93 -34.61
N PRO D 355 60.31 -17.76 -33.77
CA PRO D 355 61.06 -17.19 -32.64
C PRO D 355 62.28 -16.35 -33.06
N GLU D 356 62.78 -16.48 -34.32
CA GLU D 356 63.92 -15.68 -34.82
C GLU D 356 63.49 -14.25 -35.06
N ALA D 357 62.36 -14.07 -35.77
CA ALA D 357 61.75 -12.78 -36.06
C ALA D 357 61.30 -12.12 -34.75
N CYS D 358 60.73 -12.92 -33.81
CA CYS D 358 60.28 -12.43 -32.50
C CYS D 358 61.45 -11.90 -31.68
N ALA D 359 62.61 -12.59 -31.70
CA ALA D 359 63.82 -12.17 -30.98
C ALA D 359 64.46 -10.94 -31.66
N TRP D 360 64.43 -10.89 -33.00
CA TRP D 360 65.00 -9.77 -33.79
C TRP D 360 64.19 -8.48 -33.50
N VAL D 361 62.85 -8.58 -33.51
CA VAL D 361 61.92 -7.48 -33.23
C VAL D 361 62.11 -6.97 -31.78
N ALA D 362 62.31 -7.87 -30.81
CA ALA D 362 62.56 -7.55 -29.40
C ALA D 362 63.82 -6.66 -29.25
N ARG D 363 64.90 -7.01 -29.98
CA ARG D 363 66.18 -6.30 -29.99
C ARG D 363 66.04 -4.95 -30.67
N LEU D 364 65.28 -4.89 -31.79
CA LEU D 364 64.99 -3.64 -32.51
C LEU D 364 64.16 -2.68 -31.59
N ALA D 365 63.20 -3.23 -30.82
CA ALA D 365 62.34 -2.47 -29.90
C ALA D 365 63.18 -1.78 -28.83
N VAL D 366 64.15 -2.51 -28.23
CA VAL D 366 65.06 -1.97 -27.21
C VAL D 366 65.92 -0.83 -27.81
N ASP D 367 66.46 -1.04 -29.04
CA ASP D 367 67.28 -0.07 -29.77
C ASP D 367 66.49 1.22 -30.07
N PHE D 368 65.21 1.11 -30.45
CA PHE D 368 64.35 2.26 -30.74
C PHE D 368 64.06 3.03 -29.43
N ARG D 369 63.75 2.32 -28.34
CA ARG D 369 63.48 2.91 -27.03
C ARG D 369 64.74 3.65 -26.56
N GLN D 370 65.94 3.07 -26.81
CA GLN D 370 67.18 3.74 -26.42
C GLN D 370 67.44 4.99 -27.25
N ALA D 371 67.08 4.96 -28.54
CA ALA D 371 67.33 6.11 -29.44
C ALA D 371 66.32 7.24 -29.23
N PHE D 372 65.04 6.92 -29.00
CA PHE D 372 64.04 7.99 -28.96
C PHE D 372 63.32 8.16 -27.63
N LYS D 373 63.60 7.30 -26.64
CA LYS D 373 63.04 7.36 -25.27
C LYS D 373 61.51 7.37 -25.30
N LYS D 374 60.96 6.52 -26.18
CA LYS D 374 59.54 6.39 -26.46
C LYS D 374 59.08 4.93 -26.48
N ASP D 375 57.82 4.68 -26.11
CA ASP D 375 57.19 3.37 -26.15
C ASP D 375 57.29 2.68 -27.53
N VAL D 376 57.53 1.34 -27.49
CA VAL D 376 57.51 0.41 -28.63
C VAL D 376 56.55 -0.72 -28.24
N VAL D 377 55.66 -1.12 -29.16
CA VAL D 377 54.72 -2.20 -28.92
C VAL D 377 55.00 -3.38 -29.84
N ILE D 378 55.12 -4.55 -29.23
CA ILE D 378 55.29 -5.82 -29.93
C ILE D 378 54.00 -6.60 -29.78
N ASP D 379 53.31 -6.81 -30.90
CA ASP D 379 52.07 -7.58 -30.97
C ASP D 379 52.44 -9.03 -31.37
N MET D 380 52.60 -9.93 -30.37
CA MET D 380 52.99 -11.30 -30.71
C MET D 380 51.75 -12.14 -31.00
N LEU D 381 51.54 -12.45 -32.28
CA LEU D 381 50.41 -13.30 -32.68
C LEU D 381 50.73 -14.74 -32.41
N CYS D 382 49.85 -15.36 -31.66
CA CYS D 382 50.02 -16.72 -31.20
C CYS D 382 48.63 -17.34 -30.99
N TYR D 383 48.56 -18.36 -30.13
CA TYR D 383 47.29 -19.04 -29.88
C TYR D 383 47.28 -19.60 -28.45
N ARG D 384 46.13 -20.00 -27.97
CA ARG D 384 45.98 -20.56 -26.64
C ARG D 384 45.56 -21.99 -26.91
N ARG D 385 46.52 -22.90 -26.82
CA ARG D 385 46.41 -24.32 -27.12
C ARG D 385 45.22 -24.97 -26.41
N ARG D 386 45.11 -24.77 -25.09
CA ARG D 386 44.09 -25.38 -24.26
C ARG D 386 42.94 -24.43 -24.05
N GLY D 387 41.94 -24.89 -23.30
CA GLY D 387 40.79 -24.09 -22.89
C GLY D 387 41.24 -23.02 -21.91
N HIS D 388 40.35 -22.10 -21.57
CA HIS D 388 40.69 -20.98 -20.69
C HIS D 388 41.01 -21.40 -19.29
N ASN D 389 40.29 -22.37 -18.79
CA ASN D 389 40.42 -22.91 -17.44
C ASN D 389 39.78 -24.32 -17.45
N GLU D 390 39.67 -24.95 -16.26
CA GLU D 390 39.08 -26.29 -16.10
C GLU D 390 37.61 -26.21 -16.42
N GLY D 391 37.12 -27.15 -17.21
CA GLY D 391 35.72 -27.14 -17.61
C GLY D 391 35.43 -26.36 -18.88
N ASP D 392 36.49 -25.80 -19.51
CA ASP D 392 36.31 -25.12 -20.78
C ASP D 392 36.70 -26.04 -21.94
N ASP D 393 35.70 -26.46 -22.74
CA ASP D 393 35.94 -27.15 -24.00
C ASP D 393 35.86 -25.98 -25.01
N PRO D 394 37.03 -25.41 -25.41
CA PRO D 394 36.99 -24.16 -26.21
C PRO D 394 36.30 -24.28 -27.58
N SER D 395 36.08 -25.49 -28.07
CA SER D 395 35.41 -25.75 -29.34
C SER D 395 33.87 -25.50 -29.23
N MET D 396 33.32 -25.35 -27.98
CA MET D 396 31.88 -25.02 -27.76
C MET D 396 31.51 -23.62 -28.30
N THR D 397 32.42 -22.65 -28.12
CA THR D 397 32.21 -21.24 -28.46
C THR D 397 33.10 -20.79 -29.64
N GLN D 398 34.22 -21.50 -29.88
CA GLN D 398 35.14 -21.18 -30.99
C GLN D 398 35.52 -22.48 -31.73
N PRO D 399 34.54 -23.17 -32.38
CA PRO D 399 34.87 -24.48 -33.01
C PRO D 399 35.90 -24.41 -34.13
N TYR D 400 35.81 -23.38 -35.01
CA TYR D 400 36.71 -23.21 -36.14
C TYR D 400 38.15 -22.99 -35.67
N MET D 401 38.34 -22.06 -34.72
CA MET D 401 39.66 -21.74 -34.17
C MET D 401 40.32 -22.98 -33.55
N TYR D 402 39.54 -23.72 -32.72
CA TYR D 402 40.08 -24.86 -32.01
C TYR D 402 40.27 -26.10 -32.86
N ASP D 403 39.61 -26.21 -34.04
CA ASP D 403 39.89 -27.32 -34.93
C ASP D 403 41.23 -27.04 -35.62
N VAL D 404 41.51 -25.76 -35.87
CA VAL D 404 42.77 -25.37 -36.47
C VAL D 404 43.91 -25.59 -35.43
N ILE D 405 43.71 -25.17 -34.17
CA ILE D 405 44.69 -25.31 -33.08
C ILE D 405 45.05 -26.81 -32.82
N ASP D 406 44.08 -27.75 -32.97
CA ASP D 406 44.35 -29.18 -32.73
C ASP D 406 45.32 -29.77 -33.76
N THR D 407 45.49 -29.09 -34.91
CA THR D 407 46.42 -29.49 -35.98
C THR D 407 47.77 -28.78 -35.79
N LYS D 408 47.92 -28.04 -34.70
CA LYS D 408 49.15 -27.28 -34.47
C LYS D 408 50.19 -28.02 -33.65
N ARG D 409 51.38 -28.19 -34.23
CA ARG D 409 52.52 -28.74 -33.50
C ARG D 409 53.07 -27.57 -32.68
N GLY D 410 53.73 -27.83 -31.55
CA GLY D 410 54.27 -26.77 -30.72
C GLY D 410 55.28 -25.85 -31.41
N SER D 411 55.53 -24.68 -30.81
CA SER D 411 56.47 -23.68 -31.33
C SER D 411 57.92 -24.22 -31.37
N ARG D 412 58.31 -25.03 -30.35
CA ARG D 412 59.62 -25.68 -30.22
C ARG D 412 59.82 -26.70 -31.37
N LYS D 413 58.82 -27.60 -31.60
CA LYS D 413 58.85 -28.63 -32.64
C LYS D 413 58.88 -27.99 -34.01
N ALA D 414 58.08 -26.94 -34.24
CA ALA D 414 58.02 -26.18 -35.49
C ALA D 414 59.35 -25.53 -35.82
N TYR D 415 60.01 -24.94 -34.80
CA TYR D 415 61.31 -24.31 -34.98
C TYR D 415 62.41 -25.35 -35.24
N THR D 416 62.37 -26.50 -34.54
CA THR D 416 63.32 -27.61 -34.69
C THR D 416 63.27 -28.14 -36.12
N GLU D 417 62.05 -28.36 -36.67
CA GLU D 417 61.82 -28.88 -38.01
C GLU D 417 62.20 -27.86 -39.10
N ALA D 418 61.99 -26.56 -38.84
CA ALA D 418 62.33 -25.47 -39.77
C ALA D 418 63.85 -25.33 -39.90
N LEU D 419 64.59 -25.52 -38.80
CA LEU D 419 66.05 -25.46 -38.78
C LEU D 419 66.65 -26.62 -39.58
N ILE D 420 65.99 -27.81 -39.56
CA ILE D 420 66.37 -29.01 -40.31
C ILE D 420 66.21 -28.69 -41.81
N GLY D 421 65.02 -28.21 -42.18
CA GLY D 421 64.66 -27.84 -43.55
C GLY D 421 65.61 -26.85 -44.19
N ARG D 422 66.05 -25.84 -43.43
CA ARG D 422 66.98 -24.82 -43.90
C ARG D 422 68.46 -25.29 -43.87
N GLY D 423 68.70 -26.48 -43.31
CA GLY D 423 70.04 -27.04 -43.17
C GLY D 423 70.89 -26.35 -42.12
N ASP D 424 70.24 -25.58 -41.22
CA ASP D 424 70.88 -24.84 -40.13
C ASP D 424 71.37 -25.81 -39.04
N ILE D 425 70.63 -26.94 -38.84
CA ILE D 425 70.95 -28.01 -37.90
C ILE D 425 70.80 -29.38 -38.59
N SER D 426 71.59 -30.38 -38.14
CA SER D 426 71.56 -31.75 -38.64
C SER D 426 70.50 -32.57 -37.90
N MET D 427 70.22 -33.82 -38.38
CA MET D 427 69.25 -34.72 -37.75
C MET D 427 69.73 -35.10 -36.34
N LYS D 428 71.06 -35.30 -36.17
CA LYS D 428 71.71 -35.61 -34.89
C LYS D 428 71.51 -34.43 -33.90
N GLU D 429 71.66 -33.19 -34.39
CA GLU D 429 71.49 -31.95 -33.63
C GLU D 429 70.04 -31.78 -33.14
N ALA D 430 69.04 -32.19 -33.98
CA ALA D 430 67.61 -32.16 -33.64
C ALA D 430 67.30 -33.15 -32.51
N GLU D 431 68.02 -34.30 -32.51
CA GLU D 431 67.90 -35.32 -31.47
C GLU D 431 68.52 -34.79 -30.17
N ASP D 432 69.60 -33.99 -30.27
CA ASP D 432 70.27 -33.36 -29.12
C ASP D 432 69.33 -32.33 -28.48
N ALA D 433 68.60 -31.57 -29.35
CA ALA D 433 67.59 -30.59 -28.97
C ALA D 433 66.44 -31.31 -28.28
N LEU D 434 66.05 -32.51 -28.80
CA LEU D 434 65.02 -33.37 -28.20
C LEU D 434 65.47 -33.91 -26.83
N ARG D 435 66.81 -34.12 -26.66
CA ARG D 435 67.39 -34.64 -25.42
C ARG D 435 67.52 -33.52 -24.38
N ASP D 436 67.83 -32.29 -24.85
CA ASP D 436 67.91 -31.09 -24.01
C ASP D 436 66.51 -30.76 -23.45
N TYR D 437 65.45 -30.99 -24.27
CA TYR D 437 64.05 -30.79 -23.86
C TYR D 437 63.68 -31.78 -22.74
N GLN D 438 64.00 -33.09 -22.94
CA GLN D 438 63.77 -34.18 -21.99
C GLN D 438 64.56 -33.98 -20.69
N GLY D 439 65.82 -33.57 -20.81
CA GLY D 439 66.67 -33.27 -19.66
C GLY D 439 66.10 -32.14 -18.82
N GLN D 440 65.53 -31.09 -19.48
CA GLN D 440 64.89 -29.96 -18.81
C GLN D 440 63.59 -30.39 -18.16
N LEU D 441 62.82 -31.26 -18.84
CA LEU D 441 61.57 -31.83 -18.33
C LEU D 441 61.85 -32.70 -17.09
N GLU D 442 62.92 -33.48 -17.11
CA GLU D 442 63.34 -34.33 -16.00
C GLU D 442 63.84 -33.49 -14.83
N ARG D 443 64.67 -32.45 -15.12
CA ARG D 443 65.26 -31.56 -14.11
C ARG D 443 64.18 -30.90 -13.22
N VAL D 444 63.10 -30.39 -13.82
CA VAL D 444 62.06 -29.70 -13.05
C VAL D 444 61.27 -30.73 -12.18
N PHE D 445 60.97 -31.91 -12.75
CA PHE D 445 60.30 -32.97 -12.02
C PHE D 445 61.18 -33.43 -10.83
N ASN D 446 62.51 -33.57 -11.05
CA ASN D 446 63.49 -34.00 -10.05
C ASN D 446 63.71 -32.97 -8.94
N GLU D 447 63.87 -31.69 -9.29
CA GLU D 447 64.10 -30.61 -8.33
C GLU D 447 62.88 -30.33 -7.43
N VAL D 448 61.65 -30.47 -7.98
CA VAL D 448 60.41 -30.24 -7.23
C VAL D 448 60.12 -31.46 -6.34
N ARG D 449 60.50 -32.69 -6.81
CA ARG D 449 60.34 -33.92 -6.03
C ARG D 449 61.25 -33.88 -4.80
N GLU D 450 62.49 -33.35 -4.97
CA GLU D 450 63.48 -33.18 -3.92
C GLU D 450 63.01 -32.12 -2.88
N LEU D 451 62.31 -31.08 -3.36
CA LEU D 451 61.75 -29.98 -2.58
C LEU D 451 60.61 -30.51 -1.66
N GLU D 452 59.73 -31.38 -2.19
CA GLU D 452 58.63 -32.01 -1.45
C GLU D 452 59.15 -32.98 -0.35
N LYS D 453 60.36 -33.56 -0.57
CA LYS D 453 61.01 -34.48 0.38
C LYS D 453 61.57 -33.71 1.60
N HIS D 454 61.89 -32.40 1.43
CA HIS D 454 62.43 -31.53 2.47
C HIS D 454 61.42 -30.46 2.87
N LEU D 472 57.24 10.29 16.67
CA LEU D 472 58.21 10.65 17.70
C LEU D 472 59.23 11.65 17.15
N ALA D 473 59.30 12.83 17.80
CA ALA D 473 60.16 13.99 17.50
C ALA D 473 59.84 14.57 16.10
N THR D 474 58.60 15.08 15.92
CA THR D 474 58.17 15.72 14.67
C THR D 474 58.39 17.22 14.78
N ALA D 475 58.50 17.74 16.03
CA ALA D 475 58.77 19.16 16.31
C ALA D 475 60.06 19.62 15.61
N VAL D 476 60.06 20.89 15.13
CA VAL D 476 61.22 21.50 14.47
C VAL D 476 61.62 22.76 15.25
N ASP D 477 62.82 23.29 15.04
CA ASP D 477 63.22 24.51 15.72
C ASP D 477 62.66 25.69 14.95
N LYS D 478 62.46 26.85 15.61
CA LYS D 478 61.93 28.09 15.00
C LYS D 478 62.76 28.49 13.78
N ALA D 479 64.09 28.28 13.81
CA ALA D 479 65.00 28.56 12.69
C ALA D 479 64.59 27.79 11.42
N MET D 480 64.06 26.55 11.58
CA MET D 480 63.57 25.75 10.44
C MET D 480 62.37 26.42 9.78
N LEU D 481 61.39 26.87 10.61
CA LEU D 481 60.19 27.58 10.13
C LEU D 481 60.60 28.85 9.39
N GLN D 482 61.56 29.60 9.97
CA GLN D 482 62.09 30.85 9.44
C GLN D 482 62.78 30.66 8.08
N ARG D 483 63.60 29.59 7.95
CA ARG D 483 64.31 29.23 6.73
C ARG D 483 63.31 28.92 5.59
N ILE D 484 62.20 28.21 5.88
CA ILE D 484 61.17 27.86 4.89
C ILE D 484 60.43 29.15 4.49
N GLY D 485 60.21 30.04 5.45
CA GLY D 485 59.56 31.33 5.23
C GLY D 485 60.39 32.24 4.33
N ASP D 486 61.69 32.40 4.66
CA ASP D 486 62.65 33.21 3.91
C ASP D 486 62.86 32.66 2.48
N ALA D 487 62.77 31.32 2.30
CA ALA D 487 62.89 30.66 1.00
C ALA D 487 61.87 31.17 -0.02
N HIS D 488 60.67 31.58 0.46
CA HIS D 488 59.59 32.13 -0.38
C HIS D 488 59.94 33.53 -0.94
N LEU D 489 60.92 34.22 -0.32
CA LEU D 489 61.36 35.54 -0.76
C LEU D 489 62.77 35.49 -1.39
N ALA D 490 63.44 34.32 -1.34
CA ALA D 490 64.77 34.16 -1.93
C ALA D 490 64.64 33.82 -3.44
N LEU D 491 64.08 34.77 -4.19
CA LEU D 491 63.82 34.66 -5.62
C LEU D 491 65.10 34.70 -6.45
N PRO D 492 65.14 33.98 -7.61
CA PRO D 492 66.35 34.06 -8.48
C PRO D 492 66.53 35.47 -9.00
N GLU D 493 67.75 35.82 -9.41
CA GLU D 493 68.04 37.17 -9.91
C GLU D 493 67.20 37.49 -11.16
N GLY D 494 66.54 38.63 -11.13
CA GLY D 494 65.69 39.08 -12.23
C GLY D 494 64.33 38.43 -12.34
N PHE D 495 63.94 37.58 -11.36
CA PHE D 495 62.64 36.91 -11.36
C PHE D 495 61.48 37.93 -11.13
N THR D 496 60.44 37.87 -11.99
CA THR D 496 59.25 38.76 -11.86
C THR D 496 58.06 37.96 -11.27
N VAL D 497 57.76 38.21 -9.99
CA VAL D 497 56.62 37.58 -9.31
C VAL D 497 55.31 38.24 -9.79
N HIS D 498 54.29 37.42 -10.04
CA HIS D 498 52.97 37.92 -10.35
C HIS D 498 52.50 38.77 -9.15
N PRO D 499 51.96 39.99 -9.40
CA PRO D 499 51.52 40.86 -8.30
C PRO D 499 50.56 40.24 -7.29
N ARG D 500 49.74 39.24 -7.69
CA ARG D 500 48.79 38.59 -6.77
C ARG D 500 49.45 37.45 -5.98
N VAL D 501 50.64 37.01 -6.42
CA VAL D 501 51.39 35.91 -5.79
C VAL D 501 52.35 36.50 -4.73
N ARG D 502 52.94 37.67 -5.02
CA ARG D 502 53.89 38.37 -4.15
C ARG D 502 53.39 38.45 -2.67
N PRO D 503 52.12 38.84 -2.34
CA PRO D 503 51.73 38.91 -0.92
C PRO D 503 51.73 37.55 -0.22
N VAL D 504 51.49 36.46 -0.97
CA VAL D 504 51.50 35.08 -0.43
C VAL D 504 52.92 34.77 0.10
N LEU D 505 53.94 35.17 -0.66
CA LEU D 505 55.33 34.96 -0.28
C LEU D 505 55.68 35.75 0.97
N GLU D 506 55.27 37.03 1.01
CA GLU D 506 55.50 37.97 2.12
C GLU D 506 54.73 37.51 3.38
N LYS D 507 53.47 37.08 3.21
CA LYS D 507 52.67 36.55 4.32
C LYS D 507 53.29 35.27 4.90
N ARG D 508 53.94 34.44 4.06
CA ARG D 508 54.61 33.22 4.52
C ARG D 508 55.86 33.55 5.33
N ARG D 509 56.60 34.61 4.95
CA ARG D 509 57.75 35.05 5.74
C ARG D 509 57.23 35.54 7.08
N GLU D 510 56.14 36.33 7.07
CA GLU D 510 55.47 36.86 8.26
C GLU D 510 55.01 35.71 9.19
N MET D 511 54.24 34.74 8.64
CA MET D 511 53.75 33.58 9.40
C MET D 511 54.89 32.75 10.04
N ALA D 512 56.01 32.57 9.32
CA ALA D 512 57.20 31.85 9.76
C ALA D 512 57.84 32.47 11.01
N TYR D 513 57.75 33.81 11.17
CA TYR D 513 58.37 34.53 12.28
C TYR D 513 57.37 34.96 13.34
N GLU D 514 56.10 35.21 12.95
CA GLU D 514 55.13 35.80 13.89
C GLU D 514 53.95 34.89 14.28
N GLY D 515 53.76 33.79 13.56
CA GLY D 515 52.66 32.87 13.85
C GLY D 515 51.45 33.08 12.98
N ARG D 516 50.28 32.60 13.46
CA ARG D 516 49.00 32.58 12.73
C ARG D 516 49.22 31.83 11.39
N ILE D 517 49.91 30.67 11.46
CA ILE D 517 50.26 29.85 10.29
C ILE D 517 48.99 29.15 9.79
N ASP D 518 48.64 29.36 8.52
CA ASP D 518 47.47 28.74 7.89
C ASP D 518 47.82 27.33 7.40
N TRP D 519 46.80 26.55 6.98
CA TRP D 519 46.91 25.18 6.49
C TRP D 519 47.92 25.02 5.35
N ALA D 520 47.77 25.85 4.30
CA ALA D 520 48.61 25.76 3.11
C ALA D 520 50.11 25.92 3.44
N PHE D 521 50.45 26.85 4.34
CA PHE D 521 51.87 27.06 4.71
C PHE D 521 52.36 25.91 5.62
N ALA D 522 51.48 25.39 6.54
CA ALA D 522 51.79 24.27 7.44
C ALA D 522 52.19 23.02 6.66
N GLU D 523 51.51 22.77 5.52
CA GLU D 523 51.84 21.65 4.62
C GLU D 523 53.26 21.81 4.06
N LEU D 524 53.58 23.01 3.54
CA LEU D 524 54.89 23.31 2.94
C LEU D 524 56.00 23.34 4.00
N LEU D 525 55.65 23.70 5.26
CA LEU D 525 56.56 23.67 6.41
C LEU D 525 56.93 22.22 6.73
N ALA D 526 55.94 21.30 6.64
CA ALA D 526 56.17 19.86 6.88
C ALA D 526 57.05 19.27 5.78
N LEU D 527 56.70 19.52 4.50
CA LEU D 527 57.43 19.02 3.34
C LEU D 527 58.83 19.64 3.24
N GLY D 528 58.94 20.96 3.47
CA GLY D 528 60.20 21.69 3.44
C GLY D 528 61.20 21.24 4.50
N SER D 529 60.71 20.93 5.72
CA SER D 529 61.56 20.46 6.82
C SER D 529 62.04 19.02 6.55
N LEU D 530 61.22 18.21 5.86
CA LEU D 530 61.58 16.84 5.47
C LEU D 530 62.69 16.88 4.42
N ILE D 531 62.58 17.78 3.42
CA ILE D 531 63.59 18.02 2.38
C ILE D 531 64.90 18.47 3.06
N ALA D 532 64.81 19.36 4.08
CA ALA D 532 65.98 19.87 4.83
C ALA D 532 66.69 18.76 5.59
N GLU D 533 65.93 17.71 6.01
CA GLU D 533 66.44 16.54 6.73
C GLU D 533 66.98 15.46 5.76
N GLY D 534 66.85 15.68 4.45
CA GLY D 534 67.35 14.78 3.42
C GLY D 534 66.33 13.89 2.73
N LYS D 535 65.05 14.14 2.97
CA LYS D 535 64.00 13.32 2.35
C LYS D 535 63.63 13.78 0.95
N LEU D 536 63.34 12.81 0.06
CA LEU D 536 62.83 13.08 -1.28
C LEU D 536 61.34 13.24 -1.13
N VAL D 537 60.80 14.38 -1.59
CA VAL D 537 59.36 14.66 -1.52
C VAL D 537 58.84 14.78 -2.93
N ARG D 538 57.87 13.90 -3.28
CA ARG D 538 57.21 13.92 -4.58
C ARG D 538 55.74 14.23 -4.33
N LEU D 539 55.26 15.37 -4.86
CA LEU D 539 53.90 15.86 -4.71
C LEU D 539 53.27 16.13 -6.09
N SER D 540 52.08 15.60 -6.33
CA SER D 540 51.45 15.75 -7.65
C SER D 540 49.95 15.57 -7.58
N GLY D 541 49.28 15.97 -8.66
CA GLY D 541 47.83 15.91 -8.80
C GLY D 541 47.35 17.02 -9.72
N GLN D 542 46.04 17.12 -9.88
CA GLN D 542 45.46 18.10 -10.79
C GLN D 542 45.60 19.53 -10.24
N ASP D 543 46.41 20.33 -10.97
CA ASP D 543 46.73 21.75 -10.70
C ASP D 543 47.40 21.92 -9.33
N THR D 544 48.15 20.91 -8.91
CA THR D 544 48.80 20.80 -7.61
C THR D 544 49.94 21.81 -7.40
N GLN D 545 50.58 22.29 -8.46
CA GLN D 545 51.67 23.28 -8.30
C GLN D 545 51.12 24.59 -7.66
N ARG D 546 50.01 25.10 -8.20
CA ARG D 546 49.38 26.30 -7.66
C ARG D 546 48.43 25.96 -6.51
N GLY D 547 47.64 24.91 -6.69
CA GLY D 547 46.62 24.50 -5.76
C GLY D 547 45.29 24.86 -6.39
N THR D 548 44.34 23.90 -6.33
CA THR D 548 42.97 24.02 -6.85
C THR D 548 42.28 25.24 -6.21
N PHE D 549 42.58 25.52 -4.92
CA PHE D 549 41.95 26.62 -4.20
C PHE D 549 42.91 27.82 -4.11
N THR D 550 43.87 27.90 -5.08
CA THR D 550 44.91 28.94 -5.25
C THR D 550 45.68 29.14 -3.93
N GLN D 551 45.88 28.06 -3.20
CA GLN D 551 46.49 28.19 -1.88
C GLN D 551 47.93 27.73 -1.79
N ARG D 552 48.39 26.82 -2.67
CA ARG D 552 49.70 26.22 -2.48
C ARG D 552 50.86 27.06 -2.98
N HIS D 553 50.91 27.34 -4.30
CA HIS D 553 52.00 28.11 -4.92
C HIS D 553 53.38 27.44 -4.57
N ALA D 554 53.46 26.10 -4.75
CA ALA D 554 54.68 25.29 -4.56
C ALA D 554 55.64 25.61 -5.68
N VAL D 555 55.07 26.04 -6.82
CA VAL D 555 55.78 26.53 -7.99
C VAL D 555 55.22 27.91 -8.32
N ILE D 556 56.10 28.88 -8.57
CA ILE D 556 55.65 30.22 -8.94
C ILE D 556 56.21 30.54 -10.33
N VAL D 557 55.38 31.19 -11.13
CA VAL D 557 55.66 31.44 -12.54
C VAL D 557 55.98 32.91 -12.78
N ASP D 558 57.15 33.14 -13.42
CA ASP D 558 57.63 34.45 -13.79
C ASP D 558 56.63 35.09 -14.74
N ARG D 559 56.06 36.26 -14.31
CA ARG D 559 55.06 37.06 -15.02
C ARG D 559 55.54 37.53 -16.43
N LYS D 560 56.87 37.62 -16.65
CA LYS D 560 57.40 38.06 -17.94
C LYS D 560 57.98 36.91 -18.81
N THR D 561 58.60 35.88 -18.20
CA THR D 561 59.28 34.83 -18.97
C THR D 561 58.60 33.47 -18.88
N GLY D 562 57.68 33.30 -17.91
CA GLY D 562 57.03 32.01 -17.73
C GLY D 562 57.92 30.98 -17.04
N GLU D 563 59.16 31.37 -16.66
CA GLU D 563 60.08 30.49 -15.95
C GLU D 563 59.51 30.11 -14.57
N GLU D 564 59.71 28.87 -14.18
CA GLU D 564 59.20 28.33 -12.91
C GLU D 564 60.25 28.42 -11.81
N PHE D 565 59.83 28.81 -10.59
CA PHE D 565 60.68 28.87 -9.41
C PHE D 565 60.00 28.08 -8.31
N THR D 566 60.75 27.17 -7.67
CA THR D 566 60.23 26.30 -6.61
C THR D 566 60.89 26.67 -5.27
N PRO D 567 60.21 27.49 -4.44
CA PRO D 567 60.82 27.94 -3.18
C PRO D 567 61.32 26.80 -2.26
N LEU D 568 60.56 25.69 -2.10
CA LEU D 568 60.99 24.58 -1.21
C LEU D 568 62.27 23.86 -1.67
N GLN D 569 62.64 23.96 -2.97
CA GLN D 569 63.84 23.31 -3.52
C GLN D 569 65.12 23.94 -2.93
N LEU D 570 65.03 25.16 -2.33
CA LEU D 570 66.20 25.81 -1.73
C LEU D 570 66.59 25.10 -0.43
N LEU D 571 65.66 24.35 0.17
CA LEU D 571 65.89 23.58 1.40
C LEU D 571 66.63 22.26 1.12
N ALA D 572 66.89 21.95 -0.16
CA ALA D 572 67.66 20.76 -0.56
C ALA D 572 69.17 21.00 -0.37
N THR D 573 69.54 22.26 -0.11
CA THR D 573 70.89 22.73 0.13
C THR D 573 70.98 23.30 1.55
N ASN D 574 71.96 22.81 2.34
CA ASN D 574 72.23 23.26 3.72
C ASN D 574 72.71 24.72 3.75
N PRO D 575 72.57 25.46 4.90
CA PRO D 575 73.06 26.86 4.95
C PRO D 575 74.54 27.01 4.60
N ASP D 576 75.33 25.94 4.83
CA ASP D 576 76.75 25.85 4.52
C ASP D 576 76.95 25.85 2.99
N GLY D 577 76.04 25.18 2.27
CA GLY D 577 76.05 25.07 0.81
C GLY D 577 76.12 23.65 0.31
N THR D 578 76.17 22.66 1.22
CA THR D 578 76.22 21.23 0.89
C THR D 578 74.82 20.66 0.66
N PRO D 579 74.63 19.64 -0.21
CA PRO D 579 73.28 19.07 -0.38
C PRO D 579 72.83 18.28 0.85
N THR D 580 71.53 18.27 1.13
CA THR D 580 70.96 17.53 2.28
C THR D 580 70.68 16.08 1.87
N GLY D 581 70.57 15.84 0.57
CA GLY D 581 70.20 14.54 0.01
C GLY D 581 68.73 14.54 -0.36
N GLY D 582 68.02 15.60 0.07
CA GLY D 582 66.61 15.81 -0.17
C GLY D 582 66.34 16.47 -1.51
N LYS D 583 65.08 16.44 -1.95
CA LYS D 583 64.66 17.02 -3.22
C LYS D 583 63.14 17.22 -3.22
N PHE D 584 62.66 18.22 -3.96
CA PHE D 584 61.24 18.49 -4.10
C PHE D 584 60.83 18.33 -5.54
N LEU D 585 60.02 17.30 -5.78
CA LEU D 585 59.52 16.98 -7.09
C LEU D 585 58.03 17.25 -7.10
N VAL D 586 57.62 18.35 -7.73
CA VAL D 586 56.21 18.70 -7.72
C VAL D 586 55.71 18.91 -9.15
N TYR D 587 54.55 18.29 -9.44
CA TYR D 587 54.01 18.33 -10.78
C TYR D 587 52.54 18.48 -10.83
N ASN D 588 52.07 19.05 -11.94
CA ASN D 588 50.68 19.06 -12.32
C ASN D 588 50.47 17.73 -13.04
N SER D 589 49.48 16.96 -12.61
CA SER D 589 49.22 15.69 -13.29
C SER D 589 48.37 15.89 -14.56
N ALA D 590 48.26 14.83 -15.36
CA ALA D 590 47.34 14.73 -16.48
C ALA D 590 45.93 14.64 -15.88
N LEU D 591 44.87 14.86 -16.69
CA LEU D 591 43.53 14.77 -16.12
C LEU D 591 43.10 13.27 -16.01
N SER D 592 43.79 12.55 -15.11
CA SER D 592 43.59 11.13 -14.82
C SER D 592 43.60 10.89 -13.33
N GLU D 593 42.83 9.91 -12.89
CA GLU D 593 42.83 9.51 -11.48
C GLU D 593 43.43 8.10 -11.37
N PHE D 594 42.92 7.16 -12.18
CA PHE D 594 43.35 5.75 -12.22
C PHE D 594 44.86 5.64 -12.47
N ALA D 595 45.36 6.20 -13.58
CA ALA D 595 46.79 6.12 -13.89
C ALA D 595 47.62 6.95 -12.92
N ALA D 596 47.15 8.18 -12.53
CA ALA D 596 47.92 9.03 -11.61
C ALA D 596 48.06 8.39 -10.20
N VAL D 597 46.95 7.87 -9.61
CA VAL D 597 46.99 7.21 -8.28
C VAL D 597 47.85 5.94 -8.39
N GLY D 598 47.66 5.23 -9.50
CA GLY D 598 48.43 4.03 -9.81
C GLY D 598 49.91 4.30 -9.75
N PHE D 599 50.33 5.39 -10.46
CA PHE D 599 51.71 5.84 -10.59
C PHE D 599 52.33 6.19 -9.23
N GLU D 600 51.62 6.98 -8.42
CA GLU D 600 52.11 7.42 -7.11
C GLU D 600 52.23 6.23 -6.16
N TYR D 601 51.26 5.28 -6.20
CA TYR D 601 51.40 4.07 -5.40
C TYR D 601 52.69 3.32 -5.84
N GLY D 602 52.85 3.20 -7.17
CA GLY D 602 54.03 2.57 -7.78
C GLY D 602 55.33 3.23 -7.34
N TYR D 603 55.34 4.55 -7.37
CA TYR D 603 56.49 5.38 -6.99
C TYR D 603 56.91 5.11 -5.51
N SER D 604 55.96 5.08 -4.55
CA SER D 604 56.27 4.78 -3.13
C SER D 604 56.89 3.34 -2.95
N VAL D 605 56.45 2.37 -3.77
CA VAL D 605 56.98 0.99 -3.78
C VAL D 605 58.43 1.00 -4.32
N GLY D 606 58.67 1.73 -5.42
CA GLY D 606 59.99 1.88 -6.04
C GLY D 606 61.02 2.58 -5.16
N ASN D 607 60.58 3.51 -4.29
CA ASN D 607 61.46 4.21 -3.36
C ASN D 607 60.74 4.34 -2.00
N PRO D 608 60.92 3.34 -1.10
CA PRO D 608 60.23 3.38 0.21
C PRO D 608 60.67 4.55 1.10
N ASP D 609 61.83 5.19 0.79
CA ASP D 609 62.38 6.33 1.56
C ASP D 609 61.81 7.66 1.09
N ALA D 610 61.03 7.66 0.00
CA ALA D 610 60.43 8.88 -0.51
C ALA D 610 59.13 9.20 0.21
N MET D 611 58.80 10.51 0.27
CA MET D 611 57.53 11.03 0.76
C MET D 611 56.73 11.27 -0.51
N VAL D 612 55.72 10.44 -0.76
CA VAL D 612 54.94 10.50 -2.00
C VAL D 612 53.51 10.87 -1.68
N LEU D 613 53.05 12.00 -2.26
CA LEU D 613 51.70 12.48 -2.04
C LEU D 613 50.97 12.73 -3.35
N TRP D 614 49.76 12.19 -3.46
CA TRP D 614 48.88 12.42 -4.58
C TRP D 614 47.71 13.19 -4.09
N GLU D 615 47.35 14.26 -4.83
CA GLU D 615 46.24 15.10 -4.45
C GLU D 615 45.11 15.04 -5.47
N ALA D 616 43.90 14.71 -4.98
CA ALA D 616 42.68 14.74 -5.79
C ALA D 616 42.26 16.19 -5.97
N GLN D 617 41.70 16.57 -7.14
CA GLN D 617 41.21 17.95 -7.35
C GLN D 617 40.21 18.24 -6.26
N PHE D 618 39.22 17.37 -6.15
CA PHE D 618 38.22 17.23 -5.05
C PHE D 618 38.26 15.74 -4.71
N GLY D 619 38.03 15.38 -3.45
CA GLY D 619 38.00 13.99 -3.00
C GLY D 619 37.04 13.13 -3.81
N ASP D 620 35.92 13.72 -4.25
CA ASP D 620 34.83 13.09 -5.04
C ASP D 620 35.27 12.40 -6.33
N PHE D 621 36.41 12.82 -6.89
CA PHE D 621 36.96 12.25 -8.14
C PHE D 621 37.84 11.04 -7.92
N VAL D 622 38.26 10.77 -6.67
CA VAL D 622 39.12 9.61 -6.38
C VAL D 622 38.42 8.27 -6.73
N ASN D 623 37.06 8.22 -6.84
CA ASN D 623 36.40 6.94 -7.22
C ASN D 623 36.79 6.47 -8.64
N GLY D 624 37.40 7.34 -9.46
CA GLY D 624 37.93 6.99 -10.79
C GLY D 624 39.18 6.16 -10.67
N ALA D 625 39.76 6.15 -9.46
CA ALA D 625 40.94 5.35 -9.13
C ALA D 625 40.57 4.24 -8.13
N GLN D 626 39.28 3.83 -8.07
CA GLN D 626 38.83 2.82 -7.10
C GLN D 626 39.61 1.51 -7.19
N SER D 627 39.90 1.06 -8.42
CA SER D 627 40.66 -0.17 -8.65
C SER D 627 42.03 -0.11 -7.97
N ILE D 628 42.74 1.05 -8.00
CA ILE D 628 44.04 1.16 -7.35
C ILE D 628 43.88 1.15 -5.84
N ILE D 629 42.85 1.87 -5.33
CA ILE D 629 42.59 1.94 -3.88
C ILE D 629 42.30 0.53 -3.35
N ASP D 630 41.36 -0.17 -4.00
CA ASP D 630 40.92 -1.53 -3.62
C ASP D 630 41.98 -2.59 -3.75
N GLU D 631 42.68 -2.62 -4.89
CA GLU D 631 43.60 -3.69 -5.25
C GLU D 631 45.06 -3.49 -4.85
N PHE D 632 45.51 -2.26 -4.65
CA PHE D 632 46.93 -2.05 -4.30
C PHE D 632 47.10 -1.38 -2.96
N ILE D 633 46.55 -0.14 -2.82
CA ILE D 633 46.73 0.72 -1.64
C ILE D 633 46.22 0.08 -0.34
N SER D 634 44.93 -0.27 -0.28
CA SER D 634 44.35 -0.77 0.96
C SER D 634 44.74 -2.22 1.30
N SER D 635 45.14 -2.99 0.29
CA SER D 635 45.26 -4.44 0.45
C SER D 635 46.60 -5.10 0.05
N GLY D 636 47.46 -4.38 -0.67
CA GLY D 636 48.74 -4.92 -1.15
C GLY D 636 49.65 -5.52 -0.11
N GLU D 637 49.69 -4.94 1.10
CA GLU D 637 50.54 -5.44 2.20
C GLU D 637 50.07 -6.82 2.68
N ALA D 638 48.77 -6.97 2.96
CA ALA D 638 48.22 -8.25 3.44
C ALA D 638 48.28 -9.31 2.36
N LYS D 639 48.08 -8.95 1.09
CA LYS D 639 48.03 -9.93 0.01
C LYS D 639 49.40 -10.37 -0.47
N TRP D 640 50.36 -9.43 -0.56
CA TRP D 640 51.64 -9.76 -1.18
C TRP D 640 52.84 -9.39 -0.33
N GLY D 641 52.62 -8.76 0.83
CA GLY D 641 53.74 -8.30 1.66
C GLY D 641 54.41 -7.09 1.03
N GLN D 642 53.72 -6.46 0.07
CA GLN D 642 54.21 -5.28 -0.62
C GLN D 642 53.78 -4.06 0.16
N LEU D 643 54.75 -3.25 0.55
CA LEU D 643 54.53 -2.07 1.36
C LEU D 643 54.57 -0.79 0.52
N SER D 644 53.75 0.18 0.93
CA SER D 644 53.65 1.49 0.33
C SER D 644 53.36 2.53 1.39
N ASP D 645 54.05 3.66 1.32
CA ASP D 645 53.88 4.79 2.23
C ASP D 645 53.14 5.93 1.51
N VAL D 646 52.44 5.62 0.40
CA VAL D 646 51.73 6.64 -0.39
C VAL D 646 50.71 7.44 0.45
N VAL D 647 50.63 8.75 0.19
CA VAL D 647 49.67 9.66 0.82
C VAL D 647 48.64 10.09 -0.23
N LEU D 648 47.36 9.96 0.10
CA LEU D 648 46.29 10.49 -0.73
C LEU D 648 45.69 11.70 -0.01
N LEU D 649 45.68 12.88 -0.67
CA LEU D 649 45.10 14.12 -0.13
C LEU D 649 43.77 14.33 -0.81
N LEU D 650 42.69 14.24 -0.04
CA LEU D 650 41.35 14.32 -0.60
C LEU D 650 40.56 15.53 -0.10
N PRO D 651 40.48 16.64 -0.88
CA PRO D 651 39.71 17.82 -0.42
C PRO D 651 38.26 17.43 -0.20
N HIS D 652 37.80 17.68 1.05
CA HIS D 652 36.54 17.19 1.58
C HIS D 652 35.83 18.24 2.45
N GLY D 653 34.50 18.29 2.37
CA GLY D 653 33.69 19.20 3.18
C GLY D 653 32.41 19.69 2.54
N HIS D 654 31.30 19.72 3.31
CA HIS D 654 29.99 20.19 2.86
C HIS D 654 29.99 21.70 2.82
N GLU D 655 29.91 22.28 1.62
CA GLU D 655 29.98 23.74 1.41
C GLU D 655 28.93 24.25 0.40
N GLY D 656 28.05 23.38 -0.08
CA GLY D 656 27.00 23.74 -1.04
C GLY D 656 27.41 23.66 -2.49
N GLN D 657 28.52 22.95 -2.78
CA GLN D 657 29.01 22.82 -4.13
C GLN D 657 28.52 21.57 -4.88
N GLY D 658 27.58 20.84 -4.31
CA GLY D 658 27.02 19.68 -4.99
C GLY D 658 27.63 18.34 -4.64
N PRO D 659 26.98 17.26 -5.11
CA PRO D 659 27.40 15.88 -4.75
C PRO D 659 28.76 15.44 -5.29
N ASP D 660 29.37 16.18 -6.24
CA ASP D 660 30.70 15.85 -6.78
C ASP D 660 31.78 16.85 -6.36
N HIS D 661 31.44 17.80 -5.46
CA HIS D 661 32.40 18.74 -4.91
C HIS D 661 32.18 18.87 -3.40
N THR D 662 31.96 17.73 -2.72
CA THR D 662 31.68 17.71 -1.29
C THR D 662 32.39 16.58 -0.53
N SER D 663 32.46 15.36 -1.11
CA SER D 663 32.93 14.21 -0.35
C SER D 663 33.99 13.35 -1.02
N GLY D 664 35.00 12.97 -0.24
CA GLY D 664 36.02 11.99 -0.57
C GLY D 664 35.63 10.59 -0.13
N ARG D 665 34.38 10.43 0.34
CA ARG D 665 33.76 9.17 0.81
C ARG D 665 34.59 8.50 1.94
N ILE D 666 34.62 9.18 3.10
CA ILE D 666 35.28 8.74 4.33
C ILE D 666 34.87 7.31 4.67
N GLU D 667 33.53 7.01 4.61
CA GLU D 667 32.88 5.74 4.92
C GLU D 667 33.45 4.59 4.07
N ARG D 668 33.88 4.87 2.83
CA ARG D 668 34.42 3.82 1.97
C ARG D 668 35.85 3.46 2.44
N PHE D 669 36.69 4.48 2.74
CA PHE D 669 38.06 4.21 3.22
C PHE D 669 38.02 3.54 4.60
N LEU D 670 37.06 3.96 5.45
CA LEU D 670 36.89 3.38 6.78
C LEU D 670 36.44 1.91 6.71
N GLN D 671 35.63 1.57 5.69
CA GLN D 671 35.12 0.22 5.44
C GLN D 671 36.26 -0.68 4.95
N LEU D 672 37.14 -0.15 4.09
CA LEU D 672 38.30 -0.86 3.52
C LEU D 672 39.36 -1.16 4.57
N TRP D 673 39.49 -0.28 5.59
CA TRP D 673 40.46 -0.35 6.66
C TRP D 673 40.30 -1.63 7.49
N ALA D 674 41.45 -2.21 7.87
CA ALA D 674 41.65 -3.32 8.79
C ALA D 674 42.95 -3.02 9.54
N GLU D 675 43.07 -3.48 10.81
CA GLU D 675 44.23 -3.21 11.68
C GLU D 675 45.56 -3.24 10.92
N GLY D 676 46.25 -2.11 10.96
CA GLY D 676 47.56 -1.89 10.35
C GLY D 676 47.61 -1.82 8.84
N SER D 677 46.48 -1.55 8.17
CA SER D 677 46.57 -1.49 6.70
C SER D 677 46.79 -0.06 6.23
N MET D 678 46.06 0.91 6.82
CA MET D 678 46.15 2.33 6.45
C MET D 678 45.96 3.22 7.67
N THR D 679 46.40 4.48 7.55
CA THR D 679 46.15 5.53 8.54
C THR D 679 45.16 6.46 7.84
N ILE D 680 44.03 6.78 8.51
CA ILE D 680 42.98 7.64 7.95
C ILE D 680 42.77 8.82 8.90
N ALA D 681 42.92 10.03 8.39
CA ALA D 681 42.80 11.22 9.23
C ALA D 681 42.07 12.37 8.55
N MET D 682 41.48 13.26 9.36
CA MET D 682 40.82 14.49 8.95
C MET D 682 41.25 15.58 9.94
N PRO D 683 42.48 16.14 9.78
CA PRO D 683 42.94 17.15 10.76
C PRO D 683 42.13 18.46 10.66
N SER D 684 42.02 19.16 11.79
CA SER D 684 41.27 20.41 11.89
C SER D 684 42.18 21.62 12.03
N THR D 685 43.47 21.40 12.35
CA THR D 685 44.37 22.54 12.51
C THR D 685 45.60 22.39 11.59
N PRO D 686 46.18 23.52 11.12
CA PRO D 686 47.40 23.45 10.30
C PRO D 686 48.53 22.70 11.00
N ALA D 687 48.79 22.98 12.29
CA ALA D 687 49.88 22.32 13.03
C ALA D 687 49.66 20.81 13.15
N ASN D 688 48.42 20.35 13.37
CA ASN D 688 48.17 18.92 13.48
C ASN D 688 48.37 18.23 12.13
N TYR D 689 48.10 18.94 11.02
CA TYR D 689 48.35 18.40 9.68
C TYR D 689 49.88 18.31 9.43
N PHE D 690 50.62 19.34 9.86
CA PHE D 690 52.09 19.39 9.77
C PHE D 690 52.72 18.18 10.49
N HIS D 691 52.26 17.91 11.72
CA HIS D 691 52.76 16.82 12.54
C HIS D 691 52.34 15.47 11.99
N LEU D 692 51.13 15.38 11.39
CA LEU D 692 50.63 14.15 10.74
C LEU D 692 51.58 13.76 9.58
N LEU D 693 51.92 14.73 8.71
CA LEU D 693 52.82 14.51 7.57
C LEU D 693 54.23 14.16 8.02
N ARG D 694 54.74 14.86 9.05
CA ARG D 694 56.08 14.60 9.55
C ARG D 694 56.15 13.22 10.23
N ARG D 695 55.11 12.83 11.02
CA ARG D 695 55.07 11.49 11.62
C ARG D 695 55.11 10.44 10.51
N HIS D 696 54.28 10.61 9.46
CA HIS D 696 54.20 9.71 8.32
C HIS D 696 55.55 9.54 7.59
N GLY D 697 56.28 10.63 7.37
CA GLY D 697 57.56 10.55 6.69
C GLY D 697 58.72 10.08 7.55
N LYS D 698 58.58 10.12 8.90
CA LYS D 698 59.69 9.78 9.81
C LYS D 698 59.46 8.57 10.75
N ASP D 699 58.26 7.92 10.70
CA ASP D 699 57.93 6.82 11.62
C ASP D 699 58.64 5.49 11.31
N GLY D 700 59.36 5.40 10.19
CA GLY D 700 60.06 4.19 9.76
C GLY D 700 59.14 3.03 9.41
N ILE D 701 57.87 3.34 9.08
CA ILE D 701 56.80 2.38 8.78
C ILE D 701 56.25 2.68 7.38
N GLN D 702 56.03 1.65 6.56
CA GLN D 702 55.49 1.81 5.22
C GLN D 702 54.01 1.46 5.24
N ARG D 703 53.16 2.48 5.32
CA ARG D 703 51.70 2.32 5.41
C ARG D 703 50.99 3.51 4.74
N PRO D 704 49.99 3.27 3.87
CA PRO D 704 49.30 4.41 3.24
C PRO D 704 48.59 5.32 4.24
N LEU D 705 48.59 6.63 3.94
CA LEU D 705 47.93 7.65 4.74
C LEU D 705 46.86 8.31 3.88
N ILE D 706 45.61 8.31 4.37
CA ILE D 706 44.50 8.94 3.66
C ILE D 706 44.13 10.19 4.46
N VAL D 707 44.24 11.37 3.81
CA VAL D 707 43.96 12.64 4.48
C VAL D 707 42.79 13.35 3.81
N PHE D 708 41.76 13.67 4.61
CA PHE D 708 40.62 14.46 4.15
C PHE D 708 41.00 15.91 4.49
N THR D 709 41.33 16.68 3.43
CA THR D 709 41.87 18.03 3.51
C THR D 709 40.79 19.14 3.29
N PRO D 710 41.00 20.39 3.76
CA PRO D 710 39.94 21.41 3.62
C PRO D 710 39.96 22.13 2.28
N LYS D 711 38.97 23.01 2.12
CA LYS D 711 38.74 23.85 0.95
C LYS D 711 38.45 25.28 1.48
N SER D 712 37.23 25.57 1.98
CA SER D 712 36.97 26.90 2.57
C SER D 712 37.73 27.09 3.91
N MET D 713 37.97 26.00 4.68
CA MET D 713 38.69 26.03 5.96
C MET D 713 40.19 26.43 5.76
N LEU D 714 40.71 26.38 4.51
CA LEU D 714 42.07 26.85 4.21
C LEU D 714 42.20 28.34 4.56
N ARG D 715 41.09 29.10 4.40
CA ARG D 715 41.05 30.54 4.62
C ARG D 715 40.24 30.95 5.87
N ASN D 716 39.88 29.96 6.71
CA ASN D 716 39.15 30.26 7.94
C ASN D 716 40.18 30.77 8.97
N LYS D 717 40.01 32.05 9.40
CA LYS D 717 40.92 32.76 10.31
C LYS D 717 41.04 32.10 11.70
N ALA D 718 40.02 31.28 12.12
CA ALA D 718 40.10 30.52 13.37
C ALA D 718 40.97 29.25 13.18
N ALA D 719 41.13 28.79 11.92
CA ALA D 719 41.92 27.58 11.62
C ALA D 719 43.39 27.97 11.28
N VAL D 720 44.07 28.60 12.26
CA VAL D 720 45.48 29.00 12.18
C VAL D 720 46.19 28.48 13.44
N SER D 721 47.52 28.32 13.37
CA SER D 721 48.31 27.76 14.47
C SER D 721 49.49 28.65 14.87
N ASP D 722 49.88 28.57 16.15
CA ASP D 722 51.01 29.31 16.72
C ASP D 722 52.32 28.60 16.42
N ILE D 723 53.44 29.34 16.48
CA ILE D 723 54.81 28.81 16.27
C ILE D 723 55.06 27.63 17.24
N ARG D 724 54.68 27.79 18.54
CA ARG D 724 54.84 26.79 19.61
C ARG D 724 54.18 25.45 19.27
N ASP D 725 53.10 25.45 18.44
CA ASP D 725 52.39 24.22 18.02
C ASP D 725 53.27 23.40 17.03
N PHE D 726 54.26 24.06 16.38
CA PHE D 726 55.18 23.42 15.44
C PHE D 726 56.51 23.06 16.11
N THR D 727 56.96 23.91 17.07
CA THR D 727 58.25 23.77 17.74
C THR D 727 58.22 23.01 19.07
N GLU D 728 57.06 22.91 19.74
CA GLU D 728 57.01 22.25 21.06
C GLU D 728 55.82 21.27 21.19
N SER D 729 55.24 20.84 20.08
CA SER D 729 54.13 19.90 20.15
C SER D 729 54.38 18.66 19.26
N LYS D 730 53.36 17.82 19.11
CA LYS D 730 53.37 16.57 18.36
C LYS D 730 51.98 16.35 17.75
N PHE D 731 51.81 15.27 16.98
CA PHE D 731 50.51 14.92 16.42
C PHE D 731 49.55 14.53 17.55
N ARG D 732 48.35 15.10 17.51
CA ARG D 732 47.34 14.82 18.49
C ARG D 732 46.18 14.14 17.75
N SER D 733 45.97 12.85 18.06
CA SER D 733 44.92 12.01 17.45
C SER D 733 43.53 12.43 17.93
N VAL D 734 43.48 13.04 19.13
CA VAL D 734 42.28 13.54 19.80
C VAL D 734 42.58 14.95 20.29
N LEU D 735 41.72 15.91 19.91
CA LEU D 735 41.90 17.30 20.35
C LEU D 735 40.73 17.81 21.17
N GLU D 736 41.05 18.47 22.28
CA GLU D 736 40.09 19.15 23.13
C GLU D 736 40.03 20.60 22.77
N GLU D 737 39.00 21.31 23.23
CA GLU D 737 38.89 22.76 23.05
C GLU D 737 40.00 23.46 23.83
N PRO D 738 40.67 24.48 23.22
CA PRO D 738 41.76 25.20 23.94
C PRO D 738 41.34 25.84 25.28
N MET D 739 40.03 26.12 25.48
CA MET D 739 39.53 26.70 26.75
C MET D 739 39.75 25.74 27.93
N TYR D 740 39.86 24.43 27.68
CA TYR D 740 40.07 23.43 28.73
C TYR D 740 41.54 23.13 28.92
N THR D 741 42.32 23.05 27.82
CA THR D 741 43.75 22.73 27.86
C THR D 741 44.63 23.96 28.20
N ASP D 742 44.25 25.15 27.70
CA ASP D 742 45.04 26.37 27.89
C ASP D 742 44.28 27.51 28.57
N GLY D 743 42.95 27.55 28.40
CA GLY D 743 42.10 28.60 28.94
C GLY D 743 41.63 28.41 30.36
N GLU D 744 40.48 29.04 30.68
CA GLU D 744 39.89 29.00 32.01
C GLU D 744 38.53 28.25 32.04
N GLY D 745 38.31 27.36 31.06
CA GLY D 745 37.11 26.55 30.98
C GLY D 745 37.03 25.49 32.06
N ASP D 746 35.80 25.14 32.50
CA ASP D 746 35.57 24.13 33.54
C ASP D 746 34.92 22.89 32.93
N ARG D 747 35.70 21.78 32.87
CA ARG D 747 35.29 20.48 32.33
C ARG D 747 34.16 19.83 33.14
N ASN D 748 34.09 20.12 34.45
CA ASN D 748 33.09 19.57 35.38
C ASN D 748 31.68 20.13 35.12
N LYS D 749 31.58 21.29 34.44
CA LYS D 749 30.29 21.90 34.09
C LYS D 749 29.65 21.19 32.87
N VAL D 750 30.45 20.44 32.06
CA VAL D 750 30.02 19.74 30.84
C VAL D 750 29.09 18.56 31.16
N THR D 751 27.91 18.53 30.52
CA THR D 751 26.90 17.46 30.65
C THR D 751 26.65 16.82 29.28
N ARG D 752 26.87 17.57 28.19
CA ARG D 752 26.70 17.08 26.83
C ARG D 752 28.04 17.11 26.12
N LEU D 753 28.48 15.96 25.62
CA LEU D 753 29.73 15.90 24.88
C LEU D 753 29.47 15.65 23.41
N LEU D 754 29.98 16.53 22.55
CA LEU D 754 29.87 16.41 21.10
C LEU D 754 31.21 15.91 20.55
N LEU D 755 31.18 14.76 19.86
CA LEU D 755 32.37 14.20 19.23
C LEU D 755 32.26 14.45 17.76
N THR D 756 33.33 14.97 17.16
CA THR D 756 33.29 15.32 15.75
C THR D 756 34.70 15.23 15.13
N SER D 757 34.79 15.61 13.86
CA SER D 757 36.03 15.68 13.10
C SER D 757 35.85 16.68 11.97
N GLY D 758 36.93 17.40 11.64
CA GLY D 758 36.91 18.36 10.55
C GLY D 758 36.39 19.75 10.89
N LYS D 759 36.18 20.54 9.83
CA LYS D 759 35.75 21.94 9.87
C LYS D 759 34.48 22.21 10.70
N ILE D 760 33.52 21.28 10.83
CA ILE D 760 32.27 21.52 11.59
C ILE D 760 32.59 21.90 13.05
N TYR D 761 33.79 21.54 13.56
CA TYR D 761 34.25 21.92 14.89
C TYR D 761 34.14 23.44 15.10
N TYR D 762 34.65 24.23 14.14
CA TYR D 762 34.67 25.70 14.22
C TYR D 762 33.26 26.28 14.31
N GLU D 763 32.29 25.70 13.57
CA GLU D 763 30.90 26.12 13.60
C GLU D 763 30.27 25.75 14.95
N LEU D 764 30.58 24.55 15.47
CA LEU D 764 30.09 24.11 16.78
C LEU D 764 30.68 24.98 17.89
N ALA D 765 32.00 25.31 17.81
CA ALA D 765 32.69 26.16 18.79
C ALA D 765 32.17 27.62 18.75
N ALA D 766 31.86 28.16 17.53
CA ALA D 766 31.28 29.49 17.35
C ALA D 766 29.90 29.57 17.99
N ARG D 767 29.08 28.49 17.85
CA ARG D 767 27.76 28.40 18.47
C ARG D 767 27.86 28.32 20.00
N LYS D 768 28.85 27.56 20.51
CA LYS D 768 29.10 27.41 21.96
C LYS D 768 29.41 28.76 22.56
N ALA D 769 30.30 29.54 21.91
CA ALA D 769 30.72 30.88 22.32
C ALA D 769 29.56 31.87 22.31
N LYS D 770 28.71 31.83 21.26
CA LYS D 770 27.56 32.73 21.08
C LYS D 770 26.54 32.59 22.22
N GLU D 771 26.18 31.34 22.57
CA GLU D 771 25.21 31.05 23.63
C GLU D 771 25.84 30.87 25.02
N ASN D 772 27.19 31.04 25.14
CA ASN D 772 27.97 30.88 26.39
C ASN D 772 27.65 29.52 27.05
N ARG D 773 27.74 28.48 26.22
CA ARG D 773 27.37 27.12 26.49
C ARG D 773 28.49 26.31 27.21
N GLU D 774 28.56 26.45 28.55
CA GLU D 774 29.55 25.80 29.42
C GLU D 774 29.22 24.33 29.69
N ASP D 775 27.96 23.94 29.48
CA ASP D 775 27.44 22.58 29.67
C ASP D 775 27.77 21.65 28.48
N VAL D 776 28.29 22.23 27.37
CA VAL D 776 28.61 21.47 26.16
C VAL D 776 30.11 21.58 25.84
N ALA D 777 30.76 20.44 25.54
CA ALA D 777 32.16 20.37 25.11
C ALA D 777 32.25 19.67 23.77
N ILE D 778 33.24 20.06 22.96
CA ILE D 778 33.44 19.53 21.62
C ILE D 778 34.82 18.84 21.58
N VAL D 779 34.82 17.54 21.29
CA VAL D 779 36.03 16.73 21.22
C VAL D 779 36.23 16.29 19.77
N ARG D 780 37.42 16.54 19.22
CA ARG D 780 37.75 16.18 17.84
C ARG D 780 38.52 14.88 17.75
N ILE D 781 38.08 14.01 16.83
CA ILE D 781 38.79 12.76 16.49
C ILE D 781 39.53 13.08 15.19
N GLU D 782 40.83 13.40 15.33
CA GLU D 782 41.72 13.81 14.23
C GLU D 782 42.18 12.62 13.41
N GLN D 783 42.48 11.50 14.10
CA GLN D 783 42.89 10.24 13.49
C GLN D 783 41.68 9.32 13.50
N LEU D 784 41.07 9.09 12.33
CA LEU D 784 39.85 8.28 12.21
C LEU D 784 40.17 6.79 12.27
N ALA D 785 41.31 6.38 11.71
CA ALA D 785 41.76 4.99 11.72
C ALA D 785 43.29 4.92 11.79
N PRO D 786 43.89 4.11 12.70
CA PRO D 786 43.22 3.31 13.75
C PRO D 786 42.58 4.23 14.79
N LEU D 787 41.47 3.78 15.40
CA LEU D 787 40.80 4.59 16.40
C LEU D 787 41.72 4.84 17.59
N PRO D 788 41.87 6.11 18.03
CA PRO D 788 42.76 6.38 19.17
C PRO D 788 42.05 6.09 20.49
N ARG D 789 41.79 4.80 20.73
CA ARG D 789 41.09 4.21 21.89
C ARG D 789 41.60 4.77 23.23
N ARG D 790 42.93 4.67 23.50
CA ARG D 790 43.55 5.15 24.75
C ARG D 790 43.39 6.66 24.91
N ARG D 791 43.73 7.47 23.86
CA ARG D 791 43.59 8.92 23.91
C ARG D 791 42.10 9.32 24.07
N LEU D 792 41.17 8.58 23.43
CA LEU D 792 39.73 8.84 23.57
C LEU D 792 39.26 8.60 25.01
N ALA D 793 39.65 7.47 25.65
CA ALA D 793 39.28 7.14 27.02
C ALA D 793 39.85 8.16 28.02
N GLU D 794 41.15 8.53 27.86
CA GLU D 794 41.82 9.49 28.74
C GLU D 794 41.18 10.88 28.66
N THR D 795 40.73 11.31 27.45
CA THR D 795 40.10 12.60 27.20
C THR D 795 38.68 12.62 27.80
N LEU D 796 37.87 11.54 27.60
CA LEU D 796 36.50 11.48 28.13
C LEU D 796 36.47 11.31 29.64
N ASP D 797 37.53 10.74 30.25
CA ASP D 797 37.62 10.56 31.72
C ASP D 797 37.78 11.90 32.45
N ARG D 798 38.12 12.98 31.69
CA ARG D 798 38.31 14.35 32.18
C ARG D 798 36.98 15.13 32.35
N TYR D 799 35.84 14.60 31.82
CA TYR D 799 34.50 15.19 31.87
C TYR D 799 33.58 14.23 32.66
N PRO D 800 33.61 14.27 34.00
CA PRO D 800 32.84 13.28 34.78
C PRO D 800 31.32 13.46 34.81
N ASN D 801 30.83 14.68 34.55
CA ASN D 801 29.39 14.97 34.65
C ASN D 801 28.62 14.87 33.33
N VAL D 802 29.24 14.26 32.30
CA VAL D 802 28.62 14.03 30.99
C VAL D 802 27.50 12.99 31.14
N LYS D 803 26.29 13.37 30.72
CA LYS D 803 25.09 12.54 30.77
C LYS D 803 24.69 12.02 29.39
N GLU D 804 25.15 12.71 28.31
CA GLU D 804 24.85 12.33 26.92
C GLU D 804 26.02 12.62 25.97
N LYS D 805 26.22 11.74 24.99
CA LYS D 805 27.28 11.86 24.00
C LYS D 805 26.72 11.77 22.61
N PHE D 806 27.18 12.65 21.72
CA PHE D 806 26.72 12.67 20.34
C PHE D 806 27.87 12.69 19.37
N TRP D 807 27.80 11.85 18.33
CA TRP D 807 28.74 11.92 17.22
C TRP D 807 28.10 12.89 16.23
N VAL D 808 28.80 14.00 15.92
CA VAL D 808 28.28 15.06 15.04
C VAL D 808 29.08 15.05 13.73
N GLN D 809 28.36 15.01 12.61
CA GLN D 809 29.00 15.04 11.31
C GLN D 809 28.13 15.78 10.29
N GLU D 810 28.79 16.31 9.25
CA GLU D 810 28.13 17.00 8.14
C GLU D 810 27.55 15.99 7.17
N GLU D 811 28.19 14.83 7.05
CA GLU D 811 27.84 13.82 6.04
C GLU D 811 26.51 13.13 6.33
N PRO D 812 25.80 12.68 5.25
CA PRO D 812 24.57 11.88 5.43
C PRO D 812 24.78 10.70 6.41
N ALA D 813 23.70 10.25 7.08
CA ALA D 813 23.73 9.19 8.12
C ALA D 813 24.42 7.88 7.68
N ASN D 814 24.32 7.53 6.38
CA ASN D 814 24.93 6.33 5.77
C ASN D 814 26.35 6.61 5.27
N GLN D 815 26.88 7.83 5.57
CA GLN D 815 28.20 8.26 5.10
C GLN D 815 29.02 8.84 6.23
N GLY D 816 30.22 9.32 5.91
CA GLY D 816 31.13 9.85 6.90
C GLY D 816 31.64 8.76 7.84
N ALA D 817 31.88 9.11 9.10
CA ALA D 817 32.42 8.16 10.06
C ALA D 817 31.36 7.40 10.84
N TRP D 818 30.08 7.84 10.87
CA TRP D 818 29.04 7.19 11.67
C TRP D 818 28.82 5.70 11.36
N PRO D 819 28.65 5.21 10.10
CA PRO D 819 28.44 3.76 9.90
C PRO D 819 29.47 2.87 10.63
N SER D 820 30.78 3.25 10.65
CA SER D 820 31.76 2.41 11.36
C SER D 820 31.85 2.82 12.86
N PHE D 821 31.94 4.14 13.17
CA PHE D 821 32.03 4.64 14.57
C PHE D 821 30.81 4.24 15.41
N GLY D 822 29.62 4.30 14.82
CA GLY D 822 28.38 3.94 15.50
C GLY D 822 28.35 2.49 15.94
N LEU D 823 29.06 1.63 15.20
CA LEU D 823 29.18 0.21 15.49
C LEU D 823 30.43 -0.10 16.34
N THR D 824 31.57 0.55 16.08
CA THR D 824 32.86 0.28 16.72
C THR D 824 33.02 0.93 18.11
N LEU D 825 32.80 2.24 18.23
CA LEU D 825 32.97 2.96 19.50
C LEU D 825 32.25 2.30 20.68
N PRO D 826 30.96 1.85 20.61
CA PRO D 826 30.36 1.19 21.79
C PRO D 826 30.93 -0.22 22.05
N GLU D 827 31.60 -0.84 21.04
CA GLU D 827 32.22 -2.16 21.19
C GLU D 827 33.61 -2.03 21.84
N ILE D 828 34.46 -1.14 21.32
CA ILE D 828 35.84 -0.86 21.72
C ILE D 828 35.90 -0.17 23.11
N LEU D 829 34.98 0.77 23.42
CA LEU D 829 34.93 1.49 24.69
C LEU D 829 33.46 1.50 25.20
N PRO D 830 32.95 0.33 25.70
CA PRO D 830 31.54 0.27 26.15
C PRO D 830 31.18 1.18 27.33
N ASP D 831 32.13 1.46 28.23
CA ASP D 831 31.82 2.31 29.40
C ASP D 831 31.75 3.79 29.01
N HIS D 832 32.26 4.13 27.83
CA HIS D 832 32.28 5.51 27.32
C HIS D 832 31.27 5.74 26.21
N PHE D 833 30.97 4.74 25.37
CA PHE D 833 30.12 5.03 24.22
C PHE D 833 28.82 4.26 24.12
N THR D 834 28.41 3.57 25.20
CA THR D 834 27.10 2.92 25.23
C THR D 834 26.08 4.06 25.30
N GLY D 835 25.13 4.05 24.36
CA GLY D 835 24.12 5.10 24.25
C GLY D 835 24.54 6.25 23.36
N LEU D 836 25.64 6.07 22.57
CA LEU D 836 26.14 7.10 21.66
C LEU D 836 25.08 7.38 20.60
N LYS D 837 24.77 8.66 20.39
CA LYS D 837 23.76 9.01 19.41
C LYS D 837 24.36 9.79 18.27
N ARG D 838 23.66 9.82 17.12
CA ARG D 838 24.12 10.48 15.91
C ARG D 838 23.37 11.80 15.65
N ILE D 839 24.13 12.83 15.24
CA ILE D 839 23.65 14.11 14.73
C ILE D 839 24.35 14.28 13.38
N SER D 840 23.59 14.21 12.28
CA SER D 840 24.12 14.29 10.93
C SER D 840 23.05 14.67 9.95
N ARG D 841 23.41 14.70 8.66
CA ARG D 841 22.44 14.88 7.59
C ARG D 841 21.66 13.56 7.48
N ARG D 842 20.47 13.58 6.89
CA ARG D 842 19.71 12.34 6.72
C ARG D 842 20.47 11.41 5.73
N ALA D 843 20.19 10.08 5.76
CA ALA D 843 20.80 9.15 4.81
C ALA D 843 20.42 9.59 3.40
N MET D 844 21.39 9.59 2.49
CA MET D 844 21.19 10.01 1.10
C MET D 844 21.86 9.08 0.12
N SER D 845 21.26 8.90 -1.07
CA SER D 845 21.84 8.06 -2.14
C SER D 845 23.03 8.77 -2.83
N ALA D 846 23.21 10.07 -2.57
CA ALA D 846 24.34 10.86 -3.08
C ALA D 846 25.11 11.49 -1.89
N PRO D 847 26.36 11.99 -2.08
CA PRO D 847 27.09 12.55 -0.93
C PRO D 847 26.48 13.81 -0.32
N SER D 848 25.63 14.52 -1.08
CA SER D 848 24.96 15.74 -0.66
C SER D 848 23.79 16.10 -1.58
N SER D 849 23.07 17.17 -1.23
CA SER D 849 22.02 17.75 -2.06
C SER D 849 22.70 18.51 -3.19
N GLY D 850 21.99 18.68 -4.29
CA GLY D 850 22.52 19.44 -5.42
C GLY D 850 22.36 20.94 -5.23
N SER D 851 21.52 21.36 -4.26
CA SER D 851 21.17 22.75 -3.97
C SER D 851 21.98 23.34 -2.80
N SER D 852 22.62 24.51 -3.05
CA SER D 852 23.38 25.23 -2.02
C SER D 852 22.41 25.82 -0.94
N LYS D 853 21.13 26.03 -1.29
CA LYS D 853 20.11 26.53 -0.37
C LYS D 853 19.73 25.39 0.62
N VAL D 854 19.53 24.16 0.10
CA VAL D 854 19.21 22.97 0.90
C VAL D 854 20.42 22.69 1.82
N HIS D 855 21.64 22.78 1.29
CA HIS D 855 22.86 22.59 2.08
C HIS D 855 22.89 23.49 3.35
N ALA D 856 22.64 24.80 3.16
CA ALA D 856 22.64 25.82 4.21
C ALA D 856 21.60 25.53 5.33
N VAL D 857 20.39 25.10 4.96
CA VAL D 857 19.33 24.75 5.91
C VAL D 857 19.77 23.52 6.72
N GLU D 858 20.31 22.50 6.03
CA GLU D 858 20.79 21.26 6.66
C GLU D 858 21.96 21.50 7.61
N GLN D 859 22.89 22.40 7.23
CA GLN D 859 24.04 22.75 8.05
C GLN D 859 23.55 23.39 9.36
N GLN D 860 22.60 24.33 9.28
CA GLN D 860 22.03 25.02 10.45
C GLN D 860 21.25 24.04 11.31
N GLU D 861 20.53 23.10 10.65
CA GLU D 861 19.73 22.08 11.34
C GLU D 861 20.61 21.19 12.22
N ILE D 862 21.85 20.88 11.77
CA ILE D 862 22.82 20.06 12.52
C ILE D 862 23.28 20.82 13.79
N LEU D 863 23.63 22.11 13.62
CA LEU D 863 24.10 22.98 14.71
C LEU D 863 23.00 23.23 15.75
N ASP D 864 21.73 23.40 15.30
CA ASP D 864 20.60 23.63 16.20
C ASP D 864 20.29 22.36 17.00
N THR D 865 20.38 21.17 16.36
CA THR D 865 20.14 19.87 16.99
C THR D 865 21.22 19.62 18.07
N ALA D 866 22.49 19.95 17.76
CA ALA D 866 23.63 19.78 18.65
C ALA D 866 23.49 20.61 19.92
N PHE D 867 22.87 21.81 19.84
CA PHE D 867 22.71 22.68 21.01
C PHE D 867 21.23 22.82 21.45
N GLY D 868 20.36 21.97 20.93
CA GLY D 868 18.94 21.95 21.28
C GLY D 868 18.66 21.11 22.52
#